data_8TOF
#
_entry.id   8TOF
#
loop_
_entity.id
_entity.type
_entity.pdbx_description
1 polymer 'Transcriptional regulatory protein SIN3'
2 polymer 'Histone deacetylase RPD3'
3 polymer 'Chromatin modification-related protein EAF3'
4 polymer 'Transcriptional regulatory protein RCO1'
5 polymer Rco1
6 polymer 'DNA (176-MER)'
7 polymer 'DNA (176-MER)'
8 polymer 'Histone H3'
9 polymer 'Histone H4'
10 polymer 'Histone H2A'
11 polymer 'Histone H2B 1.1'
12 polymer 'histone N-terminal tail'
13 non-polymer 'ZINC ION'
#
loop_
_entity_poly.entity_id
_entity_poly.type
_entity_poly.pdbx_seq_one_letter_code
_entity_poly.pdbx_strand_id
1 'polypeptide(L)'
;MSQVWHNSNSQSNDVATSNDATGSNERNEKEPSLQGNKPGFVQQQQRITLPSLSALSTKEEDRRDSNGQQALTSHAAHIL
GYPPPHSNAMPSIATDSALKQPHEYHPRPKSSSSSPSINASLMNAGPAPLPTVGAASFSLSRFDNPLPIKAPVHTEEPKS
YNGLQEEEKATQRPQDCKEVPAGVQPADAPDPSSNHADANDDNNNNENSHDEDADYRPLNVKDALSYLEQVKFQFSSRPD
IYNLFLDIMKDFKSQAIDTPGVIERVSTLFRGYPILIQGFNTFLPQGYRIECSSNPDDPIRVTTPMGTTTVNNNISPSGR
GTTDAQELGSFPESDGNGVQQPSNVPMVPSSVYQSEQNQDQQQSLPLLATSSGLPSIQQPEMPAHRQIPQSQSLVPQEDA
KKNVDVEFSQAISYVNKIKTRFADQPDIYKHFLEILQTYQREQKPINEVYAQVTHLFQNAPDLLEDFKKFLPDSSASANQ
QVQHAQQHAQQQHEAQMHAQAQAQAQAQAQVEQQKQQQQFLYPASGYYGHPSNRGIPQQNLPPIGSFSPPTNGSTVHEAY
QDQQHMQPPHFMPLPSIVQHGPNMVHQGIANENPPLSDLRTSLTEQYAPSSIQHQQQHPQSISPIANTQYGDIPVRPEID
LDPSIVPVVPEPTEPIENNISLNEEVTFFEKAKRYIGNKHLYTEFLKILNLYSQDILDLDDLVEKVDFYLGSNKELFTWF
KNFVGYQEKTKCIENIVHEKHRLDLDLCEAFGPSYKRLPKSDTFMPCSGRDDMCWEVLNDEWVGHPVWASEDSGFIAHRK
NQYEETLFKIEEERHEYDFYIESNLRTIQCLETIVNKIENMTENEKANFKLPPGLGHTSMTIYKKVIRKVYDKERGFEII
DALHEHPAVTAPVVLKRLKQKDEEWRRAQREWNKVWRELEQKVFFKSLDHLGLTFKQADKKLLTTKQLISEISSIKVDQT
NKKIHWLTPKPKSQLDFDFPDKNIFYDILCLADTFITHTTAYSNPDKERLKDLLKYFISLFFSISFEKIEESLYSHKQNV
SESSGSDDGSSIASRKRPYQQEMSLLDILHRSRYQKLKRSNDEDGKVPQLSEPPEEEPNTIEEEELIDEEAKNPWLTGNL
VEEANSQGIIQNRSIFNLFANTNIYIFFRHWTTIYERLLEIKQMNERVTKEINTRSTVTFAKDLDLLSSQLSEMGLDFVG
EDAYKQVLRLSRRLINGDLEHQWFEESLRQAYNNKAFKLYTIDKVTQSLVKHAHTLMTDAKTAEIMALFVKDRNASTTSA
KDQIIYRLQVRSHMSNTENMFRIEFDKRTLHVSIQYIALDDLTLKEPKADEDKWKYYVTSYALPHPTEGIPHEKLKIPFL
ERLIEFGQDIDGTEVDEEFSPEGISVSTLKIKIQPITYQLHIENGSYDVFTRKATNKYPTIANDNTQKGMVSQKKELISK
FLDCAVGLRNNLDEAQKLSMQKKWENLKDSIAKTSAGNQGIESETEKGKITKQEQSDNLDSSTASVLPASITTVPQDDNI
ETTGNTESSDKGAKIQ
;
A
2 'polypeptide(L)'
;MVYEATPFDPITVKPSDKRRVAYFYDADVGNYAYGAGHPMKPHRIRMAHSLIMNYGLYKKMEIYRAKPATKQEMCQFHTD
EYIDFLSRVTPDNLEMFKRESVKFNVGDDCPVFDGLYEYCSISGGGSMEGAARLNRGKCDVAVNYAGGLHHAKKSEASGF
CYLNDIVLGIIELLRYHPRVLYIDIDVHHGDGVEEAFYTTDRVMTCSFHKYGEFFPGTGELRDIGVGAGKNYAVNVPLRD
GIDDATYRSVFEPVIKKIMEWYQPSAVVLQCGGDSLSGDRLGCFNLSMEGHANCVNYVKSFGIPMMVVGGGGYTMRNVAR
TWCFETGLLNNVVLDKDLPYNEYYEYYGPDYKLSVRPSNMFNVNTPEYLDKVMTNIFANLENTKYAPSVQLNHTPRDAED
LGDVEEDSAEAKDTKGGSQYARDLHVEHDNEFY
;
B
3 'polypeptide(L)'
;MVDLEQEFALGGRCLAFHGPLMYEAKILKIWDPSSKMYTSIPNDKPGGSSQATKEIKPQKLGEDESIPEEIINGKCFFIH
YQGWKSSWDEWVGYDRIRAYNEENIAMKKRLANEAKEAKKSLLEQQKKKKLSTSLGGPSNGGKRKGDSRSNASISKSTSQ
SFLTSSVSGRKSGRSSANSLHPGSSLRSSSDQNGNDDRRRSSSLSPNMLHHIAGYPTPKISLQIPIKLKSVLVDDWEYVT
KDKKICRLPADVTVEMVLNKYEHEVSQELESPGSQSQLSEYCAGLKLYFDKCLGNMLLYRLERLQYDELLKKSSKDQKPL
VPIRIYGAIHLLRLISVLPELISSTTMDLQSCQLLIKQTEDFLVWLLMHVDEYFNDKDPNRSDDALYVNTSSQYEGVALG
M
;
D,E
4 'polypeptide(L)'
;MDTSKKDTTRSPSHSNSSSPSSSSLSSSSSKEKKRPKRLSSQNVNYDLKRRKIITSEGIERSFKNEHSNLAVEDNIPEEE
PKELLEKDSKGNIIKLNEPSTISEDSKVSVTGLPLNKGPSEKIKRESLWNYRKNLGGQSNNSEMTLVPSKRFTQVPKNFQ
DLNRNDLKTFLTENMTEESNIRSTIGWNGDIINRTRDREPESDRDNKKLSNIRTKIILSTNATYDSKSKLFGQNSIKSTS
NASEKIFRDKNNSTIDFENEDFCSACNQSGSFLCCDTCPKSFHFLCLDPPIDPNNLPKGDWHCNECKFKIFINNSMATLK
KIESNFIKQNNNVKIFAKLLFNIDSHNPKQFQLPNYIKETFPAVKTGSRGQYSDENDKIPLTDRQLFNTSYGQSITKLDS
YNPDTHIDSNSGKFLICYKCNQTRLGSWSHPENSRLIMTCDYCQTPWHLDCVPRASFKNLGSKWKCPLHSPTKVYKKIHH
CQEDNSVNYKVWKKQRLINKKNQLYYEPLQKIGYQNNGNIQIIPTTSHTDYDFNQDFKITQIDENSIKYDFFDKIYKSKM
VQKRKLFQFQESLIDKLVSNGSQNGNSEDNMVKDIASLIYFQVSNNDKSSNNKSASKSNNLRKLWDLKELTNVVVPNELD
SIQFNDFSSDEIKHLLYLKKIIESKPKEELLKFLNIENPENQSE
;
F,G
5 'polypeptide(L)' (UNK)(UNK)R(UNK)(UNK) H
6 'polydeoxyribonucleotide'
;(DT)(DT)(DG)(DT)(DG)(DT)(DT)(DT)(DG)(DG)(DT)(DG)(DT)(DG)(DT)(DC)(DT)(DG)(DG)(DG)
(DT)(DG)(DG)(DT)(DG)(DG)(DC)(DC)(DG)(DT)(DT)(DT)(DT)(DC)(DG)(DT)(DT)(DG)(DT)(DT)
(DT)(DT)(DT)(DT)(DT)(DC)(DT)(DG)(DT)(DC)(DT)(DC)(DG)(DT)(DG)(DC)(DC)(DA)(DG)(DG)
(DA)(DG)(DA)(DC)(DT)(DA)(DG)(DG)(DG)(DA)(DG)(DT)(DA)(DA)(DT)(DC)(DC)(DC)(DC)(DT)
(DT)(DG)(DG)(DC)(DG)(DG)(DT)(DT)(DA)(DA)(DA)(DA)(DC)(DG)(DC)(DG)(DG)(DG)(DG)(DG)
(DA)(DC)(DA)(DG)(DC)(DG)(DC)(DG)(DT)(DA)(DC)(DG)(DT)(DG)(DC)(DG)(DT)(DT)(DT)(DA)
(DA)(DG)(DC)(DG)(DG)(DT)(DG)(DC)(DT)(DA)(DG)(DA)(DG)(DC)(DT)(DG)(DT)(DC)(DT)(DA)
(DC)(DG)(DA)(DC)(DC)(DA)(DA)(DT)(DT)(DG)(DA)(DG)(DC)(DG)(DG)(DC)(DC)(DT)(DC)(DG)
(DG)(DC)(DA)(DC)(DC)(DG)(DG)(DG)(DA)(DT)(DT)(DC)(DT)(DG)(DA)(DT)(DA)(DT)(DC)(DG)
(DC)(DG)(DC)(DG)(DT)(DG)(DA)(DT)(DC)(DT)(DT)(DA)(DC)(DG)(DG)(DC)(DA)(DT)(DT)(DA)
(DT)(DA)(DC)(DG)(DT)(DA)
;
N
7 'polydeoxyribonucleotide'
;(DT)(DA)(DC)(DG)(DT)(DA)(DT)(DA)(DA)(DT)(DG)(DC)(DC)(DG)(DT)(DA)(DA)(DG)(DA)(DT)
(DC)(DA)(DC)(DG)(DC)(DG)(DC)(DG)(DA)(DT)(DA)(DT)(DC)(DA)(DG)(DA)(DA)(DT)(DC)(DC)
(DC)(DG)(DG)(DT)(DG)(DC)(DC)(DG)(DA)(DG)(DG)(DC)(DC)(DG)(DC)(DT)(DC)(DA)(DA)(DT)
(DT)(DG)(DG)(DT)(DC)(DG)(DT)(DA)(DG)(DA)(DC)(DA)(DG)(DC)(DT)(DC)(DT)(DA)(DG)(DC)
(DA)(DC)(DC)(DG)(DC)(DT)(DT)(DA)(DA)(DA)(DC)(DG)(DC)(DA)(DC)(DG)(DT)(DA)(DC)(DG)
(DC)(DG)(DC)(DT)(DG)(DT)(DC)(DC)(DC)(DC)(DC)(DG)(DC)(DG)(DT)(DT)(DT)(DT)(DA)(DA)
(DC)(DC)(DG)(DC)(DC)(DA)(DA)(DG)(DG)(DG)(DG)(DA)(DT)(DT)(DA)(DC)(DT)(DC)(DC)(DC)
(DT)(DA)(DG)(DT)(DC)(DT)(DC)(DC)(DT)(DG)(DG)(DC)(DA)(DC)(DG)(DA)(DG)(DA)(DC)(DA)
(DG)(DA)(DA)(DA)(DA)(DA)(DA)(DA)(DC)(DA)(DA)(DC)(DG)(DA)(DA)(DA)(DA)(DC)(DG)(DG)
(DC)(DC)(DA)(DC)(DC)(DA)(DC)(DC)(DC)(DA)(DG)(DA)(DC)(DA)(DC)(DA)(DC)(DC)(DA)(DA)
(DA)(DC)(DA)(DC)(DA)(DA)(DG)(DA)(DC)(DA)(DG)(DT)(DG)(DA)(DT)
;
T
8 'polypeptide(L)'
;MARTKQTARKSTGGKAPRKQLATKAARKSAPATGGV(ML3)KPHRYRPGTVALREIRRYQKSTELLIRKLPFQRLVREIA
QDFKTDLRFQSSAVMALQEASEAYLVALFEDTNLCAIHAKRVTIMPKDIQLARRIRGERA
;
a,e
9 'polypeptide(L)'
;MSGRGKGGKGLGKGGAKRHRKVLRDNIQGITKPAIRRLARRGGVKRISGLIYEETRGVLKVFLENVIRDAVTYTEHAKRK
TVTAMDVVYALKRQGRTLYGFGG
;
b,f
10 'polypeptide(L)'
;MSGRGKQGGKTRAKAKTRSSRAGLQFPVGRVHRLLRKGNYAERVGAGAPVYLAAVLEYLTAEILELAGNAARDNKKTRII
PRHLQLAVRNDEELNKLLGRVTIAQGGVLPNIQSVLLPKKTESSKSAKSK
;
c,g
11 'polypeptide(L)'
;MAKSAPAPKKGSKKAVTKTQKKDGKKRRKTRKESYAIYVYKVLKQVHPDTGISSKAMSIMNSFVNDVFERIAGEASRLAH
YNKRSTITSREIQTAVRLLLPGELAKHAVSEGTKAVTKYTSAK
;
d,h
12 'polypeptide(L)' (UNK)(UNK)(UNK)K(UNK)(UNK)(UNK) x
#
loop_
_chem_comp.id
_chem_comp.type
_chem_comp.name
_chem_comp.formula
DA DNA linking 2'-DEOXYADENOSINE-5'-MONOPHOSPHATE 'C10 H14 N5 O6 P'
DC DNA linking 2'-DEOXYCYTIDINE-5'-MONOPHOSPHATE 'C9 H14 N3 O7 P'
DG DNA linking 2'-DEOXYGUANOSINE-5'-MONOPHOSPHATE 'C10 H14 N5 O7 P'
DT DNA linking THYMIDINE-5'-MONOPHOSPHATE 'C10 H15 N2 O8 P'
ZN non-polymer 'ZINC ION' 'Zn 2'
#
# COMPACT_ATOMS: atom_id res chain seq x y z
N ASN A 663 -53.60 4.62 30.83
CA ASN A 663 -52.64 4.89 31.94
C ASN A 663 -51.25 4.34 31.61
N GLU A 664 -51.12 3.02 31.61
CA GLU A 664 -49.82 2.41 31.32
C GLU A 664 -49.37 2.74 29.90
N GLU A 665 -50.28 2.65 28.93
CA GLU A 665 -49.91 2.96 27.56
C GLU A 665 -49.46 4.40 27.43
N VAL A 666 -50.17 5.33 28.08
CA VAL A 666 -49.86 6.75 27.99
C VAL A 666 -48.64 7.07 28.84
N THR A 667 -47.99 6.03 29.38
CA THR A 667 -46.72 6.18 30.07
C THR A 667 -45.59 5.42 29.40
N PHE A 668 -45.88 4.41 28.59
CA PHE A 668 -44.81 3.58 28.03
C PHE A 668 -43.93 4.37 27.09
N PHE A 669 -44.53 5.06 26.12
CA PHE A 669 -43.72 5.76 25.13
C PHE A 669 -42.98 6.94 25.74
N GLU A 670 -43.55 7.55 26.77
CA GLU A 670 -42.86 8.63 27.45
C GLU A 670 -41.70 8.12 28.29
N LYS A 671 -41.85 6.95 28.90
CA LYS A 671 -40.71 6.32 29.56
C LYS A 671 -39.64 5.93 28.55
N ALA A 672 -40.06 5.41 27.40
CA ALA A 672 -39.11 5.00 26.38
C ALA A 672 -38.31 6.19 25.86
N LYS A 673 -38.98 7.29 25.59
CA LYS A 673 -38.27 8.46 25.10
C LYS A 673 -37.23 8.95 26.09
N ARG A 674 -37.31 8.50 27.34
CA ARG A 674 -36.28 8.74 28.34
C ARG A 674 -35.21 7.67 28.36
N TYR A 675 -35.59 6.40 28.51
CA TYR A 675 -34.60 5.34 28.64
C TYR A 675 -33.73 5.22 27.39
N ILE A 676 -34.32 5.35 26.21
CA ILE A 676 -33.55 5.26 24.97
C ILE A 676 -32.78 6.54 24.66
N GLY A 677 -33.09 7.65 25.34
CA GLY A 677 -32.30 8.85 25.15
C GLY A 677 -32.30 9.34 23.71
N ASN A 678 -31.17 9.15 23.03
CA ASN A 678 -30.97 9.67 21.68
C ASN A 678 -32.23 9.58 20.85
N LYS A 679 -32.61 10.70 20.23
CA LYS A 679 -33.83 10.73 19.44
C LYS A 679 -33.74 9.80 18.24
N HIS A 680 -32.56 9.68 17.62
CA HIS A 680 -32.42 8.80 16.48
C HIS A 680 -32.72 7.36 16.87
N LEU A 681 -32.23 6.93 18.03
CA LEU A 681 -32.54 5.59 18.51
C LEU A 681 -34.03 5.44 18.75
N TYR A 682 -34.69 6.50 19.22
CA TYR A 682 -36.14 6.42 19.42
C TYR A 682 -36.87 6.29 18.08
N THR A 683 -36.41 7.01 17.05
CA THR A 683 -37.04 6.87 15.74
C THR A 683 -36.86 5.47 15.19
N GLU A 684 -35.67 4.88 15.38
CA GLU A 684 -35.47 3.50 14.97
C GLU A 684 -36.37 2.57 15.77
N PHE A 685 -36.55 2.86 17.06
CA PHE A 685 -37.46 2.07 17.88
C PHE A 685 -38.88 2.12 17.32
N LEU A 686 -39.33 3.32 16.95
CA LEU A 686 -40.66 3.45 16.38
C LEU A 686 -40.77 2.75 15.03
N LYS A 687 -39.71 2.78 14.23
CA LYS A 687 -39.73 2.03 12.97
C LYS A 687 -39.87 0.53 13.23
N ILE A 688 -39.07 0.00 14.15
CA ILE A 688 -39.18 -1.42 14.48
C ILE A 688 -40.57 -1.74 14.98
N LEU A 689 -41.15 -0.85 15.77
CA LEU A 689 -42.51 -1.05 16.25
C LEU A 689 -43.52 -1.03 15.12
N ASN A 690 -43.36 -0.14 14.15
CA ASN A 690 -44.28 -0.04 13.04
C ASN A 690 -44.20 -1.25 12.10
N LEU A 691 -43.02 -1.85 11.94
CA LEU A 691 -42.99 -3.12 11.22
C LEU A 691 -43.97 -4.11 11.83
N TYR A 692 -44.03 -4.18 13.16
CA TYR A 692 -45.14 -4.83 13.83
C TYR A 692 -46.34 -3.88 13.82
N SER A 693 -47.51 -4.44 14.11
CA SER A 693 -48.77 -3.71 14.04
C SER A 693 -49.19 -3.44 12.60
N GLN A 694 -48.41 -3.90 11.63
CA GLN A 694 -48.80 -3.88 10.23
C GLN A 694 -48.56 -5.23 9.58
N ASP A 695 -48.31 -6.28 10.37
CA ASP A 695 -48.20 -7.65 9.88
C ASP A 695 -47.00 -7.82 8.95
N ILE A 696 -45.90 -7.17 9.30
CA ILE A 696 -44.62 -7.40 8.63
C ILE A 696 -43.68 -8.08 9.61
N LEU A 697 -43.84 -7.79 10.89
CA LEU A 697 -43.07 -8.43 11.94
C LEU A 697 -44.00 -9.17 12.89
N ASP A 698 -43.51 -10.25 13.46
CA ASP A 698 -44.29 -11.07 14.38
C ASP A 698 -43.92 -10.73 15.82
N LEU A 699 -44.67 -11.32 16.75
CA LEU A 699 -44.50 -11.01 18.16
C LEU A 699 -43.10 -11.37 18.65
N ASP A 700 -42.59 -12.52 18.21
CA ASP A 700 -41.30 -12.99 18.71
C ASP A 700 -40.18 -12.00 18.40
N ASP A 701 -40.08 -11.58 17.13
CA ASP A 701 -39.05 -10.62 16.76
C ASP A 701 -39.25 -9.28 17.45
N LEU A 702 -40.50 -8.82 17.57
CA LEU A 702 -40.75 -7.56 18.27
C LEU A 702 -40.22 -7.61 19.68
N VAL A 703 -40.53 -8.68 20.41
CA VAL A 703 -40.06 -8.79 21.79
C VAL A 703 -38.55 -8.92 21.83
N GLU A 704 -37.97 -9.69 20.90
CA GLU A 704 -36.53 -9.86 20.90
C GLU A 704 -35.81 -8.53 20.70
N LYS A 705 -36.32 -7.68 19.80
CA LYS A 705 -35.71 -6.38 19.57
C LYS A 705 -35.95 -5.42 20.72
N VAL A 706 -37.18 -5.36 21.24
CA VAL A 706 -37.41 -4.51 22.40
C VAL A 706 -36.54 -4.94 23.57
N ASP A 707 -36.11 -6.21 23.60
CA ASP A 707 -35.15 -6.63 24.61
C ASP A 707 -33.86 -5.84 24.49
N PHE A 708 -33.34 -5.69 23.28
CA PHE A 708 -32.18 -4.83 23.08
C PHE A 708 -32.49 -3.38 23.37
N TYR A 709 -33.72 -2.95 23.14
CA TYR A 709 -34.09 -1.54 23.39
C TYR A 709 -34.40 -1.34 24.87
N LEU A 710 -35.44 -2.00 25.38
CA LEU A 710 -35.80 -1.94 26.78
C LEU A 710 -35.26 -3.21 27.45
N GLY A 711 -33.96 -3.17 27.74
CA GLY A 711 -33.26 -4.33 28.25
C GLY A 711 -33.09 -4.27 29.75
N SER A 712 -31.91 -3.82 30.19
CA SER A 712 -31.60 -3.78 31.61
C SER A 712 -32.73 -3.19 32.45
N ASN A 713 -33.61 -2.39 31.85
CA ASN A 713 -34.80 -1.92 32.57
C ASN A 713 -35.78 -3.08 32.69
N LYS A 714 -35.64 -3.85 33.77
CA LYS A 714 -36.40 -5.10 33.89
C LYS A 714 -37.89 -4.84 34.02
N GLU A 715 -38.29 -3.80 34.75
CA GLU A 715 -39.71 -3.59 35.01
C GLU A 715 -40.47 -3.29 33.73
N LEU A 716 -39.95 -2.38 32.91
CA LEU A 716 -40.65 -2.01 31.68
C LEU A 716 -40.78 -3.19 30.74
N PHE A 717 -39.71 -3.95 30.58
CA PHE A 717 -39.77 -5.13 29.72
C PHE A 717 -40.69 -6.19 30.30
N THR A 718 -40.76 -6.30 31.62
CA THR A 718 -41.74 -7.20 32.23
C THR A 718 -43.15 -6.79 31.86
N TRP A 719 -43.44 -5.49 31.93
CA TRP A 719 -44.74 -4.99 31.52
C TRP A 719 -45.00 -5.32 30.05
N PHE A 720 -43.99 -5.11 29.21
CA PHE A 720 -44.12 -5.38 27.78
C PHE A 720 -44.45 -6.85 27.54
N LYS A 721 -43.69 -7.74 28.16
CA LYS A 721 -43.95 -9.18 28.01
C LYS A 721 -45.33 -9.54 28.51
N ASN A 722 -45.73 -8.99 29.66
CA ASN A 722 -47.03 -9.32 30.23
C ASN A 722 -48.16 -8.89 29.31
N PHE A 723 -48.07 -7.70 28.74
CA PHE A 723 -49.16 -7.21 27.91
C PHE A 723 -49.18 -7.88 26.55
N VAL A 724 -48.03 -7.97 25.88
CA VAL A 724 -47.96 -8.60 24.58
C VAL A 724 -48.02 -10.12 24.66
N GLY A 725 -47.93 -10.69 25.86
CA GLY A 725 -48.12 -12.12 26.04
C GLY A 725 -47.09 -12.99 25.34
N TYR A 726 -45.81 -12.63 25.43
CA TYR A 726 -44.75 -13.44 24.84
C TYR A 726 -44.45 -14.60 25.78
N GLN A 727 -44.86 -15.80 25.38
CA GLN A 727 -44.66 -16.99 26.20
C GLN A 727 -43.40 -17.74 25.78
N GLY A 752 -28.34 -20.06 10.81
CA GLY A 752 -26.96 -19.77 11.12
C GLY A 752 -26.32 -18.80 10.15
N PRO A 753 -25.45 -17.93 10.65
CA PRO A 753 -24.87 -16.90 9.76
C PRO A 753 -24.12 -17.46 8.58
N SER A 754 -23.40 -18.57 8.74
CA SER A 754 -22.63 -19.18 7.67
C SER A 754 -23.47 -20.25 6.98
N TYR A 755 -22.81 -21.10 6.20
CA TYR A 755 -23.47 -22.27 5.63
C TYR A 755 -24.64 -21.92 4.71
N LYS A 756 -24.33 -21.36 3.54
CA LYS A 756 -25.28 -21.23 2.46
C LYS A 756 -25.71 -22.61 2.00
N ARG A 757 -26.77 -22.68 1.20
CA ARG A 757 -27.32 -23.94 0.72
C ARG A 757 -27.03 -24.10 -0.77
N LEU A 758 -26.31 -25.15 -1.13
CA LEU A 758 -26.23 -25.59 -2.52
C LEU A 758 -27.50 -26.34 -2.86
N PRO A 759 -28.29 -25.90 -3.83
CA PRO A 759 -29.66 -26.42 -3.91
C PRO A 759 -29.77 -27.91 -4.18
N LYS A 760 -29.47 -28.33 -5.41
CA LYS A 760 -29.41 -29.74 -5.77
C LYS A 760 -28.45 -30.00 -6.92
N SER A 761 -27.70 -29.00 -7.39
CA SER A 761 -27.26 -28.95 -8.78
C SER A 761 -26.76 -30.30 -9.29
N ASP A 762 -25.68 -30.81 -8.71
CA ASP A 762 -25.06 -32.02 -9.24
C ASP A 762 -24.29 -32.70 -8.12
N THR A 763 -24.67 -33.95 -7.82
CA THR A 763 -23.93 -34.83 -6.94
C THR A 763 -23.94 -36.23 -7.50
N PHE A 764 -23.88 -36.35 -8.83
CA PHE A 764 -24.03 -37.61 -9.54
C PHE A 764 -22.68 -38.09 -10.04
N MET A 765 -22.33 -39.33 -9.69
CA MET A 765 -21.04 -39.95 -9.92
C MET A 765 -19.91 -39.16 -9.24
N PRO A 766 -20.06 -38.76 -7.96
CA PRO A 766 -18.87 -38.54 -7.12
C PRO A 766 -18.56 -39.78 -6.31
N CYS A 767 -17.56 -39.71 -5.44
CA CYS A 767 -17.41 -40.64 -4.32
C CYS A 767 -17.62 -42.10 -4.76
N SER A 768 -16.71 -42.55 -5.62
CA SER A 768 -16.83 -43.89 -6.19
C SER A 768 -16.83 -44.98 -5.14
N GLY A 769 -16.60 -44.70 -3.86
CA GLY A 769 -16.60 -45.73 -2.84
C GLY A 769 -17.60 -45.48 -1.74
N ARG A 770 -18.40 -44.42 -1.87
CA ARG A 770 -19.38 -44.12 -0.85
C ARG A 770 -20.36 -45.28 -0.69
N ASP A 771 -21.02 -45.32 0.46
CA ASP A 771 -22.00 -46.36 0.74
C ASP A 771 -23.27 -45.70 1.27
N ASP A 772 -24.25 -46.52 1.62
CA ASP A 772 -25.58 -46.04 1.99
C ASP A 772 -25.54 -45.03 3.14
N MET A 773 -25.06 -45.48 4.31
CA MET A 773 -25.03 -44.62 5.48
C MET A 773 -24.15 -43.40 5.19
N CYS A 774 -22.98 -43.65 4.59
CA CYS A 774 -22.03 -42.58 4.29
C CYS A 774 -22.64 -41.56 3.35
N TRP A 775 -23.33 -42.02 2.30
CA TRP A 775 -23.93 -41.08 1.36
C TRP A 775 -24.94 -40.19 2.05
N GLU A 776 -25.90 -40.79 2.76
CA GLU A 776 -27.06 -40.04 3.24
C GLU A 776 -26.76 -39.24 4.50
N VAL A 777 -26.15 -39.86 5.50
CA VAL A 777 -26.02 -39.24 6.81
C VAL A 777 -25.16 -37.99 6.69
N LEU A 778 -24.21 -37.99 5.75
CA LEU A 778 -23.34 -36.84 5.57
C LEU A 778 -24.15 -35.64 5.09
N ASN A 779 -23.51 -34.48 4.99
CA ASN A 779 -24.16 -33.24 4.59
C ASN A 779 -23.54 -32.73 3.30
N ASP A 780 -24.34 -32.64 2.26
CA ASP A 780 -23.92 -32.07 0.98
C ASP A 780 -24.70 -30.82 0.60
N GLU A 781 -25.93 -30.68 1.09
CA GLU A 781 -26.75 -29.53 0.74
C GLU A 781 -26.13 -28.23 1.25
N TRP A 782 -25.82 -28.18 2.54
CA TRP A 782 -25.34 -26.95 3.17
C TRP A 782 -23.81 -26.91 3.11
N VAL A 783 -23.28 -25.86 2.51
CA VAL A 783 -21.85 -25.70 2.31
C VAL A 783 -21.40 -24.41 2.99
N GLY A 784 -20.18 -24.42 3.50
CA GLY A 784 -19.58 -23.24 4.08
C GLY A 784 -18.15 -23.07 3.61
N HIS A 785 -17.70 -21.84 3.48
CA HIS A 785 -16.36 -21.55 3.01
C HIS A 785 -15.77 -20.41 3.82
N PRO A 786 -14.44 -20.35 3.93
CA PRO A 786 -13.84 -19.19 4.61
C PRO A 786 -14.25 -17.88 3.98
N VAL A 787 -14.51 -17.85 2.68
CA VAL A 787 -14.80 -16.61 1.98
C VAL A 787 -16.25 -16.15 2.14
N TRP A 788 -17.17 -17.06 2.49
CA TRP A 788 -18.53 -16.58 2.77
C TRP A 788 -18.55 -15.73 4.02
N ALA A 789 -18.02 -16.25 5.13
CA ALA A 789 -17.94 -15.48 6.37
C ALA A 789 -16.60 -14.77 6.49
N SER A 790 -16.21 -14.10 5.41
CA SER A 790 -15.08 -13.19 5.43
C SER A 790 -15.33 -11.93 4.62
N GLU A 791 -16.48 -11.81 3.96
CA GLU A 791 -16.81 -10.65 3.13
C GLU A 791 -15.71 -10.39 2.11
N ASP A 792 -15.20 -11.46 1.50
CA ASP A 792 -14.22 -11.42 0.42
C ASP A 792 -12.87 -10.87 0.85
N SER A 793 -12.69 -10.52 2.12
CA SER A 793 -11.41 -9.99 2.58
C SER A 793 -11.36 -10.15 4.09
N GLY A 794 -10.40 -10.94 4.57
CA GLY A 794 -10.30 -11.17 6.00
C GLY A 794 -9.09 -12.00 6.41
N PHE A 795 -9.19 -12.63 7.57
CA PHE A 795 -8.15 -13.53 8.08
C PHE A 795 -6.83 -12.78 8.28
N ILE A 796 -6.89 -11.84 9.21
CA ILE A 796 -5.72 -11.10 9.67
C ILE A 796 -4.72 -12.08 10.26
N ALA A 797 -3.48 -11.63 10.42
CA ALA A 797 -2.43 -12.44 11.04
C ALA A 797 -2.13 -11.90 12.43
N HIS A 798 -2.18 -12.80 13.42
CA HIS A 798 -1.83 -12.42 14.79
C HIS A 798 -0.39 -11.91 14.82
N ARG A 799 -0.18 -10.78 15.49
CA ARG A 799 1.14 -10.16 15.54
C ARG A 799 2.08 -10.97 16.42
N LYS A 800 3.35 -11.00 16.02
CA LYS A 800 4.38 -11.73 16.74
C LYS A 800 5.59 -10.84 16.94
N ASN A 801 6.17 -10.91 18.14
CA ASN A 801 7.40 -10.18 18.42
C ASN A 801 8.49 -10.57 17.44
N GLN A 802 9.46 -9.68 17.26
CA GLN A 802 10.63 -10.04 16.48
C GLN A 802 11.35 -11.24 17.08
N TYR A 803 11.23 -11.44 18.40
CA TYR A 803 11.84 -12.60 19.03
C TYR A 803 11.10 -13.87 18.65
N GLU A 804 9.77 -13.82 18.62
CA GLU A 804 9.01 -14.97 18.15
C GLU A 804 9.36 -15.28 16.70
N GLU A 805 9.54 -14.24 15.88
CA GLU A 805 9.91 -14.46 14.49
C GLU A 805 11.31 -15.05 14.37
N THR A 806 12.25 -14.64 15.22
CA THR A 806 13.56 -15.29 15.22
C THR A 806 13.45 -16.75 15.62
N LEU A 807 12.60 -17.05 16.61
CA LEU A 807 12.37 -18.44 16.98
C LEU A 807 11.80 -19.23 15.82
N PHE A 808 10.85 -18.64 15.09
CA PHE A 808 10.27 -19.31 13.94
C PHE A 808 11.31 -19.55 12.86
N LYS A 809 12.18 -18.58 12.61
CA LYS A 809 13.22 -18.76 11.61
C LYS A 809 14.19 -19.87 12.02
N ILE A 810 14.59 -19.90 13.29
CA ILE A 810 15.47 -20.97 13.75
C ILE A 810 14.78 -22.31 13.60
N GLU A 811 13.49 -22.37 13.95
CA GLU A 811 12.76 -23.62 13.83
C GLU A 811 12.68 -24.08 12.38
N GLU A 812 12.46 -23.15 11.45
CA GLU A 812 12.35 -23.48 10.05
C GLU A 812 13.68 -23.91 9.44
N GLU A 813 14.80 -23.38 9.92
CA GLU A 813 16.10 -23.87 9.47
C GLU A 813 16.47 -25.22 10.08
N ARG A 814 16.17 -25.42 11.36
CA ARG A 814 16.33 -26.74 11.97
C ARG A 814 15.50 -27.77 11.23
N HIS A 815 14.26 -27.44 10.90
CA HIS A 815 13.41 -28.37 10.18
C HIS A 815 13.98 -28.67 8.80
N GLU A 816 14.52 -27.66 8.13
CA GLU A 816 15.14 -27.92 6.84
C GLU A 816 16.23 -28.97 6.98
N TYR A 817 17.15 -28.75 7.93
CA TYR A 817 18.25 -29.70 8.09
C TYR A 817 17.73 -31.08 8.46
N ASP A 818 16.79 -31.15 9.40
CA ASP A 818 16.30 -32.46 9.84
C ASP A 818 15.54 -33.16 8.74
N PHE A 819 14.70 -32.44 7.98
CA PHE A 819 13.96 -33.06 6.91
C PHE A 819 14.87 -33.59 5.82
N TYR A 820 15.94 -32.87 5.51
CA TYR A 820 16.84 -33.38 4.48
C TYR A 820 17.79 -34.45 4.99
N ILE A 821 18.00 -34.56 6.30
CA ILE A 821 18.89 -35.58 6.84
C ILE A 821 18.14 -36.86 7.15
N GLU A 822 17.00 -36.77 7.83
CA GLU A 822 16.27 -37.96 8.23
C GLU A 822 15.75 -38.74 7.03
N SER A 823 15.26 -38.04 6.01
CA SER A 823 14.84 -38.70 4.78
C SER A 823 16.00 -39.34 4.05
N ASN A 824 17.13 -38.66 3.98
CA ASN A 824 18.33 -39.29 3.43
C ASN A 824 18.67 -40.55 4.22
N LEU A 825 18.43 -40.53 5.53
CA LEU A 825 18.71 -41.71 6.34
C LEU A 825 17.74 -42.84 6.05
N ARG A 826 16.45 -42.53 5.87
CA ARG A 826 15.48 -43.56 5.51
C ARG A 826 15.87 -44.22 4.19
N THR A 827 16.24 -43.39 3.20
CA THR A 827 16.68 -43.95 1.93
C THR A 827 17.97 -44.74 2.09
N ILE A 828 18.87 -44.29 2.96
CA ILE A 828 20.10 -45.04 3.20
C ILE A 828 19.78 -46.40 3.77
N GLN A 829 18.82 -46.47 4.69
CA GLN A 829 18.42 -47.76 5.25
C GLN A 829 17.89 -48.69 4.17
N CYS A 830 16.95 -48.18 3.35
CA CYS A 830 16.40 -49.01 2.29
C CYS A 830 17.49 -49.49 1.35
N LEU A 831 18.38 -48.58 0.94
CA LEU A 831 19.44 -48.95 0.02
C LEU A 831 20.44 -49.89 0.68
N GLU A 832 20.62 -49.80 1.99
CA GLU A 832 21.52 -50.72 2.67
C GLU A 832 20.95 -52.12 2.67
N THR A 833 19.65 -52.26 2.93
CA THR A 833 19.04 -53.58 2.82
C THR A 833 19.17 -54.10 1.38
N ILE A 834 18.94 -53.23 0.40
CA ILE A 834 19.03 -53.66 -0.99
C ILE A 834 20.44 -54.15 -1.29
N VAL A 835 21.44 -53.38 -0.88
CA VAL A 835 22.83 -53.74 -1.18
C VAL A 835 23.21 -55.03 -0.46
N ASN A 836 22.69 -55.23 0.75
CA ASN A 836 22.89 -56.50 1.43
C ASN A 836 22.33 -57.64 0.60
N LYS A 837 21.15 -57.45 0.02
CA LYS A 837 20.60 -58.46 -0.87
C LYS A 837 21.53 -58.70 -2.05
N ILE A 838 22.06 -57.63 -2.64
CA ILE A 838 22.92 -57.78 -3.82
C ILE A 838 24.16 -58.59 -3.48
N GLU A 839 24.81 -58.27 -2.36
CA GLU A 839 26.09 -58.90 -2.06
C GLU A 839 25.93 -60.41 -1.86
N ASN A 840 24.86 -60.83 -1.19
CA ASN A 840 24.63 -62.25 -0.94
C ASN A 840 23.93 -62.94 -2.10
N MET A 841 23.91 -62.35 -3.29
CA MET A 841 23.36 -62.97 -4.48
C MET A 841 24.43 -63.03 -5.56
N THR A 842 24.48 -64.15 -6.28
CA THR A 842 25.54 -64.40 -7.24
C THR A 842 25.40 -63.52 -8.48
N GLU A 843 26.46 -63.52 -9.29
CA GLU A 843 26.55 -62.57 -10.41
C GLU A 843 25.33 -62.66 -11.31
N ASN A 844 24.89 -63.87 -11.63
CA ASN A 844 23.73 -64.01 -12.51
C ASN A 844 22.50 -63.34 -11.91
N GLU A 845 22.18 -63.69 -10.66
CA GLU A 845 21.03 -63.07 -10.02
C GLU A 845 21.23 -61.58 -9.79
N LYS A 846 22.46 -61.13 -9.58
CA LYS A 846 22.71 -59.69 -9.58
C LYS A 846 22.26 -59.06 -10.88
N ALA A 847 22.71 -59.63 -12.01
CA ALA A 847 22.37 -59.06 -13.31
C ALA A 847 20.89 -59.16 -13.62
N ASN A 848 20.18 -60.13 -13.05
CA ASN A 848 18.74 -60.24 -13.26
C ASN A 848 17.89 -59.59 -12.17
N PHE A 849 18.50 -59.19 -11.06
CA PHE A 849 17.70 -58.55 -10.02
C PHE A 849 17.11 -57.25 -10.52
N LYS A 850 15.87 -56.97 -10.11
CA LYS A 850 15.16 -55.79 -10.57
C LYS A 850 14.17 -55.37 -9.48
N LEU A 851 14.46 -54.27 -8.81
CA LEU A 851 13.54 -53.76 -7.81
C LEU A 851 12.31 -53.19 -8.49
N PRO A 852 11.15 -53.26 -7.83
CA PRO A 852 9.95 -52.63 -8.38
C PRO A 852 9.84 -51.19 -7.91
N PRO A 853 8.90 -50.42 -8.46
CA PRO A 853 8.69 -49.06 -7.95
C PRO A 853 8.42 -49.09 -6.45
N GLY A 854 9.01 -48.14 -5.75
CA GLY A 854 8.94 -48.11 -4.31
C GLY A 854 9.95 -49.00 -3.61
N LEU A 855 10.78 -49.72 -4.37
CA LEU A 855 11.82 -50.57 -3.80
C LEU A 855 11.23 -51.66 -2.91
N GLY A 856 9.94 -51.95 -3.07
CA GLY A 856 9.27 -52.93 -2.25
C GLY A 856 8.86 -52.45 -0.88
N HIS A 857 9.36 -51.30 -0.44
CA HIS A 857 9.01 -50.78 0.88
C HIS A 857 7.74 -49.94 0.79
N THR A 858 7.26 -49.49 1.94
CA THR A 858 5.96 -48.83 2.00
C THR A 858 5.94 -47.55 1.17
N SER A 859 7.00 -46.76 1.24
CA SER A 859 7.03 -45.48 0.54
C SER A 859 7.29 -45.70 -0.95
N MET A 860 6.88 -44.71 -1.74
CA MET A 860 7.13 -44.71 -3.18
C MET A 860 7.81 -43.44 -3.66
N THR A 861 7.94 -42.41 -2.82
CA THR A 861 8.46 -41.11 -3.24
C THR A 861 9.66 -40.65 -2.44
N ILE A 862 9.78 -41.05 -1.17
CA ILE A 862 10.81 -40.48 -0.31
C ILE A 862 12.19 -40.69 -0.92
N TYR A 863 12.47 -41.91 -1.37
CA TYR A 863 13.76 -42.15 -2.02
C TYR A 863 13.89 -41.33 -3.29
N LYS A 864 12.79 -41.11 -3.99
CA LYS A 864 12.82 -40.27 -5.19
C LYS A 864 13.28 -38.86 -4.84
N LYS A 865 12.68 -38.26 -3.81
CA LYS A 865 13.10 -36.93 -3.40
C LYS A 865 14.56 -36.93 -2.98
N VAL A 866 14.96 -37.94 -2.21
CA VAL A 866 16.33 -37.96 -1.70
C VAL A 866 17.32 -38.03 -2.84
N ILE A 867 17.06 -38.85 -3.85
CA ILE A 867 17.98 -38.92 -4.97
C ILE A 867 17.94 -37.64 -5.80
N ARG A 868 16.76 -37.07 -6.02
CA ARG A 868 16.68 -35.84 -6.80
C ARG A 868 17.50 -34.74 -6.14
N LYS A 869 17.36 -34.58 -4.82
CA LYS A 869 18.07 -33.51 -4.13
C LYS A 869 19.58 -33.65 -4.29
N VAL A 870 20.06 -34.88 -4.44
CA VAL A 870 21.50 -35.11 -4.42
C VAL A 870 22.11 -35.18 -5.82
N TYR A 871 21.35 -35.63 -6.81
CA TYR A 871 21.99 -36.16 -8.01
C TYR A 871 21.57 -35.47 -9.30
N ASP A 872 21.60 -34.13 -9.35
CA ASP A 872 21.51 -33.42 -10.62
C ASP A 872 20.21 -33.77 -11.35
N LYS A 873 19.12 -33.19 -10.84
CA LYS A 873 17.76 -33.67 -11.05
C LYS A 873 17.55 -34.39 -12.38
N GLU A 874 18.03 -33.83 -13.48
CA GLU A 874 17.98 -34.57 -14.74
C GLU A 874 18.61 -35.95 -14.56
N ARG A 875 19.88 -35.99 -14.21
CA ARG A 875 20.50 -37.26 -13.87
C ARG A 875 19.88 -37.85 -12.62
N GLY A 876 19.20 -37.06 -11.80
CA GLY A 876 18.47 -37.61 -10.67
C GLY A 876 17.36 -38.54 -11.11
N PHE A 877 16.54 -38.10 -12.08
CA PHE A 877 15.54 -38.99 -12.63
C PHE A 877 16.17 -40.14 -13.40
N GLU A 878 17.27 -39.87 -14.12
CA GLU A 878 18.00 -40.97 -14.73
C GLU A 878 18.34 -42.04 -13.70
N ILE A 879 18.77 -41.62 -12.51
CA ILE A 879 19.03 -42.56 -11.44
C ILE A 879 17.75 -43.28 -11.03
N ILE A 880 16.76 -42.54 -10.54
CA ILE A 880 15.54 -43.16 -10.01
C ILE A 880 15.02 -44.18 -11.01
N ASP A 881 15.34 -44.01 -12.29
CA ASP A 881 15.04 -45.04 -13.27
C ASP A 881 16.02 -46.21 -13.21
N ALA A 882 17.32 -45.94 -13.19
CA ALA A 882 18.30 -47.03 -13.17
C ALA A 882 18.16 -47.88 -11.92
N LEU A 883 17.93 -47.26 -10.77
CA LEU A 883 17.74 -47.98 -9.52
C LEU A 883 16.59 -48.97 -9.62
N HIS A 884 15.43 -48.52 -10.07
CA HIS A 884 14.32 -49.45 -10.28
C HIS A 884 14.71 -50.55 -11.26
N GLU A 885 15.42 -50.19 -12.32
CA GLU A 885 16.01 -51.13 -13.24
C GLU A 885 17.28 -51.66 -12.60
N HIS A 886 18.18 -52.24 -13.40
CA HIS A 886 19.31 -53.01 -12.88
C HIS A 886 19.92 -52.34 -11.65
N PRO A 887 19.76 -52.92 -10.47
CA PRO A 887 20.45 -52.40 -9.27
C PRO A 887 21.73 -53.12 -8.90
N ALA A 888 22.22 -54.05 -9.72
CA ALA A 888 23.53 -54.63 -9.48
C ALA A 888 24.61 -53.55 -9.51
N VAL A 889 24.30 -52.42 -10.11
CA VAL A 889 25.09 -51.20 -9.99
C VAL A 889 24.10 -50.15 -9.51
N THR A 890 24.52 -48.89 -9.43
CA THR A 890 23.65 -47.81 -9.00
C THR A 890 23.40 -47.88 -7.50
N ALA A 891 22.69 -48.91 -7.04
CA ALA A 891 22.39 -48.99 -5.61
C ALA A 891 23.63 -48.87 -4.74
N PRO A 892 24.75 -49.54 -5.03
CA PRO A 892 25.97 -49.31 -4.24
C PRO A 892 26.49 -47.88 -4.35
N VAL A 893 26.60 -47.38 -5.57
CA VAL A 893 27.15 -46.04 -5.77
C VAL A 893 26.20 -45.00 -5.19
N VAL A 894 24.90 -45.16 -5.42
CA VAL A 894 23.92 -44.24 -4.86
C VAL A 894 24.00 -44.26 -3.35
N LEU A 895 24.17 -45.45 -2.76
CA LEU A 895 24.32 -45.53 -1.31
C LEU A 895 25.57 -44.80 -0.83
N LYS A 896 26.67 -44.92 -1.53
CA LYS A 896 27.85 -44.24 -1.11
C LYS A 896 27.54 -42.79 -1.11
N ARG A 897 27.12 -42.25 -2.24
CA ARG A 897 26.89 -40.82 -2.31
C ARG A 897 25.92 -40.33 -1.25
N LEU A 898 24.88 -41.11 -0.96
CA LEU A 898 23.96 -40.73 0.09
C LEU A 898 24.64 -40.71 1.45
N LYS A 899 25.59 -41.64 1.67
CA LYS A 899 26.35 -41.62 2.91
C LYS A 899 27.22 -40.36 3.00
N GLN A 900 27.88 -40.01 1.91
CA GLN A 900 28.68 -38.79 1.91
C GLN A 900 27.82 -37.57 2.23
N LYS A 901 26.67 -37.46 1.57
CA LYS A 901 25.80 -36.33 1.85
C LYS A 901 25.31 -36.36 3.29
N ASP A 902 25.03 -37.55 3.82
CA ASP A 902 24.57 -37.66 5.19
C ASP A 902 25.60 -37.12 6.16
N GLU A 903 26.85 -37.57 6.02
CA GLU A 903 27.88 -37.13 6.96
C GLU A 903 28.13 -35.63 6.81
N GLU A 904 28.13 -35.13 5.58
CA GLU A 904 28.35 -33.71 5.37
C GLU A 904 27.25 -32.88 6.03
N TRP A 905 26.00 -33.24 5.78
CA TRP A 905 24.89 -32.50 6.38
C TRP A 905 24.85 -32.65 7.89
N ARG A 906 25.30 -33.79 8.42
CA ARG A 906 25.38 -33.93 9.87
C ARG A 906 26.44 -33.00 10.46
N ARG A 907 27.59 -32.90 9.81
CA ARG A 907 28.61 -31.96 10.25
C ARG A 907 28.03 -30.55 10.27
N ALA A 908 27.42 -30.15 9.16
CA ALA A 908 26.86 -28.81 9.07
C ALA A 908 25.80 -28.57 10.12
N GLN A 909 24.95 -29.57 10.36
CA GLN A 909 23.91 -29.42 11.38
C GLN A 909 24.52 -29.26 12.76
N ARG A 910 25.57 -30.02 13.06
CA ARG A 910 26.21 -29.90 14.36
C ARG A 910 26.80 -28.50 14.53
N GLU A 911 27.43 -27.98 13.48
CA GLU A 911 27.94 -26.61 13.56
C GLU A 911 26.82 -25.60 13.76
N TRP A 912 25.72 -25.75 13.03
CA TRP A 912 24.63 -24.80 13.10
C TRP A 912 23.90 -24.88 14.44
N ASN A 913 23.98 -26.03 15.10
CA ASN A 913 23.25 -26.20 16.35
C ASN A 913 23.77 -25.26 17.41
N LYS A 914 25.06 -24.95 17.38
CA LYS A 914 25.61 -23.99 18.34
C LYS A 914 24.92 -22.64 18.20
N VAL A 915 24.88 -22.09 16.99
CA VAL A 915 24.31 -20.76 16.82
C VAL A 915 22.82 -20.78 17.07
N TRP A 916 22.13 -21.85 16.66
CA TRP A 916 20.71 -21.94 16.92
C TRP A 916 20.43 -21.96 18.42
N ARG A 917 21.21 -22.74 19.17
CA ARG A 917 21.05 -22.79 20.61
C ARG A 917 21.32 -21.43 21.25
N GLU A 918 22.38 -20.76 20.80
CA GLU A 918 22.71 -19.47 21.39
C GLU A 918 21.61 -18.44 21.11
N LEU A 919 21.12 -18.39 19.87
CA LEU A 919 20.04 -17.47 19.55
C LEU A 919 18.79 -17.79 20.37
N GLU A 920 18.47 -19.08 20.50
CA GLU A 920 17.33 -19.47 21.30
C GLU A 920 17.49 -18.99 22.74
N GLN A 921 18.68 -19.20 23.32
CA GLN A 921 18.92 -18.73 24.67
C GLN A 921 18.71 -17.22 24.76
N LYS A 922 19.22 -16.49 23.77
CA LYS A 922 19.12 -15.03 23.79
C LYS A 922 17.67 -14.57 23.76
N VAL A 923 16.86 -15.14 22.86
CA VAL A 923 15.60 -14.52 22.47
C VAL A 923 14.39 -15.26 23.03
N PHE A 924 14.57 -16.41 23.66
CA PHE A 924 13.41 -17.23 24.02
C PHE A 924 12.53 -16.51 25.02
N PHE A 925 13.06 -16.21 26.20
CA PHE A 925 12.20 -15.63 27.24
C PHE A 925 11.64 -14.29 26.80
N LYS A 926 12.37 -13.55 25.96
CA LYS A 926 11.79 -12.35 25.39
C LYS A 926 10.58 -12.66 24.54
N SER A 927 10.67 -13.72 23.72
CA SER A 927 9.54 -14.06 22.85
C SER A 927 8.26 -14.23 23.65
N LEU A 928 8.34 -14.91 24.79
CA LEU A 928 7.18 -15.08 25.66
C LEU A 928 6.87 -13.84 26.47
N ASP A 929 7.55 -12.72 26.21
CA ASP A 929 7.32 -11.47 26.94
C ASP A 929 6.49 -10.57 26.03
N HIS A 930 5.17 -10.80 26.03
CA HIS A 930 4.26 -9.99 25.24
C HIS A 930 3.90 -8.69 25.95
N LEU A 931 3.29 -8.80 27.12
CA LEU A 931 2.85 -7.66 27.89
C LEU A 931 4.00 -6.94 28.58
N GLY A 932 5.22 -7.45 28.44
CA GLY A 932 6.37 -6.84 29.07
C GLY A 932 7.26 -6.09 28.09
N LEU A 933 7.19 -6.48 26.81
CA LEU A 933 7.93 -5.77 25.78
C LEU A 933 7.27 -4.45 25.42
N THR A 934 5.94 -4.39 25.41
CA THR A 934 5.23 -3.12 25.29
C THR A 934 5.31 -2.31 26.56
N PHE A 935 5.35 -2.96 27.71
CA PHE A 935 5.60 -2.26 28.96
C PHE A 935 6.89 -1.45 28.84
N LYS A 936 7.04 -0.49 29.74
CA LYS A 936 8.11 0.51 29.70
C LYS A 936 7.84 1.57 28.64
N GLN A 937 6.75 1.44 27.89
CA GLN A 937 6.29 2.50 27.00
C GLN A 937 4.83 2.78 27.32
N ALA A 938 4.08 1.72 27.63
CA ALA A 938 2.73 1.88 28.14
C ALA A 938 2.71 2.46 29.54
N ASP A 939 3.75 2.20 30.34
CA ASP A 939 3.85 2.85 31.64
C ASP A 939 3.98 4.36 31.48
N LYS A 940 4.80 4.80 30.53
CA LYS A 940 4.99 6.23 30.33
C LYS A 940 3.68 6.91 29.99
N LYS A 941 2.88 6.31 29.11
CA LYS A 941 1.62 6.90 28.71
C LYS A 941 0.56 6.79 29.79
N LEU A 942 0.26 5.57 30.21
CA LEU A 942 -0.88 5.32 31.07
C LEU A 942 -0.60 5.61 32.54
N LEU A 943 0.65 5.74 32.95
CA LEU A 943 0.99 6.16 34.30
C LEU A 943 1.31 7.64 34.24
N THR A 944 0.27 8.46 34.20
CA THR A 944 0.40 9.91 34.15
C THR A 944 -0.79 10.52 34.87
N THR A 945 -0.75 11.85 35.01
CA THR A 945 -1.84 12.55 35.67
C THR A 945 -3.15 12.33 34.94
N LYS A 946 -3.15 12.54 33.62
CA LYS A 946 -4.39 12.46 32.85
C LYS A 946 -5.05 11.10 33.02
N GLN A 947 -4.29 10.02 32.81
CA GLN A 947 -4.86 8.68 32.91
C GLN A 947 -5.33 8.38 34.32
N LEU A 948 -4.55 8.78 35.32
CA LEU A 948 -4.92 8.47 36.69
C LEU A 948 -6.21 9.18 37.09
N ILE A 949 -6.40 10.43 36.68
CA ILE A 949 -7.70 11.05 36.94
C ILE A 949 -8.77 10.42 36.07
N SER A 950 -8.42 9.97 34.86
CA SER A 950 -9.43 9.41 33.97
C SER A 950 -10.07 8.17 34.58
N GLU A 951 -9.26 7.29 35.17
CA GLU A 951 -9.81 6.07 35.74
C GLU A 951 -10.79 6.38 36.86
N ILE A 952 -10.38 7.24 37.80
CA ILE A 952 -11.24 7.58 38.92
C ILE A 952 -12.50 8.27 38.44
N SER A 953 -12.36 9.20 37.49
CA SER A 953 -13.52 9.89 36.95
C SER A 953 -14.47 8.91 36.27
N SER A 954 -13.92 7.90 35.60
CA SER A 954 -14.75 6.93 34.91
C SER A 954 -15.54 6.08 35.91
N ILE A 955 -14.89 5.63 36.97
CA ILE A 955 -15.63 4.87 37.98
C ILE A 955 -16.73 5.75 38.57
N LYS A 956 -16.43 7.02 38.80
CA LYS A 956 -17.44 7.94 39.30
C LYS A 956 -18.57 8.09 38.29
N VAL A 957 -18.24 8.13 37.00
CA VAL A 957 -19.25 8.28 35.96
C VAL A 957 -20.14 7.05 35.90
N ASP A 958 -19.55 5.86 36.03
CA ASP A 958 -20.35 4.65 36.05
C ASP A 958 -21.31 4.65 37.23
N GLN A 959 -20.83 5.09 38.40
CA GLN A 959 -21.71 5.19 39.55
C GLN A 959 -22.82 6.21 39.30
N THR A 960 -22.49 7.35 38.68
CA THR A 960 -23.50 8.35 38.38
C THR A 960 -24.46 7.88 37.28
N ASN A 961 -24.06 6.92 36.46
CA ASN A 961 -24.95 6.38 35.45
C ASN A 961 -25.89 5.35 36.04
N LYS A 962 -25.42 4.55 36.99
CA LYS A 962 -26.31 3.75 37.84
C LYS A 962 -26.98 4.60 38.90
N LYS A 963 -26.72 5.88 38.88
CA LYS A 963 -27.54 6.89 39.54
C LYS A 963 -28.61 7.44 38.62
N ILE A 964 -28.31 7.63 37.34
CA ILE A 964 -29.32 8.02 36.37
C ILE A 964 -30.29 6.88 36.12
N HIS A 965 -29.78 5.65 36.00
CA HIS A 965 -30.58 4.48 35.66
C HIS A 965 -30.64 3.43 36.76
N TRP A 966 -30.26 3.76 37.99
CA TRP A 966 -30.30 2.79 39.08
C TRP A 966 -30.26 3.66 40.34
N LEU A 967 -30.00 3.09 41.53
CA LEU A 967 -30.14 3.92 42.73
C LEU A 967 -29.38 5.22 42.60
N THR A 968 -30.03 6.31 43.01
CA THR A 968 -29.43 7.63 43.00
C THR A 968 -28.39 7.73 44.13
N PRO A 969 -28.80 7.64 45.41
CA PRO A 969 -27.84 7.84 46.50
C PRO A 969 -27.23 6.55 47.03
N LYS A 970 -25.91 6.45 47.09
CA LYS A 970 -25.24 5.33 47.76
C LYS A 970 -23.71 5.42 47.70
N PRO A 971 -23.09 5.71 46.55
CA PRO A 971 -21.63 5.56 46.48
C PRO A 971 -20.92 6.66 47.25
N LYS A 972 -19.90 6.26 48.00
CA LYS A 972 -19.08 7.19 48.76
C LYS A 972 -17.61 6.86 48.61
N SER A 973 -17.23 6.30 47.47
CA SER A 973 -15.84 5.97 47.19
C SER A 973 -15.78 5.40 45.78
N GLN A 974 -14.57 5.42 45.21
CA GLN A 974 -14.39 4.89 43.87
C GLN A 974 -13.18 4.00 43.73
N LEU A 975 -12.17 4.10 44.59
CA LEU A 975 -11.05 3.19 44.61
C LEU A 975 -10.96 2.58 46.01
N ASP A 976 -10.37 1.40 46.08
CA ASP A 976 -10.21 0.70 47.35
C ASP A 976 -8.80 0.14 47.51
N PHE A 977 -7.79 0.98 47.27
CA PHE A 977 -6.40 0.55 47.45
C PHE A 977 -6.22 -0.06 48.83
N ASP A 978 -5.60 -1.23 48.89
CA ASP A 978 -5.44 -1.97 50.13
C ASP A 978 -3.96 -2.29 50.34
N PHE A 979 -3.58 -2.39 51.62
CA PHE A 979 -2.19 -2.63 52.01
C PHE A 979 -2.15 -3.76 53.03
N PRO A 980 -2.38 -4.99 52.60
CA PRO A 980 -2.34 -6.11 53.55
C PRO A 980 -1.00 -6.25 54.26
N ASP A 981 0.09 -5.98 53.56
CA ASP A 981 1.43 -6.23 54.06
C ASP A 981 2.15 -4.92 54.32
N LYS A 982 2.61 -4.74 55.56
CA LYS A 982 3.60 -3.71 55.85
C LYS A 982 4.95 -4.24 55.37
N ASN A 983 6.03 -3.52 55.68
CA ASN A 983 7.39 -3.91 55.32
C ASN A 983 7.64 -3.79 53.83
N ILE A 984 6.64 -3.47 53.03
CA ILE A 984 6.86 -3.03 51.66
C ILE A 984 7.07 -1.54 51.61
N PHE A 985 6.40 -0.78 52.48
CA PHE A 985 6.64 0.65 52.57
C PHE A 985 8.12 0.93 52.74
N TYR A 986 8.79 0.15 53.59
CA TYR A 986 10.22 0.38 53.80
C TYR A 986 11.02 0.10 52.55
N ASP A 987 10.60 -0.87 51.74
CA ASP A 987 11.30 -1.13 50.49
C ASP A 987 11.13 0.01 49.51
N ILE A 988 9.91 0.57 49.43
CA ILE A 988 9.69 1.73 48.58
C ILE A 988 10.56 2.90 49.06
N LEU A 989 10.60 3.11 50.38
CA LEU A 989 11.42 4.18 50.92
C LEU A 989 12.89 3.95 50.63
N CYS A 990 13.34 2.70 50.72
CA CYS A 990 14.73 2.39 50.41
C CYS A 990 15.05 2.70 48.95
N LEU A 991 14.17 2.31 48.05
CA LEU A 991 14.39 2.59 46.63
C LEU A 991 14.42 4.09 46.37
N ALA A 992 13.49 4.83 47.00
CA ALA A 992 13.47 6.27 46.84
C ALA A 992 14.75 6.88 47.37
N ASP A 993 15.23 6.41 48.52
CA ASP A 993 16.45 6.94 49.10
C ASP A 993 17.63 6.68 48.17
N THR A 994 17.69 5.49 47.59
CA THR A 994 18.77 5.19 46.66
C THR A 994 18.74 6.14 45.47
N PHE A 995 17.56 6.32 44.87
CA PHE A 995 17.46 7.23 43.75
C PHE A 995 17.92 8.63 44.14
N ILE A 996 17.42 9.12 45.26
CA ILE A 996 17.75 10.47 45.73
C ILE A 996 19.26 10.58 45.84
N THR A 997 19.88 9.60 46.48
CA THR A 997 21.32 9.63 46.64
C THR A 997 22.05 9.57 45.30
N HIS A 998 21.39 9.04 44.26
CA HIS A 998 22.08 8.96 42.97
C HIS A 998 21.88 10.22 42.13
N THR A 999 20.70 10.83 42.19
CA THR A 999 20.40 11.93 41.26
C THR A 999 21.42 13.05 41.39
N THR A 1000 21.82 13.58 40.24
CA THR A 1000 22.60 14.81 40.19
C THR A 1000 21.73 16.04 40.03
N ALA A 1001 20.49 15.89 39.58
CA ALA A 1001 19.62 17.05 39.37
C ALA A 1001 19.40 17.80 40.67
N TYR A 1002 19.05 17.10 41.74
CA TYR A 1002 18.90 17.74 43.03
C TYR A 1002 20.26 18.04 43.64
N SER A 1003 20.27 19.03 44.53
CA SER A 1003 21.44 19.34 45.34
C SER A 1003 21.26 18.79 46.74
N ASN A 1004 22.38 18.56 47.41
CA ASN A 1004 22.35 17.89 48.71
C ASN A 1004 21.38 18.53 49.69
N PRO A 1005 21.26 19.85 49.79
CA PRO A 1005 20.23 20.41 50.67
C PRO A 1005 18.84 19.93 50.31
N ASP A 1006 18.56 19.72 49.02
CA ASP A 1006 17.24 19.27 48.60
C ASP A 1006 17.03 17.78 48.87
N LYS A 1007 18.07 16.97 48.72
CA LYS A 1007 17.92 15.53 48.89
C LYS A 1007 17.48 15.19 50.30
N GLU A 1008 18.06 15.84 51.31
CA GLU A 1008 17.69 15.54 52.67
C GLU A 1008 16.24 15.90 52.95
N ARG A 1009 15.79 17.04 52.44
CA ARG A 1009 14.40 17.42 52.61
C ARG A 1009 13.49 16.41 51.92
N LEU A 1010 13.88 15.96 50.73
CA LEU A 1010 13.08 14.96 50.02
C LEU A 1010 12.96 13.68 50.83
N LYS A 1011 14.10 13.18 51.34
CA LYS A 1011 14.08 11.96 52.11
C LYS A 1011 13.22 12.11 53.36
N ASP A 1012 13.36 13.22 54.06
CA ASP A 1012 12.56 13.44 55.26
C ASP A 1012 11.09 13.50 54.93
N LEU A 1013 10.73 14.19 53.84
CA LEU A 1013 9.33 14.27 53.45
C LEU A 1013 8.76 12.89 53.12
N LEU A 1014 9.53 12.09 52.38
CA LEU A 1014 9.04 10.77 52.01
C LEU A 1014 8.86 9.90 53.25
N LYS A 1015 9.88 9.83 54.11
CA LYS A 1015 9.74 9.03 55.33
C LYS A 1015 8.64 9.54 56.23
N TYR A 1016 8.38 10.84 56.22
CA TYR A 1016 7.40 11.43 57.12
C TYR A 1016 5.98 11.25 56.64
N PHE A 1017 5.74 11.35 55.33
CA PHE A 1017 4.38 11.26 54.82
C PHE A 1017 3.75 9.91 55.15
N ILE A 1018 4.47 8.82 54.85
CA ILE A 1018 3.90 7.49 55.06
C ILE A 1018 3.74 7.21 56.54
N SER A 1019 4.72 7.60 57.35
CA SER A 1019 4.61 7.38 58.78
C SER A 1019 3.45 8.16 59.37
N LEU A 1020 3.14 9.33 58.81
CA LEU A 1020 2.00 10.10 59.28
C LEU A 1020 0.69 9.49 58.79
N PHE A 1021 0.65 9.03 57.54
CA PHE A 1021 -0.58 8.56 56.93
C PHE A 1021 -0.97 7.19 57.46
N PHE A 1022 -0.07 6.22 57.35
CA PHE A 1022 -0.31 4.86 57.81
C PHE A 1022 0.05 4.66 59.28
N SER A 1023 0.59 5.67 59.96
CA SER A 1023 0.97 5.56 61.36
C SER A 1023 1.97 4.42 61.55
N ILE A 1024 3.15 4.60 60.95
CA ILE A 1024 4.17 3.57 60.91
C ILE A 1024 5.32 3.87 61.87
N SER A 1025 5.08 4.69 62.91
CA SER A 1025 6.01 4.79 64.03
C SER A 1025 7.41 5.14 63.54
N PHE A 1026 7.56 6.40 63.12
CA PHE A 1026 8.70 6.90 62.36
C PHE A 1026 10.00 6.16 62.68
N GLU A 1027 10.27 5.93 63.97
CA GLU A 1027 11.49 5.23 64.34
C GLU A 1027 11.61 3.87 63.65
N LYS A 1028 10.49 3.23 63.33
CA LYS A 1028 10.55 1.93 62.67
C LYS A 1028 11.29 2.03 61.35
N ILE A 1029 10.96 3.05 60.55
CA ILE A 1029 11.69 3.26 59.30
C ILE A 1029 13.16 3.56 59.59
N GLU A 1030 13.40 4.40 60.60
CA GLU A 1030 14.78 4.77 60.92
C GLU A 1030 15.64 3.54 61.19
N GLU A 1031 15.11 2.59 61.96
CA GLU A 1031 15.86 1.37 62.26
C GLU A 1031 15.89 0.40 61.09
N SER A 1032 14.78 0.25 60.35
CA SER A 1032 14.74 -0.72 59.27
C SER A 1032 15.70 -0.34 58.15
N LEU A 1033 15.67 0.93 57.73
CA LEU A 1033 16.57 1.35 56.66
C LEU A 1033 18.03 1.26 57.12
N TYR A 1034 18.31 1.64 58.36
CA TYR A 1034 19.67 1.58 58.87
C TYR A 1034 20.17 0.14 58.91
N SER A 1035 19.31 -0.79 59.32
CA SER A 1035 19.69 -2.20 59.28
C SER A 1035 19.91 -2.68 57.85
N HIS A 1036 19.06 -2.23 56.91
CA HIS A 1036 19.23 -2.63 55.52
C HIS A 1036 20.58 -2.18 54.98
N LYS A 1037 20.99 -0.95 55.28
CA LYS A 1037 22.26 -0.44 54.78
C LYS A 1037 23.44 -0.78 55.68
N GLN A 1038 23.19 -1.42 56.83
CA GLN A 1038 24.29 -1.85 57.68
C GLN A 1038 25.07 -2.98 57.04
N ASN A 1039 24.38 -3.95 56.44
CA ASN A 1039 25.02 -5.08 55.78
C ASN A 1039 25.54 -4.73 54.40
N VAL A 1040 25.13 -3.59 53.84
CA VAL A 1040 25.63 -3.20 52.52
C VAL A 1040 27.13 -2.96 52.56
N SER A 1041 27.61 -2.28 53.59
CA SER A 1041 29.04 -1.97 53.71
C SER A 1041 29.86 -3.14 54.25
N GLU A 1042 29.21 -4.21 54.71
CA GLU A 1042 29.94 -5.36 55.23
C GLU A 1042 30.58 -6.20 54.14
N SER A 1043 30.22 -5.98 52.87
CA SER A 1043 30.78 -6.73 51.76
C SER A 1043 31.95 -5.99 51.14
N ASN A 1132 -9.32 6.13 69.81
CA ASN A 1132 -10.33 6.66 68.91
C ASN A 1132 -9.77 6.83 67.50
N ARG A 1133 -8.52 6.45 67.30
CA ARG A 1133 -7.89 6.57 66.00
C ARG A 1133 -8.62 5.69 64.99
N SER A 1134 -9.13 6.32 63.94
CA SER A 1134 -10.03 5.65 63.00
C SER A 1134 -9.86 6.24 61.61
N ILE A 1135 -10.86 6.04 60.74
CA ILE A 1135 -10.82 6.63 59.42
C ILE A 1135 -10.34 8.07 59.51
N PHE A 1136 -9.46 8.46 58.58
CA PHE A 1136 -8.89 9.80 58.58
C PHE A 1136 -8.79 10.27 57.14
N ASN A 1137 -9.64 11.23 56.77
CA ASN A 1137 -9.59 11.79 55.43
C ASN A 1137 -8.31 12.60 55.24
N LEU A 1138 -7.87 12.71 54.00
CA LEU A 1138 -6.68 13.46 53.64
C LEU A 1138 -6.98 14.71 52.83
N PHE A 1139 -7.80 14.58 51.79
CA PHE A 1139 -8.08 15.69 50.87
C PHE A 1139 -6.82 16.04 50.12
N ALA A 1140 -6.96 16.52 48.88
CA ALA A 1140 -5.79 16.67 48.03
C ALA A 1140 -6.19 17.45 46.79
N ASN A 1141 -5.18 17.98 46.12
CA ASN A 1141 -5.31 18.49 44.78
C ASN A 1141 -4.72 17.46 43.82
N THR A 1142 -4.70 17.78 42.53
CA THR A 1142 -4.10 16.87 41.58
C THR A 1142 -2.64 16.59 41.91
N ASN A 1143 -1.95 17.52 42.56
CA ASN A 1143 -0.53 17.33 42.86
C ASN A 1143 -0.34 16.24 43.92
N ILE A 1144 -1.15 16.28 44.98
CA ILE A 1144 -1.04 15.26 46.02
C ILE A 1144 -1.53 13.92 45.50
N TYR A 1145 -2.56 13.93 44.66
CA TYR A 1145 -3.18 12.67 44.24
C TYR A 1145 -2.21 11.82 43.44
N ILE A 1146 -1.55 12.41 42.44
CA ILE A 1146 -0.68 11.60 41.59
C ILE A 1146 0.50 11.07 42.40
N PHE A 1147 0.98 11.84 43.38
CA PHE A 1147 2.02 11.33 44.26
C PHE A 1147 1.53 10.12 45.05
N PHE A 1148 0.34 10.23 45.63
CA PHE A 1148 -0.19 9.15 46.45
C PHE A 1148 -0.76 8.02 45.59
N ARG A 1149 -0.68 8.22 44.27
CA ARG A 1149 -1.05 7.17 43.35
C ARG A 1149 0.20 6.45 42.86
N HIS A 1150 1.29 7.19 42.72
CA HIS A 1150 2.58 6.54 42.45
C HIS A 1150 2.98 5.65 43.61
N TRP A 1151 2.74 6.11 44.83
CA TRP A 1151 3.07 5.25 45.98
C TRP A 1151 2.31 3.93 45.90
N THR A 1152 1.00 3.98 45.65
CA THR A 1152 0.23 2.74 45.61
C THR A 1152 0.57 1.92 44.36
N THR A 1153 0.96 2.57 43.27
CA THR A 1153 1.41 1.80 42.12
C THR A 1153 2.64 0.98 42.47
N ILE A 1154 3.61 1.58 43.15
CA ILE A 1154 4.78 0.81 43.58
C ILE A 1154 4.36 -0.29 44.54
N TYR A 1155 3.50 0.02 45.51
CA TYR A 1155 3.12 -1.00 46.49
C TYR A 1155 2.41 -2.18 45.81
N GLU A 1156 1.53 -1.89 44.85
CA GLU A 1156 0.83 -2.94 44.14
C GLU A 1156 1.74 -3.73 43.23
N ARG A 1157 2.78 -3.11 42.68
CA ARG A 1157 3.74 -3.85 41.87
C ARG A 1157 4.72 -4.65 42.71
N LEU A 1158 4.81 -4.38 44.01
CA LEU A 1158 5.64 -5.20 44.89
C LEU A 1158 4.88 -6.26 45.67
N LEU A 1159 3.58 -6.08 45.91
CA LEU A 1159 2.81 -7.11 46.61
C LEU A 1159 2.77 -8.41 45.81
N GLU A 1160 2.51 -8.31 44.50
CA GLU A 1160 2.51 -9.49 43.66
C GLU A 1160 3.88 -10.15 43.68
N ILE A 1161 4.94 -9.34 43.71
CA ILE A 1161 6.29 -9.90 43.77
C ILE A 1161 6.49 -10.62 45.08
N LYS A 1162 5.88 -10.14 46.16
CA LYS A 1162 5.97 -10.83 47.45
C LYS A 1162 5.36 -12.24 47.40
N GLN A 1163 4.11 -12.31 46.95
CA GLN A 1163 3.45 -13.62 46.92
C GLN A 1163 4.16 -14.57 45.96
N MET A 1164 4.35 -14.11 44.73
CA MET A 1164 5.12 -14.88 43.77
C MET A 1164 6.52 -15.15 44.28
N ASN A 1165 7.03 -14.36 45.22
CA ASN A 1165 8.37 -14.60 45.75
C ASN A 1165 8.38 -15.81 46.65
N GLU A 1166 7.41 -15.91 47.53
CA GLU A 1166 7.28 -17.15 48.28
C GLU A 1166 7.32 -18.33 47.31
N ARG A 1167 6.35 -18.35 46.39
CA ARG A 1167 6.21 -19.51 45.51
C ARG A 1167 7.45 -19.72 44.65
N VAL A 1168 8.07 -18.64 44.20
CA VAL A 1168 9.11 -18.72 43.18
C VAL A 1168 10.47 -18.96 43.80
N THR A 1169 10.71 -18.52 45.03
CA THR A 1169 11.87 -19.00 45.75
C THR A 1169 11.76 -20.49 45.94
N LYS A 1170 10.58 -20.97 46.36
CA LYS A 1170 10.37 -22.42 46.43
C LYS A 1170 10.76 -23.08 45.12
N GLU A 1171 10.27 -22.53 44.01
CA GLU A 1171 10.55 -23.08 42.68
C GLU A 1171 12.04 -23.06 42.35
N ILE A 1172 12.64 -21.86 42.33
CA ILE A 1172 14.01 -21.66 41.86
C ILE A 1172 14.97 -22.50 42.68
N ASN A 1173 14.75 -22.58 43.99
CA ASN A 1173 15.69 -23.33 44.82
C ASN A 1173 15.61 -24.82 44.54
N THR A 1174 14.76 -25.22 43.60
CA THR A 1174 14.68 -26.61 43.16
C THR A 1174 14.66 -26.71 41.64
N ARG A 1175 15.33 -25.79 40.96
CA ARG A 1175 15.45 -25.85 39.51
C ARG A 1175 16.42 -26.95 39.15
N SER A 1176 15.89 -28.05 38.61
CA SER A 1176 16.72 -29.19 38.27
C SER A 1176 17.25 -29.05 36.84
N THR A 1177 18.48 -29.51 36.66
CA THR A 1177 19.00 -29.76 35.32
C THR A 1177 18.39 -31.08 34.86
N VAL A 1178 18.87 -31.68 33.76
CA VAL A 1178 18.32 -32.97 33.42
C VAL A 1178 19.38 -34.07 33.47
N THR A 1179 20.15 -34.28 32.40
CA THR A 1179 21.39 -35.02 32.53
C THR A 1179 22.40 -34.66 31.45
N PHE A 1180 21.90 -34.27 30.28
CA PHE A 1180 22.68 -34.31 29.05
C PHE A 1180 23.06 -32.91 28.57
N ALA A 1181 22.46 -31.88 29.13
CA ALA A 1181 22.90 -30.52 28.81
C ALA A 1181 24.25 -30.23 29.46
N LYS A 1182 24.51 -30.83 30.62
CA LYS A 1182 25.78 -30.58 31.32
C LYS A 1182 26.92 -31.31 30.64
N ASP A 1183 26.70 -32.54 30.22
CA ASP A 1183 27.74 -33.27 29.51
C ASP A 1183 28.13 -32.55 28.24
N LEU A 1184 27.15 -32.01 27.52
CA LEU A 1184 27.36 -31.30 26.27
C LEU A 1184 27.29 -29.78 26.43
N ASP A 1185 27.18 -29.28 27.65
CA ASP A 1185 27.19 -27.85 27.93
C ASP A 1185 26.13 -27.13 27.09
N LEU A 1186 24.88 -27.49 27.35
CA LEU A 1186 23.74 -26.99 26.58
C LEU A 1186 22.87 -26.01 27.34
N LEU A 1187 23.28 -25.58 28.53
CA LEU A 1187 22.50 -24.62 29.30
C LEU A 1187 23.12 -23.24 29.23
N SER A 1188 22.33 -22.24 29.58
CA SER A 1188 22.74 -20.84 29.48
C SER A 1188 23.53 -20.46 30.72
N SER A 1189 24.84 -20.34 30.57
CA SER A 1189 25.71 -19.90 31.66
C SER A 1189 25.81 -18.39 31.74
N GLN A 1190 25.17 -17.66 30.83
CA GLN A 1190 25.37 -16.22 30.75
C GLN A 1190 24.88 -15.54 32.02
N LEU A 1191 23.65 -15.83 32.45
CA LEU A 1191 23.12 -15.17 33.64
C LEU A 1191 23.85 -15.60 34.91
N SER A 1192 24.68 -16.64 34.86
CA SER A 1192 25.49 -17.04 35.99
C SER A 1192 26.87 -16.43 35.97
N GLU A 1193 27.49 -16.32 34.79
CA GLU A 1193 28.84 -15.77 34.71
C GLU A 1193 28.91 -14.37 35.31
N MET A 1194 27.83 -13.59 35.19
CA MET A 1194 27.74 -12.29 35.82
C MET A 1194 26.76 -12.28 36.99
N GLY A 1195 26.42 -13.45 37.52
CA GLY A 1195 25.74 -13.53 38.80
C GLY A 1195 24.40 -12.86 38.88
N LEU A 1196 23.58 -12.97 37.84
CA LEU A 1196 22.22 -12.45 37.89
C LEU A 1196 21.19 -13.55 38.11
N ASP A 1197 21.57 -14.82 38.02
CA ASP A 1197 20.65 -15.90 38.33
C ASP A 1197 20.26 -15.84 39.81
N PHE A 1198 19.00 -16.17 40.08
CA PHE A 1198 18.44 -16.02 41.40
C PHE A 1198 18.71 -17.21 42.31
N VAL A 1199 19.73 -18.01 42.00
CA VAL A 1199 20.07 -19.15 42.83
C VAL A 1199 20.83 -18.68 44.06
N GLY A 1200 20.39 -19.15 45.23
CA GLY A 1200 21.14 -18.92 46.45
C GLY A 1200 20.38 -18.22 47.56
N GLU A 1201 19.43 -17.36 47.21
CA GLU A 1201 18.77 -16.54 48.22
C GLU A 1201 17.36 -16.19 47.75
N ASP A 1202 16.72 -15.29 48.48
CA ASP A 1202 15.32 -14.97 48.27
C ASP A 1202 15.11 -14.31 46.91
N ALA A 1203 13.84 -14.22 46.53
CA ALA A 1203 13.44 -13.51 45.31
C ALA A 1203 13.05 -12.07 45.62
N TYR A 1204 12.24 -11.85 46.66
CA TYR A 1204 11.96 -10.49 47.13
C TYR A 1204 13.05 -10.02 48.07
N LYS A 1205 14.28 -10.32 47.70
CA LYS A 1205 15.46 -9.63 48.18
C LYS A 1205 16.47 -9.38 47.07
N GLN A 1206 16.46 -10.19 46.01
CA GLN A 1206 17.29 -9.98 44.85
C GLN A 1206 16.63 -9.06 43.84
N VAL A 1207 15.30 -9.02 43.80
CA VAL A 1207 14.63 -8.05 42.94
C VAL A 1207 14.94 -6.64 43.41
N LEU A 1208 14.83 -6.39 44.72
CA LEU A 1208 15.12 -5.06 45.24
C LEU A 1208 16.61 -4.74 45.14
N ARG A 1209 17.48 -5.72 45.43
CA ARG A 1209 18.91 -5.47 45.30
C ARG A 1209 19.28 -5.16 43.85
N LEU A 1210 18.69 -5.89 42.91
CA LEU A 1210 18.94 -5.62 41.51
C LEU A 1210 18.37 -4.27 41.10
N SER A 1211 17.22 -3.89 41.65
CA SER A 1211 16.66 -2.57 41.38
C SER A 1211 17.61 -1.49 41.86
N ARG A 1212 18.17 -1.65 43.05
CA ARG A 1212 19.17 -0.71 43.54
C ARG A 1212 20.36 -0.65 42.60
N ARG A 1213 20.87 -1.81 42.18
CA ARG A 1213 21.98 -1.84 41.24
C ARG A 1213 21.62 -1.09 39.97
N LEU A 1214 20.36 -1.16 39.55
CA LEU A 1214 19.94 -0.52 38.31
C LEU A 1214 19.84 0.99 38.47
N ILE A 1215 19.27 1.45 39.59
CA ILE A 1215 19.13 2.89 39.81
C ILE A 1215 20.49 3.55 39.85
N ASN A 1216 21.45 2.94 40.56
CA ASN A 1216 22.80 3.47 40.58
C ASN A 1216 23.50 3.33 39.24
N GLY A 1217 22.94 2.55 38.32
CA GLY A 1217 23.53 2.38 37.02
C GLY A 1217 24.57 1.28 36.93
N ASP A 1218 24.93 0.67 38.05
CA ASP A 1218 25.92 -0.40 38.02
C ASP A 1218 25.42 -1.61 37.24
N LEU A 1219 24.10 -1.74 37.08
CA LEU A 1219 23.50 -2.87 36.38
C LEU A 1219 22.82 -2.37 35.11
N GLU A 1220 23.15 -2.99 33.98
CA GLU A 1220 22.53 -2.63 32.73
C GLU A 1220 21.02 -2.86 32.82
N HIS A 1221 20.27 -1.99 32.14
CA HIS A 1221 18.82 -2.11 32.13
C HIS A 1221 18.34 -3.25 31.24
N GLN A 1222 19.22 -3.80 30.41
CA GLN A 1222 18.91 -4.96 29.58
C GLN A 1222 19.06 -6.26 30.36
N TRP A 1223 20.16 -6.42 31.08
CA TRP A 1223 20.40 -7.63 31.85
C TRP A 1223 19.43 -7.75 33.01
N PHE A 1224 19.00 -6.63 33.58
CA PHE A 1224 17.97 -6.67 34.62
C PHE A 1224 16.70 -7.28 34.07
N GLU A 1225 16.36 -6.94 32.82
CA GLU A 1225 15.18 -7.50 32.18
C GLU A 1225 15.27 -9.01 32.07
N GLU A 1226 16.38 -9.51 31.52
CA GLU A 1226 16.53 -10.96 31.40
C GLU A 1226 16.52 -11.63 32.75
N SER A 1227 17.22 -11.05 33.73
CA SER A 1227 17.26 -11.65 35.06
C SER A 1227 15.87 -11.76 35.65
N LEU A 1228 15.04 -10.75 35.47
CA LEU A 1228 13.67 -10.83 35.92
C LEU A 1228 12.80 -11.69 35.02
N ARG A 1229 13.28 -12.04 33.82
CA ARG A 1229 12.54 -12.91 32.92
C ARG A 1229 12.73 -14.37 33.30
N GLN A 1230 13.95 -14.88 33.18
CA GLN A 1230 14.16 -16.29 33.50
C GLN A 1230 14.52 -16.46 34.97
N ALA A 1231 13.76 -15.76 35.81
CA ALA A 1231 13.68 -16.03 37.24
C ALA A 1231 12.27 -15.86 37.76
N TYR A 1232 11.30 -15.56 36.89
CA TYR A 1232 9.91 -15.42 37.27
C TYR A 1232 9.01 -15.98 36.18
N ASN A 1233 9.56 -16.79 35.27
CA ASN A 1233 8.87 -17.14 34.03
C ASN A 1233 8.67 -15.86 33.23
N ASN A 1234 7.47 -15.31 33.20
CA ASN A 1234 7.29 -13.91 32.79
C ASN A 1234 6.09 -13.40 33.58
N LYS A 1235 6.37 -12.87 34.77
CA LYS A 1235 5.34 -12.40 35.67
C LYS A 1235 5.75 -11.17 36.45
N ALA A 1236 6.95 -10.63 36.22
CA ALA A 1236 7.43 -9.44 36.89
C ALA A 1236 7.73 -8.34 35.89
N PHE A 1237 7.02 -8.33 34.76
CA PHE A 1237 7.23 -7.28 33.78
C PHE A 1237 6.91 -5.91 34.37
N LYS A 1238 6.01 -5.85 35.34
CA LYS A 1238 5.67 -4.56 35.94
C LYS A 1238 6.84 -3.95 36.69
N LEU A 1239 7.89 -4.72 36.94
CA LEU A 1239 9.09 -4.21 37.58
C LEU A 1239 10.09 -3.67 36.58
N TYR A 1240 9.84 -3.85 35.28
CA TYR A 1240 10.79 -3.36 34.28
C TYR A 1240 11.00 -1.87 34.41
N THR A 1241 9.98 -1.14 34.85
CA THR A 1241 10.07 0.28 35.16
C THR A 1241 9.96 0.39 36.68
N ILE A 1242 11.10 0.29 37.35
CA ILE A 1242 11.18 0.58 38.77
C ILE A 1242 12.07 1.78 39.06
N ASP A 1243 13.06 2.05 38.20
CA ASP A 1243 13.81 3.29 38.32
C ASP A 1243 12.96 4.46 37.85
N LYS A 1244 12.20 4.28 36.77
CA LYS A 1244 11.40 5.38 36.25
C LYS A 1244 10.25 5.72 37.19
N VAL A 1245 9.60 4.71 37.76
CA VAL A 1245 8.47 4.97 38.63
C VAL A 1245 8.93 5.62 39.93
N THR A 1246 10.08 5.17 40.46
CA THR A 1246 10.59 5.82 41.66
C THR A 1246 11.09 7.24 41.37
N GLN A 1247 11.67 7.45 40.19
CA GLN A 1247 12.06 8.79 39.79
C GLN A 1247 10.83 9.70 39.74
N SER A 1248 9.74 9.21 39.17
CA SER A 1248 8.52 10.00 39.11
C SER A 1248 7.96 10.25 40.50
N LEU A 1249 8.01 9.24 41.38
CA LEU A 1249 7.51 9.43 42.73
C LEU A 1249 8.30 10.51 43.46
N VAL A 1250 9.63 10.48 43.32
CA VAL A 1250 10.43 11.50 44.01
C VAL A 1250 10.20 12.86 43.39
N LYS A 1251 10.05 12.94 42.07
CA LYS A 1251 9.73 14.21 41.45
C LYS A 1251 8.41 14.76 41.96
N HIS A 1252 7.42 13.89 42.12
CA HIS A 1252 6.13 14.34 42.62
C HIS A 1252 6.20 14.76 44.08
N ALA A 1253 7.04 14.11 44.88
CA ALA A 1253 7.25 14.60 46.25
C ALA A 1253 7.91 15.98 46.23
N HIS A 1254 8.93 16.16 45.38
CA HIS A 1254 9.57 17.46 45.25
C HIS A 1254 8.54 18.53 44.91
N THR A 1255 7.68 18.24 43.94
CA THR A 1255 6.57 19.15 43.67
C THR A 1255 5.68 19.31 44.89
N LEU A 1256 5.54 18.25 45.68
CA LEU A 1256 4.69 18.30 46.86
C LEU A 1256 5.16 19.35 47.84
N MET A 1257 6.47 19.49 48.04
CA MET A 1257 6.96 20.51 48.97
C MET A 1257 7.37 21.80 48.29
N THR A 1258 8.07 21.73 47.15
CA THR A 1258 8.55 22.96 46.51
C THR A 1258 7.57 23.47 45.47
N ASP A 1259 6.30 23.57 45.84
CA ASP A 1259 5.28 24.14 44.97
C ASP A 1259 4.76 25.47 45.49
N ALA A 1260 4.23 25.47 46.72
CA ALA A 1260 3.66 26.64 47.39
C ALA A 1260 2.38 26.21 48.10
N LYS A 1261 1.26 26.25 47.38
CA LYS A 1261 -0.02 25.92 48.00
C LYS A 1261 -0.12 24.45 48.33
N THR A 1262 0.51 23.59 47.51
CA THR A 1262 0.50 22.16 47.81
C THR A 1262 1.16 21.87 49.15
N ALA A 1263 2.29 22.52 49.41
CA ALA A 1263 2.91 22.40 50.73
C ALA A 1263 1.95 22.84 51.83
N GLU A 1264 1.14 23.86 51.56
CA GLU A 1264 0.20 24.31 52.57
C GLU A 1264 -0.89 23.29 52.82
N ILE A 1265 -1.39 22.63 51.77
CA ILE A 1265 -2.38 21.59 51.97
C ILE A 1265 -1.77 20.41 52.74
N MET A 1266 -0.51 20.08 52.43
CA MET A 1266 0.15 19.02 53.16
C MET A 1266 0.31 19.39 54.63
N ALA A 1267 0.65 20.65 54.90
CA ALA A 1267 0.74 21.10 56.29
C ALA A 1267 -0.61 20.99 56.98
N LEU A 1268 -1.68 21.36 56.28
CA LEU A 1268 -3.00 21.23 56.87
C LEU A 1268 -3.33 19.78 57.18
N PHE A 1269 -2.95 18.86 56.28
CA PHE A 1269 -3.10 17.45 56.56
C PHE A 1269 -2.33 17.05 57.81
N VAL A 1270 -1.09 17.51 57.93
CA VAL A 1270 -0.29 17.22 59.11
C VAL A 1270 -1.03 17.67 60.36
N LYS A 1271 -1.57 18.88 60.33
CA LYS A 1271 -2.29 19.40 61.48
C LYS A 1271 -3.49 18.54 61.81
N ASP A 1272 -4.25 18.11 60.79
CA ASP A 1272 -5.47 17.37 61.06
C ASP A 1272 -5.17 15.98 61.62
N ARG A 1273 -4.23 15.25 61.00
CA ARG A 1273 -3.98 13.89 61.43
C ARG A 1273 -3.50 13.83 62.87
N ASN A 1274 -2.58 14.70 63.24
CA ASN A 1274 -2.05 14.73 64.60
C ASN A 1274 -3.07 15.17 65.62
N ALA A 1275 -4.30 15.49 65.19
CA ALA A 1275 -5.37 15.74 66.14
C ALA A 1275 -5.80 14.44 66.79
N SER A 1276 -6.60 14.55 67.85
CA SER A 1276 -7.08 13.40 68.60
C SER A 1276 -8.53 13.07 68.27
N THR A 1277 -9.43 14.03 68.40
CA THR A 1277 -10.84 13.86 68.07
C THR A 1277 -11.25 14.92 67.07
N THR A 1278 -12.02 14.51 66.06
CA THR A 1278 -12.49 15.42 65.04
C THR A 1278 -13.99 15.22 64.85
N SER A 1279 -14.68 16.32 64.55
CA SER A 1279 -16.12 16.33 64.35
C SER A 1279 -16.43 16.64 62.89
N ALA A 1280 -17.67 16.34 62.50
CA ALA A 1280 -18.11 16.63 61.14
C ALA A 1280 -17.86 18.09 60.79
N LYS A 1281 -18.05 18.99 61.76
CA LYS A 1281 -17.70 20.39 61.54
C LYS A 1281 -16.21 20.56 61.26
N ASP A 1282 -15.37 19.86 62.02
CA ASP A 1282 -13.95 19.93 61.77
C ASP A 1282 -13.61 19.43 60.37
N GLN A 1283 -14.26 18.35 59.95
CA GLN A 1283 -14.02 17.85 58.59
C GLN A 1283 -14.45 18.89 57.56
N ILE A 1284 -15.58 19.56 57.79
CA ILE A 1284 -16.05 20.58 56.87
C ILE A 1284 -15.05 21.73 56.77
N ILE A 1285 -14.56 22.19 57.94
CA ILE A 1285 -13.54 23.24 57.93
C ILE A 1285 -12.31 22.76 57.17
N TYR A 1286 -11.95 21.48 57.34
CA TYR A 1286 -10.85 20.93 56.56
C TYR A 1286 -11.10 21.07 55.07
N ARG A 1287 -12.32 20.71 54.63
CA ARG A 1287 -12.63 20.76 53.20
C ARG A 1287 -12.51 22.18 52.67
N LEU A 1288 -13.19 23.13 53.32
CA LEU A 1288 -13.12 24.51 52.82
C LEU A 1288 -11.72 25.09 52.92
N GLN A 1289 -10.97 24.77 53.97
CA GLN A 1289 -9.61 25.27 54.07
C GLN A 1289 -8.74 24.76 52.93
N VAL A 1290 -8.82 23.46 52.62
CA VAL A 1290 -8.03 22.94 51.51
C VAL A 1290 -8.48 23.53 50.19
N ARG A 1291 -9.80 23.71 50.02
CA ARG A 1291 -10.31 24.32 48.80
C ARG A 1291 -9.77 25.72 48.63
N SER A 1292 -9.70 26.49 49.72
CA SER A 1292 -9.19 27.85 49.64
C SER A 1292 -7.82 27.89 48.99
N HIS A 1293 -7.03 26.85 49.21
CA HIS A 1293 -5.70 26.75 48.63
C HIS A 1293 -5.70 26.13 47.24
N MET A 1294 -6.87 26.04 46.59
CA MET A 1294 -6.96 25.59 45.22
C MET A 1294 -8.06 26.37 44.51
N SER A 1295 -7.85 26.65 43.24
CA SER A 1295 -8.84 27.35 42.45
C SER A 1295 -10.15 26.57 42.42
N ASN A 1296 -11.24 27.29 42.18
CA ASN A 1296 -12.55 26.65 42.11
C ASN A 1296 -12.67 25.69 40.92
N THR A 1297 -11.74 25.74 39.98
CA THR A 1297 -11.76 24.85 38.82
C THR A 1297 -10.81 23.66 38.98
N GLU A 1298 -10.10 23.55 40.09
CA GLU A 1298 -9.27 22.37 40.31
C GLU A 1298 -10.09 21.26 40.95
N ASN A 1299 -9.63 20.03 40.74
CA ASN A 1299 -10.27 18.84 41.27
C ASN A 1299 -9.76 18.58 42.68
N MET A 1300 -10.66 18.18 43.58
CA MET A 1300 -10.30 17.81 44.93
C MET A 1300 -10.68 16.35 45.15
N PHE A 1301 -9.79 15.62 45.81
CA PHE A 1301 -10.00 14.23 46.15
C PHE A 1301 -10.19 14.11 47.66
N ARG A 1302 -10.56 12.92 48.11
CA ARG A 1302 -10.83 12.67 49.52
C ARG A 1302 -10.19 11.37 49.97
N ILE A 1303 -8.89 11.22 49.69
CA ILE A 1303 -8.14 10.04 50.08
C ILE A 1303 -8.43 9.72 51.53
N GLU A 1304 -8.93 8.52 51.80
CA GLU A 1304 -9.31 8.09 53.13
C GLU A 1304 -8.42 6.92 53.56
N PHE A 1305 -8.28 6.75 54.88
CA PHE A 1305 -7.43 5.70 55.41
C PHE A 1305 -8.00 5.17 56.72
N ASP A 1306 -8.05 3.85 56.84
CA ASP A 1306 -8.50 3.18 58.06
C ASP A 1306 -7.33 2.41 58.65
N LYS A 1307 -6.99 2.72 59.90
CA LYS A 1307 -5.84 2.08 60.53
C LYS A 1307 -6.06 0.59 60.73
N ARG A 1308 -7.31 0.16 60.92
CA ARG A 1308 -7.57 -1.23 61.23
C ARG A 1308 -7.14 -2.14 60.08
N THR A 1309 -7.54 -1.80 58.86
CA THR A 1309 -7.32 -2.67 57.71
C THR A 1309 -6.22 -2.16 56.78
N LEU A 1310 -5.69 -0.96 57.02
CA LEU A 1310 -4.66 -0.38 56.16
C LEU A 1310 -5.13 -0.33 54.71
N HIS A 1311 -6.40 0.02 54.52
CA HIS A 1311 -6.98 0.19 53.20
C HIS A 1311 -7.43 1.63 53.03
N VAL A 1312 -7.17 2.18 51.85
CA VAL A 1312 -7.43 3.58 51.56
C VAL A 1312 -8.35 3.66 50.35
N SER A 1313 -9.38 4.49 50.45
CA SER A 1313 -10.38 4.63 49.40
C SER A 1313 -10.47 6.08 48.96
N ILE A 1314 -10.35 6.32 47.66
CA ILE A 1314 -10.46 7.66 47.10
C ILE A 1314 -11.93 7.97 46.83
N GLN A 1315 -12.28 9.26 46.90
CA GLN A 1315 -13.68 9.69 46.78
C GLN A 1315 -13.78 10.92 45.87
N TYR A 1316 -13.28 10.79 44.64
CA TYR A 1316 -13.23 11.90 43.70
C TYR A 1316 -14.41 12.84 43.85
N ILE A 1317 -14.14 14.13 43.98
CA ILE A 1317 -15.13 15.09 44.46
C ILE A 1317 -15.62 15.94 43.30
N ALA A 1318 -16.89 16.30 43.37
CA ALA A 1318 -17.51 17.29 42.50
C ALA A 1318 -17.59 18.63 43.22
N LEU A 1319 -17.14 19.67 42.53
CA LEU A 1319 -17.04 21.01 43.09
C LEU A 1319 -18.14 21.32 44.10
N VAL B 2 -23.30 -18.99 34.83
CA VAL B 2 -22.97 -20.42 34.58
C VAL B 2 -21.46 -20.62 34.51
N TYR B 3 -20.72 -19.54 34.33
CA TYR B 3 -19.27 -19.56 34.28
C TYR B 3 -18.73 -19.03 35.60
N GLU B 4 -18.13 -19.92 36.39
CA GLU B 4 -17.40 -19.54 37.60
C GLU B 4 -15.98 -20.03 37.47
N ALA B 5 -15.02 -19.12 37.67
CA ALA B 5 -13.61 -19.41 37.47
C ALA B 5 -12.98 -19.89 38.75
N THR B 6 -12.17 -20.93 38.66
CA THR B 6 -11.38 -21.46 39.76
C THR B 6 -9.97 -21.71 39.25
N PRO B 7 -8.98 -21.71 40.13
CA PRO B 7 -7.60 -21.95 39.69
C PRO B 7 -7.48 -23.30 38.98
N PHE B 8 -6.33 -23.50 38.36
CA PHE B 8 -6.04 -24.71 37.60
C PHE B 8 -5.27 -25.68 38.48
N ASP B 9 -5.88 -26.83 38.78
CA ASP B 9 -5.24 -27.81 39.63
C ASP B 9 -4.33 -28.72 38.82
N PRO B 10 -3.31 -29.30 39.45
CA PRO B 10 -2.40 -30.18 38.70
C PRO B 10 -3.12 -31.39 38.15
N ILE B 11 -2.63 -31.89 37.03
CA ILE B 11 -3.27 -33.02 36.37
C ILE B 11 -2.92 -34.31 37.11
N THR B 12 -3.96 -35.05 37.49
CA THR B 12 -3.82 -36.31 38.19
C THR B 12 -4.55 -37.41 37.43
N VAL B 13 -3.87 -38.53 37.18
CA VAL B 13 -4.48 -39.62 36.44
C VAL B 13 -5.63 -40.19 37.24
N LYS B 14 -6.65 -40.69 36.54
CA LYS B 14 -7.80 -41.30 37.18
C LYS B 14 -7.50 -42.77 37.44
N PRO B 15 -7.53 -43.24 38.70
CA PRO B 15 -7.12 -44.62 38.97
C PRO B 15 -8.10 -45.66 38.47
N SER B 16 -9.36 -45.31 38.25
CA SER B 16 -10.40 -46.26 37.89
C SER B 16 -10.64 -46.32 36.39
N ASP B 17 -9.76 -45.75 35.58
CA ASP B 17 -9.94 -45.67 34.13
C ASP B 17 -8.67 -46.07 33.40
N LYS B 18 -8.06 -47.18 33.83
CA LYS B 18 -6.96 -47.75 33.07
C LYS B 18 -7.49 -48.19 31.71
N ARG B 19 -6.77 -47.85 30.65
CA ARG B 19 -7.25 -48.04 29.29
C ARG B 19 -6.21 -48.72 28.43
N ARG B 20 -6.66 -49.59 27.54
CA ARG B 20 -5.82 -50.11 26.47
C ARG B 20 -5.69 -49.04 25.40
N VAL B 21 -4.46 -48.77 24.98
CA VAL B 21 -4.17 -47.68 24.07
C VAL B 21 -3.53 -48.26 22.82
N ALA B 22 -4.12 -47.97 21.66
CA ALA B 22 -3.56 -48.35 20.37
C ALA B 22 -3.04 -47.08 19.71
N TYR B 23 -1.72 -46.93 19.69
CA TYR B 23 -1.08 -45.72 19.22
C TYR B 23 -0.55 -45.98 17.82
N PHE B 24 -1.05 -45.23 16.84
CA PHE B 24 -0.72 -45.43 15.44
C PHE B 24 0.39 -44.48 15.04
N TYR B 25 1.40 -45.00 14.35
CA TYR B 25 2.48 -44.16 13.86
C TYR B 25 3.20 -44.88 12.74
N ASP B 26 3.25 -44.26 11.58
CA ASP B 26 4.02 -44.77 10.45
C ASP B 26 5.39 -44.12 10.43
N ALA B 27 6.42 -44.94 10.28
CA ALA B 27 7.79 -44.44 10.24
C ALA B 27 8.05 -43.55 9.03
N ASP B 28 7.06 -43.35 8.16
CA ASP B 28 7.20 -42.51 6.99
C ASP B 28 6.56 -41.15 7.13
N VAL B 29 5.41 -41.05 7.80
CA VAL B 29 4.77 -39.76 8.00
C VAL B 29 5.73 -38.89 8.80
N GLY B 30 6.25 -37.84 8.18
CA GLY B 30 7.29 -37.04 8.78
C GLY B 30 8.42 -36.78 7.82
N ASN B 31 8.51 -37.63 6.79
CA ASN B 31 9.46 -37.44 5.71
C ASN B 31 8.89 -36.59 4.58
N TYR B 32 7.68 -36.09 4.74
CA TYR B 32 7.06 -35.18 3.78
C TYR B 32 7.04 -33.77 4.35
N ALA B 33 7.34 -32.80 3.49
CA ALA B 33 7.41 -31.40 3.89
C ALA B 33 6.39 -30.60 3.09
N TYR B 34 5.67 -29.72 3.78
CA TYR B 34 4.68 -28.87 3.14
C TYR B 34 5.33 -27.76 2.32
N GLY B 35 6.64 -27.78 2.13
CA GLY B 35 7.32 -26.73 1.40
C GLY B 35 8.63 -26.33 2.05
N ALA B 36 9.12 -25.13 1.75
CA ALA B 36 10.36 -24.63 2.32
C ALA B 36 10.15 -23.51 3.31
N GLY B 37 8.91 -23.03 3.47
CA GLY B 37 8.62 -21.98 4.43
C GLY B 37 7.28 -22.18 5.10
N HIS B 38 6.66 -23.33 4.84
CA HIS B 38 5.29 -23.54 5.26
C HIS B 38 5.19 -23.75 6.77
N PRO B 39 4.10 -23.30 7.39
CA PRO B 39 3.95 -23.53 8.84
C PRO B 39 3.81 -24.99 9.19
N MET B 40 2.85 -25.69 8.59
CA MET B 40 2.63 -27.09 8.92
C MET B 40 3.85 -27.92 8.53
N LYS B 41 4.25 -28.82 9.42
CA LYS B 41 5.45 -29.62 9.21
C LYS B 41 5.20 -31.02 9.76
N PRO B 42 5.10 -32.04 8.90
CA PRO B 42 4.92 -33.41 9.40
C PRO B 42 6.02 -33.89 10.32
N HIS B 43 7.17 -33.21 10.35
CA HIS B 43 8.22 -33.59 11.28
C HIS B 43 7.78 -33.51 12.73
N ARG B 44 6.72 -32.77 13.03
CA ARG B 44 6.20 -32.73 14.39
C ARG B 44 5.80 -34.10 14.88
N ILE B 45 5.21 -34.91 13.99
CA ILE B 45 4.71 -36.22 14.41
C ILE B 45 5.86 -37.11 14.84
N ARG B 46 6.95 -37.09 14.08
CA ARG B 46 8.11 -37.88 14.46
C ARG B 46 8.65 -37.45 15.81
N MET B 47 8.75 -36.14 16.03
CA MET B 47 9.28 -35.64 17.30
C MET B 47 8.42 -36.08 18.47
N ALA B 48 7.09 -36.10 18.28
CA ALA B 48 6.22 -36.65 19.31
C ALA B 48 6.51 -38.12 19.54
N HIS B 49 6.75 -38.87 18.46
CA HIS B 49 7.11 -40.27 18.62
C HIS B 49 8.43 -40.41 19.35
N SER B 50 9.42 -39.61 18.98
CA SER B 50 10.74 -39.74 19.58
C SER B 50 10.69 -39.55 21.08
N LEU B 51 9.88 -38.61 21.56
CA LEU B 51 9.68 -38.46 22.99
C LEU B 51 8.90 -39.65 23.55
N ILE B 52 7.85 -40.07 22.85
CA ILE B 52 6.99 -41.15 23.33
C ILE B 52 7.81 -42.42 23.47
N MET B 53 8.72 -42.65 22.53
CA MET B 53 9.56 -43.83 22.57
C MET B 53 10.73 -43.70 23.54
N ASN B 54 11.37 -42.54 23.59
CA ASN B 54 12.50 -42.39 24.51
C ASN B 54 12.03 -42.39 25.96
N TYR B 55 10.91 -41.75 26.24
CA TYR B 55 10.21 -42.06 27.47
C TYR B 55 9.82 -43.53 27.45
N GLY B 56 9.42 -44.04 28.61
CA GLY B 56 8.94 -45.40 28.63
C GLY B 56 7.45 -45.44 28.38
N LEU B 57 7.06 -45.63 27.12
CA LEU B 57 5.65 -45.81 26.80
C LEU B 57 5.39 -46.91 25.79
N TYR B 58 6.36 -47.28 24.95
CA TYR B 58 6.14 -48.41 24.07
C TYR B 58 5.90 -49.70 24.84
N LYS B 59 6.27 -49.74 26.11
CA LYS B 59 5.95 -50.87 26.96
C LYS B 59 4.49 -50.86 27.42
N LYS B 60 3.81 -49.71 27.33
CA LYS B 60 2.46 -49.58 27.83
C LYS B 60 1.43 -49.42 26.71
N MET B 61 1.81 -49.64 25.46
CA MET B 61 0.91 -49.39 24.34
C MET B 61 1.33 -50.26 23.17
N GLU B 62 0.44 -50.34 22.18
CA GLU B 62 0.69 -51.05 20.94
C GLU B 62 0.96 -50.04 19.84
N ILE B 63 2.05 -50.21 19.12
CA ILE B 63 2.39 -49.37 17.98
C ILE B 63 1.88 -50.09 16.74
N TYR B 64 0.95 -49.45 16.03
CA TYR B 64 0.38 -49.98 14.80
C TYR B 64 0.69 -49.06 13.65
N ARG B 65 1.06 -49.64 12.51
CA ARG B 65 1.24 -48.88 11.27
C ARG B 65 0.05 -49.18 10.39
N ALA B 66 -1.04 -48.43 10.59
CA ALA B 66 -2.24 -48.65 9.81
C ALA B 66 -1.94 -48.50 8.33
N LYS B 67 -2.43 -49.43 7.53
CA LYS B 67 -2.13 -49.42 6.11
C LYS B 67 -2.68 -48.16 5.47
N PRO B 68 -1.99 -47.61 4.47
CA PRO B 68 -2.48 -46.38 3.84
C PRO B 68 -3.88 -46.56 3.29
N ALA B 69 -4.67 -45.49 3.39
CA ALA B 69 -6.02 -45.51 2.83
C ALA B 69 -5.96 -45.60 1.31
N THR B 70 -7.04 -46.07 0.72
CA THR B 70 -7.15 -46.26 -0.72
C THR B 70 -8.13 -45.26 -1.31
N LYS B 71 -8.02 -45.05 -2.62
CA LYS B 71 -8.85 -44.06 -3.29
C LYS B 71 -10.33 -44.29 -2.98
N GLN B 72 -10.81 -45.52 -3.20
CA GLN B 72 -12.20 -45.83 -2.92
C GLN B 72 -12.54 -45.64 -1.45
N GLU B 73 -11.55 -45.61 -0.57
CA GLU B 73 -11.81 -45.46 0.86
C GLU B 73 -11.85 -44.01 1.29
N MET B 74 -11.05 -43.15 0.66
CA MET B 74 -11.17 -41.71 0.85
C MET B 74 -12.48 -41.19 0.27
N CYS B 75 -12.89 -41.71 -0.87
CA CYS B 75 -14.08 -41.21 -1.55
C CYS B 75 -15.33 -41.37 -0.74
N GLN B 76 -15.33 -42.00 0.44
CA GLN B 76 -16.56 -42.11 1.20
C GLN B 76 -17.06 -40.76 1.67
N PHE B 77 -16.18 -39.76 1.73
CA PHE B 77 -16.53 -38.40 2.09
C PHE B 77 -16.25 -37.43 0.96
N HIS B 78 -15.06 -37.49 0.37
CA HIS B 78 -14.70 -36.58 -0.70
C HIS B 78 -15.35 -37.02 -2.00
N THR B 79 -14.97 -36.35 -3.09
CA THR B 79 -15.58 -36.60 -4.39
C THR B 79 -14.59 -37.33 -5.30
N ASP B 80 -15.13 -37.94 -6.34
CA ASP B 80 -14.28 -38.72 -7.25
C ASP B 80 -13.22 -37.83 -7.88
N GLU B 81 -13.62 -36.68 -8.40
CA GLU B 81 -12.66 -35.81 -9.07
C GLU B 81 -11.63 -35.25 -8.11
N TYR B 82 -12.05 -34.91 -6.88
CA TYR B 82 -11.11 -34.36 -5.92
C TYR B 82 -10.02 -35.38 -5.59
N ILE B 83 -10.42 -36.60 -5.22
CA ILE B 83 -9.45 -37.63 -4.92
C ILE B 83 -8.62 -37.94 -6.16
N ASP B 84 -9.26 -38.04 -7.31
CA ASP B 84 -8.52 -38.25 -8.54
C ASP B 84 -7.51 -37.13 -8.78
N PHE B 85 -7.82 -35.91 -8.34
CA PHE B 85 -6.87 -34.82 -8.47
C PHE B 85 -5.70 -35.00 -7.52
N LEU B 86 -5.99 -35.34 -6.26
CA LEU B 86 -4.92 -35.48 -5.27
C LEU B 86 -3.96 -36.58 -5.65
N SER B 87 -4.46 -37.68 -6.20
CA SER B 87 -3.63 -38.84 -6.46
C SER B 87 -2.71 -38.69 -7.66
N ARG B 88 -2.87 -37.63 -8.46
CA ARG B 88 -2.09 -37.47 -9.67
C ARG B 88 -1.30 -36.17 -9.74
N VAL B 89 -1.55 -35.23 -8.84
CA VAL B 89 -0.91 -33.92 -8.90
C VAL B 89 0.44 -33.99 -8.18
N THR B 90 1.48 -33.52 -8.85
CA THR B 90 2.82 -33.46 -8.31
C THR B 90 3.43 -32.12 -8.67
N PRO B 91 4.52 -31.72 -8.00
CA PRO B 91 5.12 -30.41 -8.31
C PRO B 91 5.51 -30.25 -9.77
N ASP B 92 5.85 -31.34 -10.46
CA ASP B 92 6.29 -31.26 -11.85
C ASP B 92 5.13 -31.33 -12.85
N ASN B 93 3.89 -31.45 -12.37
CA ASN B 93 2.75 -31.54 -13.27
C ASN B 93 1.57 -30.70 -12.79
N LEU B 94 1.81 -29.76 -11.88
CA LEU B 94 0.71 -28.93 -11.39
C LEU B 94 0.13 -28.06 -12.49
N GLU B 95 0.93 -27.75 -13.52
CA GLU B 95 0.45 -26.88 -14.59
C GLU B 95 -0.72 -27.52 -15.33
N MET B 96 -0.62 -28.81 -15.64
CA MET B 96 -1.69 -29.46 -16.39
C MET B 96 -3.00 -29.45 -15.61
N PHE B 97 -2.94 -29.29 -14.29
CA PHE B 97 -4.12 -29.29 -13.44
C PHE B 97 -4.52 -27.89 -13.00
N LYS B 98 -4.24 -26.89 -13.83
CA LYS B 98 -4.43 -25.50 -13.41
C LYS B 98 -5.89 -25.25 -13.04
N ARG B 99 -6.82 -25.72 -13.88
CA ARG B 99 -8.23 -25.53 -13.56
C ARG B 99 -8.60 -26.24 -12.27
N GLU B 100 -8.16 -27.49 -12.12
CA GLU B 100 -8.50 -28.24 -10.91
C GLU B 100 -7.83 -27.65 -9.69
N SER B 101 -6.58 -27.20 -9.81
CA SER B 101 -5.91 -26.60 -8.67
C SER B 101 -6.69 -25.41 -8.14
N VAL B 102 -7.14 -24.51 -9.03
CA VAL B 102 -8.00 -23.43 -8.61
C VAL B 102 -9.34 -23.97 -8.12
N LYS B 103 -9.84 -25.03 -8.77
CA LYS B 103 -11.13 -25.58 -8.41
C LYS B 103 -11.13 -26.10 -6.99
N PHE B 104 -10.08 -26.81 -6.60
CA PHE B 104 -10.03 -27.52 -5.33
C PHE B 104 -9.23 -26.78 -4.26
N ASN B 105 -8.71 -25.60 -4.57
CA ASN B 105 -7.95 -24.82 -3.59
C ASN B 105 -6.66 -25.52 -3.20
N VAL B 106 -5.88 -25.92 -4.20
CA VAL B 106 -4.61 -26.59 -3.99
C VAL B 106 -3.54 -25.86 -4.78
N GLY B 107 -2.51 -25.39 -4.08
CA GLY B 107 -1.39 -24.75 -4.76
C GLY B 107 -0.87 -23.51 -4.07
N ASP B 108 -1.74 -22.78 -3.37
CA ASP B 108 -1.35 -21.49 -2.81
C ASP B 108 -0.86 -21.62 -1.37
N ASP B 109 -1.73 -22.07 -0.47
CA ASP B 109 -1.34 -22.30 0.92
C ASP B 109 -1.40 -23.76 1.34
N CYS B 110 -2.16 -24.58 0.63
CA CYS B 110 -2.00 -26.03 0.72
C CYS B 110 -1.26 -26.47 -0.54
N PRO B 111 0.06 -26.42 -0.55
CA PRO B 111 0.80 -26.58 -1.81
C PRO B 111 0.79 -28.02 -2.30
N VAL B 112 1.40 -28.19 -3.46
CA VAL B 112 1.61 -29.52 -4.04
C VAL B 112 3.06 -29.90 -3.74
N PHE B 113 3.25 -30.71 -2.70
CA PHE B 113 4.56 -31.20 -2.32
C PHE B 113 4.65 -32.69 -2.62
N ASP B 114 5.86 -33.15 -2.92
CA ASP B 114 6.06 -34.54 -3.30
C ASP B 114 5.55 -35.45 -2.20
N GLY B 115 4.89 -36.54 -2.59
CA GLY B 115 4.31 -37.44 -1.64
C GLY B 115 3.07 -36.91 -0.95
N LEU B 116 2.40 -35.92 -1.55
CA LEU B 116 1.18 -35.41 -0.95
C LEU B 116 0.16 -36.53 -0.76
N TYR B 117 -0.03 -37.36 -1.79
CA TYR B 117 -1.03 -38.41 -1.69
C TYR B 117 -0.69 -39.36 -0.55
N GLU B 118 0.57 -39.78 -0.45
CA GLU B 118 0.98 -40.68 0.61
C GLU B 118 0.64 -40.11 1.97
N TYR B 119 0.94 -38.83 2.19
CA TYR B 119 0.70 -38.23 3.50
C TYR B 119 -0.76 -38.34 3.89
N CYS B 120 -1.67 -37.98 2.98
CA CYS B 120 -3.09 -38.03 3.31
C CYS B 120 -3.54 -39.46 3.55
N SER B 121 -3.03 -40.41 2.78
CA SER B 121 -3.39 -41.80 2.97
C SER B 121 -2.97 -42.28 4.36
N ILE B 122 -1.76 -41.93 4.79
CA ILE B 122 -1.27 -42.32 6.10
C ILE B 122 -2.17 -41.70 7.16
N SER B 123 -2.46 -40.41 7.02
CA SER B 123 -3.34 -39.74 7.98
C SER B 123 -4.72 -40.38 7.97
N GLY B 124 -5.25 -40.65 6.78
CA GLY B 124 -6.57 -41.26 6.69
C GLY B 124 -6.60 -42.68 7.22
N GLY B 125 -5.59 -43.48 6.88
CA GLY B 125 -5.59 -44.87 7.30
C GLY B 125 -5.62 -45.02 8.82
N GLY B 126 -4.82 -44.20 9.51
CA GLY B 126 -4.79 -44.28 10.97
C GLY B 126 -6.12 -43.95 11.59
N SER B 127 -6.76 -42.86 11.13
CA SER B 127 -8.04 -42.48 11.71
C SER B 127 -9.10 -43.53 11.45
N MET B 128 -9.12 -44.09 10.23
CA MET B 128 -10.09 -45.13 9.93
C MET B 128 -9.82 -46.39 10.73
N GLU B 129 -8.57 -46.86 10.71
CA GLU B 129 -8.22 -48.06 11.45
C GLU B 129 -8.29 -47.85 12.96
N GLY B 130 -7.95 -46.68 13.44
CA GLY B 130 -8.04 -46.40 14.86
C GLY B 130 -9.47 -46.51 15.35
N ALA B 131 -10.42 -46.08 14.52
CA ALA B 131 -11.82 -46.30 14.83
C ALA B 131 -12.20 -47.76 14.72
N ALA B 132 -11.55 -48.52 13.84
CA ALA B 132 -11.85 -49.94 13.72
C ALA B 132 -11.53 -50.68 15.01
N ARG B 133 -10.37 -50.40 15.60
CA ARG B 133 -10.03 -51.04 16.87
C ARG B 133 -11.01 -50.65 17.95
N LEU B 134 -11.35 -49.37 18.05
CA LEU B 134 -12.40 -48.95 18.98
C LEU B 134 -13.70 -49.65 18.67
N ASN B 135 -13.93 -50.02 17.42
CA ASN B 135 -15.17 -50.68 17.03
C ASN B 135 -15.17 -52.13 17.50
N ARG B 136 -14.16 -52.90 17.11
CA ARG B 136 -14.13 -54.31 17.46
C ARG B 136 -13.52 -54.52 18.83
N GLY B 137 -13.96 -53.75 19.81
CA GLY B 137 -13.56 -53.93 21.19
C GLY B 137 -12.12 -54.36 21.39
N LYS B 138 -11.19 -53.82 20.59
CA LYS B 138 -9.79 -54.18 20.70
C LYS B 138 -8.95 -53.14 21.42
N CYS B 139 -9.52 -51.99 21.77
CA CYS B 139 -8.81 -50.95 22.49
C CYS B 139 -9.82 -49.90 22.92
N ASP B 140 -9.46 -49.16 23.96
CA ASP B 140 -10.32 -48.12 24.48
C ASP B 140 -9.87 -46.71 24.07
N VAL B 141 -8.68 -46.57 23.51
CA VAL B 141 -8.19 -45.27 23.08
C VAL B 141 -7.28 -45.49 21.88
N ALA B 142 -7.62 -44.87 20.75
CA ALA B 142 -6.76 -44.90 19.58
C ALA B 142 -6.11 -43.53 19.42
N VAL B 143 -4.78 -43.53 19.32
CA VAL B 143 -4.00 -42.30 19.22
C VAL B 143 -3.37 -42.29 17.85
N ASN B 144 -3.80 -41.35 17.01
CA ASN B 144 -3.24 -41.17 15.67
C ASN B 144 -2.79 -39.72 15.56
N TYR B 145 -1.56 -39.44 15.98
CA TYR B 145 -1.06 -38.08 15.90
C TYR B 145 -0.49 -37.82 14.52
N ALA B 146 -1.23 -38.20 13.48
CA ALA B 146 -0.88 -37.84 12.11
C ALA B 146 -2.09 -37.41 11.30
N GLY B 147 -3.30 -37.69 11.74
CA GLY B 147 -4.49 -37.21 11.09
C GLY B 147 -4.93 -35.89 11.69
N GLY B 148 -6.17 -35.80 12.14
CA GLY B 148 -6.66 -34.58 12.72
C GLY B 148 -6.83 -33.44 11.74
N LEU B 149 -6.69 -33.69 10.44
CA LEU B 149 -6.81 -32.65 9.43
C LEU B 149 -8.29 -32.28 9.29
N HIS B 150 -8.75 -31.34 10.11
CA HIS B 150 -10.16 -31.05 10.25
C HIS B 150 -10.65 -29.93 9.35
N HIS B 151 -9.80 -29.37 8.49
CA HIS B 151 -10.23 -28.28 7.62
C HIS B 151 -10.62 -28.75 6.23
N ALA B 152 -10.04 -29.83 5.74
CA ALA B 152 -10.38 -30.31 4.41
C ALA B 152 -11.88 -30.58 4.34
N LYS B 153 -12.49 -30.19 3.23
CA LYS B 153 -13.92 -30.34 3.04
C LYS B 153 -14.17 -31.34 1.90
N LYS B 154 -15.44 -31.49 1.54
CA LYS B 154 -15.82 -32.52 0.58
C LYS B 154 -14.96 -32.47 -0.67
N SER B 155 -14.73 -31.27 -1.21
CA SER B 155 -14.05 -31.16 -2.49
C SER B 155 -13.07 -29.99 -2.52
N GLU B 156 -12.45 -29.65 -1.39
CA GLU B 156 -11.46 -28.59 -1.38
C GLU B 156 -10.46 -28.80 -0.26
N ALA B 157 -9.21 -28.46 -0.53
CA ALA B 157 -8.12 -28.56 0.43
C ALA B 157 -7.94 -27.20 1.09
N SER B 158 -8.59 -27.01 2.23
CA SER B 158 -8.60 -25.72 2.92
C SER B 158 -7.72 -25.78 4.16
N GLY B 159 -6.81 -24.82 4.29
CA GLY B 159 -6.06 -24.64 5.52
C GLY B 159 -5.11 -25.76 5.86
N PHE B 160 -4.30 -26.19 4.89
CA PHE B 160 -3.24 -27.19 5.05
C PHE B 160 -3.79 -28.60 5.13
N CYS B 161 -5.11 -28.76 5.17
CA CYS B 161 -5.74 -30.08 5.31
C CYS B 161 -6.29 -30.48 3.94
N TYR B 162 -5.72 -31.52 3.36
CA TYR B 162 -6.18 -32.02 2.06
C TYR B 162 -7.28 -33.06 2.21
N LEU B 163 -7.18 -33.94 3.19
CA LEU B 163 -8.13 -35.01 3.39
C LEU B 163 -8.64 -34.97 4.82
N ASN B 164 -9.96 -34.85 4.98
CA ASN B 164 -10.57 -34.74 6.30
C ASN B 164 -10.69 -36.13 6.89
N ASP B 165 -9.55 -36.68 7.30
CA ASP B 165 -9.53 -38.03 7.82
C ASP B 165 -10.45 -38.21 9.01
N ILE B 166 -10.72 -37.15 9.75
CA ILE B 166 -11.62 -37.26 10.91
C ILE B 166 -13.00 -37.73 10.46
N VAL B 167 -13.47 -37.23 9.32
CA VAL B 167 -14.75 -37.70 8.81
C VAL B 167 -14.69 -39.20 8.52
N LEU B 168 -13.60 -39.64 7.89
CA LEU B 168 -13.43 -41.06 7.65
C LEU B 168 -13.43 -41.83 8.97
N GLY B 169 -12.74 -41.31 9.98
CA GLY B 169 -12.76 -41.96 11.28
C GLY B 169 -14.13 -42.03 11.87
N ILE B 170 -14.86 -40.91 11.87
CA ILE B 170 -16.20 -40.91 12.45
C ILE B 170 -17.13 -41.75 11.60
N ILE B 171 -16.93 -41.77 10.28
CA ILE B 171 -17.70 -42.66 9.42
C ILE B 171 -17.51 -44.10 9.88
N GLU B 172 -16.26 -44.51 10.10
CA GLU B 172 -16.00 -45.84 10.61
C GLU B 172 -16.59 -46.02 12.00
N LEU B 173 -16.42 -45.02 12.87
CA LEU B 173 -17.01 -45.10 14.20
C LEU B 173 -18.52 -45.19 14.14
N LEU B 174 -19.13 -44.70 13.07
CA LEU B 174 -20.59 -44.71 12.96
C LEU B 174 -21.14 -46.04 12.48
N ARG B 175 -20.30 -46.93 11.96
CA ARG B 175 -20.74 -48.26 11.58
C ARG B 175 -20.70 -49.22 12.75
N TYR B 176 -21.20 -48.80 13.91
CA TYR B 176 -21.07 -49.55 15.15
C TYR B 176 -21.68 -48.75 16.30
N HIS B 177 -21.18 -47.55 16.51
CA HIS B 177 -21.64 -46.68 17.59
C HIS B 177 -22.80 -45.82 17.10
N PRO B 178 -23.95 -45.82 17.77
CA PRO B 178 -25.05 -44.97 17.31
C PRO B 178 -24.69 -43.50 17.23
N ARG B 179 -23.87 -43.00 18.16
CA ARG B 179 -23.54 -41.59 18.25
C ARG B 179 -22.05 -41.39 18.42
N VAL B 180 -21.58 -40.21 18.03
CA VAL B 180 -20.19 -39.81 18.20
C VAL B 180 -20.16 -38.37 18.69
N LEU B 181 -19.05 -37.91 19.23
CA LEU B 181 -18.91 -36.52 19.66
C LEU B 181 -17.57 -36.10 19.26
N TYR B 182 -17.46 -35.03 18.51
CA TYR B 182 -16.20 -34.59 18.03
C TYR B 182 -15.84 -33.35 18.72
N ILE B 183 -15.03 -33.40 19.77
CA ILE B 183 -14.56 -32.24 20.41
C ILE B 183 -13.31 -31.83 19.74
N ASP B 184 -13.23 -30.60 19.32
CA ASP B 184 -12.05 -30.11 18.72
C ASP B 184 -11.60 -28.98 19.58
N ILE B 185 -10.33 -28.87 19.89
CA ILE B 185 -9.77 -27.84 20.76
C ILE B 185 -8.66 -27.09 20.03
N ASP B 186 -8.47 -27.37 18.75
CA ASP B 186 -7.57 -26.55 17.96
C ASP B 186 -8.06 -25.10 17.96
N VAL B 187 -7.13 -24.16 17.91
CA VAL B 187 -7.51 -22.76 17.97
C VAL B 187 -8.44 -22.42 16.83
N HIS B 188 -8.19 -22.97 15.64
CA HIS B 188 -9.11 -22.80 14.53
C HIS B 188 -10.36 -23.63 14.76
N HIS B 189 -11.26 -23.58 13.78
CA HIS B 189 -12.58 -24.17 13.91
C HIS B 189 -12.72 -25.34 12.95
N GLY B 190 -13.36 -26.40 13.42
CA GLY B 190 -13.52 -27.59 12.60
C GLY B 190 -14.56 -27.40 11.53
N ASP B 191 -14.28 -26.52 10.57
CA ASP B 191 -15.23 -26.26 9.50
C ASP B 191 -15.51 -27.52 8.70
N GLY B 192 -14.45 -28.25 8.33
CA GLY B 192 -14.65 -29.46 7.54
C GLY B 192 -15.48 -30.49 8.28
N VAL B 193 -15.15 -30.74 9.54
CA VAL B 193 -15.85 -31.77 10.30
C VAL B 193 -17.27 -31.33 10.62
N GLU B 194 -17.45 -30.08 11.06
CA GLU B 194 -18.80 -29.60 11.34
C GLU B 194 -19.64 -29.59 10.09
N GLU B 195 -19.07 -29.18 8.96
CA GLU B 195 -19.81 -29.17 7.71
C GLU B 195 -20.30 -30.55 7.34
N ALA B 196 -19.44 -31.56 7.47
CA ALA B 196 -19.80 -32.90 7.05
C ALA B 196 -21.00 -33.42 7.84
N PHE B 197 -21.02 -33.19 9.15
CA PHE B 197 -22.08 -33.67 10.02
C PHE B 197 -22.97 -32.54 10.52
N TYR B 198 -23.13 -31.50 9.70
CA TYR B 198 -23.96 -30.37 10.10
C TYR B 198 -25.44 -30.69 10.10
N THR B 199 -25.87 -31.66 9.30
CA THR B 199 -27.28 -31.98 9.15
C THR B 199 -27.72 -33.19 9.95
N THR B 200 -26.79 -34.02 10.40
CA THR B 200 -27.11 -35.28 11.06
C THR B 200 -27.05 -35.11 12.58
N ASP B 201 -27.92 -35.85 13.26
CA ASP B 201 -27.97 -35.85 14.71
C ASP B 201 -27.15 -36.97 15.31
N ARG B 202 -26.47 -37.77 14.49
CA ARG B 202 -25.66 -38.87 14.99
C ARG B 202 -24.23 -38.47 15.30
N VAL B 203 -23.83 -37.24 14.97
CA VAL B 203 -22.53 -36.71 15.33
C VAL B 203 -22.72 -35.28 15.79
N MET B 204 -22.25 -34.96 16.99
CA MET B 204 -22.29 -33.60 17.52
C MET B 204 -20.87 -33.07 17.50
N THR B 205 -20.61 -32.13 16.59
CA THR B 205 -19.30 -31.50 16.52
C THR B 205 -19.27 -30.29 17.44
N CYS B 206 -18.50 -30.39 18.53
CA CYS B 206 -18.29 -29.30 19.48
C CYS B 206 -16.87 -28.82 19.29
N SER B 207 -16.71 -27.58 18.80
CA SER B 207 -15.41 -27.03 18.48
C SER B 207 -15.16 -25.80 19.34
N PHE B 208 -13.98 -25.75 19.95
CA PHE B 208 -13.52 -24.56 20.65
C PHE B 208 -12.48 -23.86 19.77
N HIS B 209 -12.63 -22.56 19.63
CA HIS B 209 -11.82 -21.81 18.68
C HIS B 209 -11.90 -20.33 19.02
N LYS B 210 -11.15 -19.52 18.26
CA LYS B 210 -11.19 -18.08 18.49
C LYS B 210 -12.42 -17.46 17.86
N TYR B 211 -12.53 -17.55 16.54
CA TYR B 211 -13.65 -16.98 15.79
C TYR B 211 -13.55 -15.46 15.70
N GLY B 212 -13.76 -14.95 14.50
CA GLY B 212 -13.98 -13.53 14.29
C GLY B 212 -13.10 -12.96 13.20
N GLU B 213 -11.81 -13.32 13.20
CA GLU B 213 -10.89 -12.89 12.16
C GLU B 213 -9.87 -13.96 11.80
N PHE B 214 -10.09 -15.21 12.20
CA PHE B 214 -9.13 -16.28 11.94
C PHE B 214 -9.59 -17.20 10.83
N PHE B 215 -8.63 -17.97 10.31
CA PHE B 215 -8.80 -18.70 9.05
C PHE B 215 -10.17 -19.28 8.81
N PRO B 216 -10.74 -20.12 9.67
CA PRO B 216 -12.02 -20.73 9.33
C PRO B 216 -13.08 -19.70 9.00
N GLY B 217 -13.15 -18.61 9.75
CA GLY B 217 -14.15 -17.60 9.53
C GLY B 217 -15.51 -17.97 10.08
N THR B 218 -15.80 -19.27 10.11
CA THR B 218 -17.09 -19.76 10.55
C THR B 218 -17.05 -20.05 12.05
N GLY B 219 -18.07 -20.71 12.56
CA GLY B 219 -18.10 -21.09 13.95
C GLY B 219 -18.78 -20.10 14.88
N GLU B 220 -19.65 -19.25 14.36
CA GLU B 220 -20.37 -18.32 15.21
C GLU B 220 -21.24 -19.07 16.20
N LEU B 221 -21.58 -18.40 17.30
CA LEU B 221 -22.30 -19.05 18.39
C LEU B 221 -23.64 -19.62 17.94
N ARG B 222 -24.22 -19.10 16.86
CA ARG B 222 -25.55 -19.52 16.42
C ARG B 222 -25.52 -20.53 15.29
N ASP B 223 -24.34 -21.08 14.98
CA ASP B 223 -24.23 -22.16 14.00
C ASP B 223 -24.49 -23.48 14.71
N ILE B 224 -25.76 -23.82 14.83
CA ILE B 224 -26.20 -24.95 15.64
C ILE B 224 -26.76 -26.09 14.81
N GLY B 225 -26.46 -26.12 13.52
CA GLY B 225 -26.95 -27.22 12.69
C GLY B 225 -28.34 -26.95 12.14
N VAL B 226 -28.68 -27.67 11.08
CA VAL B 226 -29.95 -27.50 10.38
C VAL B 226 -30.63 -28.85 10.24
N GLY B 227 -31.95 -28.79 10.03
CA GLY B 227 -32.71 -30.02 9.87
C GLY B 227 -32.69 -30.85 11.14
N ALA B 228 -32.63 -32.17 10.97
CA ALA B 228 -32.59 -33.05 12.12
C ALA B 228 -31.33 -32.82 12.95
N GLY B 229 -30.30 -32.24 12.35
CA GLY B 229 -29.05 -32.01 13.04
C GLY B 229 -29.02 -30.68 13.77
N LYS B 230 -30.18 -30.06 13.96
CA LYS B 230 -30.26 -28.81 14.68
C LYS B 230 -30.02 -29.05 16.16
N ASN B 231 -29.23 -28.17 16.77
CA ASN B 231 -28.76 -28.26 18.15
C ASN B 231 -27.67 -29.30 18.33
N TYR B 232 -27.33 -30.08 17.31
CA TYR B 232 -26.29 -31.07 17.39
C TYR B 232 -24.99 -30.57 16.79
N ALA B 233 -24.73 -29.27 16.90
CA ALA B 233 -23.46 -28.68 16.55
C ALA B 233 -23.22 -27.54 17.51
N VAL B 234 -22.10 -27.56 18.21
CA VAL B 234 -21.79 -26.58 19.25
C VAL B 234 -20.52 -25.85 18.84
N ASN B 235 -20.54 -24.53 18.94
CA ASN B 235 -19.36 -23.71 18.71
C ASN B 235 -19.16 -22.80 19.90
N VAL B 236 -17.91 -22.70 20.33
CA VAL B 236 -17.52 -21.89 21.48
C VAL B 236 -16.50 -20.86 21.00
N PRO B 237 -16.94 -19.68 20.58
CA PRO B 237 -15.99 -18.67 20.11
C PRO B 237 -15.28 -18.01 21.29
N LEU B 238 -13.95 -17.90 21.18
CA LEU B 238 -13.13 -17.36 22.24
C LEU B 238 -12.26 -16.24 21.70
N ARG B 239 -11.77 -15.41 22.61
CA ARG B 239 -10.91 -14.29 22.25
C ARG B 239 -9.44 -14.69 22.45
N ASP B 240 -8.56 -13.73 22.22
CA ASP B 240 -7.13 -14.00 22.30
C ASP B 240 -6.70 -14.30 23.73
N GLY B 241 -5.58 -15.00 23.85
CA GLY B 241 -4.94 -15.19 25.15
C GLY B 241 -5.80 -15.86 26.19
N ILE B 242 -6.55 -16.89 25.80
CA ILE B 242 -7.24 -17.72 26.79
C ILE B 242 -6.19 -18.52 27.56
N ASP B 243 -6.39 -18.62 28.87
CA ASP B 243 -5.44 -19.31 29.75
C ASP B 243 -6.09 -20.54 30.34
N ASP B 244 -5.26 -21.35 31.02
CA ASP B 244 -5.72 -22.66 31.47
C ASP B 244 -6.88 -22.53 32.45
N ALA B 245 -6.80 -21.60 33.38
CA ALA B 245 -7.86 -21.46 34.37
C ALA B 245 -9.20 -21.18 33.72
N THR B 246 -9.21 -20.42 32.64
CA THR B 246 -10.45 -20.10 31.94
C THR B 246 -10.85 -21.19 30.96
N TYR B 247 -9.93 -21.62 30.10
CA TYR B 247 -10.22 -22.71 29.19
C TYR B 247 -10.78 -23.91 29.95
N ARG B 248 -10.15 -24.26 31.07
CA ARG B 248 -10.64 -25.35 31.90
C ARG B 248 -12.00 -25.06 32.51
N SER B 249 -12.34 -23.80 32.72
CA SER B 249 -13.62 -23.43 33.31
C SER B 249 -14.72 -23.26 32.28
N VAL B 250 -14.38 -23.27 31.00
CA VAL B 250 -15.37 -23.29 29.93
C VAL B 250 -15.42 -24.63 29.23
N PHE B 251 -14.27 -25.24 28.99
CA PHE B 251 -14.25 -26.55 28.34
C PHE B 251 -14.93 -27.61 29.20
N GLU B 252 -14.68 -27.60 30.50
CA GLU B 252 -15.16 -28.69 31.35
C GLU B 252 -16.67 -28.66 31.48
N PRO B 253 -17.27 -27.55 31.94
CA PRO B 253 -18.73 -27.54 32.08
C PRO B 253 -19.45 -27.80 30.77
N VAL B 254 -18.91 -27.33 29.64
CA VAL B 254 -19.55 -27.55 28.36
C VAL B 254 -19.51 -29.02 27.99
N ILE B 255 -18.33 -29.65 28.07
CA ILE B 255 -18.22 -31.04 27.69
C ILE B 255 -19.01 -31.93 28.64
N LYS B 256 -19.07 -31.59 29.92
CA LYS B 256 -19.90 -32.36 30.85
C LYS B 256 -21.34 -32.38 30.36
N LYS B 257 -21.87 -31.22 30.02
CA LYS B 257 -23.28 -31.15 29.64
C LYS B 257 -23.54 -31.89 28.34
N ILE B 258 -22.62 -31.79 27.39
CA ILE B 258 -22.73 -32.58 26.16
C ILE B 258 -22.80 -34.06 26.51
N MET B 259 -21.75 -34.58 27.14
CA MET B 259 -21.68 -36.00 27.45
C MET B 259 -22.84 -36.46 28.30
N GLU B 260 -23.44 -35.55 29.07
CA GLU B 260 -24.54 -35.90 29.95
C GLU B 260 -25.88 -36.00 29.22
N TRP B 261 -26.12 -35.17 28.22
CA TRP B 261 -27.39 -35.19 27.52
C TRP B 261 -27.30 -35.84 26.14
N TYR B 262 -26.28 -35.49 25.36
CA TYR B 262 -26.03 -36.18 24.10
C TYR B 262 -25.13 -37.39 24.37
N GLN B 263 -25.65 -38.30 25.17
CA GLN B 263 -24.83 -39.40 25.67
C GLN B 263 -24.24 -40.15 24.48
N PRO B 264 -22.94 -40.02 24.22
CA PRO B 264 -22.36 -40.68 23.06
C PRO B 264 -21.81 -42.05 23.42
N SER B 265 -21.50 -42.82 22.38
CA SER B 265 -20.89 -44.13 22.53
C SER B 265 -19.47 -44.16 21.99
N ALA B 266 -18.96 -43.02 21.53
CA ALA B 266 -17.57 -42.88 21.11
C ALA B 266 -17.24 -41.40 21.12
N VAL B 267 -15.95 -41.08 21.13
CA VAL B 267 -15.49 -39.71 21.17
C VAL B 267 -14.28 -39.57 20.26
N VAL B 268 -14.25 -38.51 19.47
CA VAL B 268 -13.07 -38.12 18.71
C VAL B 268 -12.62 -36.78 19.26
N LEU B 269 -11.34 -36.69 19.62
CA LEU B 269 -10.80 -35.49 20.25
C LEU B 269 -9.62 -34.99 19.43
N GLN B 270 -9.85 -33.99 18.60
CA GLN B 270 -8.77 -33.32 17.91
C GLN B 270 -7.90 -32.62 18.94
N CYS B 271 -6.60 -32.93 18.94
CA CYS B 271 -5.65 -32.34 19.88
C CYS B 271 -4.65 -31.55 19.06
N GLY B 272 -4.99 -30.31 18.75
CA GLY B 272 -4.16 -29.45 17.93
C GLY B 272 -3.27 -28.57 18.80
N GLY B 273 -1.99 -28.55 18.47
CA GLY B 273 -1.04 -27.73 19.19
C GLY B 273 -1.14 -26.26 18.90
N ASP B 274 -2.09 -25.86 18.06
CA ASP B 274 -2.23 -24.44 17.74
C ASP B 274 -2.66 -23.64 18.94
N SER B 275 -3.50 -24.21 19.80
CA SER B 275 -4.05 -23.50 20.95
C SER B 275 -3.05 -23.36 22.09
N LEU B 276 -1.77 -23.63 21.83
CA LEU B 276 -0.73 -23.55 22.84
C LEU B 276 0.06 -22.26 22.69
N SER B 277 0.45 -21.68 23.83
CA SER B 277 1.25 -20.47 23.79
C SER B 277 2.52 -20.70 22.99
N GLY B 278 2.89 -19.70 22.20
CA GLY B 278 4.05 -19.81 21.33
C GLY B 278 3.76 -20.30 19.95
N ASP B 279 2.49 -20.38 19.55
CA ASP B 279 2.15 -20.83 18.22
C ASP B 279 2.71 -19.89 17.16
N ARG B 280 2.89 -20.42 15.95
CA ARG B 280 3.24 -19.60 14.81
C ARG B 280 2.00 -18.99 14.15
N LEU B 281 0.82 -19.56 14.37
CA LEU B 281 -0.41 -19.02 13.79
C LEU B 281 -1.55 -19.08 14.80
N GLY B 282 -1.23 -18.96 16.09
CA GLY B 282 -2.23 -19.07 17.12
C GLY B 282 -2.12 -17.91 18.09
N CYS B 283 -3.21 -17.70 18.84
CA CYS B 283 -3.29 -16.60 19.79
C CYS B 283 -3.87 -17.06 21.11
N PHE B 284 -3.66 -18.32 21.47
CA PHE B 284 -4.11 -18.89 22.73
C PHE B 284 -2.91 -19.07 23.64
N ASN B 285 -3.09 -18.72 24.91
CA ASN B 285 -2.03 -18.81 25.92
C ASN B 285 -2.32 -20.03 26.78
N LEU B 286 -1.86 -21.20 26.34
CA LEU B 286 -2.10 -22.43 27.06
C LEU B 286 -0.78 -23.17 27.29
N SER B 287 -0.64 -23.70 28.49
CA SER B 287 0.47 -24.59 28.83
C SER B 287 0.10 -26.02 28.45
N MET B 288 1.07 -26.93 28.57
CA MET B 288 0.75 -28.32 28.31
C MET B 288 -0.41 -28.77 29.17
N GLU B 289 -0.34 -28.46 30.47
CA GLU B 289 -1.36 -28.89 31.39
C GLU B 289 -2.71 -28.27 31.06
N GLY B 290 -2.73 -27.07 30.49
CA GLY B 290 -3.97 -26.51 29.99
C GLY B 290 -4.51 -27.32 28.83
N HIS B 291 -3.64 -27.68 27.89
CA HIS B 291 -4.04 -28.57 26.79
C HIS B 291 -4.42 -29.94 27.31
N ALA B 292 -3.58 -30.52 28.17
CA ALA B 292 -3.80 -31.88 28.63
C ALA B 292 -5.03 -32.01 29.51
N ASN B 293 -5.36 -30.99 30.31
CA ASN B 293 -6.54 -31.09 31.15
C ASN B 293 -7.78 -31.37 30.32
N CYS B 294 -7.78 -30.92 29.06
CA CYS B 294 -8.88 -31.22 28.15
C CYS B 294 -8.92 -32.72 27.85
N VAL B 295 -7.77 -33.29 27.51
CA VAL B 295 -7.71 -34.71 27.18
C VAL B 295 -8.12 -35.56 28.38
N ASN B 296 -7.60 -35.22 29.56
CA ASN B 296 -7.95 -35.99 30.74
C ASN B 296 -9.45 -35.93 31.03
N TYR B 297 -10.05 -34.75 30.92
CA TYR B 297 -11.46 -34.66 31.22
C TYR B 297 -12.27 -35.54 30.28
N VAL B 298 -11.93 -35.52 28.99
CA VAL B 298 -12.64 -36.35 28.03
C VAL B 298 -12.47 -37.82 28.37
N LYS B 299 -11.28 -38.20 28.84
CA LYS B 299 -11.01 -39.56 29.27
C LYS B 299 -11.86 -39.94 30.49
N SER B 300 -12.01 -39.00 31.41
CA SER B 300 -12.69 -39.26 32.68
C SER B 300 -14.05 -39.92 32.49
N PHE B 301 -14.72 -39.66 31.38
CA PHE B 301 -16.11 -40.09 31.22
C PHE B 301 -16.22 -41.56 30.87
N GLY B 302 -15.09 -42.24 30.65
CA GLY B 302 -15.11 -43.67 30.44
C GLY B 302 -15.83 -44.09 29.17
N ILE B 303 -15.54 -43.43 28.07
CA ILE B 303 -16.16 -43.73 26.78
C ILE B 303 -15.04 -43.98 25.77
N PRO B 304 -15.20 -44.89 24.82
CA PRO B 304 -14.13 -45.10 23.82
C PRO B 304 -13.80 -43.79 23.13
N MET B 305 -12.51 -43.56 22.93
CA MET B 305 -12.02 -42.27 22.50
C MET B 305 -11.02 -42.46 21.37
N MET B 306 -11.01 -41.51 20.44
CA MET B 306 -9.97 -41.43 19.44
C MET B 306 -9.32 -40.05 19.52
N VAL B 307 -8.00 -40.02 19.67
CA VAL B 307 -7.26 -38.79 19.83
C VAL B 307 -6.38 -38.60 18.59
N VAL B 308 -6.60 -37.52 17.87
CA VAL B 308 -5.87 -37.23 16.64
C VAL B 308 -5.18 -35.90 16.80
N GLY B 309 -4.00 -35.80 16.20
CA GLY B 309 -3.23 -34.57 16.26
C GLY B 309 -3.43 -33.72 15.02
N GLY B 310 -4.02 -32.55 15.18
CA GLY B 310 -4.33 -31.70 14.06
C GLY B 310 -3.33 -30.59 13.83
N GLY B 311 -3.70 -29.37 14.23
CA GLY B 311 -2.88 -28.21 13.97
C GLY B 311 -1.84 -27.99 15.05
N GLY B 312 -0.61 -27.75 14.61
CA GLY B 312 0.46 -27.34 15.50
C GLY B 312 1.66 -26.92 14.67
N TYR B 313 2.19 -25.73 14.92
CA TYR B 313 3.21 -25.17 14.05
C TYR B 313 4.44 -24.68 14.81
N THR B 314 4.43 -24.74 16.14
CA THR B 314 5.65 -24.55 16.89
C THR B 314 6.59 -25.74 16.78
N MET B 315 6.05 -26.93 16.54
CA MET B 315 6.87 -28.12 16.34
C MET B 315 7.88 -28.26 17.48
N ARG B 316 7.39 -28.40 18.70
CA ARG B 316 8.21 -28.53 19.89
C ARG B 316 7.31 -28.33 21.09
N ASN B 317 6.47 -27.30 21.04
CA ASN B 317 5.37 -27.19 21.97
C ASN B 317 4.22 -28.11 21.62
N VAL B 318 4.21 -28.64 20.41
CA VAL B 318 3.24 -29.65 20.01
C VAL B 318 3.77 -31.06 20.25
N ALA B 319 5.06 -31.29 19.96
CA ALA B 319 5.65 -32.59 20.26
C ALA B 319 5.59 -32.89 21.75
N ARG B 320 5.89 -31.89 22.59
CA ARG B 320 5.88 -32.11 24.02
C ARG B 320 4.49 -32.49 24.51
N THR B 321 3.49 -31.68 24.18
CA THR B 321 2.14 -31.95 24.67
C THR B 321 1.64 -33.28 24.15
N TRP B 322 1.92 -33.60 22.89
CA TRP B 322 1.52 -34.89 22.35
C TRP B 322 2.16 -36.03 23.14
N CYS B 323 3.45 -35.90 23.46
CA CYS B 323 4.06 -36.87 24.36
C CYS B 323 3.42 -36.80 25.74
N PHE B 324 3.16 -35.59 26.25
CA PHE B 324 2.51 -35.46 27.53
C PHE B 324 1.07 -35.95 27.50
N GLU B 325 0.42 -35.95 26.33
CA GLU B 325 -0.91 -36.51 26.24
C GLU B 325 -0.85 -38.04 26.14
N THR B 326 0.03 -38.55 25.27
CA THR B 326 0.21 -39.99 25.16
C THR B 326 0.51 -40.60 26.51
N GLY B 327 1.51 -40.05 27.20
CA GLY B 327 1.82 -40.51 28.54
C GLY B 327 0.89 -39.87 29.55
N LEU B 328 -0.38 -39.72 29.17
CA LEU B 328 -1.43 -39.35 30.11
C LEU B 328 -2.69 -40.16 29.94
N LEU B 329 -2.93 -40.74 28.76
CA LEU B 329 -3.96 -41.73 28.56
C LEU B 329 -3.56 -43.09 29.07
N ASN B 330 -2.28 -43.31 29.29
CA ASN B 330 -1.75 -44.53 29.89
C ASN B 330 -1.68 -44.44 31.41
N ASN B 331 -2.33 -43.46 32.01
CA ASN B 331 -2.48 -43.37 33.45
C ASN B 331 -1.14 -43.22 34.17
N VAL B 332 -0.14 -42.67 33.48
CA VAL B 332 1.15 -42.37 34.10
C VAL B 332 1.52 -40.94 33.74
N VAL B 333 1.72 -40.10 34.75
CA VAL B 333 2.08 -38.70 34.51
C VAL B 333 3.57 -38.63 34.19
N LEU B 334 3.90 -38.06 33.04
CA LEU B 334 5.28 -38.10 32.58
C LEU B 334 6.18 -37.23 33.45
N ASP B 335 7.47 -37.54 33.41
CA ASP B 335 8.48 -36.74 34.08
C ASP B 335 8.65 -35.40 33.35
N LYS B 336 9.00 -34.38 34.12
CA LYS B 336 9.22 -33.06 33.56
C LYS B 336 10.55 -32.92 32.86
N ASP B 337 11.54 -33.74 33.20
CA ASP B 337 12.77 -33.77 32.44
C ASP B 337 12.50 -34.31 31.04
N LEU B 338 13.54 -34.34 30.22
CA LEU B 338 13.41 -34.88 28.88
C LEU B 338 14.47 -35.94 28.63
N PRO B 339 14.11 -37.11 28.13
CA PRO B 339 15.11 -38.09 27.75
C PRO B 339 15.95 -37.61 26.58
N TYR B 340 17.13 -38.20 26.44
CA TYR B 340 18.01 -37.85 25.35
C TYR B 340 17.45 -38.35 24.03
N ASN B 341 16.73 -37.50 23.31
CA ASN B 341 16.11 -37.88 22.06
C ASN B 341 17.07 -37.65 20.91
N GLU B 342 16.66 -38.11 19.72
CA GLU B 342 17.36 -37.72 18.50
C GLU B 342 17.20 -36.24 18.23
N TYR B 343 16.11 -35.65 18.73
CA TYR B 343 15.83 -34.23 18.60
C TYR B 343 15.72 -33.66 20.00
N TYR B 344 16.86 -33.30 20.58
CA TYR B 344 16.89 -32.62 21.87
C TYR B 344 17.33 -31.18 21.74
N GLU B 345 18.15 -30.86 20.74
CA GLU B 345 18.49 -29.47 20.48
C GLU B 345 17.24 -28.62 20.30
N TYR B 346 16.18 -29.21 19.73
CA TYR B 346 14.98 -28.43 19.44
C TYR B 346 14.42 -27.79 20.70
N TYR B 347 14.71 -28.36 21.86
CA TYR B 347 14.02 -27.93 23.06
C TYR B 347 14.75 -26.77 23.71
N GLY B 348 13.99 -25.99 24.48
CA GLY B 348 14.38 -24.64 24.80
C GLY B 348 15.57 -24.57 25.72
N PRO B 349 15.69 -23.49 26.49
CA PRO B 349 16.84 -23.38 27.39
C PRO B 349 16.94 -24.54 28.36
N ASP B 350 15.88 -24.77 29.13
CA ASP B 350 15.79 -25.93 30.01
C ASP B 350 15.14 -27.06 29.22
N TYR B 351 15.93 -28.06 28.87
CA TYR B 351 15.45 -29.15 28.03
C TYR B 351 14.50 -30.01 28.87
N LYS B 352 13.30 -29.46 29.06
CA LYS B 352 12.29 -30.07 29.92
C LYS B 352 11.00 -30.21 29.13
N LEU B 353 10.18 -31.16 29.58
CA LEU B 353 8.85 -31.37 28.99
C LEU B 353 7.93 -30.30 29.57
N SER B 354 7.96 -29.12 28.97
CA SER B 354 7.11 -28.03 29.42
C SER B 354 7.03 -26.99 28.32
N VAL B 355 5.85 -26.38 28.19
CA VAL B 355 5.63 -25.21 27.34
C VAL B 355 5.13 -24.10 28.23
N ARG B 356 5.80 -22.97 28.20
CA ARG B 356 5.58 -21.94 29.20
C ARG B 356 4.54 -20.94 28.71
N PRO B 357 3.48 -20.67 29.47
CA PRO B 357 2.59 -19.58 29.09
C PRO B 357 3.33 -18.26 29.08
N SER B 358 2.95 -17.40 28.15
CA SER B 358 3.46 -16.03 28.11
C SER B 358 2.51 -15.11 28.87
N ASN B 359 2.91 -13.85 29.00
CA ASN B 359 2.18 -12.92 29.84
C ASN B 359 1.05 -12.22 29.10
N MET B 360 0.63 -12.73 27.95
CA MET B 360 -0.42 -12.07 27.19
C MET B 360 -1.62 -11.78 28.08
N PHE B 361 -2.36 -10.74 27.71
CA PHE B 361 -3.55 -10.36 28.45
C PHE B 361 -4.70 -11.30 28.12
N ASN B 362 -5.35 -11.82 29.15
CA ASN B 362 -6.51 -12.70 28.96
C ASN B 362 -7.73 -11.82 28.76
N VAL B 363 -8.22 -11.76 27.52
CA VAL B 363 -9.33 -10.88 27.18
C VAL B 363 -10.67 -11.62 27.19
N ASN B 364 -10.66 -12.93 27.40
CA ASN B 364 -11.90 -13.71 27.50
C ASN B 364 -12.52 -13.47 28.88
N THR B 365 -13.09 -12.29 29.04
CA THR B 365 -13.57 -11.88 30.34
C THR B 365 -14.81 -12.68 30.73
N PRO B 366 -15.05 -12.86 32.02
CA PRO B 366 -16.36 -13.37 32.46
C PRO B 366 -17.46 -12.45 32.00
N GLU B 367 -18.69 -12.95 32.08
CA GLU B 367 -19.89 -12.29 31.58
C GLU B 367 -19.96 -12.35 30.07
N TYR B 368 -18.90 -12.82 29.41
CA TYR B 368 -18.94 -13.24 28.01
C TYR B 368 -18.96 -14.75 27.90
N LEU B 369 -17.97 -15.42 28.50
CA LEU B 369 -18.02 -16.87 28.61
C LEU B 369 -19.24 -17.32 29.40
N ASP B 370 -19.81 -16.44 30.22
CA ASP B 370 -21.08 -16.74 30.87
C ASP B 370 -22.26 -16.63 29.93
N LYS B 371 -22.10 -15.95 28.79
CA LYS B 371 -23.13 -15.87 27.77
C LYS B 371 -22.95 -16.92 26.69
N VAL B 372 -21.70 -17.20 26.29
CA VAL B 372 -21.45 -18.27 25.35
C VAL B 372 -21.90 -19.60 25.94
N MET B 373 -21.55 -19.86 27.20
CA MET B 373 -21.96 -21.11 27.82
C MET B 373 -23.46 -21.14 28.07
N THR B 374 -24.06 -20.00 28.42
CA THR B 374 -25.50 -19.97 28.65
C THR B 374 -26.25 -20.31 27.39
N ASN B 375 -25.80 -19.80 26.24
CA ASN B 375 -26.43 -20.14 24.97
C ASN B 375 -26.24 -21.62 24.65
N ILE B 376 -25.01 -22.12 24.77
CA ILE B 376 -24.75 -23.52 24.45
C ILE B 376 -25.62 -24.42 25.32
N PHE B 377 -25.76 -24.09 26.60
CA PHE B 377 -26.59 -24.91 27.48
C PHE B 377 -28.03 -24.90 27.02
N ALA B 378 -28.54 -23.75 26.59
CA ALA B 378 -29.92 -23.67 26.12
C ALA B 378 -30.13 -24.55 24.90
N ASN B 379 -29.18 -24.53 23.95
CA ASN B 379 -29.30 -25.40 22.79
C ASN B 379 -29.26 -26.86 23.20
N LEU B 380 -28.32 -27.22 24.08
CA LEU B 380 -28.18 -28.62 24.48
C LEU B 380 -29.43 -29.12 25.20
N GLU B 381 -30.25 -28.22 25.73
CA GLU B 381 -31.49 -28.65 26.36
C GLU B 381 -32.39 -29.37 25.37
N ASN B 382 -32.21 -29.13 24.07
CA ASN B 382 -32.98 -29.82 23.04
C ASN B 382 -32.42 -31.20 22.72
N THR B 383 -31.12 -31.40 22.86
CA THR B 383 -30.52 -32.73 22.76
C THR B 383 -30.78 -33.56 24.02
N LYS B 384 -31.45 -32.99 25.02
CA LYS B 384 -31.68 -33.68 26.27
C LYS B 384 -32.38 -35.03 26.06
N TYR B 385 -33.18 -35.14 25.02
CA TYR B 385 -33.99 -36.32 24.77
C TYR B 385 -33.27 -37.22 23.77
N ALA B 386 -32.75 -38.35 24.25
CA ALA B 386 -32.03 -39.28 23.40
C ALA B 386 -32.99 -40.27 22.76
N GLU C 7 41.85 34.60 -84.97
CA GLU C 7 40.73 34.60 -83.99
C GLU C 7 40.88 33.43 -83.01
N PHE C 8 41.22 32.26 -83.53
CA PHE C 8 41.32 31.03 -82.77
C PHE C 8 42.80 30.77 -82.51
N ALA C 9 43.30 31.28 -81.37
CA ALA C 9 44.70 31.16 -81.01
C ALA C 9 44.88 30.06 -79.96
N LEU C 10 46.01 29.37 -80.05
CA LEU C 10 46.33 28.33 -79.08
C LEU C 10 46.32 28.92 -77.68
N GLY C 11 45.60 28.29 -76.76
CA GLY C 11 45.45 28.81 -75.42
C GLY C 11 44.49 29.98 -75.31
N GLY C 12 43.82 30.35 -76.40
CA GLY C 12 42.92 31.48 -76.39
C GLY C 12 41.51 31.09 -75.98
N ARG C 13 40.67 32.12 -75.85
CA ARG C 13 39.28 31.98 -75.46
C ARG C 13 38.39 31.90 -76.70
N CYS C 14 37.22 31.31 -76.52
CA CYS C 14 36.27 31.11 -77.62
C CYS C 14 34.93 30.65 -77.04
N LEU C 15 33.95 30.51 -77.92
CA LEU C 15 32.65 29.95 -77.57
C LEU C 15 32.41 28.69 -78.41
N ALA C 16 31.53 27.83 -77.91
CA ALA C 16 31.32 26.51 -78.50
C ALA C 16 29.84 26.15 -78.52
N PHE C 17 29.49 25.23 -79.42
CA PHE C 17 28.14 24.70 -79.52
C PHE C 17 28.07 23.40 -78.74
N HIS C 18 27.08 23.29 -77.87
CA HIS C 18 26.74 22.04 -77.19
C HIS C 18 25.29 22.15 -76.77
N GLY C 19 24.42 21.37 -77.41
CA GLY C 19 23.01 21.58 -77.28
C GLY C 19 22.62 22.92 -77.87
N PRO C 20 21.63 23.59 -77.28
CA PRO C 20 21.22 24.91 -77.78
C PRO C 20 21.90 26.10 -77.13
N LEU C 21 22.82 25.88 -76.19
CA LEU C 21 23.43 26.96 -75.42
C LEU C 21 24.94 26.94 -75.60
N MET C 22 25.53 28.14 -75.66
CA MET C 22 26.95 28.29 -75.87
C MET C 22 27.66 28.39 -74.51
N TYR C 23 28.94 28.02 -74.50
CA TYR C 23 29.77 28.12 -73.31
C TYR C 23 31.16 28.59 -73.70
N GLU C 24 31.82 29.26 -72.74
CA GLU C 24 33.19 29.72 -72.94
C GLU C 24 34.14 28.53 -72.86
N ALA C 25 35.11 28.48 -73.76
CA ALA C 25 36.08 27.40 -73.79
C ALA C 25 37.46 27.94 -74.10
N LYS C 26 38.48 27.23 -73.63
CA LYS C 26 39.87 27.56 -73.88
C LYS C 26 40.50 26.50 -74.77
N ILE C 27 41.23 26.94 -75.78
CA ILE C 27 41.82 26.03 -76.75
C ILE C 27 43.12 25.47 -76.19
N LEU C 28 43.23 24.15 -76.18
CA LEU C 28 44.44 23.47 -75.71
C LEU C 28 45.28 22.91 -76.84
N LYS C 29 44.65 22.44 -77.92
CA LYS C 29 45.37 21.94 -79.09
C LYS C 29 44.62 22.33 -80.35
N ILE C 30 45.37 22.47 -81.44
CA ILE C 30 44.83 22.81 -82.74
C ILE C 30 45.33 21.79 -83.75
N TRP C 31 44.41 21.21 -84.52
CA TRP C 31 44.73 20.11 -85.43
C TRP C 31 44.78 20.61 -86.87
N ASP C 32 45.87 20.30 -87.56
CA ASP C 32 46.02 20.63 -88.97
C ASP C 32 45.84 19.36 -89.80
N PRO C 33 44.79 19.24 -90.61
CA PRO C 33 44.57 17.99 -91.33
C PRO C 33 45.44 17.87 -92.56
N SER C 34 45.85 19.00 -93.12
CA SER C 34 46.70 18.98 -94.31
C SER C 34 48.01 18.25 -94.04
N SER C 35 48.66 18.56 -92.92
CA SER C 35 49.89 17.92 -92.50
C SER C 35 49.70 16.97 -91.34
N LYS C 36 48.48 16.82 -90.83
CA LYS C 36 48.10 15.71 -89.94
C LYS C 36 48.93 15.69 -88.65
N MET C 37 48.78 16.74 -87.84
CA MET C 37 49.21 16.71 -86.44
C MET C 37 48.57 17.89 -85.74
N TYR C 38 48.72 17.95 -84.42
CA TYR C 38 48.23 19.06 -83.65
C TYR C 38 49.38 19.78 -82.95
N THR C 39 49.19 21.06 -82.70
CA THR C 39 50.13 21.88 -81.94
C THR C 39 49.54 22.17 -80.57
N SER C 40 50.31 21.87 -79.53
CA SER C 40 49.85 22.05 -78.16
C SER C 40 50.86 22.85 -77.34
N PRO C 58 54.19 20.83 -83.35
CA PRO C 58 53.66 19.75 -84.19
C PRO C 58 53.90 18.37 -83.60
N GLN C 59 52.85 17.76 -83.06
CA GLN C 59 52.93 16.44 -82.43
C GLN C 59 51.91 15.53 -83.08
N LYS C 60 52.38 14.38 -83.56
CA LYS C 60 51.52 13.46 -84.29
C LYS C 60 50.42 12.92 -83.39
N LEU C 61 49.43 12.28 -84.03
CA LEU C 61 48.34 11.67 -83.28
C LEU C 61 48.87 10.57 -82.38
N GLY C 62 48.48 10.60 -81.11
CA GLY C 62 48.86 9.55 -80.19
C GLY C 62 47.99 8.32 -80.33
N GLU C 63 48.52 7.19 -79.87
CA GLU C 63 47.76 5.95 -79.90
C GLU C 63 46.52 6.04 -79.03
N ASP C 64 46.63 6.63 -77.85
CA ASP C 64 45.51 6.77 -76.93
C ASP C 64 44.60 7.95 -77.26
N GLU C 65 45.03 8.84 -78.15
CA GLU C 65 44.24 10.00 -78.54
C GLU C 65 43.61 9.74 -79.90
N SER C 66 42.30 9.89 -79.98
CA SER C 66 41.55 9.68 -81.22
C SER C 66 40.70 10.90 -81.50
N ILE C 67 40.77 11.40 -82.72
CA ILE C 67 39.95 12.53 -83.16
C ILE C 67 38.72 11.96 -83.87
N PRO C 68 37.52 12.51 -83.65
CA PRO C 68 36.35 11.98 -84.36
C PRO C 68 36.54 12.07 -85.87
N GLU C 69 36.07 11.04 -86.57
CA GLU C 69 36.22 11.00 -88.02
C GLU C 69 35.45 12.12 -88.70
N GLU C 70 34.32 12.54 -88.11
CA GLU C 70 33.49 13.56 -88.75
C GLU C 70 34.22 14.89 -88.88
N ILE C 71 35.25 15.11 -88.05
CA ILE C 71 35.99 16.37 -88.04
C ILE C 71 37.48 16.18 -88.27
N ILE C 72 37.97 14.94 -88.29
CA ILE C 72 39.41 14.71 -88.41
C ILE C 72 39.93 15.25 -89.74
N ASN C 73 39.15 15.11 -90.82
CA ASN C 73 39.57 15.62 -92.12
C ASN C 73 39.73 17.14 -92.12
N GLY C 74 39.03 17.84 -91.21
CA GLY C 74 39.11 19.27 -91.13
C GLY C 74 39.92 19.73 -89.93
N LYS C 75 40.33 20.99 -89.97
CA LYS C 75 41.09 21.58 -88.88
C LYS C 75 40.20 21.68 -87.65
N CYS C 76 40.41 20.79 -86.69
CA CYS C 76 39.64 20.78 -85.45
C CYS C 76 40.51 21.26 -84.29
N PHE C 77 39.85 21.55 -83.17
CA PHE C 77 40.48 22.18 -82.02
C PHE C 77 40.16 21.41 -80.75
N PHE C 78 41.18 21.13 -79.96
CA PHE C 78 41.01 20.60 -78.61
C PHE C 78 40.74 21.76 -77.66
N ILE C 79 39.60 21.71 -76.97
CA ILE C 79 39.18 22.81 -76.10
C ILE C 79 38.76 22.24 -74.75
N HIS C 80 39.15 22.96 -73.70
CA HIS C 80 38.72 22.68 -72.33
C HIS C 80 37.77 23.79 -71.93
N TYR C 81 36.52 23.43 -71.63
CA TYR C 81 35.51 24.45 -71.39
C TYR C 81 35.60 24.99 -69.97
N GLN C 82 35.20 26.25 -69.82
CA GLN C 82 35.21 26.93 -68.53
C GLN C 82 33.91 26.64 -67.79
N GLY C 83 34.02 26.40 -66.49
CA GLY C 83 32.86 26.04 -65.70
C GLY C 83 32.52 24.57 -65.72
N TRP C 84 33.36 23.74 -66.35
CA TRP C 84 33.12 22.31 -66.42
C TRP C 84 34.42 21.58 -66.10
N LYS C 85 34.29 20.41 -65.50
CA LYS C 85 35.45 19.65 -65.08
C LYS C 85 36.41 19.42 -66.25
N SER C 86 37.65 19.06 -65.90
CA SER C 86 38.65 18.79 -66.93
C SER C 86 38.31 17.56 -67.76
N SER C 87 37.62 16.58 -67.18
CA SER C 87 37.28 15.35 -67.91
C SER C 87 36.00 15.49 -68.70
N TRP C 88 35.84 16.60 -69.43
CA TRP C 88 34.77 16.74 -70.40
C TRP C 88 35.27 17.36 -71.69
N ASP C 89 36.58 17.57 -71.82
CA ASP C 89 37.14 18.21 -73.01
C ASP C 89 37.09 17.26 -74.21
N GLU C 90 37.09 17.82 -75.40
CA GLU C 90 37.02 17.04 -76.63
C GLU C 90 37.39 17.93 -77.81
N TRP C 91 37.47 17.31 -78.98
CA TRP C 91 37.93 17.98 -80.19
C TRP C 91 36.77 18.64 -80.93
N VAL C 92 37.07 19.75 -81.60
CA VAL C 92 36.07 20.67 -82.13
C VAL C 92 36.41 21.06 -83.56
N GLY C 93 35.41 20.96 -84.44
CA GLY C 93 35.50 21.51 -85.77
C GLY C 93 34.99 22.95 -85.81
N TYR C 94 34.93 23.49 -87.02
CA TYR C 94 34.51 24.87 -87.20
C TYR C 94 33.05 25.06 -86.80
N ASP C 95 32.19 24.10 -87.15
CA ASP C 95 30.76 24.32 -87.05
C ASP C 95 30.31 24.57 -85.61
N ARG C 96 30.85 23.82 -84.65
CA ARG C 96 30.32 23.85 -83.30
C ARG C 96 30.97 24.97 -82.47
N ILE C 97 31.92 25.71 -83.05
CA ILE C 97 32.70 26.70 -82.33
C ILE C 97 32.54 28.07 -82.98
N ARG C 98 32.80 29.11 -82.20
CA ARG C 98 32.71 30.49 -82.67
C ARG C 98 33.70 31.35 -81.89
N ALA C 99 34.03 32.51 -82.46
CA ALA C 99 34.93 33.45 -81.80
C ALA C 99 34.23 34.13 -80.64
N TYR C 100 34.97 34.33 -79.55
CA TYR C 100 34.45 34.97 -78.35
C TYR C 100 34.52 36.48 -78.52
N ASN C 101 33.56 37.01 -79.27
CA ASN C 101 33.45 38.44 -79.51
C ASN C 101 32.13 38.95 -78.93
N GLU C 102 31.94 40.27 -79.00
CA GLU C 102 30.75 40.87 -78.41
C GLU C 102 29.47 40.31 -79.02
N GLU C 103 29.45 40.16 -80.34
CA GLU C 103 28.28 39.58 -81.00
C GLU C 103 28.02 38.17 -80.50
N ASN C 104 29.07 37.36 -80.43
CA ASN C 104 28.89 35.98 -79.99
C ASN C 104 28.47 35.91 -78.54
N ILE C 105 29.00 36.81 -77.70
CA ILE C 105 28.60 36.84 -76.30
C ILE C 105 27.12 37.20 -76.18
N ALA C 106 26.70 38.22 -76.91
CA ALA C 106 25.29 38.63 -76.87
C ALA C 106 24.38 37.51 -77.38
N MET C 107 24.80 36.81 -78.43
CA MET C 107 23.99 35.74 -78.98
C MET C 107 23.95 34.52 -78.06
N LYS C 108 25.04 34.23 -77.35
CA LYS C 108 25.00 33.20 -76.32
C LYS C 108 24.02 33.58 -75.21
N LYS C 109 24.07 34.84 -74.77
CA LYS C 109 23.10 35.31 -73.79
C LYS C 109 21.67 35.13 -74.31
N ARG C 110 21.46 35.47 -75.58
CA ARG C 110 20.14 35.34 -76.18
C ARG C 110 19.66 33.89 -76.15
N LEU C 111 20.56 32.96 -76.52
CA LEU C 111 20.20 31.55 -76.44
C LEU C 111 19.84 31.15 -75.02
N ALA C 112 20.59 31.67 -74.04
CA ALA C 112 20.29 31.35 -72.65
C ALA C 112 18.90 31.84 -72.24
N ASN C 113 18.57 33.08 -72.58
CA ASN C 113 17.24 33.59 -72.21
C ASN C 113 16.15 32.83 -72.95
N GLU C 114 16.41 32.45 -74.20
CA GLU C 114 15.42 31.67 -74.94
C GLU C 114 15.17 30.33 -74.28
N ALA C 115 16.23 29.65 -73.85
CA ALA C 115 16.06 28.37 -73.16
C ALA C 115 15.29 28.56 -71.85
N LYS C 116 15.64 29.60 -71.09
CA LYS C 116 14.94 29.84 -69.83
C LYS C 116 13.45 30.10 -70.07
N GLU C 117 13.14 30.93 -71.08
CA GLU C 117 11.74 31.23 -71.37
C GLU C 117 11.00 29.98 -71.86
N ALA C 118 11.67 29.15 -72.65
CA ALA C 118 11.05 27.91 -73.10
C ALA C 118 10.74 27.00 -71.92
N LYS C 119 11.66 26.88 -70.98
CA LYS C 119 11.40 26.06 -69.80
C LYS C 119 10.24 26.61 -68.97
N LYS C 120 10.20 27.94 -68.80
CA LYS C 120 9.10 28.54 -68.05
C LYS C 120 7.77 28.29 -68.76
N SER C 121 7.74 28.43 -70.09
CA SER C 121 6.52 28.16 -70.84
C SER C 121 6.10 26.71 -70.69
N LEU C 122 7.06 25.78 -70.74
CA LEU C 122 6.72 24.37 -70.60
C LEU C 122 6.12 24.08 -69.24
N LEU C 123 6.72 24.62 -68.17
CA LEU C 123 6.18 24.36 -66.84
C LEU C 123 4.82 25.00 -66.65
N GLU C 124 4.63 26.20 -67.21
CA GLU C 124 3.31 26.83 -67.14
C GLU C 124 2.26 26.01 -67.90
N GLN C 125 2.63 25.48 -69.06
CA GLN C 125 1.71 24.64 -69.82
C GLN C 125 1.35 23.38 -69.04
N GLN C 126 2.34 22.77 -68.39
CA GLN C 126 2.07 21.58 -67.58
C GLN C 126 1.14 21.93 -66.43
N LYS C 127 1.37 23.06 -65.76
CA LYS C 127 0.51 23.48 -64.66
C LYS C 127 -0.93 23.70 -65.15
N LYS C 128 -1.09 24.36 -66.30
CA LYS C 128 -2.42 24.59 -66.84
C LYS C 128 -3.09 23.27 -67.20
N LYS C 129 -2.34 22.34 -67.79
CA LYS C 129 -2.92 21.04 -68.13
C LYS C 129 -3.38 20.31 -66.88
N LYS C 130 -2.59 20.36 -65.81
CA LYS C 130 -2.97 19.69 -64.58
C LYS C 130 -4.28 20.25 -64.01
N LEU C 131 -4.56 21.52 -64.26
CA LEU C 131 -5.80 22.14 -63.78
C LEU C 131 -6.95 21.83 -64.72
N ILE C 220 -32.44 8.11 -26.86
CA ILE C 220 -31.39 7.37 -26.16
C ILE C 220 -31.55 7.56 -24.65
N SER C 221 -32.74 7.95 -24.22
CA SER C 221 -33.06 8.14 -22.80
C SER C 221 -34.21 7.21 -22.48
N LEU C 222 -33.88 5.97 -22.10
CA LEU C 222 -34.90 5.00 -21.77
C LEU C 222 -35.38 5.22 -20.34
N GLN C 223 -36.68 5.05 -20.14
CA GLN C 223 -37.31 5.34 -18.85
C GLN C 223 -37.72 4.01 -18.21
N ILE C 224 -36.80 3.42 -17.48
CA ILE C 224 -37.10 2.20 -16.73
C ILE C 224 -37.80 2.57 -15.43
N PRO C 225 -38.96 2.03 -15.12
CA PRO C 225 -39.61 2.34 -13.85
C PRO C 225 -38.72 1.97 -12.67
N ILE C 226 -38.87 2.72 -11.57
CA ILE C 226 -37.99 2.52 -10.43
C ILE C 226 -38.11 1.10 -9.88
N LYS C 227 -39.25 0.45 -10.07
CA LYS C 227 -39.38 -0.93 -9.58
C LYS C 227 -38.43 -1.86 -10.32
N LEU C 228 -38.37 -1.77 -11.64
CA LEU C 228 -37.43 -2.59 -12.38
C LEU C 228 -36.00 -2.17 -12.10
N LYS C 229 -35.78 -0.89 -11.77
CA LYS C 229 -34.47 -0.46 -11.31
C LYS C 229 -34.09 -1.18 -10.02
N SER C 230 -35.02 -1.28 -9.09
CA SER C 230 -34.77 -2.00 -7.85
C SER C 230 -34.50 -3.46 -8.12
N VAL C 231 -35.23 -4.06 -9.07
CA VAL C 231 -35.00 -5.46 -9.39
C VAL C 231 -33.61 -5.66 -9.99
N LEU C 232 -33.21 -4.80 -10.92
CA LEU C 232 -31.87 -4.92 -11.49
C LEU C 232 -30.80 -4.69 -10.43
N VAL C 233 -31.08 -3.81 -9.46
CA VAL C 233 -30.08 -3.54 -8.44
C VAL C 233 -30.05 -4.66 -7.41
N ASP C 234 -31.13 -5.42 -7.28
CA ASP C 234 -31.05 -6.66 -6.52
C ASP C 234 -30.21 -7.68 -7.27
N ASP C 235 -30.36 -7.73 -8.59
CA ASP C 235 -29.61 -8.69 -9.39
C ASP C 235 -28.10 -8.42 -9.32
N TRP C 236 -27.68 -7.19 -9.59
CA TRP C 236 -26.25 -6.87 -9.60
C TRP C 236 -25.67 -6.98 -8.20
N GLU C 237 -26.51 -6.84 -7.16
CA GLU C 237 -26.07 -7.02 -5.78
C GLU C 237 -26.19 -8.47 -5.32
N TYR C 238 -26.69 -9.36 -6.15
CA TYR C 238 -26.67 -10.79 -5.88
C TYR C 238 -25.52 -11.50 -6.58
N VAL C 239 -25.49 -11.44 -7.91
CA VAL C 239 -24.51 -12.19 -8.68
C VAL C 239 -23.08 -11.77 -8.36
N THR C 240 -22.90 -10.61 -7.76
CA THR C 240 -21.56 -10.10 -7.48
C THR C 240 -21.21 -10.07 -6.01
N LYS C 241 -22.15 -9.72 -5.14
CA LYS C 241 -21.88 -9.69 -3.71
C LYS C 241 -22.21 -11.02 -3.05
N ASP C 242 -23.40 -11.57 -3.32
CA ASP C 242 -23.82 -12.82 -2.71
C ASP C 242 -23.36 -14.05 -3.49
N LYS C 243 -22.86 -13.86 -4.71
CA LYS C 243 -22.36 -14.95 -5.54
C LYS C 243 -23.42 -16.04 -5.69
N LYS C 244 -24.61 -15.64 -6.13
CA LYS C 244 -25.73 -16.56 -6.34
C LYS C 244 -26.26 -16.37 -7.76
N ILE C 245 -25.87 -17.26 -8.65
CA ILE C 245 -26.31 -17.22 -10.05
C ILE C 245 -27.78 -17.59 -10.12
N CYS C 246 -28.40 -17.36 -11.28
CA CYS C 246 -29.81 -17.62 -11.45
C CYS C 246 -30.08 -19.12 -11.61
N ARG C 247 -31.34 -19.50 -11.38
CA ARG C 247 -31.79 -20.87 -11.55
C ARG C 247 -32.16 -21.09 -13.00
N LEU C 248 -31.37 -21.90 -13.70
CA LEU C 248 -31.58 -22.16 -15.12
C LEU C 248 -31.75 -23.65 -15.35
N PRO C 249 -32.70 -24.08 -16.19
CA PRO C 249 -33.72 -23.28 -16.90
C PRO C 249 -34.74 -22.69 -15.94
N ALA C 250 -35.19 -21.47 -16.21
CA ALA C 250 -36.07 -20.76 -15.29
C ALA C 250 -37.52 -21.23 -15.48
N ASP C 251 -38.37 -20.91 -14.51
CA ASP C 251 -39.78 -21.26 -14.60
C ASP C 251 -40.47 -20.47 -15.70
N VAL C 252 -40.07 -19.21 -15.92
CA VAL C 252 -40.66 -18.34 -16.92
C VAL C 252 -39.51 -17.82 -17.78
N THR C 253 -39.22 -18.51 -18.87
CA THR C 253 -38.10 -18.13 -19.70
C THR C 253 -38.45 -16.87 -20.50
N VAL C 254 -37.52 -16.44 -21.34
CA VAL C 254 -37.76 -15.27 -22.18
C VAL C 254 -38.89 -15.55 -23.16
N GLU C 255 -38.89 -16.75 -23.76
CA GLU C 255 -39.96 -17.08 -24.69
C GLU C 255 -41.32 -16.94 -24.04
N MET C 256 -41.49 -17.49 -22.83
CA MET C 256 -42.80 -17.48 -22.21
C MET C 256 -43.25 -16.06 -21.91
N VAL C 257 -42.34 -15.23 -21.38
CA VAL C 257 -42.73 -13.87 -21.03
C VAL C 257 -43.06 -13.06 -22.27
N LEU C 258 -42.22 -13.15 -23.31
CA LEU C 258 -42.50 -12.42 -24.54
C LEU C 258 -43.79 -12.89 -25.19
N ASN C 259 -44.03 -14.20 -25.20
CA ASN C 259 -45.24 -14.73 -25.81
C ASN C 259 -46.47 -14.30 -25.05
N LYS C 260 -46.41 -14.31 -23.72
CA LYS C 260 -47.54 -13.80 -22.95
C LYS C 260 -47.76 -12.33 -23.21
N TYR C 261 -46.67 -11.56 -23.32
CA TYR C 261 -46.79 -10.14 -23.63
C TYR C 261 -47.49 -9.93 -24.96
N GLU C 262 -47.08 -10.67 -25.99
CA GLU C 262 -47.74 -10.56 -27.28
C GLU C 262 -49.21 -10.95 -27.18
N HIS C 263 -49.49 -12.14 -26.67
CA HIS C 263 -50.86 -12.64 -26.64
C HIS C 263 -51.75 -11.78 -25.77
N GLU C 264 -51.18 -11.01 -24.85
CA GLU C 264 -52.00 -10.16 -23.99
C GLU C 264 -52.23 -8.79 -24.64
N VAL C 265 -51.18 -8.18 -25.19
CA VAL C 265 -51.32 -6.81 -25.66
C VAL C 265 -51.98 -6.78 -27.04
N SER C 266 -51.53 -7.65 -27.96
CA SER C 266 -52.14 -7.68 -29.28
C SER C 266 -53.63 -8.00 -29.22
N GLN C 267 -54.11 -8.60 -28.14
CA GLN C 267 -55.52 -8.88 -28.01
C GLN C 267 -56.36 -7.61 -27.94
N GLU C 268 -55.75 -6.47 -27.59
CA GLU C 268 -56.48 -5.22 -27.42
C GLU C 268 -55.91 -4.09 -28.27
N LEU C 269 -54.96 -4.39 -29.16
CA LEU C 269 -54.44 -3.35 -30.03
C LEU C 269 -55.42 -3.06 -31.16
N GLU C 270 -55.17 -1.93 -31.84
CA GLU C 270 -55.98 -1.49 -32.96
C GLU C 270 -55.11 -1.46 -34.21
N SER C 271 -55.67 -1.94 -35.31
CA SER C 271 -55.08 -1.87 -36.65
C SER C 271 -53.98 -2.91 -36.85
N PRO C 272 -53.89 -3.49 -38.05
CA PRO C 272 -52.77 -4.40 -38.33
C PRO C 272 -51.42 -3.73 -38.17
N GLY C 273 -51.34 -2.41 -38.36
CA GLY C 273 -50.06 -1.74 -38.16
C GLY C 273 -49.53 -1.95 -36.77
N SER C 274 -50.37 -1.74 -35.75
CA SER C 274 -49.94 -1.96 -34.37
C SER C 274 -49.82 -3.43 -34.05
N GLN C 275 -50.78 -4.25 -34.51
CA GLN C 275 -50.70 -5.68 -34.23
C GLN C 275 -49.48 -6.31 -34.86
N SER C 276 -48.88 -5.68 -35.86
CA SER C 276 -47.66 -6.15 -36.49
C SER C 276 -46.42 -5.48 -35.93
N GLN C 277 -46.53 -4.24 -35.46
CA GLN C 277 -45.42 -3.64 -34.73
C GLN C 277 -45.10 -4.48 -33.49
N LEU C 278 -46.13 -4.90 -32.76
CA LEU C 278 -45.88 -5.75 -31.59
C LEU C 278 -45.18 -7.04 -32.01
N SER C 279 -45.70 -7.68 -33.05
CA SER C 279 -45.17 -8.98 -33.44
C SER C 279 -43.74 -8.87 -33.92
N GLU C 280 -43.41 -7.81 -34.67
CA GLU C 280 -42.03 -7.62 -35.08
C GLU C 280 -41.14 -7.28 -33.91
N TYR C 281 -41.63 -6.49 -32.94
CA TYR C 281 -40.78 -6.13 -31.81
C TYR C 281 -40.43 -7.35 -30.97
N CYS C 282 -41.41 -8.21 -30.68
CA CYS C 282 -41.11 -9.39 -29.88
C CYS C 282 -40.13 -10.30 -30.62
N ALA C 283 -40.35 -10.51 -31.92
CA ALA C 283 -39.44 -11.37 -32.67
C ALA C 283 -38.04 -10.81 -32.68
N GLY C 284 -37.90 -9.50 -32.89
CA GLY C 284 -36.59 -8.89 -32.84
C GLY C 284 -35.95 -9.00 -31.47
N LEU C 285 -36.73 -8.78 -30.42
CA LEU C 285 -36.21 -8.94 -29.06
C LEU C 285 -35.66 -10.35 -28.87
N LYS C 286 -36.44 -11.36 -29.24
CA LYS C 286 -36.01 -12.73 -29.05
C LYS C 286 -34.74 -13.02 -29.84
N LEU C 287 -34.71 -12.57 -31.10
CA LEU C 287 -33.57 -12.91 -31.94
C LEU C 287 -32.31 -12.19 -31.48
N TYR C 288 -32.45 -10.97 -30.95
CA TYR C 288 -31.28 -10.25 -30.44
C TYR C 288 -30.84 -10.81 -29.10
N PHE C 289 -31.79 -11.18 -28.24
CA PHE C 289 -31.46 -11.87 -27.00
C PHE C 289 -30.64 -13.12 -27.28
N ASP C 290 -31.10 -13.95 -28.21
CA ASP C 290 -30.43 -15.22 -28.45
C ASP C 290 -28.98 -15.01 -28.89
N LYS C 291 -28.71 -13.95 -29.64
CA LYS C 291 -27.36 -13.68 -30.14
C LYS C 291 -26.54 -12.82 -29.21
N CYS C 292 -27.14 -12.19 -28.20
CA CYS C 292 -26.41 -11.29 -27.32
C CYS C 292 -26.16 -11.85 -25.94
N LEU C 293 -27.05 -12.66 -25.39
CA LEU C 293 -26.89 -13.09 -24.00
C LEU C 293 -25.49 -13.63 -23.75
N GLY C 294 -25.04 -14.55 -24.58
CA GLY C 294 -23.70 -15.07 -24.42
C GLY C 294 -22.62 -14.02 -24.52
N ASN C 295 -22.94 -12.85 -25.06
CA ASN C 295 -21.95 -11.82 -25.37
C ASN C 295 -21.88 -10.71 -24.35
N MET C 296 -23.03 -10.19 -23.88
CA MET C 296 -23.01 -8.99 -23.05
C MET C 296 -24.03 -8.98 -21.92
N LEU C 297 -24.51 -10.13 -21.45
CA LEU C 297 -25.53 -10.14 -20.42
C LEU C 297 -25.18 -10.94 -19.17
N LEU C 298 -24.02 -11.60 -19.15
CA LEU C 298 -23.61 -12.39 -17.99
C LEU C 298 -22.52 -11.66 -17.24
N TYR C 299 -22.68 -11.57 -15.92
CA TYR C 299 -21.55 -11.21 -15.08
C TYR C 299 -20.50 -12.30 -15.18
N ARG C 300 -19.28 -11.99 -14.72
CA ARG C 300 -18.21 -12.97 -14.81
C ARG C 300 -18.60 -14.27 -14.10
N LEU C 301 -19.34 -14.18 -12.99
CA LEU C 301 -19.72 -15.38 -12.27
C LEU C 301 -20.59 -16.30 -13.11
N GLU C 302 -21.56 -15.74 -13.83
CA GLU C 302 -22.51 -16.53 -14.59
C GLU C 302 -21.92 -17.15 -15.84
N ARG C 303 -20.69 -16.78 -16.22
CA ARG C 303 -20.07 -17.27 -17.43
C ARG C 303 -19.53 -18.68 -17.29
N LEU C 304 -19.72 -19.31 -16.14
CA LEU C 304 -19.48 -20.74 -15.97
C LEU C 304 -20.76 -21.54 -16.05
N GLN C 305 -21.84 -21.03 -15.45
CA GLN C 305 -23.16 -21.60 -15.72
C GLN C 305 -23.45 -21.63 -17.21
N TYR C 306 -23.14 -20.52 -17.89
CA TYR C 306 -23.35 -20.46 -19.34
C TYR C 306 -22.50 -21.51 -20.05
N ASP C 307 -21.24 -21.66 -19.65
CA ASP C 307 -20.37 -22.64 -20.30
C ASP C 307 -20.86 -24.06 -20.06
N GLU C 308 -21.32 -24.35 -18.85
CA GLU C 308 -21.83 -25.69 -18.55
C GLU C 308 -23.07 -25.99 -19.37
N LEU C 309 -23.97 -25.01 -19.50
CA LEU C 309 -25.14 -25.21 -20.35
C LEU C 309 -24.72 -25.44 -21.79
N LEU C 310 -23.73 -24.69 -22.27
CA LEU C 310 -23.27 -24.85 -23.65
C LEU C 310 -22.71 -26.26 -23.88
N LYS C 311 -21.88 -26.74 -22.94
CA LYS C 311 -21.32 -28.08 -23.09
C LYS C 311 -22.41 -29.15 -22.98
N LYS C 312 -23.39 -28.94 -22.10
CA LYS C 312 -24.50 -29.87 -22.01
C LYS C 312 -25.26 -29.93 -23.32
N SER C 313 -25.50 -28.79 -23.94
CA SER C 313 -26.16 -28.78 -25.24
C SER C 313 -25.33 -29.52 -26.27
N SER C 314 -24.02 -29.27 -26.29
CA SER C 314 -23.17 -29.94 -27.28
C SER C 314 -23.22 -31.44 -27.11
N LYS C 315 -23.13 -31.92 -25.87
CA LYS C 315 -23.20 -33.36 -25.64
C LYS C 315 -24.56 -33.92 -25.99
N ASP C 316 -25.63 -33.20 -25.65
CA ASP C 316 -26.98 -33.67 -25.91
C ASP C 316 -27.42 -33.45 -27.36
N GLN C 317 -26.60 -32.78 -28.16
CA GLN C 317 -26.91 -32.53 -29.56
C GLN C 317 -28.23 -31.77 -29.70
N LYS C 318 -28.32 -30.65 -28.99
CA LYS C 318 -29.49 -29.77 -29.05
C LYS C 318 -28.99 -28.34 -28.96
N PRO C 319 -28.76 -27.67 -30.09
CA PRO C 319 -28.17 -26.33 -30.06
C PRO C 319 -28.79 -25.44 -28.99
N LEU C 320 -27.96 -24.63 -28.37
CA LEU C 320 -28.40 -23.75 -27.29
C LEU C 320 -29.38 -22.72 -27.81
N VAL C 321 -30.39 -22.41 -27.01
CA VAL C 321 -31.40 -21.42 -27.35
C VAL C 321 -31.71 -20.60 -26.10
N PRO C 322 -30.93 -19.56 -25.81
CA PRO C 322 -31.07 -18.89 -24.51
C PRO C 322 -32.48 -18.43 -24.21
N ILE C 323 -33.25 -18.03 -25.23
CA ILE C 323 -34.60 -17.54 -24.99
C ILE C 323 -35.41 -18.58 -24.24
N ARG C 324 -35.17 -19.86 -24.48
CA ARG C 324 -35.92 -20.93 -23.85
C ARG C 324 -35.28 -21.43 -22.56
N ILE C 325 -34.19 -20.80 -22.12
CA ILE C 325 -33.46 -21.22 -20.92
C ILE C 325 -33.43 -20.12 -19.87
N TYR C 326 -32.92 -18.95 -20.24
CA TYR C 326 -32.77 -17.87 -19.28
C TYR C 326 -34.11 -17.20 -19.01
N GLY C 327 -34.18 -16.50 -17.88
CA GLY C 327 -35.42 -15.96 -17.38
C GLY C 327 -35.62 -14.51 -17.72
N ALA C 328 -36.56 -13.88 -17.00
CA ALA C 328 -36.92 -12.50 -17.27
C ALA C 328 -35.84 -11.51 -16.83
N ILE C 329 -35.05 -11.87 -15.81
CA ILE C 329 -34.05 -10.94 -15.31
C ILE C 329 -33.05 -10.59 -16.40
N HIS C 330 -32.62 -11.59 -17.18
CA HIS C 330 -31.68 -11.30 -18.26
C HIS C 330 -32.32 -10.50 -19.37
N LEU C 331 -33.61 -10.69 -19.63
CA LEU C 331 -34.31 -9.81 -20.56
C LEU C 331 -34.28 -8.37 -20.06
N LEU C 332 -34.49 -8.18 -18.76
CA LEU C 332 -34.44 -6.83 -18.20
C LEU C 332 -33.03 -6.26 -18.28
N ARG C 333 -32.02 -7.10 -18.11
CA ARG C 333 -30.64 -6.66 -18.33
C ARG C 333 -30.48 -6.18 -19.76
N LEU C 334 -31.02 -6.93 -20.72
CA LEU C 334 -30.95 -6.50 -22.12
C LEU C 334 -31.63 -5.15 -22.30
N ILE C 335 -32.81 -4.98 -21.71
CA ILE C 335 -33.49 -3.70 -21.80
C ILE C 335 -32.60 -2.58 -21.29
N SER C 336 -32.03 -2.76 -20.10
CA SER C 336 -31.22 -1.71 -19.51
C SER C 336 -30.04 -1.36 -20.40
N VAL C 337 -29.36 -2.37 -20.94
CA VAL C 337 -28.21 -2.09 -21.80
C VAL C 337 -28.62 -1.57 -23.18
N LEU C 338 -29.90 -1.65 -23.53
CA LEU C 338 -30.33 -1.32 -24.88
C LEU C 338 -29.90 0.07 -25.35
N PRO C 339 -30.11 1.15 -24.59
CA PRO C 339 -29.77 2.48 -25.14
C PRO C 339 -28.33 2.61 -25.58
N GLU C 340 -27.40 2.02 -24.84
CA GLU C 340 -26.00 2.09 -25.26
C GLU C 340 -25.82 1.42 -26.62
N LEU C 341 -26.46 0.26 -26.81
CA LEU C 341 -26.33 -0.43 -28.09
C LEU C 341 -26.95 0.39 -29.21
N ILE C 342 -28.10 1.01 -28.96
CA ILE C 342 -28.73 1.84 -29.99
C ILE C 342 -27.78 2.98 -30.37
N SER C 343 -27.21 3.65 -29.37
CA SER C 343 -26.30 4.75 -29.65
C SER C 343 -25.09 4.28 -30.45
N SER C 344 -24.69 3.03 -30.29
CA SER C 344 -23.48 2.54 -30.95
C SER C 344 -23.65 2.33 -32.44
N THR C 345 -24.87 2.46 -32.97
CA THR C 345 -25.15 2.19 -34.37
C THR C 345 -25.48 3.49 -35.11
N THR C 346 -25.56 3.38 -36.43
CA THR C 346 -26.03 4.45 -37.30
C THR C 346 -27.54 4.40 -37.48
N MET C 347 -28.23 3.70 -36.60
CA MET C 347 -29.66 3.47 -36.73
C MET C 347 -30.44 4.77 -36.59
N ASP C 348 -31.39 4.97 -37.49
CA ASP C 348 -32.00 6.29 -37.70
C ASP C 348 -32.88 6.69 -36.52
N LEU C 349 -33.38 7.92 -36.59
CA LEU C 349 -34.13 8.48 -35.47
C LEU C 349 -35.52 7.88 -35.36
N GLN C 350 -36.17 7.61 -36.49
CA GLN C 350 -37.52 7.06 -36.44
C GLN C 350 -37.52 5.71 -35.77
N SER C 351 -36.61 4.82 -36.17
CA SER C 351 -36.53 3.51 -35.57
C SER C 351 -36.18 3.60 -34.10
N CYS C 352 -35.31 4.55 -33.73
CA CYS C 352 -34.96 4.72 -32.33
C CYS C 352 -36.17 5.12 -31.51
N GLN C 353 -36.96 6.07 -32.02
CA GLN C 353 -38.18 6.47 -31.33
C GLN C 353 -39.10 5.28 -31.16
N LEU C 354 -39.29 4.50 -32.22
CA LEU C 354 -40.22 3.37 -32.15
C LEU C 354 -39.72 2.33 -31.15
N LEU C 355 -38.43 2.02 -31.18
CA LEU C 355 -37.87 1.05 -30.24
C LEU C 355 -38.07 1.50 -28.80
N ILE C 356 -37.77 2.76 -28.52
CA ILE C 356 -37.88 3.24 -27.15
C ILE C 356 -39.34 3.20 -26.71
N LYS C 357 -40.26 3.61 -27.59
CA LYS C 357 -41.67 3.58 -27.23
C LYS C 357 -42.13 2.16 -26.93
N GLN C 358 -41.76 1.21 -27.80
CA GLN C 358 -42.18 -0.18 -27.60
C GLN C 358 -41.59 -0.73 -26.30
N THR C 359 -40.31 -0.46 -26.04
CA THR C 359 -39.68 -0.98 -24.85
C THR C 359 -40.31 -0.40 -23.60
N GLU C 360 -40.64 0.90 -23.61
CA GLU C 360 -41.28 1.50 -22.46
C GLU C 360 -42.67 0.91 -22.24
N ASP C 361 -43.41 0.66 -23.32
CA ASP C 361 -44.69 -0.02 -23.19
C ASP C 361 -44.50 -1.41 -22.57
N PHE C 362 -43.48 -2.14 -23.02
CA PHE C 362 -43.19 -3.45 -22.47
C PHE C 362 -42.86 -3.36 -20.98
N LEU C 363 -42.08 -2.36 -20.59
CA LEU C 363 -41.72 -2.23 -19.19
C LEU C 363 -42.93 -1.88 -18.33
N VAL C 364 -43.85 -1.06 -18.87
CA VAL C 364 -45.09 -0.82 -18.14
C VAL C 364 -45.84 -2.13 -17.96
N TRP C 365 -45.92 -2.94 -19.02
CA TRP C 365 -46.57 -4.24 -18.89
C TRP C 365 -45.92 -5.08 -17.80
N LEU C 366 -44.59 -5.18 -17.84
CA LEU C 366 -43.87 -5.94 -16.83
C LEU C 366 -44.14 -5.42 -15.43
N LEU C 367 -44.27 -4.11 -15.29
CA LEU C 367 -44.68 -3.55 -14.01
C LEU C 367 -46.04 -4.09 -13.60
N MET C 368 -46.96 -4.19 -14.55
CA MET C 368 -48.27 -4.73 -14.20
C MET C 368 -48.15 -6.19 -13.78
N HIS C 369 -47.02 -6.83 -14.11
CA HIS C 369 -46.80 -8.23 -13.78
C HIS C 369 -45.44 -8.43 -13.13
N VAL C 370 -45.04 -7.52 -12.25
CA VAL C 370 -43.76 -7.66 -11.57
C VAL C 370 -43.80 -8.80 -10.55
N ASP C 371 -44.88 -8.92 -9.79
CA ASP C 371 -44.97 -10.01 -8.81
C ASP C 371 -45.46 -11.29 -9.47
N GLU C 372 -44.85 -11.59 -10.62
CA GLU C 372 -44.95 -12.90 -11.27
C GLU C 372 -43.62 -13.38 -11.81
N TYR C 373 -42.66 -12.49 -12.04
CA TYR C 373 -41.37 -12.84 -12.63
C TYR C 373 -40.19 -12.51 -11.73
N PHE C 374 -40.36 -11.65 -10.73
CA PHE C 374 -39.26 -11.18 -9.90
C PHE C 374 -39.66 -11.18 -8.43
N ASN C 375 -40.33 -12.24 -7.98
CA ASN C 375 -40.65 -12.35 -6.57
C ASN C 375 -39.38 -12.58 -5.76
N ASP C 376 -39.42 -12.17 -4.50
CA ASP C 376 -38.28 -12.25 -3.61
C ASP C 376 -38.40 -13.53 -2.79
N LYS C 377 -37.55 -14.52 -3.12
CA LYS C 377 -37.51 -15.78 -2.40
C LYS C 377 -36.09 -16.05 -1.95
N ASP C 378 -35.97 -16.77 -0.85
CA ASP C 378 -34.66 -17.04 -0.26
C ASP C 378 -34.06 -18.30 -0.86
N PRO C 379 -32.91 -18.22 -1.54
CA PRO C 379 -32.26 -19.45 -1.99
C PRO C 379 -31.91 -20.38 -0.85
N ASN C 380 -31.74 -19.86 0.35
CA ASN C 380 -31.41 -20.65 1.53
C ASN C 380 -32.66 -21.17 2.24
N ARG C 381 -33.85 -20.88 1.72
CA ARG C 381 -35.08 -21.34 2.34
C ARG C 381 -36.08 -21.91 1.36
N SER C 382 -35.73 -22.03 0.08
CA SER C 382 -36.65 -22.59 -0.89
C SER C 382 -35.91 -22.90 -2.18
N ASP C 383 -36.12 -24.11 -2.70
CA ASP C 383 -35.54 -24.50 -3.97
C ASP C 383 -36.21 -23.82 -5.15
N ASP C 384 -37.43 -23.30 -4.97
CA ASP C 384 -38.15 -22.62 -6.04
C ASP C 384 -37.88 -21.12 -6.01
N ALA C 385 -36.59 -20.76 -6.00
CA ALA C 385 -36.16 -19.37 -6.00
C ALA C 385 -35.42 -19.07 -7.29
N LEU C 386 -35.53 -17.84 -7.74
CA LEU C 386 -34.89 -17.46 -9.00
C LEU C 386 -33.38 -17.48 -8.91
N TYR C 387 -32.82 -17.52 -7.71
CA TYR C 387 -31.38 -17.52 -7.50
C TYR C 387 -30.97 -18.74 -6.68
N VAL C 388 -29.82 -19.30 -7.04
CA VAL C 388 -29.27 -20.46 -6.37
C VAL C 388 -27.85 -20.12 -5.93
N ASN C 389 -27.54 -20.38 -4.67
CA ASN C 389 -26.20 -20.08 -4.17
C ASN C 389 -25.18 -20.94 -4.89
N THR C 390 -24.05 -20.33 -5.25
CA THR C 390 -23.01 -21.07 -5.94
C THR C 390 -22.21 -21.90 -4.94
N SER C 391 -21.29 -22.70 -5.46
CA SER C 391 -20.41 -23.53 -4.66
C SER C 391 -18.99 -22.97 -4.72
N SER C 392 -18.24 -23.21 -3.64
CA SER C 392 -16.86 -22.76 -3.61
C SER C 392 -16.09 -23.26 -4.81
N GLN C 393 -16.33 -24.51 -5.21
CA GLN C 393 -15.67 -25.05 -6.39
C GLN C 393 -16.22 -24.46 -7.68
N TYR C 394 -17.42 -23.87 -7.63
CA TYR C 394 -17.97 -23.19 -8.80
C TYR C 394 -17.29 -21.84 -8.99
N GLU C 395 -17.38 -20.96 -8.00
CA GLU C 395 -16.80 -19.64 -8.14
C GLU C 395 -15.28 -19.67 -8.05
N GLY C 396 -14.67 -20.78 -7.64
CA GLY C 396 -13.24 -20.90 -7.77
C GLY C 396 -12.82 -20.91 -9.23
N VAL C 397 -13.51 -21.71 -10.06
CA VAL C 397 -13.23 -21.71 -11.49
C VAL C 397 -13.76 -20.45 -12.14
N ALA C 398 -14.96 -20.02 -11.78
CA ALA C 398 -15.59 -18.88 -12.45
C ALA C 398 -14.74 -17.62 -12.29
N LEU C 399 -14.22 -17.38 -11.09
CA LEU C 399 -13.42 -16.20 -10.78
C LEU C 399 -11.98 -16.59 -10.47
N GLY C 400 -11.44 -17.52 -11.24
CA GLY C 400 -10.07 -17.97 -11.05
C GLY C 400 -9.41 -18.36 -12.35
N LEU D 10 -20.86 21.36 14.27
CA LEU D 10 -19.52 22.01 14.23
C LEU D 10 -18.55 21.19 13.39
N GLY D 11 -17.99 21.83 12.36
CA GLY D 11 -17.07 21.18 11.47
C GLY D 11 -17.72 20.43 10.32
N GLY D 12 -19.05 20.35 10.29
CA GLY D 12 -19.72 19.65 9.22
C GLY D 12 -19.77 20.44 7.93
N ARG D 13 -20.03 19.73 6.84
CA ARG D 13 -20.11 20.35 5.53
C ARG D 13 -21.49 20.97 5.32
N CYS D 14 -21.52 22.10 4.62
CA CYS D 14 -22.76 22.82 4.37
C CYS D 14 -22.61 23.65 3.10
N LEU D 15 -23.74 24.03 2.53
CA LEU D 15 -23.78 24.90 1.36
C LEU D 15 -24.28 26.28 1.79
N ALA D 16 -23.63 27.32 1.29
CA ALA D 16 -23.87 28.69 1.73
C ALA D 16 -24.20 29.58 0.55
N PHE D 17 -25.07 30.56 0.78
CA PHE D 17 -25.42 31.53 -0.25
C PHE D 17 -24.32 32.57 -0.42
N HIS D 18 -24.01 32.88 -1.67
CA HIS D 18 -23.32 34.12 -2.01
C HIS D 18 -23.78 34.52 -3.40
N GLY D 19 -24.53 35.61 -3.49
CA GLY D 19 -25.19 35.96 -4.72
C GLY D 19 -26.19 34.89 -5.10
N PRO D 20 -26.42 34.73 -6.40
CA PRO D 20 -27.31 33.64 -6.87
C PRO D 20 -26.65 32.27 -6.98
N LEU D 21 -25.50 32.06 -6.33
CA LEU D 21 -24.74 30.83 -6.47
C LEU D 21 -24.44 30.22 -5.11
N MET D 22 -24.20 28.92 -5.12
CA MET D 22 -23.84 28.16 -3.93
C MET D 22 -22.33 27.93 -3.88
N TYR D 23 -21.84 27.66 -2.67
CA TYR D 23 -20.44 27.32 -2.45
C TYR D 23 -20.31 26.43 -1.24
N GLU D 24 -19.60 25.31 -1.41
CA GLU D 24 -19.38 24.40 -0.30
C GLU D 24 -18.52 25.05 0.77
N ALA D 25 -18.88 24.81 2.03
CA ALA D 25 -18.19 25.44 3.15
C ALA D 25 -18.18 24.50 4.34
N LYS D 26 -17.24 24.74 5.24
CA LYS D 26 -17.11 24.00 6.49
C LYS D 26 -17.33 24.95 7.65
N ILE D 27 -18.17 24.55 8.60
CA ILE D 27 -18.51 25.41 9.73
C ILE D 27 -17.37 25.39 10.73
N LEU D 28 -16.86 26.57 11.08
CA LEU D 28 -15.82 26.71 12.09
C LEU D 28 -16.35 27.15 13.44
N LYS D 29 -17.36 28.03 13.46
CA LYS D 29 -17.95 28.50 14.69
C LYS D 29 -19.47 28.52 14.55
N ILE D 30 -20.15 28.11 15.62
CA ILE D 30 -21.61 28.15 15.71
C ILE D 30 -21.97 29.15 16.80
N TRP D 31 -22.77 30.14 16.46
CA TRP D 31 -23.10 31.24 17.35
C TRP D 31 -24.44 30.98 18.02
N ASP D 32 -24.46 31.06 19.36
CA ASP D 32 -25.68 30.93 20.13
C ASP D 32 -26.04 32.29 20.71
N PRO D 33 -27.00 33.02 20.15
CA PRO D 33 -27.35 34.34 20.70
C PRO D 33 -27.89 34.28 22.11
N SER D 34 -28.55 33.19 22.50
CA SER D 34 -29.14 33.11 23.84
C SER D 34 -28.07 33.19 24.92
N SER D 35 -26.97 32.46 24.75
CA SER D 35 -25.89 32.43 25.72
C SER D 35 -24.77 33.42 25.40
N LYS D 36 -24.84 34.11 24.27
CA LYS D 36 -23.79 35.05 23.86
C LYS D 36 -22.43 34.34 23.85
N MET D 37 -22.32 33.37 22.96
CA MET D 37 -21.04 32.70 22.76
C MET D 37 -21.07 31.89 21.48
N TYR D 38 -19.89 31.55 21.00
CA TYR D 38 -19.71 30.74 19.79
C TYR D 38 -18.90 29.51 20.14
N THR D 39 -19.29 28.37 19.56
CA THR D 39 -18.57 27.12 19.77
C THR D 39 -17.63 26.87 18.60
N SER D 40 -16.34 26.76 18.91
CA SER D 40 -15.32 26.52 17.90
C SER D 40 -14.53 25.25 18.21
N ILE D 67 -19.55 40.03 14.67
CA ILE D 67 -20.73 39.47 14.02
C ILE D 67 -21.59 40.61 13.48
N PRO D 68 -22.08 40.50 12.24
CA PRO D 68 -23.02 41.50 11.73
C PRO D 68 -24.27 41.57 12.61
N GLU D 69 -24.77 42.78 12.79
CA GLU D 69 -25.94 42.97 13.66
C GLU D 69 -27.18 42.29 13.09
N GLU D 70 -27.31 42.25 11.76
CA GLU D 70 -28.52 41.71 11.16
C GLU D 70 -28.70 40.22 11.42
N ILE D 71 -27.64 39.52 11.81
CA ILE D 71 -27.71 38.09 12.12
C ILE D 71 -27.31 37.79 13.56
N ILE D 72 -26.85 38.79 14.31
CA ILE D 72 -26.39 38.53 15.68
C ILE D 72 -27.53 38.03 16.54
N ASN D 73 -28.75 38.52 16.31
CA ASN D 73 -29.89 38.10 17.10
C ASN D 73 -30.17 36.61 16.94
N GLY D 74 -30.09 36.11 15.71
CA GLY D 74 -30.38 34.72 15.43
C GLY D 74 -29.13 33.85 15.44
N LYS D 75 -29.36 32.55 15.32
CA LYS D 75 -28.27 31.57 15.31
C LYS D 75 -27.57 31.60 13.97
N CYS D 76 -26.37 32.17 13.94
CA CYS D 76 -25.55 32.23 12.73
C CYS D 76 -24.31 31.37 12.93
N PHE D 77 -23.55 31.21 11.84
CA PHE D 77 -22.43 30.28 11.79
C PHE D 77 -21.25 30.93 11.07
N PHE D 78 -20.05 30.72 11.62
CA PHE D 78 -18.83 31.13 10.95
C PHE D 78 -18.33 29.98 10.08
N ILE D 79 -18.20 30.24 8.78
CA ILE D 79 -17.93 29.20 7.80
C ILE D 79 -16.66 29.52 7.03
N HIS D 80 -15.87 28.48 6.76
CA HIS D 80 -14.73 28.56 5.86
C HIS D 80 -15.11 27.84 4.57
N TYR D 81 -15.12 28.58 3.46
CA TYR D 81 -15.58 28.04 2.20
C TYR D 81 -14.56 27.07 1.62
N GLN D 82 -15.05 25.94 1.11
CA GLN D 82 -14.19 24.97 0.45
C GLN D 82 -13.61 25.57 -0.82
N GLY D 83 -12.30 25.40 -1.02
CA GLY D 83 -11.65 25.90 -2.20
C GLY D 83 -11.23 27.35 -2.14
N TRP D 84 -11.30 28.00 -0.98
CA TRP D 84 -11.00 29.42 -0.87
C TRP D 84 -10.07 29.66 0.32
N LYS D 85 -9.46 30.85 0.31
CA LYS D 85 -8.56 31.27 1.36
C LYS D 85 -9.34 31.61 2.62
N SER D 86 -8.61 31.73 3.73
CA SER D 86 -9.23 32.08 5.01
C SER D 86 -9.80 33.49 5.00
N SER D 87 -9.31 34.37 4.13
CA SER D 87 -9.78 35.74 4.11
C SER D 87 -11.27 35.84 3.78
N TRP D 88 -11.84 34.82 3.15
CA TRP D 88 -13.25 34.82 2.77
C TRP D 88 -14.14 34.19 3.82
N ASP D 89 -13.59 33.77 4.97
CA ASP D 89 -14.41 33.25 6.05
C ASP D 89 -15.31 34.37 6.59
N GLU D 90 -16.57 34.01 6.86
CA GLU D 90 -17.55 35.01 7.26
C GLU D 90 -18.64 34.35 8.09
N TRP D 91 -19.39 35.18 8.81
CA TRP D 91 -20.57 34.75 9.55
C TRP D 91 -21.78 34.80 8.63
N VAL D 92 -22.57 33.74 8.64
CA VAL D 92 -23.77 33.62 7.82
C VAL D 92 -24.92 33.12 8.68
N GLY D 93 -26.09 33.70 8.48
CA GLY D 93 -27.28 33.29 9.20
C GLY D 93 -27.93 32.07 8.57
N TYR D 94 -29.08 31.70 9.13
CA TYR D 94 -29.81 30.55 8.63
C TYR D 94 -30.28 30.75 7.20
N ASP D 95 -30.56 32.00 6.82
CA ASP D 95 -31.07 32.27 5.47
C ASP D 95 -30.07 31.86 4.40
N ARG D 96 -28.79 32.17 4.61
CA ARG D 96 -27.77 31.96 3.58
C ARG D 96 -27.16 30.57 3.62
N ILE D 97 -27.58 29.70 4.54
CA ILE D 97 -26.99 28.38 4.69
C ILE D 97 -28.03 27.33 4.34
N ARG D 98 -27.55 26.18 3.89
CA ARG D 98 -28.40 25.02 3.64
C ARG D 98 -27.62 23.76 3.99
N ALA D 99 -28.35 22.73 4.42
CA ALA D 99 -27.72 21.48 4.79
C ALA D 99 -27.07 20.82 3.57
N TYR D 100 -25.98 20.09 3.82
CA TYR D 100 -25.24 19.42 2.76
C TYR D 100 -25.93 18.09 2.44
N ASN D 101 -26.98 18.19 1.62
CA ASN D 101 -27.76 17.03 1.20
C ASN D 101 -27.85 17.01 -0.32
N GLU D 102 -28.46 15.93 -0.84
CA GLU D 102 -28.58 15.77 -2.29
C GLU D 102 -29.41 16.90 -2.90
N GLU D 103 -30.50 17.29 -2.24
CA GLU D 103 -31.39 18.29 -2.80
C GLU D 103 -30.67 19.61 -3.00
N ASN D 104 -29.92 20.05 -1.99
CA ASN D 104 -29.21 21.32 -2.09
C ASN D 104 -28.06 21.25 -3.10
N ILE D 105 -27.41 20.09 -3.22
CA ILE D 105 -26.37 19.94 -4.23
C ILE D 105 -26.97 20.07 -5.63
N ALA D 106 -28.11 19.41 -5.85
CA ALA D 106 -28.78 19.52 -7.15
C ALA D 106 -29.22 20.95 -7.42
N MET D 107 -29.71 21.64 -6.39
CA MET D 107 -30.14 23.02 -6.57
C MET D 107 -28.94 23.93 -6.89
N LYS D 108 -27.80 23.66 -6.27
CA LYS D 108 -26.58 24.38 -6.60
C LYS D 108 -26.18 24.13 -8.05
N LYS D 109 -26.26 22.88 -8.51
CA LYS D 109 -25.95 22.58 -9.90
C LYS D 109 -26.91 23.30 -10.84
N ARG D 110 -28.18 23.35 -10.48
CA ARG D 110 -29.16 24.07 -11.29
C ARG D 110 -28.84 25.56 -11.34
N LEU D 111 -28.44 26.13 -10.20
CA LEU D 111 -28.05 27.54 -10.17
C LEU D 111 -26.86 27.79 -11.07
N ALA D 112 -25.86 26.92 -11.03
CA ALA D 112 -24.71 27.09 -11.91
C ALA D 112 -25.11 26.97 -13.37
N ASN D 113 -25.97 26.01 -13.69
CA ASN D 113 -26.39 25.81 -15.08
C ASN D 113 -27.18 27.02 -15.58
N GLU D 114 -28.11 27.52 -14.79
CA GLU D 114 -28.88 28.68 -15.22
C GLU D 114 -28.01 29.92 -15.30
N ALA D 115 -27.00 30.04 -14.42
CA ALA D 115 -26.09 31.18 -14.50
C ALA D 115 -25.29 31.15 -15.80
N LYS D 116 -24.70 30.00 -16.13
CA LYS D 116 -23.94 29.91 -17.37
C LYS D 116 -24.84 30.09 -18.59
N GLU D 117 -26.07 29.57 -18.52
CA GLU D 117 -27.02 29.80 -19.61
C GLU D 117 -27.32 31.28 -19.77
N ALA D 118 -27.50 31.99 -18.66
CA ALA D 118 -27.76 33.43 -18.73
C ALA D 118 -26.57 34.17 -19.31
N LYS D 119 -25.35 33.79 -18.92
CA LYS D 119 -24.18 34.45 -19.49
C LYS D 119 -24.08 34.22 -20.99
N LYS D 120 -24.34 32.98 -21.42
CA LYS D 120 -24.31 32.68 -22.86
C LYS D 120 -25.38 33.46 -23.60
N SER D 121 -26.58 33.57 -23.01
CA SER D 121 -27.65 34.32 -23.65
C SER D 121 -27.29 35.80 -23.76
N LEU D 122 -26.69 36.37 -22.71
CA LEU D 122 -26.28 37.76 -22.76
C LEU D 122 -25.22 37.98 -23.82
N LEU D 123 -24.24 37.07 -23.92
CA LEU D 123 -23.21 37.20 -24.95
C LEU D 123 -23.82 37.12 -26.34
N GLU D 124 -24.76 36.19 -26.54
CA GLU D 124 -25.41 36.07 -27.85
C GLU D 124 -26.23 37.31 -28.17
N GLN D 125 -26.92 37.88 -27.17
CA GLN D 125 -27.68 39.10 -27.40
C GLN D 125 -26.78 40.26 -27.78
N GLN D 126 -25.64 40.40 -27.09
CA GLN D 126 -24.69 41.44 -27.45
C GLN D 126 -24.17 41.25 -28.87
N LYS D 127 -23.83 40.01 -29.22
CA LYS D 127 -23.34 39.73 -30.57
C LYS D 127 -24.40 40.09 -31.61
N LYS D 128 -25.65 39.71 -31.36
CA LYS D 128 -26.73 40.03 -32.29
C LYS D 128 -26.91 41.54 -32.41
N LYS D 129 -26.84 42.26 -31.30
CA LYS D 129 -26.93 43.71 -31.33
C LYS D 129 -25.79 44.32 -32.13
N LYS D 130 -24.63 43.64 -32.16
CA LYS D 130 -23.47 44.20 -32.84
C LYS D 130 -23.60 44.17 -34.36
N LEU D 131 -24.41 43.25 -34.90
CA LEU D 131 -24.67 43.25 -36.35
C LEU D 131 -26.09 43.69 -36.63
N ILE D 220 -64.14 6.48 -9.35
CA ILE D 220 -64.62 6.30 -7.98
C ILE D 220 -66.14 6.33 -7.96
N SER D 221 -66.74 5.36 -7.27
CA SER D 221 -68.19 5.27 -7.17
C SER D 221 -68.58 5.03 -5.71
N LEU D 222 -69.79 5.47 -5.37
CA LEU D 222 -70.31 5.37 -4.03
C LEU D 222 -71.69 4.73 -4.06
N GLN D 223 -72.00 3.96 -3.01
CA GLN D 223 -73.27 3.27 -2.88
C GLN D 223 -74.10 3.91 -1.78
N ILE D 224 -75.39 4.13 -2.06
CA ILE D 224 -76.29 4.75 -1.11
C ILE D 224 -77.62 4.00 -1.08
N PRO D 225 -78.25 3.82 0.08
CA PRO D 225 -79.53 3.11 0.12
C PRO D 225 -80.63 3.90 -0.59
N ILE D 226 -81.61 3.16 -1.13
CA ILE D 226 -82.66 3.79 -1.91
C ILE D 226 -83.77 4.39 -1.05
N LYS D 227 -83.89 3.97 0.22
CA LYS D 227 -84.85 4.61 1.10
C LYS D 227 -84.51 6.09 1.29
N LEU D 228 -83.23 6.38 1.53
CA LEU D 228 -82.80 7.77 1.62
C LEU D 228 -82.89 8.46 0.26
N LYS D 229 -82.74 7.71 -0.84
CA LYS D 229 -82.97 8.28 -2.15
C LYS D 229 -84.40 8.79 -2.28
N SER D 230 -85.36 7.97 -1.85
CA SER D 230 -86.75 8.40 -1.88
C SER D 230 -86.97 9.59 -0.96
N VAL D 231 -86.33 9.59 0.20
CA VAL D 231 -86.45 10.73 1.11
C VAL D 231 -85.99 12.01 0.42
N LEU D 232 -84.83 11.98 -0.23
CA LEU D 232 -84.30 13.20 -0.83
C LEU D 232 -85.06 13.58 -2.10
N VAL D 233 -85.58 12.60 -2.84
CA VAL D 233 -86.42 12.92 -3.98
C VAL D 233 -87.70 13.61 -3.52
N ASP D 234 -88.29 13.13 -2.43
CA ASP D 234 -89.44 13.81 -1.85
C ASP D 234 -89.08 15.22 -1.42
N ASP D 235 -87.90 15.39 -0.82
CA ASP D 235 -87.45 16.73 -0.45
C ASP D 235 -87.35 17.64 -1.67
N TRP D 236 -86.77 17.15 -2.76
CA TRP D 236 -86.65 17.95 -3.97
C TRP D 236 -88.03 18.31 -4.53
N GLU D 237 -88.96 17.35 -4.53
CA GLU D 237 -90.31 17.68 -4.95
C GLU D 237 -90.88 18.79 -4.08
N TYR D 238 -90.71 18.68 -2.77
CA TYR D 238 -91.24 19.70 -1.87
C TYR D 238 -90.65 21.07 -2.18
N VAL D 239 -89.34 21.13 -2.44
CA VAL D 239 -88.70 22.43 -2.60
C VAL D 239 -88.98 23.01 -3.98
N THR D 240 -88.64 22.28 -5.05
CA THR D 240 -88.75 22.82 -6.39
C THR D 240 -90.17 22.79 -6.94
N LYS D 241 -90.90 21.69 -6.75
CA LYS D 241 -92.22 21.54 -7.35
C LYS D 241 -93.35 21.97 -6.43
N ASP D 242 -93.23 21.70 -5.13
CA ASP D 242 -94.24 22.13 -4.17
C ASP D 242 -93.92 23.49 -3.56
N LYS D 243 -92.77 24.06 -3.90
CA LYS D 243 -92.43 25.42 -3.47
C LYS D 243 -92.39 25.53 -1.95
N LYS D 244 -91.83 24.51 -1.30
CA LYS D 244 -91.67 24.49 0.14
C LYS D 244 -90.21 24.69 0.51
N ILE D 245 -89.97 25.06 1.77
CA ILE D 245 -88.62 25.23 2.29
C ILE D 245 -88.52 24.56 3.65
N CYS D 246 -87.29 24.23 4.02
CA CYS D 246 -87.02 23.70 5.35
C CYS D 246 -87.36 24.76 6.39
N ARG D 247 -87.90 24.30 7.53
CA ARG D 247 -88.20 25.21 8.61
C ARG D 247 -86.91 25.85 9.12
N LEU D 248 -86.99 27.12 9.49
CA LEU D 248 -85.86 27.86 10.04
C LEU D 248 -85.48 27.18 11.35
N PRO D 249 -84.41 27.62 12.07
CA PRO D 249 -83.52 26.65 12.72
C PRO D 249 -84.24 25.41 13.23
N ALA D 250 -83.74 24.25 12.79
CA ALA D 250 -84.48 23.01 12.94
C ALA D 250 -84.47 22.54 14.40
N ASP D 251 -85.51 21.79 14.76
CA ASP D 251 -85.56 21.20 16.10
C ASP D 251 -84.43 20.22 16.31
N VAL D 252 -83.93 19.61 15.24
CA VAL D 252 -82.78 18.72 15.28
C VAL D 252 -81.74 19.28 14.32
N THR D 253 -80.61 19.72 14.86
CA THR D 253 -79.55 20.33 14.06
C THR D 253 -78.52 19.27 13.66
N VAL D 254 -77.72 19.61 12.64
CA VAL D 254 -76.73 18.66 12.14
C VAL D 254 -75.65 18.40 13.18
N GLU D 255 -75.25 19.43 13.92
CA GLU D 255 -74.28 19.21 14.99
C GLU D 255 -74.81 18.21 16.01
N MET D 256 -76.09 18.35 16.37
CA MET D 256 -76.72 17.38 17.27
C MET D 256 -76.68 15.98 16.68
N VAL D 257 -77.01 15.86 15.39
CA VAL D 257 -77.05 14.55 14.76
C VAL D 257 -75.67 13.90 14.79
N LEU D 258 -74.64 14.67 14.42
CA LEU D 258 -73.29 14.13 14.38
C LEU D 258 -72.80 13.77 15.78
N ASN D 259 -73.11 14.61 16.76
CA ASN D 259 -72.70 14.31 18.13
C ASN D 259 -73.35 13.02 18.62
N LYS D 260 -74.65 12.84 18.36
CA LYS D 260 -75.31 11.60 18.74
C LYS D 260 -74.70 10.41 18.02
N TYR D 261 -74.46 10.54 16.71
CA TYR D 261 -73.88 9.46 15.94
C TYR D 261 -72.55 9.02 16.54
N GLU D 262 -71.65 9.98 16.77
CA GLU D 262 -70.37 9.65 17.37
C GLU D 262 -70.53 9.05 18.76
N HIS D 263 -71.40 9.65 19.58
CA HIS D 263 -71.52 9.21 20.96
C HIS D 263 -71.97 7.76 21.05
N GLU D 264 -72.99 7.40 20.27
CA GLU D 264 -73.58 6.07 20.38
C GLU D 264 -72.89 5.02 19.52
N VAL D 265 -72.21 5.43 18.45
CA VAL D 265 -71.60 4.45 17.56
C VAL D 265 -70.43 3.75 18.27
N SER D 266 -69.66 4.49 19.06
CA SER D 266 -68.46 3.97 19.71
C SER D 266 -68.62 3.84 21.22
N GLN D 267 -69.85 3.88 21.73
CA GLN D 267 -70.05 3.85 23.17
C GLN D 267 -69.73 2.49 23.77
N GLU D 268 -69.60 1.44 22.95
CA GLU D 268 -69.43 0.10 23.48
C GLU D 268 -68.14 -0.04 24.29
N LEU D 269 -67.03 0.46 23.76
CA LEU D 269 -65.74 0.31 24.42
C LEU D 269 -64.78 1.36 23.89
N GLU D 270 -63.56 1.36 24.43
CA GLU D 270 -62.53 2.34 24.11
C GLU D 270 -61.55 1.72 23.12
N SER D 271 -61.49 2.29 21.92
CA SER D 271 -60.50 1.93 20.90
C SER D 271 -59.90 3.22 20.36
N PRO D 272 -59.02 3.87 21.15
CA PRO D 272 -58.55 5.22 20.79
C PRO D 272 -58.36 5.50 19.31
N GLY D 273 -57.77 4.56 18.57
CA GLY D 273 -57.52 4.82 17.16
C GLY D 273 -58.81 4.96 16.37
N SER D 274 -59.72 4.00 16.52
CA SER D 274 -60.99 4.07 15.79
C SER D 274 -61.80 5.28 16.23
N GLN D 275 -61.79 5.58 17.53
CA GLN D 275 -62.50 6.75 18.01
C GLN D 275 -61.89 8.04 17.49
N SER D 276 -60.56 8.08 17.34
CA SER D 276 -59.93 9.23 16.72
C SER D 276 -60.38 9.38 15.28
N GLN D 277 -60.46 8.27 14.55
CA GLN D 277 -60.98 8.32 13.18
C GLN D 277 -62.40 8.89 13.17
N LEU D 278 -63.26 8.36 14.03
CA LEU D 278 -64.66 8.81 14.04
C LEU D 278 -64.75 10.29 14.41
N SER D 279 -63.98 10.72 15.42
CA SER D 279 -64.02 12.11 15.84
C SER D 279 -63.53 13.03 14.75
N GLU D 280 -62.45 12.65 14.06
CA GLU D 280 -61.98 13.44 12.94
C GLU D 280 -63.05 13.51 11.86
N TYR D 281 -63.73 12.40 11.59
CA TYR D 281 -64.76 12.41 10.56
C TYR D 281 -65.88 13.36 10.93
N CYS D 282 -66.33 13.32 12.18
CA CYS D 282 -67.44 14.17 12.60
C CYS D 282 -67.04 15.65 12.59
N ALA D 283 -65.83 15.96 13.05
CA ALA D 283 -65.36 17.34 12.99
C ALA D 283 -65.25 17.81 11.55
N GLY D 284 -64.76 16.95 10.66
CA GLY D 284 -64.68 17.32 9.26
C GLY D 284 -66.04 17.52 8.63
N LEU D 285 -67.02 16.71 9.02
CA LEU D 285 -68.38 16.91 8.52
C LEU D 285 -68.96 18.23 9.01
N LYS D 286 -68.70 18.58 10.28
CA LYS D 286 -69.16 19.88 10.78
C LYS D 286 -68.52 21.01 9.98
N LEU D 287 -67.21 20.94 9.76
CA LEU D 287 -66.53 21.95 8.95
C LEU D 287 -67.11 21.97 7.54
N TYR D 288 -67.42 20.81 6.99
CA TYR D 288 -68.03 20.73 5.66
C TYR D 288 -69.34 21.49 5.63
N PHE D 289 -70.21 21.22 6.60
CA PHE D 289 -71.48 21.93 6.63
C PHE D 289 -71.23 23.42 6.67
N ASP D 290 -70.39 23.88 7.60
CA ASP D 290 -70.16 25.28 7.82
C ASP D 290 -69.40 25.96 6.68
N LYS D 291 -68.79 25.18 5.79
CA LYS D 291 -68.05 25.76 4.68
C LYS D 291 -68.83 25.68 3.37
N CYS D 292 -69.81 24.77 3.30
CA CYS D 292 -70.46 24.45 2.04
C CYS D 292 -71.97 24.66 2.02
N LEU D 293 -72.62 24.97 3.14
CA LEU D 293 -74.05 25.27 3.08
C LEU D 293 -74.34 26.36 2.06
N GLY D 294 -73.82 27.56 2.30
CA GLY D 294 -74.03 28.65 1.37
C GLY D 294 -73.45 28.42 0.00
N ASN D 295 -72.67 27.36 -0.20
CA ASN D 295 -72.00 27.14 -1.47
C ASN D 295 -72.80 26.22 -2.39
N MET D 296 -73.04 24.96 -1.98
CA MET D 296 -73.79 24.07 -2.85
C MET D 296 -74.68 23.08 -2.10
N LEU D 297 -75.23 23.47 -0.94
CA LEU D 297 -76.20 22.64 -0.24
C LEU D 297 -77.59 23.25 -0.21
N LEU D 298 -77.84 24.27 -1.04
CA LEU D 298 -79.10 25.00 -1.04
C LEU D 298 -79.74 24.99 -2.42
N TYR D 299 -81.06 25.07 -2.44
CA TYR D 299 -81.83 25.10 -3.67
C TYR D 299 -81.92 26.53 -4.19
N ARG D 300 -82.65 26.72 -5.28
CA ARG D 300 -82.94 28.07 -5.78
C ARG D 300 -83.74 28.85 -4.75
N LEU D 301 -84.76 28.22 -4.16
CA LEU D 301 -85.66 28.92 -3.26
C LEU D 301 -85.05 29.14 -1.88
N GLU D 302 -84.13 28.27 -1.44
CA GLU D 302 -83.53 28.42 -0.12
C GLU D 302 -82.54 29.58 -0.05
N ARG D 303 -82.17 30.15 -1.19
CA ARG D 303 -81.20 31.24 -1.19
C ARG D 303 -81.74 32.47 -0.45
N LEU D 304 -83.02 32.77 -0.61
CA LEU D 304 -83.58 33.93 0.08
C LEU D 304 -83.58 33.73 1.59
N GLN D 305 -83.88 32.51 2.05
CA GLN D 305 -83.82 32.25 3.49
C GLN D 305 -82.39 32.34 3.98
N TYR D 306 -81.43 31.87 3.17
CA TYR D 306 -80.02 32.03 3.53
C TYR D 306 -79.65 33.51 3.64
N ASP D 307 -80.15 34.32 2.72
CA ASP D 307 -79.89 35.77 2.76
C ASP D 307 -80.48 36.38 4.03
N GLU D 308 -81.69 35.98 4.39
CA GLU D 308 -82.28 36.48 5.62
C GLU D 308 -81.43 36.08 6.82
N LEU D 309 -80.96 34.84 6.84
CA LEU D 309 -80.16 34.37 7.97
C LEU D 309 -78.85 35.16 8.08
N LEU D 310 -78.17 35.38 6.94
CA LEU D 310 -76.91 36.11 7.00
C LEU D 310 -77.11 37.58 7.33
N LYS D 311 -78.20 38.18 6.85
CA LYS D 311 -78.51 39.55 7.24
C LYS D 311 -78.78 39.65 8.73
N LYS D 312 -79.51 38.67 9.28
CA LYS D 312 -79.72 38.64 10.72
C LYS D 312 -78.40 38.49 11.47
N SER D 313 -77.51 37.64 10.97
CA SER D 313 -76.21 37.48 11.59
C SER D 313 -75.42 38.77 11.57
N SER D 314 -75.42 39.47 10.43
CA SER D 314 -74.71 40.74 10.33
C SER D 314 -75.29 41.77 11.29
N LYS D 315 -76.62 41.85 11.39
CA LYS D 315 -77.24 42.77 12.33
C LYS D 315 -76.87 42.41 13.76
N ASP D 316 -76.83 41.12 14.07
CA ASP D 316 -76.46 40.64 15.40
C ASP D 316 -74.95 40.58 15.60
N GLN D 317 -74.16 40.82 14.56
CA GLN D 317 -72.71 40.74 14.64
C GLN D 317 -72.24 39.37 15.13
N LYS D 318 -72.93 38.31 14.67
CA LYS D 318 -72.57 36.94 15.02
C LYS D 318 -72.38 36.14 13.74
N PRO D 319 -71.21 35.53 13.51
CA PRO D 319 -70.99 34.80 12.26
C PRO D 319 -71.95 33.63 12.12
N LEU D 320 -72.32 33.35 10.86
CA LEU D 320 -73.26 32.28 10.58
C LEU D 320 -72.58 30.91 10.70
N VAL D 321 -73.24 30.00 11.41
CA VAL D 321 -72.71 28.66 11.66
C VAL D 321 -73.78 27.65 11.28
N PRO D 322 -73.86 27.30 9.99
CA PRO D 322 -74.96 26.35 9.49
C PRO D 322 -75.30 25.17 10.38
N ILE D 323 -74.30 24.56 11.04
CA ILE D 323 -74.54 23.30 11.75
C ILE D 323 -75.62 23.48 12.80
N ARG D 324 -75.64 24.61 13.49
CA ARG D 324 -76.58 24.85 14.57
C ARG D 324 -77.94 25.35 14.10
N ILE D 325 -78.13 25.54 12.80
CA ILE D 325 -79.38 26.07 12.26
C ILE D 325 -80.06 25.08 11.30
N TYR D 326 -79.32 24.54 10.34
CA TYR D 326 -79.94 23.69 9.33
C TYR D 326 -80.05 22.25 9.83
N GLY D 327 -80.91 21.48 9.18
CA GLY D 327 -81.29 20.16 9.65
C GLY D 327 -80.56 19.03 8.94
N ALA D 328 -80.89 17.81 9.40
CA ALA D 328 -80.23 16.61 8.91
C ALA D 328 -80.45 16.37 7.42
N ILE D 329 -81.52 16.94 6.85
CA ILE D 329 -81.75 16.76 5.42
C ILE D 329 -80.58 17.35 4.63
N HIS D 330 -80.06 18.49 5.07
CA HIS D 330 -78.94 19.10 4.39
C HIS D 330 -77.65 18.30 4.60
N LEU D 331 -77.51 17.66 5.76
CA LEU D 331 -76.38 16.75 5.95
C LEU D 331 -76.47 15.58 4.97
N LEU D 332 -77.67 15.05 4.78
CA LEU D 332 -77.85 13.99 3.77
C LEU D 332 -77.52 14.51 2.38
N ARG D 333 -77.91 15.75 2.07
CA ARG D 333 -77.50 16.38 0.82
C ARG D 333 -75.98 16.38 0.70
N LEU D 334 -75.30 16.71 1.80
CA LEU D 334 -73.84 16.75 1.80
C LEU D 334 -73.26 15.37 1.50
N ILE D 335 -73.81 14.33 2.13
CA ILE D 335 -73.34 12.98 1.84
C ILE D 335 -73.57 12.65 0.38
N SER D 336 -74.72 13.06 -0.16
CA SER D 336 -75.03 12.77 -1.55
C SER D 336 -74.01 13.41 -2.49
N VAL D 337 -73.62 14.66 -2.20
CA VAL D 337 -72.67 15.36 -3.06
C VAL D 337 -71.22 15.03 -2.73
N LEU D 338 -70.97 14.27 -1.68
CA LEU D 338 -69.59 13.95 -1.30
C LEU D 338 -68.76 13.32 -2.41
N PRO D 339 -69.25 12.36 -3.20
CA PRO D 339 -68.33 11.61 -4.07
C PRO D 339 -67.55 12.47 -5.04
N GLU D 340 -68.15 13.52 -5.61
CA GLU D 340 -67.38 14.36 -6.52
C GLU D 340 -66.25 15.08 -5.79
N LEU D 341 -66.55 15.63 -4.61
CA LEU D 341 -65.50 16.28 -3.83
C LEU D 341 -64.38 15.31 -3.51
N ILE D 342 -64.73 14.09 -3.11
CA ILE D 342 -63.72 13.08 -2.80
C ILE D 342 -62.91 12.74 -4.04
N SER D 343 -63.57 12.69 -5.20
CA SER D 343 -62.86 12.46 -6.45
C SER D 343 -61.97 13.62 -6.84
N SER D 344 -62.21 14.80 -6.28
CA SER D 344 -61.42 15.98 -6.59
C SER D 344 -60.32 16.25 -5.57
N THR D 345 -59.71 15.21 -5.01
CA THR D 345 -58.68 15.36 -3.99
C THR D 345 -57.37 14.72 -4.43
N THR D 346 -56.36 14.89 -3.59
CA THR D 346 -55.07 14.23 -3.73
C THR D 346 -54.96 13.02 -2.81
N MET D 347 -56.03 12.70 -2.07
CA MET D 347 -55.96 11.62 -1.10
C MET D 347 -55.64 10.31 -1.79
N ASP D 348 -54.81 9.51 -1.14
CA ASP D 348 -54.46 8.19 -1.66
C ASP D 348 -55.70 7.31 -1.74
N LEU D 349 -55.54 6.16 -2.40
CA LEU D 349 -56.65 5.24 -2.55
C LEU D 349 -57.14 4.74 -1.19
N GLN D 350 -56.21 4.39 -0.30
CA GLN D 350 -56.61 3.81 0.99
C GLN D 350 -57.42 4.79 1.81
N SER D 351 -57.03 6.07 1.82
CA SER D 351 -57.81 7.06 2.54
C SER D 351 -59.21 7.20 1.94
N CYS D 352 -59.30 7.15 0.61
CA CYS D 352 -60.61 7.18 -0.03
C CYS D 352 -61.46 6.00 0.43
N GLN D 353 -60.88 4.80 0.46
CA GLN D 353 -61.65 3.65 0.92
C GLN D 353 -62.08 3.83 2.37
N LEU D 354 -61.18 4.35 3.21
CA LEU D 354 -61.50 4.49 4.63
C LEU D 354 -62.67 5.44 4.85
N LEU D 355 -62.59 6.65 4.29
CA LEU D 355 -63.68 7.58 4.58
C LEU D 355 -64.94 7.20 3.82
N ILE D 356 -64.83 6.46 2.71
CA ILE D 356 -66.02 5.94 2.04
C ILE D 356 -66.69 4.90 2.91
N LYS D 357 -65.91 4.01 3.53
CA LYS D 357 -66.47 3.03 4.44
C LYS D 357 -67.16 3.71 5.61
N GLN D 358 -66.53 4.74 6.17
CA GLN D 358 -67.14 5.41 7.31
C GLN D 358 -68.39 6.17 6.88
N THR D 359 -68.39 6.73 5.67
CA THR D 359 -69.58 7.37 5.14
C THR D 359 -70.72 6.37 4.99
N GLU D 360 -70.40 5.16 4.52
CA GLU D 360 -71.44 4.13 4.39
C GLU D 360 -71.94 3.67 5.76
N ASP D 361 -71.05 3.59 6.75
CA ASP D 361 -71.49 3.27 8.10
C ASP D 361 -72.42 4.35 8.64
N PHE D 362 -72.09 5.62 8.40
CA PHE D 362 -72.97 6.71 8.80
C PHE D 362 -74.31 6.60 8.08
N LEU D 363 -74.28 6.28 6.78
CA LEU D 363 -75.51 6.09 6.04
C LEU D 363 -76.37 5.02 6.71
N VAL D 364 -75.76 3.91 7.10
CA VAL D 364 -76.51 2.85 7.77
C VAL D 364 -77.10 3.36 9.08
N TRP D 365 -76.27 4.01 9.91
CA TRP D 365 -76.75 4.43 11.22
C TRP D 365 -77.90 5.43 11.10
N LEU D 366 -77.79 6.36 10.15
CA LEU D 366 -78.87 7.33 9.97
C LEU D 366 -80.10 6.70 9.33
N LEU D 367 -79.91 5.65 8.53
CA LEU D 367 -81.05 4.91 7.99
C LEU D 367 -81.81 4.20 9.10
N MET D 368 -81.09 3.64 10.07
CA MET D 368 -81.74 3.16 11.28
C MET D 368 -82.52 4.26 11.99
N HIS D 369 -82.14 5.53 11.79
CA HIS D 369 -82.85 6.67 12.36
C HIS D 369 -83.52 7.52 11.28
N VAL D 370 -83.91 6.89 10.17
CA VAL D 370 -84.50 7.63 9.06
C VAL D 370 -85.79 8.31 9.49
N ASP D 371 -86.65 7.59 10.23
CA ASP D 371 -87.93 8.14 10.62
C ASP D 371 -87.79 9.32 11.58
N GLU D 372 -86.77 9.31 12.44
CA GLU D 372 -86.63 10.36 13.44
C GLU D 372 -86.21 11.69 12.82
N TYR D 373 -85.54 11.65 11.66
CA TYR D 373 -84.99 12.85 11.04
C TYR D 373 -85.64 13.24 9.73
N PHE D 374 -86.42 12.36 9.12
CA PHE D 374 -86.96 12.63 7.79
C PHE D 374 -88.46 12.43 7.66
N ASN D 375 -89.13 11.89 8.67
CA ASN D 375 -90.58 11.79 8.64
C ASN D 375 -91.21 13.16 8.90
N ASP D 376 -92.17 13.53 8.07
CA ASP D 376 -92.87 14.81 8.22
C ASP D 376 -94.17 14.63 8.99
N ASP E 256 -62.70 42.97 -24.07
CA ASP E 256 -63.93 43.34 -23.31
C ASP E 256 -64.88 42.16 -23.37
N PHE E 257 -64.57 41.13 -22.59
CA PHE E 257 -65.43 39.95 -22.53
C PHE E 257 -66.80 40.33 -21.97
N GLU E 258 -67.85 39.86 -22.64
CA GLU E 258 -69.21 40.12 -22.18
C GLU E 258 -69.53 39.19 -21.02
N ASN E 259 -70.03 39.76 -19.94
CA ASN E 259 -70.40 38.96 -18.78
C ASN E 259 -71.68 38.19 -19.04
N GLU E 260 -71.77 37.00 -18.46
CA GLU E 260 -72.90 36.12 -18.73
C GLU E 260 -74.17 36.69 -18.12
N ASP E 261 -75.28 36.52 -18.85
CA ASP E 261 -76.57 37.06 -18.43
C ASP E 261 -77.27 36.21 -17.40
N PHE E 262 -76.73 35.04 -17.07
CA PHE E 262 -77.29 34.16 -16.05
C PHE E 262 -76.24 33.94 -14.96
N CYS E 263 -76.70 33.92 -13.72
CA CYS E 263 -75.80 33.69 -12.59
C CYS E 263 -75.10 32.34 -12.76
N SER E 264 -73.78 32.33 -12.57
CA SER E 264 -73.03 31.10 -12.71
C SER E 264 -73.29 30.12 -11.57
N ALA E 265 -73.91 30.58 -10.48
CA ALA E 265 -74.16 29.71 -9.34
C ALA E 265 -75.51 29.01 -9.42
N CYS E 266 -76.56 29.72 -9.89
CA CYS E 266 -77.88 29.14 -9.98
C CYS E 266 -78.46 29.15 -11.39
N ASN E 267 -77.78 29.74 -12.37
CA ASN E 267 -78.25 29.76 -13.75
C ASN E 267 -79.63 30.39 -13.85
N GLN E 268 -79.81 31.54 -13.20
CA GLN E 268 -81.05 32.29 -13.23
C GLN E 268 -80.76 33.73 -13.58
N SER E 269 -81.68 34.34 -14.34
CA SER E 269 -81.54 35.73 -14.76
C SER E 269 -82.05 36.66 -13.67
N GLY E 270 -81.36 37.78 -13.51
CA GLY E 270 -81.74 38.76 -12.50
C GLY E 270 -80.65 39.78 -12.30
N SER E 271 -80.71 40.44 -11.14
CA SER E 271 -79.71 41.44 -10.76
C SER E 271 -78.53 40.73 -10.12
N PHE E 272 -77.37 40.79 -10.78
CA PHE E 272 -76.19 40.07 -10.34
C PHE E 272 -74.96 40.97 -10.46
N LEU E 273 -73.96 40.67 -9.64
CA LEU E 273 -72.68 41.36 -9.70
C LEU E 273 -71.74 40.63 -10.65
N CYS E 274 -71.10 41.38 -11.54
CA CYS E 274 -70.28 40.81 -12.60
C CYS E 274 -68.81 40.88 -12.21
N CYS E 275 -68.11 39.75 -12.37
CA CYS E 275 -66.68 39.71 -12.12
C CYS E 275 -65.93 40.45 -13.21
N ASP E 276 -64.91 41.21 -12.81
CA ASP E 276 -64.18 42.07 -13.73
C ASP E 276 -63.10 41.34 -14.51
N THR E 277 -62.82 40.07 -14.18
CA THR E 277 -61.77 39.32 -14.83
C THR E 277 -62.27 38.12 -15.63
N CYS E 278 -63.54 37.76 -15.51
CA CYS E 278 -64.13 36.65 -16.24
C CYS E 278 -65.54 37.04 -16.66
N PRO E 279 -66.14 36.37 -17.72
CA PRO E 279 -67.50 36.65 -17.97
C PRO E 279 -68.51 36.28 -16.89
N LYS E 280 -68.12 35.43 -15.95
CA LYS E 280 -69.06 34.94 -14.95
C LYS E 280 -69.64 36.09 -14.13
N SER E 281 -70.93 35.96 -13.79
CA SER E 281 -71.62 36.91 -12.94
C SER E 281 -72.36 36.14 -11.84
N PHE E 282 -72.51 36.78 -10.68
CA PHE E 282 -73.11 36.13 -9.53
C PHE E 282 -74.17 37.03 -8.89
N HIS E 283 -75.24 36.40 -8.41
CA HIS E 283 -76.26 37.14 -7.68
C HIS E 283 -75.71 37.63 -6.35
N PHE E 284 -76.30 38.73 -5.85
CA PHE E 284 -75.94 39.21 -4.52
C PHE E 284 -76.19 38.15 -3.46
N LEU E 285 -77.16 37.28 -3.68
CA LEU E 285 -77.51 36.26 -2.68
C LEU E 285 -76.69 34.99 -2.82
N CYS E 286 -75.95 34.82 -3.93
CA CYS E 286 -75.16 33.63 -4.14
C CYS E 286 -73.71 33.78 -3.69
N LEU E 287 -73.31 34.96 -3.23
CA LEU E 287 -71.93 35.17 -2.79
C LEU E 287 -71.73 34.72 -1.35
N HIS E 302 -64.47 41.00 -8.08
CA HIS E 302 -63.79 39.75 -8.45
C HIS E 302 -64.39 38.55 -7.72
N CYS E 303 -64.46 37.42 -8.42
CA CYS E 303 -64.96 36.19 -7.83
C CYS E 303 -63.92 35.59 -6.89
N ASN E 304 -64.37 34.63 -6.09
CA ASN E 304 -63.42 33.92 -5.22
C ASN E 304 -62.35 33.22 -6.03
N GLU E 305 -62.74 32.57 -7.14
CA GLU E 305 -61.76 31.86 -7.96
C GLU E 305 -60.73 32.81 -8.54
N CYS E 306 -61.18 33.96 -9.05
CA CYS E 306 -60.24 34.91 -9.65
C CYS E 306 -59.44 35.63 -8.57
N LYS E 307 -60.03 35.84 -7.39
CA LYS E 307 -59.26 36.36 -6.27
C LYS E 307 -58.12 35.41 -5.92
N PHE E 308 -58.41 34.12 -5.83
CA PHE E 308 -57.37 33.13 -5.53
C PHE E 308 -56.36 33.05 -6.66
N LYS E 309 -56.81 33.21 -7.91
CA LYS E 309 -55.89 33.21 -9.04
C LYS E 309 -54.92 34.38 -8.95
N ILE E 310 -55.42 35.58 -8.66
CA ILE E 310 -54.56 36.74 -8.49
C ILE E 310 -53.61 36.52 -7.31
N PHE E 311 -54.11 35.90 -6.24
CA PHE E 311 -53.25 35.60 -5.09
C PHE E 311 -52.11 34.67 -5.49
N ILE E 312 -52.42 33.64 -6.29
CA ILE E 312 -51.42 32.66 -6.65
C ILE E 312 -50.58 33.14 -7.83
N ASN E 313 -51.08 34.11 -8.60
CA ASN E 313 -50.36 34.65 -9.76
C ASN E 313 -50.08 33.57 -10.80
N ASN E 314 -50.99 32.59 -10.90
CA ASN E 314 -50.88 31.53 -11.90
C ASN E 314 -49.57 30.76 -11.77
N SER E 315 -49.17 30.48 -10.53
CA SER E 315 -47.98 29.70 -10.23
C SER E 315 -48.42 28.43 -9.50
N MET E 316 -48.32 27.29 -10.18
CA MET E 316 -48.75 26.03 -9.58
C MET E 316 -47.87 25.62 -8.40
N ALA E 317 -46.58 25.99 -8.45
CA ALA E 317 -45.69 25.66 -7.33
C ALA E 317 -46.13 26.37 -6.06
N THR E 318 -46.50 27.65 -6.16
CA THR E 318 -47.03 28.36 -5.01
C THR E 318 -48.33 27.73 -4.53
N LEU E 319 -49.19 27.32 -5.47
CA LEU E 319 -50.42 26.63 -5.10
C LEU E 319 -50.11 25.41 -4.26
N LYS E 320 -49.17 24.58 -4.70
CA LYS E 320 -48.83 23.36 -3.97
C LYS E 320 -48.21 23.69 -2.62
N LYS E 321 -47.39 24.74 -2.56
CA LYS E 321 -46.73 25.08 -1.30
C LYS E 321 -47.74 25.57 -0.27
N ILE E 322 -48.69 26.42 -0.68
CA ILE E 322 -49.79 26.78 0.22
C ILE E 322 -50.60 25.56 0.60
N GLU E 323 -50.83 24.66 -0.37
CA GLU E 323 -51.58 23.45 -0.07
C GLU E 323 -50.94 22.67 1.06
N SER E 324 -49.64 22.40 0.93
CA SER E 324 -48.93 21.68 1.98
C SER E 324 -48.96 22.46 3.29
N ASN E 325 -48.77 23.78 3.24
CA ASN E 325 -48.73 24.56 4.45
C ASN E 325 -50.03 24.44 5.25
N PHE E 326 -51.18 24.62 4.59
CA PHE E 326 -52.43 24.59 5.34
C PHE E 326 -52.81 23.14 5.69
N ILE E 327 -52.53 22.19 4.80
CA ILE E 327 -52.71 20.80 5.22
C ILE E 327 -51.94 20.55 6.51
N LYS E 328 -50.77 21.17 6.65
CA LYS E 328 -49.98 21.00 7.87
C LYS E 328 -50.64 21.67 9.06
N GLN E 329 -51.06 22.94 8.92
CA GLN E 329 -51.47 23.67 10.12
C GLN E 329 -52.72 23.06 10.73
N ASN E 330 -53.69 22.64 9.91
CA ASN E 330 -54.90 21.99 10.40
C ASN E 330 -54.67 20.48 10.35
N ASN E 331 -54.10 19.96 11.43
CA ASN E 331 -53.91 18.52 11.58
C ASN E 331 -55.15 17.83 12.13
N ASN E 332 -56.15 18.58 12.58
CA ASN E 332 -57.34 17.97 13.16
C ASN E 332 -58.33 17.51 12.10
N VAL E 333 -58.30 18.12 10.92
CA VAL E 333 -59.23 17.80 9.84
C VAL E 333 -58.44 17.25 8.67
N LYS E 334 -57.37 16.51 8.97
CA LYS E 334 -56.49 16.00 7.92
C LYS E 334 -57.26 15.29 6.82
N ILE E 335 -58.28 14.51 7.20
CA ILE E 335 -58.94 13.64 6.24
C ILE E 335 -59.53 14.45 5.09
N PHE E 336 -59.92 15.69 5.35
CA PHE E 336 -60.63 16.49 4.36
C PHE E 336 -59.96 17.83 4.06
N ALA E 337 -58.64 17.92 4.28
CA ALA E 337 -57.96 19.20 4.18
C ALA E 337 -58.09 19.78 2.78
N LYS E 338 -57.78 18.98 1.75
CA LYS E 338 -57.78 19.51 0.39
C LYS E 338 -59.18 19.93 -0.04
N LEU E 339 -60.20 19.22 0.43
CA LEU E 339 -61.55 19.61 0.07
C LEU E 339 -61.94 20.90 0.80
N LEU E 340 -61.43 21.08 2.01
CA LEU E 340 -61.59 22.38 2.67
C LEU E 340 -60.96 23.47 1.83
N PHE E 341 -59.75 23.23 1.31
CA PHE E 341 -59.14 24.15 0.35
C PHE E 341 -60.14 24.47 -0.75
N ASN E 342 -60.62 23.41 -1.40
CA ASN E 342 -61.45 23.52 -2.58
C ASN E 342 -62.68 24.40 -2.31
N ILE E 343 -63.22 24.31 -1.10
CA ILE E 343 -64.35 25.17 -0.76
C ILE E 343 -63.94 26.64 -0.85
N ASP E 344 -62.77 26.97 -0.31
CA ASP E 344 -62.34 28.36 -0.22
C ASP E 344 -61.79 28.90 -1.53
N SER E 345 -61.55 28.05 -2.52
CA SER E 345 -61.00 28.49 -3.79
C SER E 345 -62.00 28.41 -4.94
N HIS E 346 -63.07 27.63 -4.80
CA HIS E 346 -64.03 27.43 -5.86
C HIS E 346 -65.30 28.25 -5.59
N ASN E 347 -65.84 28.85 -6.64
CA ASN E 347 -67.03 29.66 -6.50
C ASN E 347 -68.25 28.79 -6.21
N PRO E 348 -69.26 29.34 -5.54
CA PRO E 348 -70.45 28.55 -5.23
C PRO E 348 -71.23 28.18 -6.47
N LYS E 349 -71.90 27.03 -6.41
CA LYS E 349 -72.76 26.56 -7.48
C LYS E 349 -74.01 25.93 -6.88
N GLN E 350 -75.08 25.91 -7.66
CA GLN E 350 -76.36 25.42 -7.15
C GLN E 350 -76.27 23.94 -6.79
N PHE E 351 -77.03 23.57 -5.76
CA PHE E 351 -77.05 22.21 -5.26
C PHE E 351 -77.79 21.29 -6.22
N GLN E 352 -77.28 20.05 -6.33
CA GLN E 352 -77.87 19.02 -7.18
C GLN E 352 -78.07 17.76 -6.35
N LEU E 353 -79.21 17.11 -6.54
CA LEU E 353 -79.39 15.78 -5.98
C LEU E 353 -78.46 14.78 -6.67
N PRO E 354 -78.19 13.63 -6.02
CA PRO E 354 -77.23 12.68 -6.57
C PRO E 354 -77.49 12.36 -8.03
N ASN E 355 -76.49 12.61 -8.87
CA ASN E 355 -76.58 12.37 -10.30
C ASN E 355 -76.22 10.94 -10.67
N TYR E 356 -76.40 9.98 -9.75
CA TYR E 356 -76.17 8.58 -10.07
C TYR E 356 -76.80 8.21 -11.40
N ILE E 357 -77.91 8.84 -11.76
CA ILE E 357 -78.54 8.59 -13.05
C ILE E 357 -77.71 9.22 -14.17
N LYS E 358 -77.18 10.41 -13.94
CA LYS E 358 -76.43 11.13 -14.96
C LYS E 358 -75.34 11.98 -14.34
N GLU F 78 32.44 -28.82 -20.51
CA GLU F 78 31.18 -29.49 -20.06
C GLU F 78 31.11 -30.93 -20.53
N GLU F 79 31.35 -31.87 -19.61
CA GLU F 79 31.21 -33.27 -19.94
C GLU F 79 29.76 -33.58 -20.28
N GLU F 80 29.56 -34.42 -21.30
CA GLU F 80 28.22 -34.70 -21.78
C GLU F 80 27.40 -35.37 -20.66
N PRO F 81 26.09 -35.15 -20.64
CA PRO F 81 25.26 -35.78 -19.60
C PRO F 81 25.18 -37.29 -19.79
N LYS F 82 26.27 -37.97 -19.45
CA LYS F 82 26.39 -39.39 -19.73
C LYS F 82 25.27 -40.18 -19.04
N GLU F 83 24.72 -41.16 -19.76
CA GLU F 83 23.67 -42.01 -19.21
C GLU F 83 24.33 -43.01 -18.27
N LEU F 84 24.12 -42.82 -16.96
CA LEU F 84 24.95 -43.44 -15.93
C LEU F 84 25.30 -44.90 -16.21
N LEU F 85 24.33 -45.69 -16.68
CA LEU F 85 24.56 -47.13 -16.77
C LEU F 85 25.86 -47.43 -17.49
N GLU F 86 26.13 -46.69 -18.56
CA GLU F 86 27.40 -46.79 -19.28
C GLU F 86 27.78 -48.25 -19.52
N LYS F 87 26.89 -48.95 -20.21
CA LYS F 87 27.09 -50.36 -20.49
C LYS F 87 28.42 -50.57 -21.20
N ASP F 88 29.12 -51.62 -20.80
CA ASP F 88 30.50 -51.85 -21.24
C ASP F 88 30.58 -52.82 -22.42
N SER F 89 30.08 -54.06 -22.27
CA SER F 89 30.27 -55.07 -23.29
C SER F 89 28.97 -55.47 -23.96
N LYS F 90 27.99 -55.96 -23.20
CA LYS F 90 26.73 -56.45 -23.77
C LYS F 90 25.56 -56.03 -22.90
N GLY F 91 25.61 -54.80 -22.39
CA GLY F 91 24.60 -54.38 -21.43
C GLY F 91 24.82 -54.94 -20.05
N ASN F 92 26.02 -55.44 -19.76
CA ASN F 92 26.32 -55.94 -18.42
C ASN F 92 26.40 -54.82 -17.40
N ILE F 93 26.58 -53.58 -17.84
CA ILE F 93 26.61 -52.43 -16.94
C ILE F 93 27.66 -52.65 -15.86
N ILE F 94 28.72 -53.39 -16.19
CA ILE F 94 29.71 -53.72 -15.17
C ILE F 94 30.36 -52.46 -14.63
N LYS F 95 30.46 -51.41 -15.45
CA LYS F 95 31.03 -50.14 -15.03
C LYS F 95 29.94 -49.07 -15.01
N LEU F 96 30.06 -48.17 -14.04
CA LEU F 96 29.12 -47.09 -13.85
C LEU F 96 29.82 -45.76 -14.08
N ASN F 97 29.03 -44.68 -14.05
CA ASN F 97 29.57 -43.32 -14.08
C ASN F 97 28.58 -42.44 -13.34
N GLU F 98 28.85 -42.18 -12.07
CA GLU F 98 27.92 -41.39 -11.27
C GLU F 98 27.91 -39.95 -11.78
N PRO F 99 26.75 -39.31 -11.86
CA PRO F 99 26.71 -37.90 -12.23
C PRO F 99 27.49 -37.03 -11.26
N SER F 100 28.11 -35.98 -11.81
CA SER F 100 28.76 -34.98 -10.98
C SER F 100 27.71 -34.20 -10.22
N THR F 101 27.93 -34.02 -8.91
CA THR F 101 26.97 -33.29 -8.09
C THR F 101 27.16 -31.79 -8.27
N ILE F 102 28.33 -31.28 -7.90
CA ILE F 102 28.67 -29.86 -7.94
C ILE F 102 27.45 -28.98 -7.74
N SER F 103 26.48 -29.06 -8.64
CA SER F 103 25.21 -28.38 -8.44
C SER F 103 24.36 -29.17 -7.45
N GLU F 104 23.16 -28.67 -7.15
CA GLU F 104 22.38 -29.21 -6.05
C GLU F 104 23.24 -29.30 -4.80
N ASP F 105 24.25 -28.44 -4.74
CA ASP F 105 25.29 -28.39 -3.74
C ASP F 105 25.98 -27.05 -3.94
N SER F 106 26.12 -26.28 -2.86
CA SER F 106 26.32 -24.85 -2.99
C SER F 106 25.06 -24.18 -3.53
N LYS F 107 23.93 -24.89 -3.43
CA LYS F 107 22.67 -24.38 -3.95
C LYS F 107 22.18 -23.16 -3.18
N VAL F 108 22.69 -22.95 -1.97
CA VAL F 108 22.36 -21.76 -1.19
C VAL F 108 20.85 -21.66 -1.01
N SER F 109 20.18 -22.81 -0.99
CA SER F 109 18.73 -22.86 -0.76
C SER F 109 18.52 -23.65 0.54
N VAL F 110 18.69 -22.95 1.66
CA VAL F 110 18.63 -23.60 2.97
C VAL F 110 17.71 -22.81 3.90
N THR F 111 17.35 -21.59 3.47
CA THR F 111 16.95 -20.51 4.36
C THR F 111 18.18 -19.88 5.01
N GLY F 112 19.37 -20.36 4.67
CA GLY F 112 20.63 -19.71 5.01
C GLY F 112 21.59 -19.81 3.84
N LEU F 113 22.78 -20.33 4.10
CA LEU F 113 23.78 -20.65 3.10
C LEU F 113 23.77 -22.15 2.83
N PRO F 114 24.50 -22.62 1.81
CA PRO F 114 24.35 -24.03 1.39
C PRO F 114 24.33 -25.01 2.57
N LEU F 115 23.65 -26.13 2.35
CA LEU F 115 23.39 -27.10 3.40
C LEU F 115 24.64 -27.81 3.87
N ASN F 116 25.69 -27.88 3.03
CA ASN F 116 26.90 -28.61 3.34
C ASN F 116 27.91 -27.72 4.05
N LYS F 117 27.58 -26.45 4.27
CA LYS F 117 28.47 -25.50 4.91
C LYS F 117 27.90 -25.05 6.24
N GLY F 118 28.79 -24.83 7.21
CA GLY F 118 28.39 -24.41 8.53
C GLY F 118 28.02 -22.95 8.58
N PRO F 119 27.55 -22.50 9.74
CA PRO F 119 27.06 -21.13 9.85
C PRO F 119 28.15 -20.12 9.53
N SER F 120 27.74 -19.01 8.92
CA SER F 120 28.68 -18.01 8.44
C SER F 120 29.33 -17.29 9.62
N GLU F 121 30.49 -16.68 9.34
CA GLU F 121 31.20 -15.94 10.39
C GLU F 121 30.35 -14.80 10.92
N LYS F 122 29.63 -14.09 10.04
CA LYS F 122 28.72 -13.04 10.48
C LYS F 122 27.66 -13.62 11.41
N ILE F 123 27.00 -14.70 10.96
CA ILE F 123 25.96 -15.31 11.78
C ILE F 123 26.55 -15.80 13.09
N LYS F 124 27.76 -16.36 13.03
CA LYS F 124 28.42 -16.78 14.26
C LYS F 124 28.56 -15.61 15.22
N ARG F 125 29.16 -14.52 14.76
CA ARG F 125 29.43 -13.39 15.65
C ARG F 125 28.15 -12.81 16.22
N GLU F 126 27.11 -12.71 15.39
CA GLU F 126 25.85 -12.15 15.85
C GLU F 126 25.14 -13.08 16.82
N SER F 127 25.30 -14.39 16.64
CA SER F 127 24.46 -15.37 17.32
C SER F 127 25.06 -15.88 18.62
N LEU F 128 26.34 -16.20 18.64
CA LEU F 128 26.92 -16.79 19.84
C LEU F 128 26.74 -15.84 21.03
N TRP F 129 27.01 -16.38 22.22
CA TRP F 129 26.85 -15.67 23.47
C TRP F 129 28.12 -14.92 23.88
N ASN F 130 28.94 -14.53 22.91
CA ASN F 130 30.25 -13.92 23.18
C ASN F 130 31.16 -14.93 23.86
N ASN F 163 25.14 -40.15 24.95
CA ASN F 163 23.99 -40.81 25.54
C ASN F 163 23.20 -41.57 24.48
N ARG F 164 23.89 -41.95 23.40
CA ARG F 164 23.23 -42.64 22.30
C ARG F 164 22.68 -44.00 22.73
N ASN F 165 23.29 -44.63 23.73
CA ASN F 165 22.81 -45.92 24.20
C ASN F 165 21.42 -45.84 24.83
N ASP F 166 20.95 -44.63 25.15
CA ASP F 166 19.64 -44.44 25.73
C ASP F 166 18.57 -44.17 24.67
N LEU F 167 18.93 -44.26 23.39
CA LEU F 167 18.00 -43.95 22.30
C LEU F 167 17.12 -45.17 22.03
N LYS F 168 15.87 -45.10 22.44
CA LYS F 168 14.90 -46.17 22.19
C LYS F 168 14.09 -45.88 20.93
N THR F 169 14.81 -45.69 19.83
CA THR F 169 14.20 -45.40 18.53
C THR F 169 14.37 -46.52 17.53
N PHE F 170 15.58 -47.07 17.40
CA PHE F 170 15.77 -48.20 16.50
C PHE F 170 14.85 -49.36 16.85
N LEU F 171 14.43 -49.44 18.12
CA LEU F 171 13.49 -50.45 18.56
C LEU F 171 12.06 -49.96 18.33
N THR F 172 11.73 -49.78 17.06
CA THR F 172 10.37 -49.43 16.65
C THR F 172 9.85 -50.34 15.55
N GLU F 173 10.71 -50.76 14.62
CA GLU F 173 10.26 -51.66 13.57
C GLU F 173 9.87 -53.03 14.13
N ASN F 174 10.49 -53.44 15.23
CA ASN F 174 10.24 -54.76 15.79
C ASN F 174 9.08 -54.79 16.77
N MET F 175 8.46 -53.64 17.06
CA MET F 175 7.23 -53.61 17.85
C MET F 175 6.07 -52.96 17.11
N THR F 176 6.25 -52.61 15.84
CA THR F 176 5.16 -52.09 15.03
C THR F 176 4.55 -53.25 14.24
N GLU F 177 3.25 -53.49 14.44
CA GLU F 177 2.56 -54.58 13.79
C GLU F 177 1.74 -54.04 12.63
N GLU F 178 2.03 -54.53 11.42
CA GLU F 178 1.24 -54.17 10.26
C GLU F 178 -0.23 -54.38 10.57
N SER F 179 -1.01 -53.30 10.49
CA SER F 179 -2.41 -53.32 10.90
C SER F 179 -3.29 -53.29 9.65
N ASN F 180 -4.19 -54.27 9.56
CA ASN F 180 -5.18 -54.30 8.47
C ASN F 180 -6.46 -54.90 9.03
N ILE F 181 -7.33 -54.04 9.51
CA ILE F 181 -8.69 -54.38 9.91
C ILE F 181 -9.56 -53.37 9.21
N ARG F 182 -10.84 -53.28 9.56
CA ARG F 182 -11.79 -52.36 8.93
C ARG F 182 -12.10 -52.84 7.52
N SER F 183 -12.73 -51.99 6.70
CA SER F 183 -13.17 -52.40 5.37
C SER F 183 -12.07 -53.17 4.64
N THR F 184 -10.97 -52.50 4.32
CA THR F 184 -9.74 -53.16 3.90
C THR F 184 -9.90 -54.03 2.65
N ILE F 185 -11.09 -54.07 2.06
CA ILE F 185 -11.31 -54.86 0.86
C ILE F 185 -11.24 -53.92 -0.33
N GLY F 186 -10.66 -52.73 -0.11
CA GLY F 186 -10.77 -51.65 -1.07
C GLY F 186 -12.19 -51.17 -1.25
N TRP F 187 -13.13 -51.70 -0.48
CA TRP F 187 -14.56 -51.46 -0.69
C TRP F 187 -14.88 -51.49 -2.18
N ASN F 188 -14.40 -52.53 -2.85
CA ASN F 188 -14.64 -52.68 -4.28
C ASN F 188 -16.14 -52.71 -4.56
N GLY F 189 -16.56 -51.95 -5.56
CA GLY F 189 -17.94 -51.86 -5.96
C GLY F 189 -18.40 -50.42 -6.02
N ASP F 190 -19.64 -50.23 -6.45
CA ASP F 190 -20.24 -48.91 -6.64
C ASP F 190 -19.22 -47.86 -7.07
N GLU F 258 3.34 -5.74 -25.44
CA GLU F 258 3.01 -6.76 -26.43
C GLU F 258 1.56 -7.20 -26.32
N ASN F 259 1.17 -7.66 -25.13
CA ASN F 259 -0.17 -8.14 -24.88
C ASN F 259 -0.71 -7.53 -23.59
N GLU F 260 -2.01 -7.24 -23.60
CA GLU F 260 -2.64 -6.61 -22.44
C GLU F 260 -2.60 -7.53 -21.24
N ASP F 261 -2.45 -6.94 -20.05
CA ASP F 261 -2.36 -7.69 -18.81
C ASP F 261 -3.70 -7.87 -18.10
N PHE F 262 -4.78 -7.32 -18.66
CA PHE F 262 -6.10 -7.41 -18.07
C PHE F 262 -7.10 -7.91 -19.10
N CYS F 263 -8.06 -8.72 -18.65
CA CYS F 263 -9.04 -9.28 -19.56
C CYS F 263 -9.91 -8.15 -20.13
N SER F 264 -9.92 -8.03 -21.45
CA SER F 264 -10.61 -6.93 -22.11
C SER F 264 -12.11 -7.05 -21.97
N ALA F 265 -12.59 -8.21 -21.52
CA ALA F 265 -14.02 -8.47 -21.39
C ALA F 265 -14.56 -8.15 -20.01
N CYS F 266 -13.89 -8.63 -18.96
CA CYS F 266 -14.30 -8.36 -17.59
C CYS F 266 -13.36 -7.41 -16.85
N ASN F 267 -12.26 -6.99 -17.48
CA ASN F 267 -11.34 -6.03 -16.90
C ASN F 267 -10.80 -6.54 -15.55
N GLN F 268 -10.12 -7.68 -15.63
CA GLN F 268 -9.52 -8.29 -14.45
C GLN F 268 -8.33 -9.13 -14.90
N SER F 269 -7.65 -9.74 -13.93
CA SER F 269 -6.41 -10.45 -14.18
C SER F 269 -6.63 -11.95 -14.16
N GLY F 270 -5.71 -12.67 -14.79
CA GLY F 270 -5.77 -14.11 -14.84
C GLY F 270 -5.03 -14.65 -16.05
N SER F 271 -5.17 -15.95 -16.26
CA SER F 271 -4.61 -16.58 -17.44
C SER F 271 -5.32 -16.07 -18.69
N PHE F 272 -4.56 -15.91 -19.76
CA PHE F 272 -5.07 -15.25 -20.95
C PHE F 272 -4.67 -16.00 -22.21
N LEU F 273 -5.58 -16.02 -23.18
CA LEU F 273 -5.29 -16.51 -24.53
C LEU F 273 -5.03 -15.29 -25.40
N CYS F 274 -3.83 -14.72 -25.24
CA CYS F 274 -3.48 -13.50 -25.95
C CYS F 274 -3.60 -13.71 -27.46
N CYS F 275 -4.18 -12.72 -28.13
CA CYS F 275 -4.34 -12.78 -29.57
C CYS F 275 -3.00 -12.57 -30.27
N ASP F 276 -2.74 -13.38 -31.30
CA ASP F 276 -1.58 -13.15 -32.14
C ASP F 276 -1.69 -11.83 -32.89
N THR F 277 -2.90 -11.48 -33.35
CA THR F 277 -3.09 -10.27 -34.12
C THR F 277 -3.45 -9.09 -33.21
N CYS F 278 -4.55 -9.21 -32.47
CA CYS F 278 -4.99 -8.05 -31.71
C CYS F 278 -4.17 -7.91 -30.43
N PRO F 279 -4.01 -6.68 -29.92
CA PRO F 279 -3.33 -6.50 -28.63
C PRO F 279 -4.21 -6.80 -27.43
N LYS F 280 -5.51 -6.95 -27.62
CA LYS F 280 -6.41 -7.23 -26.52
C LYS F 280 -6.20 -8.66 -26.01
N SER F 281 -6.62 -8.87 -24.76
CA SER F 281 -6.46 -10.16 -24.10
C SER F 281 -7.73 -10.49 -23.33
N PHE F 282 -8.03 -11.79 -23.26
CA PHE F 282 -9.26 -12.26 -22.61
C PHE F 282 -8.94 -13.44 -21.71
N HIS F 283 -9.83 -13.68 -20.75
CA HIS F 283 -9.81 -14.92 -20.02
C HIS F 283 -10.22 -16.06 -20.95
N PHE F 284 -10.10 -17.29 -20.45
CA PHE F 284 -10.57 -18.43 -21.21
C PHE F 284 -12.07 -18.65 -21.04
N LEU F 285 -12.63 -18.23 -19.91
CA LEU F 285 -14.06 -18.35 -19.65
C LEU F 285 -14.80 -17.06 -19.96
N CYS F 286 -14.10 -16.05 -20.49
CA CYS F 286 -14.72 -14.82 -20.92
C CYS F 286 -14.87 -14.71 -22.43
N LEU F 287 -14.28 -15.62 -23.19
CA LEU F 287 -14.44 -15.63 -24.64
C LEU F 287 -15.84 -16.12 -24.99
N ASP F 288 -16.11 -16.26 -26.28
CA ASP F 288 -17.40 -16.76 -26.74
C ASP F 288 -17.25 -17.65 -27.96
N PRO F 289 -17.55 -18.95 -27.86
CA PRO F 289 -17.96 -19.68 -26.65
C PRO F 289 -16.80 -19.79 -25.68
N PRO F 290 -17.04 -20.02 -24.40
CA PRO F 290 -15.92 -20.23 -23.47
C PRO F 290 -15.06 -21.40 -23.91
N ILE F 291 -13.74 -21.25 -23.77
CA ILE F 291 -12.77 -22.22 -24.26
C ILE F 291 -12.11 -22.89 -23.08
N ASP F 292 -11.98 -24.20 -23.13
CA ASP F 292 -11.34 -24.94 -22.05
C ASP F 292 -9.83 -24.74 -22.11
N PRO F 293 -9.16 -24.47 -20.98
CA PRO F 293 -7.71 -24.22 -21.05
C PRO F 293 -6.92 -25.39 -21.58
N ASN F 294 -7.32 -26.63 -21.29
CA ASN F 294 -6.60 -27.80 -21.76
C ASN F 294 -7.04 -28.26 -23.14
N ASN F 295 -8.10 -27.69 -23.69
CA ASN F 295 -8.59 -28.07 -25.01
C ASN F 295 -8.55 -26.88 -25.95
N LEU F 296 -7.45 -26.14 -25.94
CA LEU F 296 -7.35 -24.95 -26.75
C LEU F 296 -7.44 -25.33 -28.23
N PRO F 297 -8.05 -24.48 -29.07
CA PRO F 297 -7.92 -24.70 -30.51
C PRO F 297 -6.48 -24.60 -31.00
N LYS F 298 -5.62 -23.92 -30.23
CA LYS F 298 -4.21 -23.82 -30.55
C LYS F 298 -4.01 -23.16 -31.92
N GLY F 299 -2.83 -23.32 -32.51
CA GLY F 299 -2.55 -22.63 -33.76
C GLY F 299 -2.60 -21.13 -33.53
N ASP F 300 -3.43 -20.45 -34.34
CA ASP F 300 -3.60 -19.01 -34.22
C ASP F 300 -5.07 -18.71 -33.99
N TRP F 301 -5.35 -17.87 -32.98
CA TRP F 301 -6.70 -17.48 -32.62
C TRP F 301 -6.85 -15.98 -32.80
N HIS F 302 -7.95 -15.57 -33.41
CA HIS F 302 -8.25 -14.16 -33.63
C HIS F 302 -9.44 -13.74 -32.80
N CYS F 303 -9.39 -12.50 -32.32
CA CYS F 303 -10.51 -11.90 -31.63
C CYS F 303 -11.59 -11.52 -32.64
N ASN F 304 -12.80 -11.25 -32.14
CA ASN F 304 -13.89 -10.88 -33.03
C ASN F 304 -13.54 -9.65 -33.85
N GLU F 305 -12.85 -8.68 -33.24
CA GLU F 305 -12.52 -7.44 -33.94
C GLU F 305 -11.58 -7.68 -35.10
N CYS F 306 -10.51 -8.47 -34.90
CA CYS F 306 -9.60 -8.73 -36.02
C CYS F 306 -10.23 -9.64 -37.07
N LYS F 307 -11.06 -10.58 -36.63
CA LYS F 307 -11.79 -11.39 -37.60
C LYS F 307 -12.66 -10.50 -38.49
N PHE F 308 -13.36 -9.54 -37.88
CA PHE F 308 -14.14 -8.58 -38.67
C PHE F 308 -13.25 -7.71 -39.54
N LYS F 309 -12.08 -7.33 -39.03
CA LYS F 309 -11.16 -6.50 -39.81
C LYS F 309 -10.74 -7.22 -41.09
N ILE F 310 -10.39 -8.49 -40.98
CA ILE F 310 -10.00 -9.25 -42.17
C ILE F 310 -11.20 -9.63 -43.01
N PHE F 311 -12.38 -9.72 -42.41
CA PHE F 311 -13.61 -10.04 -43.15
C PHE F 311 -14.18 -8.83 -43.87
N ILE F 312 -13.73 -7.62 -43.52
CA ILE F 312 -14.28 -6.40 -44.08
C ILE F 312 -13.26 -5.65 -44.93
N ASN F 313 -11.96 -5.84 -44.70
CA ASN F 313 -10.90 -5.17 -45.44
C ASN F 313 -10.82 -3.68 -45.11
N ASN F 314 -11.62 -3.20 -44.16
CA ASN F 314 -11.58 -1.85 -43.62
C ASN F 314 -12.14 -0.80 -44.57
N SER F 315 -12.47 -1.16 -45.82
CA SER F 315 -13.08 -0.22 -46.73
C SER F 315 -14.58 -0.17 -46.48
N MET F 316 -15.18 0.97 -46.85
CA MET F 316 -16.56 1.24 -46.45
C MET F 316 -17.55 0.71 -47.49
N ALA F 317 -17.16 0.67 -48.76
CA ALA F 317 -18.10 0.24 -49.80
C ALA F 317 -18.42 -1.25 -49.67
N THR F 318 -17.41 -2.08 -49.47
CA THR F 318 -17.66 -3.51 -49.29
C THR F 318 -18.44 -3.76 -48.00
N LEU F 319 -18.10 -3.03 -46.94
CA LEU F 319 -18.86 -3.17 -45.70
C LEU F 319 -20.32 -2.78 -45.92
N LYS F 320 -20.57 -1.77 -46.75
CA LYS F 320 -21.93 -1.41 -47.09
C LYS F 320 -22.61 -2.53 -47.86
N LYS F 321 -21.96 -3.04 -48.90
CA LYS F 321 -22.52 -4.14 -49.67
C LYS F 321 -22.81 -5.36 -48.81
N ILE F 322 -22.10 -5.51 -47.69
CA ILE F 322 -22.33 -6.65 -46.81
C ILE F 322 -23.46 -6.35 -45.83
N GLU F 323 -23.41 -5.19 -45.19
CA GLU F 323 -24.35 -4.88 -44.11
C GLU F 323 -25.75 -4.57 -44.65
N SER F 324 -25.85 -3.88 -45.78
CA SER F 324 -27.16 -3.66 -46.38
C SER F 324 -27.79 -4.99 -46.80
N ASN F 325 -26.99 -5.90 -47.33
CA ASN F 325 -27.50 -7.24 -47.63
C ASN F 325 -27.99 -7.93 -46.36
N PHE F 326 -27.20 -7.85 -45.29
CA PHE F 326 -27.63 -8.43 -44.02
C PHE F 326 -28.99 -7.87 -43.61
N ILE F 327 -29.14 -6.54 -43.67
CA ILE F 327 -30.41 -5.92 -43.30
C ILE F 327 -31.53 -6.42 -44.19
N LYS F 328 -31.28 -6.51 -45.49
CA LYS F 328 -32.32 -6.96 -46.42
C LYS F 328 -32.76 -8.38 -46.09
N GLN F 329 -31.80 -9.26 -45.79
CA GLN F 329 -32.13 -10.64 -45.48
C GLN F 329 -32.80 -10.78 -44.11
N ASN F 330 -32.78 -9.73 -43.30
CA ASN F 330 -33.36 -9.74 -41.96
C ASN F 330 -34.60 -8.86 -41.88
N ASN F 331 -35.33 -8.74 -43.00
CA ASN F 331 -36.46 -7.84 -43.05
C ASN F 331 -37.52 -8.18 -42.01
N ASN F 332 -37.69 -9.45 -41.68
CA ASN F 332 -38.68 -9.81 -40.67
C ASN F 332 -38.45 -9.07 -39.36
N VAL F 333 -37.20 -8.78 -39.02
CA VAL F 333 -36.85 -8.07 -37.80
C VAL F 333 -36.06 -6.82 -38.16
N LYS F 334 -36.39 -6.20 -39.30
CA LYS F 334 -35.67 -5.02 -39.75
C LYS F 334 -35.62 -3.98 -38.64
N ILE F 335 -36.67 -3.92 -37.81
CA ILE F 335 -36.69 -2.99 -36.70
C ILE F 335 -35.48 -3.17 -35.80
N PHE F 336 -34.95 -4.39 -35.72
CA PHE F 336 -33.75 -4.68 -34.96
C PHE F 336 -32.51 -4.89 -35.82
N ALA F 337 -32.60 -4.61 -37.12
CA ALA F 337 -31.58 -5.01 -38.09
C ALA F 337 -30.16 -4.69 -37.65
N LYS F 338 -29.84 -3.41 -37.49
CA LYS F 338 -28.47 -3.01 -37.22
C LYS F 338 -27.99 -3.48 -35.85
N LEU F 339 -28.90 -3.58 -34.87
CA LEU F 339 -28.52 -4.17 -33.59
C LEU F 339 -28.01 -5.59 -33.78
N LEU F 340 -28.74 -6.39 -34.57
CA LEU F 340 -28.28 -7.73 -34.90
C LEU F 340 -26.95 -7.68 -35.63
N PHE F 341 -26.82 -6.74 -36.57
CA PHE F 341 -25.62 -6.67 -37.39
C PHE F 341 -24.38 -6.42 -36.55
N ASN F 342 -24.46 -5.50 -35.60
CA ASN F 342 -23.27 -5.01 -34.92
C ASN F 342 -22.73 -5.98 -33.88
N ILE F 343 -23.49 -7.02 -33.52
CA ILE F 343 -22.99 -7.99 -32.54
C ILE F 343 -21.75 -8.68 -33.07
N ASP F 344 -21.77 -9.08 -34.34
CA ASP F 344 -20.68 -9.88 -34.90
C ASP F 344 -19.34 -9.17 -34.77
N SER F 345 -19.33 -7.84 -34.81
CA SER F 345 -18.10 -7.06 -34.82
C SER F 345 -17.61 -6.70 -33.43
N HIS F 346 -18.24 -7.22 -32.38
CA HIS F 346 -17.92 -6.85 -31.01
C HIS F 346 -17.35 -8.04 -30.26
N ASN F 347 -16.26 -7.82 -29.53
CA ASN F 347 -15.72 -8.83 -28.65
C ASN F 347 -16.63 -9.01 -27.43
N PRO F 348 -16.56 -10.16 -26.77
CA PRO F 348 -17.39 -10.37 -25.58
C PRO F 348 -17.08 -9.33 -24.52
N LYS F 349 -18.11 -8.92 -23.80
CA LYS F 349 -17.98 -7.89 -22.79
C LYS F 349 -18.80 -8.28 -21.56
N GLN F 350 -18.19 -8.18 -20.39
CA GLN F 350 -18.92 -8.47 -19.16
C GLN F 350 -20.06 -7.47 -18.98
N PHE F 351 -21.19 -7.96 -18.49
CA PHE F 351 -22.33 -7.07 -18.29
C PHE F 351 -22.15 -6.22 -17.05
N GLN F 352 -22.41 -4.93 -17.19
CA GLN F 352 -22.43 -4.02 -16.06
C GLN F 352 -23.55 -3.02 -16.28
N LEU F 353 -24.26 -2.69 -15.21
CA LEU F 353 -25.36 -1.75 -15.32
C LEU F 353 -24.83 -0.40 -15.80
N PRO F 354 -25.47 0.25 -16.76
CA PRO F 354 -25.10 1.63 -17.08
C PRO F 354 -25.39 2.55 -15.90
N ASN F 355 -24.63 3.64 -15.84
CA ASN F 355 -24.68 4.51 -14.67
C ASN F 355 -26.05 5.15 -14.47
N TYR F 356 -26.90 5.17 -15.49
CA TYR F 356 -28.18 5.84 -15.37
C TYR F 356 -29.18 5.06 -14.54
N ILE F 357 -28.85 3.85 -14.12
CA ILE F 357 -29.71 3.07 -13.24
C ILE F 357 -29.12 2.98 -11.83
N LYS F 358 -27.80 2.83 -11.73
CA LYS F 358 -27.17 2.86 -10.41
C LYS F 358 -27.35 4.21 -9.74
N GLU F 359 -27.30 5.30 -10.52
CA GLU F 359 -27.40 6.63 -9.93
C GLU F 359 -28.75 6.80 -9.22
N THR F 360 -29.76 6.05 -9.63
CA THR F 360 -31.08 6.16 -9.02
C THR F 360 -31.00 5.85 -7.53
N PHE F 361 -29.99 5.09 -7.13
CA PHE F 361 -29.78 4.72 -5.73
C PHE F 361 -28.44 5.27 -5.27
N PRO F 362 -28.42 6.41 -4.57
CA PRO F 362 -27.11 6.98 -4.17
C PRO F 362 -26.30 6.07 -3.28
N ALA F 363 -26.94 5.19 -2.52
CA ALA F 363 -26.22 4.36 -1.57
C ALA F 363 -25.24 3.43 -2.26
N VAL F 364 -25.66 2.82 -3.38
CA VAL F 364 -24.85 1.78 -3.99
C VAL F 364 -23.62 2.41 -4.64
N LYS F 365 -22.59 1.60 -4.83
CA LYS F 365 -21.35 2.05 -5.43
C LYS F 365 -20.56 0.85 -5.92
N THR F 366 -19.96 0.98 -7.10
CA THR F 366 -19.16 -0.10 -7.65
C THR F 366 -17.91 -0.30 -6.80
N GLY F 367 -17.29 -1.46 -6.96
CA GLY F 367 -16.07 -1.82 -6.26
C GLY F 367 -14.84 -1.73 -7.15
N SER F 368 -13.73 -2.27 -6.64
CA SER F 368 -12.46 -2.15 -7.34
C SER F 368 -12.50 -2.83 -8.71
N ARG F 369 -12.99 -4.07 -8.76
CA ARG F 369 -13.10 -4.82 -10.00
C ARG F 369 -14.55 -5.19 -10.29
N GLY F 370 -15.49 -4.35 -9.88
CA GLY F 370 -16.89 -4.67 -10.00
C GLY F 370 -17.51 -5.28 -8.76
N GLN F 371 -16.82 -5.27 -7.63
CA GLN F 371 -17.43 -5.73 -6.40
C GLN F 371 -18.48 -4.71 -5.98
N TYR F 372 -19.74 -5.04 -6.23
CA TYR F 372 -20.82 -4.07 -6.17
C TYR F 372 -21.22 -3.88 -4.71
N SER F 373 -20.86 -2.73 -4.15
CA SER F 373 -20.92 -2.47 -2.72
C SER F 373 -22.09 -1.54 -2.37
N ASP F 374 -22.43 -1.52 -1.09
CA ASP F 374 -23.51 -0.71 -0.57
C ASP F 374 -22.98 0.14 0.58
N GLU F 375 -23.89 0.85 1.25
CA GLU F 375 -23.53 1.58 2.46
C GLU F 375 -23.13 0.67 3.60
N ASN F 376 -23.48 -0.61 3.53
CA ASN F 376 -23.24 -1.56 4.62
C ASN F 376 -21.83 -2.14 4.60
N ASP F 377 -21.01 -1.79 3.61
CA ASP F 377 -19.67 -2.34 3.49
C ASP F 377 -18.65 -1.38 4.08
N LYS F 378 -17.83 -1.89 4.99
CA LYS F 378 -16.85 -1.06 5.68
C LYS F 378 -15.79 -0.56 4.71
N ILE F 379 -15.33 0.66 4.96
CA ILE F 379 -14.23 1.18 4.14
C ILE F 379 -13.01 0.28 4.33
N PRO F 380 -12.36 -0.18 3.27
CA PRO F 380 -11.22 -1.10 3.44
C PRO F 380 -10.07 -0.40 4.16
N LEU F 381 -9.37 -1.17 5.00
CA LEU F 381 -8.19 -0.66 5.67
C LEU F 381 -6.98 -0.74 4.74
N THR F 382 -6.01 0.13 4.99
CA THR F 382 -4.79 0.16 4.20
C THR F 382 -3.74 -0.76 4.81
N ASP F 383 -2.70 -1.05 4.02
CA ASP F 383 -1.60 -1.85 4.53
C ASP F 383 -0.89 -1.16 5.69
N ARG F 384 -0.88 0.17 5.70
CA ARG F 384 -0.28 0.90 6.81
C ARG F 384 -1.01 0.62 8.11
N GLN F 385 -2.32 0.42 8.06
CA GLN F 385 -3.13 0.20 9.25
C GLN F 385 -3.11 -1.24 9.75
N LEU F 386 -2.59 -2.17 8.95
CA LEU F 386 -2.60 -3.58 9.33
C LEU F 386 -1.20 -4.15 9.43
N PHE F 387 -0.39 -3.94 8.38
CA PHE F 387 0.93 -4.58 8.31
C PHE F 387 2.02 -3.76 8.99
N ASN F 388 1.74 -2.50 9.33
CA ASN F 388 2.73 -1.63 9.96
C ASN F 388 2.42 -1.30 11.40
N THR F 389 1.22 -1.60 11.88
CA THR F 389 0.86 -1.32 13.26
C THR F 389 1.77 -2.10 14.21
N SER F 390 2.32 -1.41 15.21
CA SER F 390 3.25 -2.03 16.14
C SER F 390 2.49 -2.86 17.17
N TYR F 391 3.24 -3.53 18.04
CA TYR F 391 2.65 -4.41 19.03
C TYR F 391 1.69 -3.62 19.92
N GLY F 392 0.41 -3.92 19.81
CA GLY F 392 -0.63 -3.20 20.53
C GLY F 392 -1.51 -2.32 19.68
N GLN F 393 -1.47 -2.44 18.34
CA GLN F 393 -2.26 -1.59 17.46
C GLN F 393 -2.87 -2.42 16.34
N SER F 394 -4.08 -2.01 15.93
CA SER F 394 -4.84 -2.55 14.79
C SER F 394 -5.92 -3.50 15.28
N ILE F 395 -6.03 -4.67 14.63
CA ILE F 395 -6.75 -5.79 15.24
C ILE F 395 -6.19 -6.06 16.62
N THR F 396 -4.98 -5.57 16.91
CA THR F 396 -4.30 -5.75 18.17
C THR F 396 -4.93 -4.96 19.29
N LYS F 397 -6.15 -4.45 19.15
CA LYS F 397 -6.86 -3.96 20.33
C LYS F 397 -7.43 -5.17 21.07
N LEU F 398 -6.57 -6.18 21.28
CA LEU F 398 -6.93 -7.34 22.07
C LEU F 398 -5.73 -7.81 22.89
N ASP F 399 -4.59 -7.11 22.82
CA ASP F 399 -3.34 -7.58 23.39
C ASP F 399 -2.86 -6.75 24.57
N SER F 400 -3.32 -5.51 24.73
CA SER F 400 -2.85 -4.65 25.79
C SER F 400 -3.99 -3.75 26.26
N TYR F 401 -3.84 -3.21 27.46
CA TYR F 401 -4.68 -2.12 27.92
C TYR F 401 -4.33 -0.80 27.25
N ASN F 402 -3.40 -0.82 26.30
CA ASN F 402 -3.00 0.38 25.56
C ASN F 402 -4.16 1.17 24.96
N PRO F 403 -5.17 0.54 24.35
CA PRO F 403 -6.32 1.30 23.85
C PRO F 403 -7.36 1.63 24.91
N ASP F 404 -6.89 2.20 26.02
CA ASP F 404 -7.81 2.80 26.98
C ASP F 404 -8.57 3.97 26.40
N THR F 405 -8.16 4.45 25.23
CA THR F 405 -8.85 5.55 24.56
C THR F 405 -10.13 5.04 23.91
N HIS F 406 -10.99 4.39 24.69
CA HIS F 406 -12.39 4.22 24.35
C HIS F 406 -13.21 5.30 25.05
N ILE F 407 -12.59 6.45 25.22
CA ILE F 407 -13.22 7.68 25.70
C ILE F 407 -13.69 8.46 24.48
N ASP F 408 -14.84 9.11 24.60
CA ASP F 408 -15.41 9.83 23.48
C ASP F 408 -14.40 10.84 22.94
N SER F 409 -13.92 10.60 21.71
CA SER F 409 -12.86 11.42 21.16
C SER F 409 -13.32 12.87 21.00
N ASN F 410 -14.47 13.08 20.36
CA ASN F 410 -14.89 14.44 20.04
C ASN F 410 -15.11 15.26 21.31
N SER F 411 -15.74 14.67 22.32
CA SER F 411 -16.09 15.40 23.53
C SER F 411 -15.13 15.16 24.68
N GLY F 412 -14.32 14.11 24.61
CA GLY F 412 -13.49 13.74 25.73
C GLY F 412 -14.22 13.04 26.85
N LYS F 413 -15.51 12.77 26.68
CA LYS F 413 -16.29 12.07 27.69
C LYS F 413 -16.17 10.56 27.47
N PHE F 414 -16.83 9.81 28.33
CA PHE F 414 -16.71 8.35 28.35
C PHE F 414 -17.80 7.74 27.47
N LEU F 415 -17.39 6.92 26.51
CA LEU F 415 -18.32 6.18 25.69
C LEU F 415 -19.06 5.18 26.57
N ILE F 416 -20.33 5.41 26.80
CA ILE F 416 -21.13 4.55 27.66
C ILE F 416 -21.87 3.55 26.79
N CYS F 417 -21.76 2.27 27.16
CA CYS F 417 -22.46 1.19 26.44
C CYS F 417 -23.94 1.26 26.76
N TYR F 418 -24.76 0.91 25.77
CA TYR F 418 -26.20 1.09 25.90
C TYR F 418 -26.83 0.13 26.90
N LYS F 419 -26.23 -1.03 27.14
CA LYS F 419 -26.85 -2.04 27.99
C LYS F 419 -26.41 -1.92 29.44
N CYS F 420 -25.10 -2.08 29.72
CA CYS F 420 -24.64 -1.98 31.10
C CYS F 420 -24.75 -0.54 31.59
N ASN F 421 -24.66 0.42 30.66
CA ASN F 421 -24.85 1.83 31.00
C ASN F 421 -23.66 2.37 31.77
N GLN F 422 -22.47 1.83 31.49
CA GLN F 422 -21.25 2.30 32.14
C GLN F 422 -20.08 1.97 31.24
N THR F 423 -18.97 2.68 31.43
CA THR F 423 -17.73 2.42 30.74
C THR F 423 -16.73 1.80 31.69
N ARG F 424 -16.15 0.68 31.29
CA ARG F 424 -15.19 -0.05 32.11
C ARG F 424 -13.81 0.09 31.48
N LEU F 425 -12.88 0.66 32.22
CA LEU F 425 -11.48 0.69 31.80
C LEU F 425 -10.52 0.29 32.90
N GLY F 426 -10.98 0.17 34.13
CA GLY F 426 -10.06 -0.22 35.18
C GLY F 426 -8.92 0.78 35.29
N SER F 427 -7.71 0.24 35.47
CA SER F 427 -6.51 1.05 35.55
C SER F 427 -5.39 0.34 34.82
N TRP F 428 -4.30 1.05 34.59
CA TRP F 428 -3.07 0.43 34.15
C TRP F 428 -2.54 -0.56 35.17
N SER F 429 -2.96 -0.43 36.43
CA SER F 429 -2.64 -1.40 37.47
C SER F 429 -3.73 -2.44 37.66
N HIS F 430 -4.78 -2.41 36.85
CA HIS F 430 -5.82 -3.42 36.91
C HIS F 430 -6.45 -3.55 35.53
N PRO F 431 -5.65 -3.81 34.49
CA PRO F 431 -6.23 -3.86 33.14
C PRO F 431 -7.25 -4.96 32.96
N GLU F 432 -7.25 -5.97 33.83
CA GLU F 432 -8.23 -7.05 33.75
C GLU F 432 -9.65 -6.57 34.04
N ASN F 433 -9.82 -5.40 34.65
CA ASN F 433 -11.15 -4.86 34.90
C ASN F 433 -11.72 -4.10 33.72
N SER F 434 -10.90 -3.78 32.71
CA SER F 434 -11.42 -3.11 31.53
C SER F 434 -12.23 -4.08 30.69
N ARG F 435 -13.27 -3.55 30.04
CA ARG F 435 -14.10 -4.33 29.14
C ARG F 435 -14.12 -3.64 27.79
N LEU F 436 -13.88 -4.39 26.73
CA LEU F 436 -13.80 -3.80 25.41
C LEU F 436 -15.13 -3.16 25.04
N ILE F 437 -15.05 -2.05 24.32
CA ILE F 437 -16.22 -1.32 23.87
C ILE F 437 -16.00 -0.95 22.41
N MET F 438 -17.09 -0.96 21.64
CA MET F 438 -17.03 -0.58 20.24
C MET F 438 -18.21 0.34 19.93
N THR F 439 -18.03 1.16 18.90
CA THR F 439 -19.04 2.09 18.45
C THR F 439 -19.64 1.59 17.14
N CYS F 440 -20.96 1.61 17.06
CA CYS F 440 -21.63 1.12 15.86
C CYS F 440 -21.27 1.98 14.66
N ASP F 441 -21.09 1.31 13.52
CA ASP F 441 -20.67 2.03 12.32
C ASP F 441 -21.80 2.90 11.78
N TYR F 442 -23.04 2.48 11.93
CA TYR F 442 -24.17 3.22 11.41
C TYR F 442 -24.56 4.37 12.33
N CYS F 443 -24.98 4.05 13.54
CA CYS F 443 -25.24 5.07 14.56
C CYS F 443 -24.26 4.90 15.70
N GLN F 444 -23.50 5.95 16.00
CA GLN F 444 -22.35 5.84 16.90
C GLN F 444 -22.85 5.65 18.34
N THR F 445 -23.48 4.51 18.57
CA THR F 445 -23.84 4.08 19.91
C THR F 445 -22.77 3.13 20.41
N PRO F 446 -22.15 3.38 21.57
CA PRO F 446 -21.15 2.43 22.07
C PRO F 446 -21.81 1.19 22.63
N TRP F 447 -21.17 0.05 22.40
CA TRP F 447 -21.60 -1.23 22.96
C TRP F 447 -20.41 -1.97 23.53
N HIS F 448 -20.62 -2.66 24.64
CA HIS F 448 -19.63 -3.58 25.13
C HIS F 448 -19.63 -4.85 24.29
N LEU F 449 -18.44 -5.31 23.91
CA LEU F 449 -18.34 -6.57 23.21
C LEU F 449 -18.99 -7.69 24.00
N ASP F 450 -18.99 -7.60 25.32
CA ASP F 450 -19.61 -8.60 26.18
C ASP F 450 -21.09 -8.36 26.40
N CYS F 451 -21.63 -7.21 25.94
CA CYS F 451 -23.06 -6.93 26.04
C CYS F 451 -23.80 -7.34 24.78
N VAL F 452 -23.30 -6.95 23.62
CA VAL F 452 -23.68 -7.60 22.36
C VAL F 452 -22.70 -8.74 22.18
N PRO F 453 -23.05 -9.98 22.54
CA PRO F 453 -22.04 -11.03 22.58
C PRO F 453 -21.22 -11.10 21.30
N ARG F 454 -19.94 -10.77 21.43
CA ARG F 454 -19.03 -10.80 20.29
C ARG F 454 -17.65 -11.18 20.79
N ALA F 455 -16.83 -11.67 19.86
CA ALA F 455 -15.49 -12.12 20.19
C ALA F 455 -14.40 -11.25 19.61
N SER F 456 -14.74 -10.22 18.83
CA SER F 456 -13.71 -9.41 18.20
C SER F 456 -14.31 -8.12 17.67
N PHE F 457 -13.44 -7.14 17.45
CA PHE F 457 -13.80 -5.94 16.72
C PHE F 457 -13.84 -6.27 15.23
N LYS F 458 -14.78 -5.65 14.52
CA LYS F 458 -14.93 -5.95 13.11
C LYS F 458 -13.68 -5.55 12.33
N ASN F 459 -13.38 -4.26 12.26
CA ASN F 459 -12.17 -3.78 11.62
C ASN F 459 -12.06 -4.16 10.15
N LEU F 460 -13.07 -4.83 9.61
CA LEU F 460 -12.91 -5.43 8.30
C LEU F 460 -14.24 -6.00 7.84
N GLY F 461 -14.34 -6.27 6.56
CA GLY F 461 -15.56 -6.84 5.98
C GLY F 461 -16.66 -5.79 5.84
N SER F 462 -17.74 -5.97 6.59
CA SER F 462 -18.88 -5.07 6.53
C SER F 462 -18.86 -4.10 7.71
N LYS F 463 -19.80 -3.16 7.69
CA LYS F 463 -19.96 -2.21 8.78
C LYS F 463 -20.80 -2.87 9.87
N TRP F 464 -20.34 -2.77 11.11
CA TRP F 464 -21.10 -3.34 12.21
C TRP F 464 -22.37 -2.53 12.42
N LYS F 465 -23.45 -3.22 12.75
CA LYS F 465 -24.75 -2.62 13.02
C LYS F 465 -25.17 -3.02 14.41
N CYS F 466 -25.62 -2.06 15.22
CA CYS F 466 -26.12 -2.42 16.54
C CYS F 466 -27.22 -3.46 16.43
N PRO F 467 -27.54 -4.14 17.52
CA PRO F 467 -28.85 -4.79 17.63
C PRO F 467 -30.00 -3.84 17.89
N LEU F 468 -29.78 -2.54 17.70
CA LEU F 468 -30.73 -1.49 18.03
C LEU F 468 -31.31 -0.83 16.79
N HIS F 469 -31.06 -1.37 15.61
CA HIS F 469 -31.55 -0.80 14.37
C HIS F 469 -32.69 -1.66 13.80
N SER F 470 -33.43 -1.07 12.88
CA SER F 470 -34.59 -1.76 12.34
C SER F 470 -34.17 -2.76 11.27
N PRO F 471 -34.86 -3.89 11.14
CA PRO F 471 -34.46 -4.89 10.16
C PRO F 471 -34.66 -4.40 8.72
N THR F 472 -33.87 -4.97 7.82
CA THR F 472 -34.05 -4.79 6.38
C THR F 472 -34.76 -5.97 5.75
N LYS F 473 -34.28 -7.19 6.01
CA LYS F 473 -34.95 -8.41 5.60
C LYS F 473 -35.73 -8.95 6.80
N VAL F 474 -37.00 -9.25 6.59
CA VAL F 474 -37.92 -9.53 7.69
C VAL F 474 -38.54 -10.92 7.48
N TYR F 475 -37.75 -11.84 6.95
CA TYR F 475 -38.20 -13.19 6.63
C TYR F 475 -39.29 -13.66 7.59
N LYS F 476 -40.42 -14.08 7.04
CA LYS F 476 -41.61 -14.35 7.83
C LYS F 476 -42.14 -15.74 7.50
N LYS F 477 -42.58 -16.45 8.54
CA LYS F 477 -43.11 -17.81 8.41
C LYS F 477 -44.51 -17.85 9.02
N ILE F 478 -45.52 -18.06 8.19
CA ILE F 478 -46.89 -18.21 8.65
C ILE F 478 -47.58 -19.34 7.91
N VAL F 487 -45.26 -23.13 4.34
CA VAL F 487 -44.23 -22.43 5.09
C VAL F 487 -44.49 -20.94 5.04
N ASN F 488 -44.86 -20.45 3.87
CA ASN F 488 -45.14 -19.02 3.66
C ASN F 488 -43.94 -18.18 4.07
N TYR F 489 -42.80 -18.49 3.44
CA TYR F 489 -41.56 -17.75 3.66
C TYR F 489 -41.64 -16.44 2.89
N LYS F 490 -42.59 -15.59 3.23
CA LYS F 490 -42.81 -14.34 2.52
C LYS F 490 -41.72 -13.34 2.94
N VAL F 491 -41.06 -12.77 1.95
CA VAL F 491 -39.94 -11.87 2.21
C VAL F 491 -40.45 -10.44 2.26
N TRP F 492 -39.84 -9.63 3.11
CA TRP F 492 -40.03 -8.19 3.11
C TRP F 492 -38.66 -7.52 3.09
N LYS F 493 -38.45 -6.66 2.12
CA LYS F 493 -37.24 -5.85 2.05
C LYS F 493 -37.62 -4.38 2.04
N LYS F 494 -36.79 -3.56 2.69
CA LYS F 494 -37.00 -2.13 2.69
C LYS F 494 -36.48 -1.55 1.38
N GLN F 495 -37.37 -0.86 0.66
CA GLN F 495 -37.01 -0.30 -0.63
C GLN F 495 -35.69 0.44 -0.54
N ARG F 496 -34.84 0.25 -1.55
CA ARG F 496 -33.55 0.90 -1.56
C ARG F 496 -33.72 2.41 -1.67
N LEU F 497 -32.78 3.14 -1.09
CA LEU F 497 -32.86 4.60 -1.08
C LEU F 497 -32.81 5.14 -2.50
N ILE F 498 -33.72 6.06 -2.81
CA ILE F 498 -33.83 6.62 -4.15
C ILE F 498 -33.24 8.03 -4.17
N ASN F 499 -32.83 8.46 -5.34
CA ASN F 499 -32.37 9.83 -5.51
C ASN F 499 -33.42 10.82 -5.01
N LYS F 500 -32.98 12.03 -4.71
CA LYS F 500 -33.88 13.06 -4.23
C LYS F 500 -34.94 13.35 -5.29
N ASN F 502 -36.31 11.89 -7.57
CA ASN F 502 -37.34 10.89 -7.86
C ASN F 502 -38.11 10.52 -6.59
N GLN F 503 -37.45 10.64 -5.44
CA GLN F 503 -38.05 10.24 -4.19
C GLN F 503 -39.28 11.09 -3.89
N LEU F 504 -40.33 10.44 -3.39
CA LEU F 504 -41.58 11.10 -3.06
C LEU F 504 -41.96 10.83 -1.62
N TYR F 505 -42.57 11.82 -0.98
CA TYR F 505 -43.12 11.69 0.38
C TYR F 505 -44.51 12.31 0.36
N TYR F 506 -45.52 11.50 0.04
CA TYR F 506 -46.88 11.99 -0.05
C TYR F 506 -47.51 11.92 1.34
N GLU F 507 -48.03 13.05 1.81
CA GLU F 507 -48.40 13.17 3.22
C GLU F 507 -49.68 12.38 3.52
N PRO F 508 -49.74 11.69 4.65
CA PRO F 508 -50.98 11.02 5.06
C PRO F 508 -52.08 11.98 5.49
N LEU F 509 -53.25 11.39 5.74
CA LEU F 509 -54.23 11.93 6.68
C LEU F 509 -54.26 11.12 7.98
N GLN F 510 -53.38 10.13 8.11
CA GLN F 510 -52.99 9.54 9.38
C GLN F 510 -54.07 8.61 9.93
N LYS F 511 -54.16 8.46 11.26
CA LYS F 511 -55.04 7.53 11.95
C LYS F 511 -54.85 6.11 11.42
N ILE F 512 -55.71 5.17 11.84
CA ILE F 512 -55.49 3.75 11.61
C ILE F 512 -55.63 3.46 10.12
N GLY F 513 -55.24 2.25 9.71
CA GLY F 513 -55.27 1.88 8.32
C GLY F 513 -54.02 2.39 7.64
N TYR F 514 -54.15 2.89 6.42
CA TYR F 514 -53.01 3.50 5.74
C TYR F 514 -51.85 2.53 5.68
N GLN F 515 -52.13 1.32 5.23
CA GLN F 515 -51.15 0.24 5.32
C GLN F 515 -49.97 0.58 4.42
N ASN F 516 -48.89 1.04 5.01
CA ASN F 516 -47.62 1.09 4.31
C ASN F 516 -47.03 -0.32 4.29
N ASN F 517 -46.06 -0.54 3.42
CA ASN F 517 -45.47 -1.89 3.33
C ASN F 517 -44.56 -2.08 4.54
N GLY F 518 -43.44 -1.38 4.57
CA GLY F 518 -42.76 -1.11 5.82
C GLY F 518 -42.08 0.25 5.83
N ASN F 519 -42.06 0.92 4.68
CA ASN F 519 -41.27 2.13 4.52
C ASN F 519 -41.92 3.31 5.21
N ILE F 520 -41.08 4.12 5.85
CA ILE F 520 -41.56 5.15 6.75
C ILE F 520 -40.53 6.26 6.77
N GLN F 521 -41.01 7.49 6.95
CA GLN F 521 -40.16 8.64 7.23
C GLN F 521 -40.80 9.36 8.42
N ILE F 522 -40.26 9.13 9.61
CA ILE F 522 -40.84 9.72 10.81
C ILE F 522 -40.79 11.23 10.71
N ILE F 523 -41.92 11.87 10.98
CA ILE F 523 -42.04 13.32 10.87
C ILE F 523 -42.66 13.85 12.15
N PRO F 524 -42.23 15.01 12.67
CA PRO F 524 -42.85 15.55 13.88
C PRO F 524 -44.35 15.79 13.73
N ASP F 536 -45.54 3.79 -5.79
CA ASP F 536 -44.31 4.02 -6.56
C ASP F 536 -43.16 4.41 -5.66
N PHE F 537 -42.75 3.50 -4.77
CA PHE F 537 -41.65 3.75 -3.85
C PHE F 537 -41.91 5.00 -3.02
N LYS F 538 -43.18 5.27 -2.73
CA LYS F 538 -43.55 6.47 -2.00
C LYS F 538 -43.30 6.25 -0.52
N ILE F 539 -42.23 6.86 -0.01
CA ILE F 539 -41.90 6.72 1.41
C ILE F 539 -43.00 7.42 2.21
N THR F 540 -43.85 6.63 2.87
CA THR F 540 -44.93 7.20 3.66
C THR F 540 -44.36 7.97 4.85
N GLN F 541 -45.11 8.97 5.30
CA GLN F 541 -44.65 9.86 6.35
C GLN F 541 -45.58 9.70 7.55
N ILE F 542 -45.24 8.78 8.43
CA ILE F 542 -46.00 8.50 9.64
C ILE F 542 -45.38 9.36 10.72
N ASP F 543 -46.16 10.00 11.59
CA ASP F 543 -45.50 11.05 12.36
C ASP F 543 -45.02 10.64 13.76
N GLU F 544 -45.90 10.57 14.78
CA GLU F 544 -45.52 9.95 16.03
C GLU F 544 -46.67 9.24 16.72
N ASN F 545 -47.83 9.91 16.76
CA ASN F 545 -48.96 9.41 17.55
C ASN F 545 -49.66 8.28 16.82
N SER F 546 -49.62 8.32 15.50
CA SER F 546 -50.18 7.24 14.68
C SER F 546 -49.56 5.90 15.06
N ILE F 547 -48.25 5.87 15.29
CA ILE F 547 -47.62 4.61 15.70
C ILE F 547 -48.20 4.15 17.03
N LYS F 548 -48.34 5.08 17.98
CA LYS F 548 -48.91 4.74 19.28
C LYS F 548 -50.27 4.08 19.12
N TYR F 549 -51.17 4.75 18.40
CA TYR F 549 -52.53 4.22 18.25
C TYR F 549 -52.53 2.91 17.48
N ASP F 550 -51.70 2.80 16.44
CA ASP F 550 -51.67 1.59 15.62
C ASP F 550 -51.21 0.38 16.42
N PHE F 551 -50.16 0.53 17.22
CA PHE F 551 -49.73 -0.56 18.09
C PHE F 551 -50.78 -0.87 19.15
N PHE F 552 -51.33 0.18 19.76
CA PHE F 552 -52.35 0.01 20.78
C PHE F 552 -53.51 -0.84 20.26
N ASP F 553 -54.08 -0.46 19.12
CA ASP F 553 -55.24 -1.19 18.61
C ASP F 553 -54.82 -2.53 18.01
N LYS F 554 -53.62 -2.64 17.45
CA LYS F 554 -53.17 -3.96 17.01
C LYS F 554 -53.22 -4.95 18.17
N ILE F 555 -52.54 -4.63 19.26
CA ILE F 555 -52.41 -5.61 20.35
C ILE F 555 -53.76 -5.84 21.02
N TYR F 556 -54.57 -4.78 21.13
CA TYR F 556 -55.86 -4.92 21.80
C TYR F 556 -56.85 -5.73 20.96
N LYS F 557 -56.96 -5.42 19.67
CA LYS F 557 -57.90 -6.14 18.82
C LYS F 557 -57.41 -7.57 18.59
N SER F 558 -56.10 -7.80 18.63
CA SER F 558 -55.59 -9.16 18.61
C SER F 558 -55.98 -9.91 19.88
N LYS F 559 -55.91 -9.26 21.05
CA LYS F 559 -56.33 -9.93 22.28
C LYS F 559 -57.83 -10.24 22.26
N MET F 560 -58.64 -9.31 21.77
CA MET F 560 -60.07 -9.61 21.60
C MET F 560 -60.29 -10.74 20.58
N VAL F 561 -59.46 -10.81 19.54
CA VAL F 561 -59.58 -11.92 18.59
C VAL F 561 -59.25 -13.24 19.29
N GLN F 562 -58.22 -13.24 20.13
CA GLN F 562 -57.89 -14.41 20.94
C GLN F 562 -59.07 -14.79 21.81
N LYS F 563 -59.76 -13.78 22.35
CA LYS F 563 -60.99 -14.02 23.10
C LYS F 563 -62.01 -14.72 22.21
N ARG F 564 -62.12 -14.28 20.96
CA ARG F 564 -63.04 -14.87 20.01
C ARG F 564 -62.79 -16.37 19.89
N LYS F 565 -61.53 -16.76 19.83
CA LYS F 565 -61.17 -18.18 19.74
C LYS F 565 -61.77 -18.97 20.89
N UNK G 1 33.31 -5.88 -22.69
CA UNK G 1 32.62 -6.53 -21.55
C UNK G 1 33.64 -7.03 -20.54
N UNK G 2 33.32 -8.10 -19.84
CA UNK G 2 34.25 -8.65 -18.85
C UNK G 2 35.55 -9.06 -19.52
N ARG G 3 36.66 -8.83 -18.82
CA ARG G 3 37.98 -9.12 -19.37
C ARG G 3 38.36 -10.57 -19.12
N UNK G 4 39.39 -11.03 -19.83
CA UNK G 4 39.81 -12.42 -19.76
C UNK G 4 40.70 -12.69 -18.56
N UNK G 5 41.84 -12.01 -18.48
CA UNK G 5 42.80 -12.23 -17.39
C UNK G 5 43.28 -10.91 -16.83
N VAL J 36 -18.70 33.97 -8.07
CA VAL J 36 -18.97 35.43 -8.05
C VAL J 36 -17.85 36.18 -7.34
N ML3 J 37 -16.62 35.68 -7.46
CA ML3 J 37 -15.63 36.22 -6.91
CB ML3 J 37 -15.64 35.75 -5.45
SG ML3 J 37 -16.61 34.23 -5.22
CD ML3 J 37 -17.21 34.22 -3.50
CE ML3 J 37 -16.16 33.51 -2.63
NZ ML3 J 37 -16.69 32.93 -1.40
CM1 ML3 J 37 -17.21 33.93 -0.48
CM2 ML3 J 37 -15.60 32.23 -0.75
CM3 ML3 J 37 -17.73 31.95 -1.70
C ML3 J 37 -14.44 35.84 -7.33
O ML3 J 37 -13.57 36.66 -7.45
N LYS J 38 -14.26 34.56 -7.62
CA LYS J 38 -12.99 34.03 -8.13
C LYS J 38 -11.87 34.21 -7.09
N PRO J 39 -11.10 33.14 -6.83
CA PRO J 39 -9.95 33.28 -5.94
C PRO J 39 -8.80 33.96 -6.64
N HIS J 40 -7.73 34.26 -5.91
CA HIS J 40 -6.57 34.95 -6.48
C HIS J 40 -5.54 33.92 -6.92
N ARG J 41 -5.75 33.40 -8.13
CA ARG J 41 -4.79 32.49 -8.73
C ARG J 41 -3.69 33.28 -9.43
N TYR J 42 -2.45 33.07 -9.03
CA TYR J 42 -1.33 33.67 -9.73
C TYR J 42 -1.16 32.99 -11.09
N ARG J 43 -0.80 33.79 -12.09
CA ARG J 43 -0.61 33.24 -13.42
C ARG J 43 0.52 32.21 -13.38
N PRO J 44 0.40 31.10 -14.10
CA PRO J 44 1.49 30.11 -14.08
C PRO J 44 2.82 30.72 -14.44
N GLY J 45 3.85 30.41 -13.67
CA GLY J 45 5.17 30.99 -13.84
C GLY J 45 5.49 32.08 -12.84
N THR J 46 4.49 32.62 -12.13
CA THR J 46 4.75 33.64 -11.12
C THR J 46 5.31 33.02 -9.85
N VAL J 47 4.60 32.04 -9.29
CA VAL J 47 5.07 31.39 -8.07
C VAL J 47 6.37 30.66 -8.33
N ALA J 48 6.58 30.19 -9.56
CA ALA J 48 7.86 29.58 -9.89
C ALA J 48 8.99 30.58 -9.74
N LEU J 49 8.80 31.80 -10.25
CA LEU J 49 9.83 32.82 -10.10
C LEU J 49 10.01 33.22 -8.64
N ARG J 50 8.92 33.33 -7.89
CA ARG J 50 9.06 33.64 -6.47
C ARG J 50 9.86 32.56 -5.76
N GLU J 51 9.63 31.30 -6.10
CA GLU J 51 10.39 30.21 -5.50
C GLU J 51 11.85 30.26 -5.92
N ILE J 52 12.12 30.61 -7.19
CA ILE J 52 13.50 30.75 -7.63
C ILE J 52 14.22 31.78 -6.78
N ARG J 53 13.59 32.94 -6.61
CA ARG J 53 14.21 33.98 -5.79
C ARG J 53 14.42 33.50 -4.36
N ARG J 54 13.40 32.87 -3.78
CA ARG J 54 13.51 32.44 -2.39
C ARG J 54 14.64 31.44 -2.21
N TYR J 55 14.78 30.48 -3.12
CA TYR J 55 15.75 29.41 -2.92
C TYR J 55 17.14 29.78 -3.40
N GLN J 56 17.28 30.81 -4.24
CA GLN J 56 18.60 31.36 -4.49
C GLN J 56 19.04 32.32 -3.41
N LYS J 57 18.10 32.89 -2.66
CA LYS J 57 18.46 33.76 -1.55
C LYS J 57 18.94 32.98 -0.34
N SER J 58 18.43 31.78 -0.13
CA SER J 58 18.71 31.01 1.09
C SER J 58 19.85 30.03 0.86
N THR J 59 20.18 29.29 1.92
CA THR J 59 21.29 28.34 1.89
C THR J 59 20.96 26.99 2.52
N GLU J 60 19.85 26.87 3.25
CA GLU J 60 19.54 25.62 3.92
C GLU J 60 19.37 24.50 2.92
N LEU J 61 19.67 23.28 3.35
CA LEU J 61 19.55 22.13 2.47
C LEU J 61 18.11 21.90 2.06
N LEU J 62 17.91 21.52 0.79
CA LEU J 62 16.58 21.38 0.23
C LEU J 62 16.07 19.95 0.28
N ILE J 63 16.95 18.97 0.27
CA ILE J 63 16.54 17.57 0.43
C ILE J 63 16.31 17.29 1.90
N ARG J 64 15.27 16.53 2.21
CA ARG J 64 15.00 16.18 3.59
C ARG J 64 16.10 15.26 4.11
N LYS J 65 16.47 15.44 5.38
CA LYS J 65 17.69 14.84 5.88
C LYS J 65 17.56 13.32 6.06
N LEU J 66 16.46 12.88 6.68
CA LEU J 66 16.31 11.44 6.94
C LEU J 66 16.23 10.63 5.66
N PRO J 67 15.42 11.00 4.67
CA PRO J 67 15.41 10.22 3.42
C PRO J 67 16.77 10.15 2.75
N PHE J 68 17.53 11.24 2.76
CA PHE J 68 18.84 11.22 2.15
C PHE J 68 19.79 10.33 2.94
N GLN J 69 19.71 10.37 4.27
CA GLN J 69 20.55 9.49 5.07
C GLN J 69 20.24 8.03 4.78
N ARG J 70 18.96 7.70 4.68
CA ARG J 70 18.58 6.33 4.36
C ARG J 70 19.09 5.93 2.98
N LEU J 71 19.01 6.83 2.01
CA LEU J 71 19.54 6.55 0.69
C LEU J 71 21.05 6.32 0.73
N VAL J 72 21.76 7.14 1.50
CA VAL J 72 23.21 7.02 1.58
C VAL J 72 23.58 5.65 2.17
N ARG J 73 22.92 5.28 3.26
CA ARG J 73 23.18 3.97 3.86
C ARG J 73 22.84 2.84 2.91
N GLU J 74 21.72 2.93 2.20
CA GLU J 74 21.37 1.86 1.26
C GLU J 74 22.41 1.73 0.16
N ILE J 75 22.88 2.86 -0.38
CA ILE J 75 23.89 2.80 -1.44
C ILE J 75 25.19 2.21 -0.88
N ALA J 76 25.58 2.62 0.32
CA ALA J 76 26.79 2.10 0.93
C ALA J 76 26.70 0.63 1.27
N GLN J 77 25.49 0.11 1.48
CA GLN J 77 25.32 -1.31 1.80
C GLN J 77 25.83 -2.23 0.70
N ASP J 78 26.02 -1.72 -0.51
CA ASP J 78 26.48 -2.54 -1.62
C ASP J 78 27.99 -2.55 -1.75
N PHE J 79 28.71 -1.85 -0.87
CA PHE J 79 30.17 -1.84 -0.87
C PHE J 79 30.77 -2.43 0.39
N LYS J 80 30.06 -2.38 1.50
CA LYS J 80 30.52 -2.98 2.75
C LYS J 80 29.36 -3.01 3.72
N THR J 81 29.17 -4.14 4.37
CA THR J 81 28.04 -4.33 5.28
C THR J 81 28.41 -3.87 6.68
N ASP J 82 27.38 -3.55 7.46
CA ASP J 82 27.55 -3.13 8.85
C ASP J 82 28.45 -1.91 8.93
N LEU J 83 28.19 -0.92 8.09
CA LEU J 83 28.93 0.34 8.08
C LEU J 83 28.23 1.34 8.98
N ARG J 84 29.04 2.15 9.67
CA ARG J 84 28.54 3.27 10.45
C ARG J 84 28.92 4.55 9.74
N PHE J 85 28.11 5.59 9.92
CA PHE J 85 28.34 6.88 9.29
C PHE J 85 28.35 7.97 10.35
N GLN J 86 29.42 8.76 10.37
CA GLN J 86 29.40 9.96 11.17
C GLN J 86 28.34 10.92 10.64
N SER J 87 27.56 11.50 11.54
CA SER J 87 26.57 12.48 11.11
C SER J 87 27.20 13.53 10.21
N SER J 88 28.41 13.95 10.54
CA SER J 88 29.13 14.87 9.67
C SER J 88 29.37 14.28 8.30
N ALA J 89 29.59 12.97 8.20
CA ALA J 89 29.81 12.35 6.90
C ALA J 89 28.55 12.43 6.05
N VAL J 90 27.40 12.13 6.64
CA VAL J 90 26.15 12.21 5.88
C VAL J 90 25.88 13.66 5.49
N MET J 91 26.14 14.61 6.39
CA MET J 91 25.93 16.01 6.06
C MET J 91 26.84 16.43 4.91
N ALA J 92 28.10 16.00 4.93
CA ALA J 92 29.00 16.33 3.84
C ALA J 92 28.51 15.74 2.53
N LEU J 93 28.05 14.50 2.56
CA LEU J 93 27.51 13.90 1.34
C LEU J 93 26.31 14.67 0.85
N GLN J 94 25.42 15.09 1.75
CA GLN J 94 24.24 15.84 1.33
C GLN J 94 24.62 17.18 0.72
N GLU J 95 25.55 17.90 1.34
CA GLU J 95 25.98 19.18 0.78
C GLU J 95 26.59 18.99 -0.61
N ALA J 96 27.48 17.99 -0.75
CA ALA J 96 28.09 17.77 -2.05
C ALA J 96 27.05 17.41 -3.09
N SER J 97 26.12 16.52 -2.75
CA SER J 97 25.11 16.10 -3.71
C SER J 97 24.21 17.26 -4.11
N GLU J 98 23.78 18.06 -3.13
CA GLU J 98 22.89 19.17 -3.44
C GLU J 98 23.60 20.20 -4.30
N ALA J 99 24.87 20.52 -3.99
CA ALA J 99 25.61 21.46 -4.81
C ALA J 99 25.76 20.93 -6.23
N TYR J 100 26.08 19.64 -6.37
CA TYR J 100 26.23 19.06 -7.70
C TYR J 100 24.92 19.10 -8.47
N LEU J 101 23.81 18.79 -7.81
CA LEU J 101 22.52 18.81 -8.49
C LEU J 101 22.12 20.23 -8.88
N VAL J 102 22.40 21.21 -8.03
CA VAL J 102 22.08 22.59 -8.37
C VAL J 102 22.88 23.05 -9.57
N ALA J 103 24.18 22.73 -9.59
CA ALA J 103 24.99 23.09 -10.76
C ALA J 103 24.48 22.38 -12.01
N LEU J 104 24.12 21.10 -11.87
CA LEU J 104 23.59 20.36 -13.01
C LEU J 104 22.30 20.98 -13.51
N PHE J 105 21.44 21.43 -12.60
CA PHE J 105 20.19 22.06 -13.03
C PHE J 105 20.45 23.41 -13.68
N GLU J 106 21.47 24.14 -13.23
CA GLU J 106 21.84 25.37 -13.93
C GLU J 106 22.25 25.07 -15.36
N ASP J 107 23.11 24.08 -15.55
CA ASP J 107 23.51 23.71 -16.92
C ASP J 107 22.31 23.21 -17.71
N THR J 108 21.43 22.44 -17.08
CA THR J 108 20.24 21.93 -17.74
C THR J 108 19.34 23.07 -18.20
N ASN J 109 19.15 24.07 -17.35
CA ASN J 109 18.35 25.22 -17.74
C ASN J 109 19.00 25.95 -18.90
N LEU J 110 20.32 26.04 -18.89
CA LEU J 110 21.01 26.68 -20.01
C LEU J 110 20.75 25.94 -21.31
N CYS J 111 20.81 24.60 -21.29
CA CYS J 111 20.53 23.84 -22.50
C CYS J 111 19.06 23.99 -22.92
N ALA J 112 18.15 23.95 -21.95
CA ALA J 112 16.73 24.09 -22.29
C ALA J 112 16.46 25.43 -22.95
N ILE J 113 17.06 26.50 -22.44
CA ILE J 113 16.93 27.80 -23.07
C ILE J 113 17.59 27.82 -24.45
N HIS J 114 18.70 27.09 -24.58
CA HIS J 114 19.37 27.02 -25.88
C HIS J 114 18.47 26.43 -26.94
N ALA J 115 17.59 25.50 -26.57
CA ALA J 115 16.66 24.89 -27.50
C ALA J 115 15.39 25.71 -27.68
N LYS J 116 15.40 26.98 -27.27
CA LYS J 116 14.24 27.85 -27.38
C LYS J 116 13.08 27.34 -26.54
N ARG J 117 13.38 26.64 -25.46
CA ARG J 117 12.39 26.15 -24.52
C ARG J 117 12.52 26.88 -23.20
N VAL J 118 11.54 26.65 -22.32
CA VAL J 118 11.55 27.22 -20.97
C VAL J 118 11.50 26.07 -19.98
N THR J 119 11.00 24.92 -20.42
CA THR J 119 10.92 23.73 -19.59
C THR J 119 12.15 22.87 -19.78
N ILE J 120 12.76 22.46 -18.69
CA ILE J 120 13.84 21.49 -18.75
C ILE J 120 13.27 20.11 -18.93
N MET J 121 13.90 19.31 -19.78
CA MET J 121 13.47 17.96 -20.10
C MET J 121 14.65 17.02 -19.93
N PRO J 122 14.39 15.72 -19.79
CA PRO J 122 15.50 14.79 -19.56
C PRO J 122 16.59 14.89 -20.62
N LYS J 123 16.23 15.17 -21.87
CA LYS J 123 17.25 15.36 -22.89
C LYS J 123 18.19 16.50 -22.52
N ASP J 124 17.68 17.53 -21.85
CA ASP J 124 18.54 18.63 -21.42
C ASP J 124 19.57 18.16 -20.40
N ILE J 125 19.14 17.38 -19.41
CA ILE J 125 20.08 16.85 -18.43
C ILE J 125 21.10 15.96 -19.11
N GLN J 126 20.65 15.13 -20.05
CA GLN J 126 21.57 14.24 -20.75
C GLN J 126 22.60 15.04 -21.52
N LEU J 127 22.19 16.11 -22.21
CA LEU J 127 23.16 16.91 -22.94
C LEU J 127 24.13 17.59 -21.99
N ALA J 128 23.62 18.13 -20.88
CA ALA J 128 24.51 18.77 -19.92
C ALA J 128 25.57 17.79 -19.43
N ARG J 129 25.14 16.59 -19.05
CA ARG J 129 26.10 15.60 -18.56
C ARG J 129 27.06 15.18 -19.65
N ARG J 130 26.58 15.01 -20.88
CA ARG J 130 27.45 14.59 -21.97
C ARG J 130 28.52 15.63 -22.25
N ILE J 131 28.14 16.92 -22.26
CA ILE J 131 29.12 17.96 -22.52
C ILE J 131 30.09 18.08 -21.35
N ARG J 132 29.58 17.99 -20.12
CA ARG J 132 30.45 18.06 -18.96
C ARG J 132 31.54 16.99 -19.00
N GLY J 133 31.25 15.86 -19.63
CA GLY J 133 32.15 14.73 -19.63
C GLY J 133 31.79 13.65 -18.64
N GLU J 134 30.69 13.80 -17.90
CA GLU J 134 30.28 12.78 -16.95
C GLU J 134 29.74 11.54 -17.66
N ARG J 135 28.66 11.71 -18.43
CA ARG J 135 28.10 10.61 -19.19
C ARG J 135 28.91 10.40 -20.46
N ALA J 136 29.10 9.13 -20.82
CA ALA J 136 29.86 8.79 -22.02
C ALA J 136 29.20 9.37 -23.25
N LEU K 23 16.86 -1.78 4.12
CA LEU K 23 16.70 -0.53 3.32
C LEU K 23 16.33 -0.85 1.88
N ARG K 24 15.12 -0.45 1.48
CA ARG K 24 14.63 -0.75 0.15
C ARG K 24 13.83 0.44 -0.37
N ASP K 25 14.05 0.79 -1.64
CA ASP K 25 13.29 1.84 -2.31
C ASP K 25 13.41 3.18 -1.57
N ASN K 26 14.65 3.54 -1.22
CA ASN K 26 14.89 4.82 -0.58
C ASN K 26 15.22 5.93 -1.57
N ILE K 27 15.47 5.59 -2.84
CA ILE K 27 15.73 6.63 -3.83
C ILE K 27 14.49 7.48 -4.02
N GLN K 28 13.31 6.89 -3.90
CA GLN K 28 12.08 7.67 -3.96
C GLN K 28 11.93 8.61 -2.77
N GLY K 29 12.77 8.47 -1.74
CA GLY K 29 12.79 9.44 -0.67
C GLY K 29 13.24 10.81 -1.13
N ILE K 30 13.85 10.91 -2.30
CA ILE K 30 14.15 12.20 -2.89
C ILE K 30 12.90 12.64 -3.63
N THR K 31 11.97 13.24 -2.89
CA THR K 31 10.63 13.44 -3.38
C THR K 31 10.63 14.37 -4.59
N LYS K 32 9.47 14.46 -5.23
CA LYS K 32 9.30 15.41 -6.32
C LYS K 32 9.50 16.85 -5.85
N PRO K 33 8.89 17.30 -4.76
CA PRO K 33 9.13 18.68 -4.31
C PRO K 33 10.58 18.97 -3.98
N ALA K 34 11.34 17.99 -3.47
CA ALA K 34 12.75 18.24 -3.20
C ALA K 34 13.52 18.53 -4.48
N ILE K 35 13.25 17.75 -5.53
CA ILE K 35 13.88 18.01 -6.82
C ILE K 35 13.41 19.34 -7.37
N ARG K 36 12.15 19.70 -7.14
CA ARG K 36 11.66 21.01 -7.57
C ARG K 36 12.45 22.12 -6.89
N ARG K 37 12.68 21.99 -5.58
CA ARG K 37 13.45 23.00 -4.86
C ARG K 37 14.86 23.08 -5.40
N LEU K 38 15.49 21.93 -5.65
CA LEU K 38 16.84 21.94 -6.19
C LEU K 38 16.87 22.62 -7.55
N ALA K 39 15.89 22.35 -8.39
CA ALA K 39 15.82 23.00 -9.69
C ALA K 39 15.63 24.50 -9.54
N ARG K 40 14.77 24.92 -8.62
CA ARG K 40 14.54 26.35 -8.41
C ARG K 40 15.82 27.04 -7.97
N ARG K 41 16.56 26.44 -7.03
CA ARG K 41 17.85 27.01 -6.68
C ARG K 41 18.77 27.08 -7.88
N GLY K 42 18.55 26.22 -8.86
CA GLY K 42 19.30 26.26 -10.10
C GLY K 42 18.79 27.23 -11.13
N GLY K 43 17.73 27.97 -10.81
CA GLY K 43 17.17 28.94 -11.73
C GLY K 43 16.20 28.38 -12.73
N VAL K 44 15.59 27.23 -12.46
CA VAL K 44 14.68 26.60 -13.39
C VAL K 44 13.25 27.05 -13.08
N LYS K 45 12.55 27.49 -14.11
CA LYS K 45 11.19 28.01 -13.97
C LYS K 45 10.12 26.96 -14.21
N ARG K 46 10.31 26.12 -15.23
CA ARG K 46 9.35 25.10 -15.61
C ARG K 46 10.07 23.76 -15.69
N ILE K 47 9.50 22.73 -15.10
CA ILE K 47 10.14 21.42 -15.00
C ILE K 47 9.24 20.38 -15.63
N SER K 48 9.79 19.58 -16.54
CA SER K 48 9.03 18.52 -17.16
C SER K 48 8.76 17.40 -16.15
N GLY K 49 7.71 16.64 -16.40
CA GLY K 49 7.34 15.56 -15.50
C GLY K 49 8.37 14.46 -15.43
N LEU K 50 9.01 14.16 -16.56
CA LEU K 50 10.00 13.10 -16.61
C LEU K 50 11.32 13.47 -15.93
N ILE K 51 11.49 14.73 -15.53
CA ILE K 51 12.77 15.17 -15.00
C ILE K 51 13.07 14.51 -13.67
N TYR K 52 12.04 14.20 -12.89
CA TYR K 52 12.28 13.72 -11.53
C TYR K 52 12.98 12.37 -11.53
N GLU K 53 12.53 11.43 -12.36
CA GLU K 53 13.17 10.13 -12.40
C GLU K 53 14.60 10.23 -12.92
N GLU K 54 14.82 11.06 -13.93
CA GLU K 54 16.17 11.25 -14.45
C GLU K 54 17.09 11.83 -13.39
N THR K 55 16.58 12.79 -12.62
CA THR K 55 17.38 13.40 -11.56
C THR K 55 17.70 12.38 -10.48
N ARG K 56 16.73 11.54 -10.15
CA ARG K 56 16.98 10.49 -9.16
C ARG K 56 18.08 9.55 -9.65
N GLY K 57 18.03 9.19 -10.93
CA GLY K 57 19.09 8.34 -11.47
C GLY K 57 20.44 9.01 -11.40
N VAL K 58 20.50 10.29 -11.76
CA VAL K 58 21.77 11.02 -11.74
C VAL K 58 22.31 11.10 -10.32
N LEU K 59 21.43 11.38 -9.36
CA LEU K 59 21.85 11.45 -7.97
C LEU K 59 22.35 10.11 -7.49
N LYS K 60 21.69 9.02 -7.88
CA LYS K 60 22.16 7.70 -7.49
C LYS K 60 23.54 7.43 -8.06
N VAL K 61 23.77 7.80 -9.31
CA VAL K 61 25.10 7.61 -9.89
C VAL K 61 26.14 8.41 -9.12
N PHE K 62 25.85 9.66 -8.82
CA PHE K 62 26.81 10.50 -8.10
C PHE K 62 27.11 9.93 -6.72
N LEU K 63 26.08 9.55 -6.00
CA LEU K 63 26.28 9.00 -4.66
C LEU K 63 27.05 7.68 -4.73
N GLU K 64 26.76 6.85 -5.72
CA GLU K 64 27.52 5.61 -5.87
C GLU K 64 28.99 5.91 -6.11
N ASN K 65 29.29 6.88 -6.97
CA ASN K 65 30.68 7.22 -7.25
C ASN K 65 31.39 7.76 -6.02
N VAL K 66 30.69 8.53 -5.19
CA VAL K 66 31.33 9.15 -4.04
C VAL K 66 31.48 8.15 -2.90
N ILE K 67 30.41 7.43 -2.57
CA ILE K 67 30.44 6.52 -1.44
C ILE K 67 31.37 5.36 -1.71
N ARG K 68 31.56 4.99 -2.97
CA ARG K 68 32.55 3.96 -3.29
C ARG K 68 33.92 4.37 -2.77
N ASP K 69 34.36 5.58 -3.12
CA ASP K 69 35.68 6.04 -2.69
C ASP K 69 35.70 6.28 -1.19
N ALA K 70 34.61 6.78 -0.63
CA ALA K 70 34.56 7.00 0.82
C ALA K 70 34.74 5.68 1.57
N VAL K 71 34.06 4.63 1.12
CA VAL K 71 34.18 3.33 1.76
C VAL K 71 35.55 2.73 1.50
N THR K 72 36.14 3.00 0.33
CA THR K 72 37.50 2.55 0.11
C THR K 72 38.45 3.17 1.13
N TYR K 73 38.34 4.48 1.35
CA TYR K 73 39.16 5.14 2.34
C TYR K 73 38.90 4.57 3.73
N THR K 74 37.63 4.34 4.07
CA THR K 74 37.31 3.79 5.38
C THR K 74 37.93 2.41 5.56
N GLU K 75 37.84 1.57 4.54
CA GLU K 75 38.40 0.22 4.64
C GLU K 75 39.92 0.28 4.77
N HIS K 76 40.57 1.17 4.03
CA HIS K 76 42.02 1.27 4.15
C HIS K 76 42.42 1.65 5.57
N ALA K 77 41.69 2.57 6.20
CA ALA K 77 41.96 2.93 7.57
C ALA K 77 41.56 1.84 8.56
N LYS K 78 40.99 0.73 8.07
CA LYS K 78 40.56 -0.36 8.94
C LYS K 78 39.54 0.13 9.95
N ARG K 79 38.58 0.91 9.48
CA ARG K 79 37.51 1.44 10.31
C ARG K 79 36.18 0.92 9.82
N LYS K 80 35.25 0.74 10.76
CA LYS K 80 33.88 0.39 10.44
C LYS K 80 32.98 1.62 10.30
N THR K 81 33.50 2.81 10.54
CA THR K 81 32.73 4.04 10.50
C THR K 81 33.26 4.93 9.38
N VAL K 82 32.37 5.42 8.53
CA VAL K 82 32.75 6.34 7.47
C VAL K 82 32.76 7.74 8.05
N THR K 83 33.94 8.35 8.15
CA THR K 83 34.09 9.67 8.73
C THR K 83 33.92 10.74 7.66
N ALA K 84 33.56 11.93 8.11
CA ALA K 84 33.39 13.04 7.17
C ALA K 84 34.65 13.30 6.37
N MET K 85 35.82 13.01 6.96
CA MET K 85 37.06 13.26 6.24
C MET K 85 37.22 12.26 5.10
N ASP K 86 36.69 11.06 5.24
CA ASP K 86 36.68 10.13 4.11
C ASP K 86 35.86 10.68 2.96
N VAL K 87 34.68 11.23 3.26
CA VAL K 87 33.85 11.83 2.22
C VAL K 87 34.58 13.00 1.58
N VAL K 88 35.23 13.83 2.40
CA VAL K 88 35.94 14.98 1.87
C VAL K 88 37.07 14.53 0.95
N TYR K 89 37.82 13.51 1.34
CA TYR K 89 38.87 12.98 0.49
C TYR K 89 38.29 12.44 -0.81
N ALA K 90 37.17 11.73 -0.74
CA ALA K 90 36.56 11.19 -1.94
C ALA K 90 36.17 12.31 -2.90
N LEU K 91 35.50 13.34 -2.37
CA LEU K 91 35.10 14.45 -3.22
C LEU K 91 36.31 15.14 -3.83
N LYS K 92 37.35 15.37 -3.02
CA LYS K 92 38.56 15.99 -3.53
C LYS K 92 39.17 15.14 -4.63
N ARG K 93 39.12 13.82 -4.47
CA ARG K 93 39.63 12.92 -5.50
C ARG K 93 38.84 13.08 -6.79
N GLN K 94 37.53 13.17 -6.69
CA GLN K 94 36.69 13.30 -7.87
C GLN K 94 36.75 14.69 -8.49
N GLY K 95 37.40 15.65 -7.83
CA GLY K 95 37.45 17.00 -8.35
C GLY K 95 36.32 17.89 -7.89
N ARG K 96 35.76 17.63 -6.71
CA ARG K 96 34.66 18.42 -6.16
C ARG K 96 34.99 18.83 -4.73
N THR K 97 36.18 19.41 -4.54
CA THR K 97 36.63 19.81 -3.21
C THR K 97 35.50 20.49 -2.44
N LEU K 98 35.34 20.07 -1.18
CA LEU K 98 34.26 20.56 -0.32
C LEU K 98 34.88 21.22 0.90
N TYR K 99 34.51 22.47 1.14
CA TYR K 99 34.96 23.21 2.31
C TYR K 99 33.91 23.19 3.40
N GLY K 100 34.36 23.15 4.64
CA GLY K 100 33.48 23.26 5.79
C GLY K 100 33.33 22.01 6.61
N PHE K 101 34.04 20.92 6.27
CA PHE K 101 33.96 19.68 7.02
C PHE K 101 35.34 19.15 7.37
N GLY K 102 36.33 20.03 7.48
CA GLY K 102 37.69 19.61 7.71
C GLY K 102 38.45 19.41 6.42
N GLY K 103 39.72 19.05 6.57
CA GLY K 103 40.60 18.86 5.43
C GLY K 103 41.41 20.10 5.13
N THR L 17 67.23 -11.33 -10.11
CA THR L 17 66.52 -10.03 -10.00
C THR L 17 65.27 -10.19 -9.14
N ARG L 18 64.52 -9.09 -8.98
CA ARG L 18 63.27 -9.13 -8.25
C ARG L 18 62.05 -9.28 -9.14
N SER L 19 62.12 -8.85 -10.40
CA SER L 19 61.03 -9.13 -11.33
C SER L 19 60.89 -10.62 -11.55
N SER L 20 62.00 -11.31 -11.81
CA SER L 20 61.95 -12.76 -11.96
C SER L 20 61.45 -13.42 -10.69
N ARG L 21 61.88 -12.92 -9.53
CA ARG L 21 61.41 -13.47 -8.27
C ARG L 21 59.91 -13.31 -8.10
N ALA L 22 59.29 -12.39 -8.84
CA ALA L 22 57.85 -12.19 -8.80
C ALA L 22 57.15 -12.60 -10.09
N GLY L 23 57.88 -13.09 -11.08
CA GLY L 23 57.26 -13.50 -12.31
C GLY L 23 56.76 -12.37 -13.17
N LEU L 24 57.31 -11.17 -13.02
CA LEU L 24 56.89 -10.00 -13.77
C LEU L 24 57.89 -9.70 -14.87
N GLN L 25 57.41 -9.00 -15.90
CA GLN L 25 58.28 -8.47 -16.93
C GLN L 25 58.78 -7.07 -16.62
N PHE L 26 57.99 -6.29 -15.88
CA PHE L 26 58.39 -4.93 -15.55
C PHE L 26 59.44 -4.95 -14.44
N PRO L 27 60.22 -3.88 -14.30
CA PRO L 27 61.33 -3.86 -13.36
C PRO L 27 60.86 -3.48 -11.96
N VAL L 28 60.98 -4.42 -11.02
CA VAL L 28 60.66 -4.11 -9.63
C VAL L 28 61.75 -3.22 -9.03
N GLY L 29 63.00 -3.42 -9.44
CA GLY L 29 64.07 -2.59 -8.92
C GLY L 29 63.93 -1.15 -9.33
N ARG L 30 63.67 -0.91 -10.62
CA ARG L 30 63.49 0.46 -11.09
C ARG L 30 62.27 1.11 -10.44
N VAL L 31 61.18 0.35 -10.31
CA VAL L 31 59.98 0.90 -9.69
C VAL L 31 60.26 1.26 -8.23
N HIS L 32 61.01 0.41 -7.52
CA HIS L 32 61.37 0.72 -6.15
C HIS L 32 62.20 1.99 -6.08
N ARG L 33 63.17 2.12 -6.98
CA ARG L 33 64.00 3.32 -6.98
C ARG L 33 63.14 4.56 -7.25
N LEU L 34 62.22 4.48 -8.20
CA LEU L 34 61.39 5.63 -8.52
C LEU L 34 60.45 5.98 -7.37
N LEU L 35 59.95 4.96 -6.66
CA LEU L 35 59.13 5.24 -5.49
C LEU L 35 59.94 5.94 -4.40
N ARG L 36 61.18 5.50 -4.18
CA ARG L 36 62.00 6.12 -3.15
C ARG L 36 62.39 7.54 -3.52
N LYS L 37 62.83 7.76 -4.75
CA LYS L 37 63.31 9.07 -5.17
C LYS L 37 62.18 10.01 -5.55
N GLY L 38 60.94 9.54 -5.64
CA GLY L 38 59.85 10.38 -6.06
C GLY L 38 59.23 11.23 -4.98
N ASN L 39 59.73 11.14 -3.75
CA ASN L 39 59.20 11.91 -2.64
C ASN L 39 57.72 11.61 -2.43
N TYR L 40 57.39 10.33 -2.34
CA TYR L 40 56.03 9.90 -2.06
C TYR L 40 55.81 9.58 -0.59
N ALA L 41 56.83 9.05 0.08
CA ALA L 41 56.75 8.81 1.51
C ALA L 41 58.15 8.62 2.06
N GLU L 42 58.26 8.68 3.37
CA GLU L 42 59.57 8.57 4.01
C GLU L 42 60.22 7.24 3.69
N ARG L 43 59.46 6.16 3.74
CA ARG L 43 59.96 4.82 3.47
C ARG L 43 59.00 4.10 2.54
N VAL L 44 59.52 3.13 1.80
CA VAL L 44 58.74 2.37 0.83
C VAL L 44 58.85 0.90 1.19
N GLY L 45 57.69 0.26 1.36
CA GLY L 45 57.67 -1.13 1.75
C GLY L 45 58.28 -2.04 0.70
N ALA L 46 58.56 -3.27 1.11
CA ALA L 46 59.18 -4.22 0.20
C ALA L 46 58.22 -4.71 -0.86
N GLY L 47 56.95 -4.88 -0.52
CA GLY L 47 55.97 -5.37 -1.48
C GLY L 47 55.36 -4.28 -2.34
N ALA L 48 55.53 -3.02 -1.97
CA ALA L 48 54.98 -1.94 -2.78
C ALA L 48 55.54 -1.92 -4.19
N PRO L 49 56.85 -1.98 -4.41
CA PRO L 49 57.33 -1.98 -5.79
C PRO L 49 56.83 -3.17 -6.58
N VAL L 50 56.74 -4.34 -5.96
CA VAL L 50 56.28 -5.53 -6.68
C VAL L 50 54.83 -5.35 -7.09
N TYR L 51 53.98 -4.90 -6.15
CA TYR L 51 52.59 -4.68 -6.46
C TYR L 51 52.42 -3.65 -7.57
N LEU L 52 53.14 -2.54 -7.48
CA LEU L 52 52.99 -1.48 -8.47
C LEU L 52 53.47 -1.95 -9.83
N ALA L 53 54.59 -2.67 -9.88
CA ALA L 53 55.08 -3.18 -11.15
C ALA L 53 54.10 -4.18 -11.76
N ALA L 54 53.49 -5.02 -10.91
CA ALA L 54 52.49 -5.96 -11.42
C ALA L 54 51.31 -5.22 -12.03
N VAL L 55 50.83 -4.19 -11.34
CA VAL L 55 49.69 -3.43 -11.87
C VAL L 55 50.06 -2.75 -13.18
N LEU L 56 51.25 -2.14 -13.23
CA LEU L 56 51.66 -1.47 -14.46
C LEU L 56 51.80 -2.45 -15.61
N GLU L 57 52.38 -3.62 -15.36
CA GLU L 57 52.50 -4.62 -16.40
C GLU L 57 51.12 -5.08 -16.86
N TYR L 58 50.18 -5.26 -15.93
CA TYR L 58 48.85 -5.68 -16.32
C TYR L 58 48.20 -4.64 -17.22
N LEU L 59 48.30 -3.37 -16.84
CA LEU L 59 47.65 -2.32 -17.65
C LEU L 59 48.28 -2.21 -19.02
N THR L 60 49.62 -2.26 -19.09
CA THR L 60 50.25 -2.22 -20.40
C THR L 60 49.88 -3.44 -21.23
N ALA L 61 49.76 -4.60 -20.60
CA ALA L 61 49.38 -5.80 -21.34
C ALA L 61 47.97 -5.66 -21.90
N GLU L 62 47.06 -5.09 -21.12
CA GLU L 62 45.70 -4.90 -21.61
C GLU L 62 45.67 -3.92 -22.78
N ILE L 63 46.32 -2.77 -22.61
CA ILE L 63 46.36 -1.78 -23.69
C ILE L 63 46.97 -2.40 -24.94
N LEU L 64 48.06 -3.13 -24.79
CA LEU L 64 48.74 -3.70 -25.95
C LEU L 64 47.92 -4.81 -26.59
N GLU L 65 47.21 -5.60 -25.79
CA GLU L 65 46.34 -6.62 -26.36
C GLU L 65 45.29 -5.98 -27.26
N LEU L 66 44.61 -4.95 -26.74
CA LEU L 66 43.60 -4.29 -27.55
C LEU L 66 44.22 -3.58 -28.76
N ALA L 67 45.39 -2.97 -28.59
CA ALA L 67 46.03 -2.28 -29.70
C ALA L 67 46.47 -3.24 -30.79
N GLY L 68 47.00 -4.40 -30.41
CA GLY L 68 47.35 -5.40 -31.40
C GLY L 68 46.12 -5.96 -32.10
N ASN L 69 45.02 -6.12 -31.36
CA ASN L 69 43.77 -6.48 -32.00
C ASN L 69 43.39 -5.46 -33.07
N ALA L 70 43.46 -4.17 -32.71
CA ALA L 70 43.13 -3.12 -33.67
C ALA L 70 44.08 -3.15 -34.87
N ALA L 71 45.36 -3.39 -34.63
CA ALA L 71 46.32 -3.46 -35.73
C ALA L 71 45.99 -4.62 -36.65
N ARG L 72 45.62 -5.77 -36.10
CA ARG L 72 45.20 -6.89 -36.94
C ARG L 72 43.98 -6.52 -37.76
N ASP L 73 42.99 -5.88 -37.12
CA ASP L 73 41.81 -5.45 -37.88
C ASP L 73 42.20 -4.53 -39.02
N ASN L 74 43.29 -3.80 -38.89
CA ASN L 74 43.79 -2.93 -39.93
C ASN L 74 44.81 -3.60 -40.82
N LYS L 75 45.06 -4.89 -40.63
CA LYS L 75 46.00 -5.64 -41.45
C LYS L 75 47.40 -5.04 -41.38
N LYS L 76 47.79 -4.64 -40.17
CA LYS L 76 49.11 -4.08 -39.91
C LYS L 76 49.76 -4.86 -38.78
N THR L 77 51.06 -5.12 -38.92
CA THR L 77 51.79 -5.90 -37.93
C THR L 77 52.49 -5.04 -36.89
N ARG L 78 52.46 -3.72 -37.03
CA ARG L 78 53.10 -2.82 -36.08
C ARG L 78 52.07 -1.85 -35.54
N ILE L 79 52.05 -1.69 -34.23
CA ILE L 79 51.10 -0.81 -33.57
C ILE L 79 51.55 0.63 -33.75
N ILE L 80 50.65 1.48 -34.23
CA ILE L 80 50.92 2.91 -34.37
C ILE L 80 50.00 3.63 -33.40
N PRO L 81 50.19 4.94 -33.17
CA PRO L 81 49.32 5.64 -32.21
C PRO L 81 47.85 5.53 -32.53
N ARG L 82 47.48 5.42 -33.81
CA ARG L 82 46.08 5.27 -34.15
C ARG L 82 45.48 4.03 -33.51
N HIS L 83 46.22 2.93 -33.54
CA HIS L 83 45.71 1.69 -32.94
C HIS L 83 45.56 1.84 -31.44
N LEU L 84 46.51 2.52 -30.78
CA LEU L 84 46.37 2.76 -29.35
C LEU L 84 45.14 3.59 -29.06
N GLN L 85 44.88 4.62 -29.87
CA GLN L 85 43.68 5.43 -29.66
C GLN L 85 42.42 4.60 -29.85
N LEU L 86 42.39 3.78 -30.89
CA LEU L 86 41.22 2.94 -31.13
C LEU L 86 40.99 2.00 -29.95
N ALA L 87 42.05 1.35 -29.48
CA ALA L 87 41.91 0.42 -28.36
C ALA L 87 41.41 1.14 -27.12
N VAL L 88 41.96 2.32 -26.84
CA VAL L 88 41.58 3.03 -25.62
C VAL L 88 40.15 3.52 -25.69
N ARG L 89 39.77 4.13 -26.82
CA ARG L 89 38.46 4.77 -26.89
C ARG L 89 37.34 3.75 -27.06
N ASN L 90 37.59 2.69 -27.83
CA ASN L 90 36.57 1.67 -27.99
C ASN L 90 36.28 0.97 -26.66
N ASP L 91 37.31 0.67 -25.89
CA ASP L 91 37.11 0.03 -24.60
C ASP L 91 36.55 1.06 -23.63
N GLU L 92 35.49 0.69 -22.91
CA GLU L 92 34.85 1.62 -21.99
C GLU L 92 35.76 1.94 -20.81
N GLU L 93 36.35 0.91 -20.20
CA GLU L 93 37.10 1.11 -18.97
C GLU L 93 38.40 1.85 -19.22
N LEU L 94 39.13 1.47 -20.26
CA LEU L 94 40.36 2.19 -20.60
C LEU L 94 40.05 3.64 -20.96
N ASN L 95 38.98 3.86 -21.73
CA ASN L 95 38.61 5.22 -22.08
C ASN L 95 38.28 6.03 -20.84
N LYS L 96 37.62 5.41 -19.86
CA LYS L 96 37.36 6.11 -18.61
C LYS L 96 38.64 6.42 -17.87
N LEU L 97 39.59 5.47 -17.87
CA LEU L 97 40.88 5.72 -17.23
C LEU L 97 41.62 6.86 -17.92
N LEU L 98 41.78 6.78 -19.23
CA LEU L 98 42.40 7.85 -20.01
C LEU L 98 41.35 8.83 -20.53
N GLY L 99 40.49 9.30 -19.63
CA GLY L 99 39.44 10.23 -20.04
C GLY L 99 39.97 11.59 -20.41
N ARG L 100 40.89 12.13 -19.62
CA ARG L 100 41.45 13.46 -19.84
C ARG L 100 42.81 13.39 -20.50
N VAL L 101 43.04 12.40 -21.36
CA VAL L 101 44.30 12.20 -22.03
C VAL L 101 44.09 12.31 -23.52
N THR L 102 44.99 13.01 -24.20
CA THR L 102 44.99 13.08 -25.65
C THR L 102 46.21 12.35 -26.18
N ILE L 103 46.00 11.41 -27.08
CA ILE L 103 47.07 10.59 -27.65
C ILE L 103 47.48 11.22 -28.98
N ALA L 104 48.74 11.65 -29.06
CA ALA L 104 49.21 12.31 -30.26
C ALA L 104 49.06 11.39 -31.46
N GLN L 105 48.61 11.95 -32.59
CA GLN L 105 48.42 11.19 -33.83
C GLN L 105 47.43 10.05 -33.62
N GLY L 106 46.45 10.26 -32.76
CA GLY L 106 45.47 9.24 -32.48
C GLY L 106 44.20 9.41 -33.29
N GLY L 107 43.85 10.64 -33.62
CA GLY L 107 42.59 10.85 -34.30
C GLY L 107 41.44 10.62 -33.35
N VAL L 108 40.28 10.30 -33.94
CA VAL L 108 39.06 10.05 -33.18
C VAL L 108 38.39 8.80 -33.74
N LEU L 109 37.44 8.27 -32.97
CA LEU L 109 36.64 7.18 -33.46
C LEU L 109 35.69 7.67 -34.56
N PRO L 110 35.58 6.96 -35.66
CA PRO L 110 34.54 7.31 -36.65
C PRO L 110 33.17 7.31 -36.00
N ASN L 111 32.52 8.46 -35.97
CA ASN L 111 31.20 8.58 -35.36
C ASN L 111 30.47 9.76 -35.99
N ILE L 112 29.32 9.48 -36.59
CA ILE L 112 28.48 10.50 -37.20
C ILE L 112 27.10 10.41 -36.57
N GLN L 113 26.57 11.55 -36.14
CA GLN L 113 25.26 11.57 -35.51
C GLN L 113 24.20 11.11 -36.49
N SER L 114 23.14 10.49 -35.95
CA SER L 114 22.12 9.90 -36.80
C SER L 114 21.42 10.95 -37.64
N VAL L 115 21.06 12.09 -37.05
CA VAL L 115 20.29 13.09 -37.77
C VAL L 115 21.07 13.65 -38.95
N LEU L 116 22.39 13.54 -38.93
CA LEU L 116 23.19 14.08 -40.02
C LEU L 116 23.26 13.16 -41.22
N LEU L 117 22.87 11.90 -41.07
CA LEU L 117 22.95 10.98 -42.18
C LEU L 117 21.82 11.26 -43.19
N PRO L 118 22.08 11.02 -44.48
CA PRO L 118 21.06 11.31 -45.49
C PRO L 118 19.88 10.37 -45.34
N LYS L 119 18.72 10.86 -45.79
CA LYS L 119 17.50 10.07 -45.76
C LYS L 119 17.23 9.42 -47.12
N LYS M 29 77.14 11.54 -24.17
CA LYS M 29 75.76 11.15 -24.59
C LYS M 29 74.95 10.72 -23.38
N THR M 30 73.93 11.51 -23.04
CA THR M 30 73.17 11.26 -21.83
C THR M 30 72.48 9.91 -21.88
N ARG M 31 72.32 9.30 -20.71
CA ARG M 31 71.70 7.99 -20.58
C ARG M 31 70.29 8.19 -20.04
N LYS M 32 69.31 8.19 -20.94
CA LYS M 32 67.92 8.42 -20.58
C LYS M 32 67.20 7.09 -20.45
N GLU M 33 66.43 6.93 -19.38
CA GLU M 33 65.75 5.69 -19.06
C GLU M 33 64.31 5.72 -19.54
N SER M 34 63.77 4.54 -19.81
CA SER M 34 62.42 4.40 -20.35
C SER M 34 61.93 2.99 -20.09
N TYR M 35 60.64 2.78 -20.31
CA TYR M 35 60.00 1.47 -20.17
C TYR M 35 59.92 0.73 -21.49
N ALA M 36 60.71 1.15 -22.49
CA ALA M 36 60.55 0.60 -23.83
C ALA M 36 60.75 -0.90 -23.84
N ILE M 37 61.80 -1.40 -23.19
CA ILE M 37 62.11 -2.82 -23.30
C ILE M 37 61.04 -3.67 -22.60
N TYR M 38 60.52 -3.19 -21.48
CA TYR M 38 59.51 -3.97 -20.77
C TYR M 38 58.17 -3.93 -21.49
N VAL M 39 57.83 -2.78 -22.08
CA VAL M 39 56.63 -2.73 -22.91
C VAL M 39 56.76 -3.68 -24.07
N TYR M 40 57.95 -3.74 -24.69
CA TYR M 40 58.15 -4.67 -25.79
C TYR M 40 58.02 -6.11 -25.33
N LYS M 41 58.57 -6.43 -24.17
CA LYS M 41 58.45 -7.80 -23.66
C LYS M 41 57.00 -8.17 -23.41
N VAL M 42 56.23 -7.26 -22.81
CA VAL M 42 54.81 -7.55 -22.59
C VAL M 42 54.10 -7.71 -23.92
N LEU M 43 54.42 -6.88 -24.90
CA LEU M 43 53.81 -7.00 -26.21
C LEU M 43 54.09 -8.37 -26.83
N LYS M 44 55.35 -8.80 -26.81
CA LYS M 44 55.67 -10.12 -27.34
C LYS M 44 55.04 -11.21 -26.52
N GLN M 45 54.68 -10.91 -25.27
CA GLN M 45 53.91 -11.87 -24.49
C GLN M 45 52.49 -12.00 -25.03
N VAL M 46 51.82 -10.87 -25.28
CA VAL M 46 50.41 -10.91 -25.66
C VAL M 46 50.22 -11.11 -27.16
N HIS M 47 51.06 -10.48 -27.98
CA HIS M 47 50.97 -10.59 -29.43
C HIS M 47 52.35 -10.94 -29.97
N PRO M 48 52.70 -12.23 -29.96
CA PRO M 48 54.07 -12.58 -30.35
C PRO M 48 54.46 -12.07 -31.72
N ASP M 49 53.56 -12.14 -32.69
CA ASP M 49 53.85 -11.70 -34.06
C ASP M 49 53.33 -10.30 -34.31
N THR M 50 53.81 -9.33 -33.55
CA THR M 50 53.37 -7.94 -33.71
C THR M 50 54.43 -7.02 -33.14
N GLY M 51 54.81 -6.00 -33.93
CA GLY M 51 55.77 -5.01 -33.51
C GLY M 51 55.10 -3.77 -32.95
N ILE M 52 55.91 -2.73 -32.78
CA ILE M 52 55.42 -1.45 -32.28
C ILE M 52 56.31 -0.36 -32.84
N SER M 53 55.71 0.78 -33.16
CA SER M 53 56.41 1.90 -33.74
C SER M 53 56.99 2.79 -32.65
N SER M 54 57.96 3.62 -33.05
CA SER M 54 58.62 4.50 -32.10
C SER M 54 57.63 5.46 -31.45
N LYS M 55 56.73 6.04 -32.25
CA LYS M 55 55.73 6.94 -31.70
C LYS M 55 54.81 6.22 -30.74
N ALA M 56 54.34 5.03 -31.11
CA ALA M 56 53.50 4.26 -30.22
C ALA M 56 54.26 3.85 -28.96
N MET M 57 55.54 3.52 -29.09
CA MET M 57 56.33 3.19 -27.92
C MET M 57 56.44 4.39 -26.99
N SER M 58 56.63 5.58 -27.55
CA SER M 58 56.68 6.78 -26.73
C SER M 58 55.36 7.01 -26.02
N ILE M 59 54.25 6.79 -26.71
CA ILE M 59 52.95 6.93 -26.07
C ILE M 59 52.80 5.93 -24.94
N MET M 60 53.24 4.69 -25.16
CA MET M 60 53.12 3.67 -24.11
C MET M 60 53.98 4.03 -22.91
N ASN M 61 55.19 4.54 -23.16
CA ASN M 61 56.05 4.97 -22.06
C ASN M 61 55.41 6.10 -21.27
N SER M 62 54.83 7.07 -21.98
CA SER M 62 54.14 8.16 -21.31
C SER M 62 52.97 7.62 -20.48
N PHE M 63 52.25 6.65 -21.02
CA PHE M 63 51.13 6.07 -20.30
C PHE M 63 51.59 5.38 -19.03
N VAL M 64 52.68 4.61 -19.11
CA VAL M 64 53.21 3.93 -17.94
C VAL M 64 53.62 4.96 -16.89
N ASN M 65 54.32 6.00 -17.31
CA ASN M 65 54.75 7.03 -16.38
C ASN M 65 53.55 7.71 -15.73
N ASP M 66 52.53 8.01 -16.52
CA ASP M 66 51.35 8.68 -15.98
C ASP M 66 50.65 7.81 -14.95
N VAL M 67 50.45 6.53 -15.27
CA VAL M 67 49.78 5.64 -14.32
C VAL M 67 50.63 5.47 -13.07
N PHE M 68 51.94 5.34 -13.25
CA PHE M 68 52.84 5.27 -12.11
C PHE M 68 52.66 6.47 -11.21
N GLU M 69 52.68 7.67 -11.79
CA GLU M 69 52.56 8.88 -10.99
C GLU M 69 51.21 8.93 -10.29
N ARG M 70 50.15 8.58 -10.99
CA ARG M 70 48.82 8.62 -10.37
C ARG M 70 48.75 7.68 -9.18
N ILE M 71 49.16 6.42 -9.37
CA ILE M 71 49.06 5.44 -8.30
C ILE M 71 49.98 5.82 -7.14
N ALA M 72 51.21 6.24 -7.45
CA ALA M 72 52.14 6.61 -6.38
C ALA M 72 51.65 7.83 -5.61
N GLY M 73 51.11 8.83 -6.31
CA GLY M 73 50.59 10.00 -5.61
C GLY M 73 49.39 9.66 -4.75
N GLU M 74 48.49 8.82 -5.25
CA GLU M 74 47.35 8.42 -4.44
C GLU M 74 47.81 7.62 -3.22
N ALA M 75 48.82 6.75 -3.40
CA ALA M 75 49.34 6.00 -2.27
C ALA M 75 49.99 6.93 -1.25
N SER M 76 50.72 7.94 -1.72
CA SER M 76 51.31 8.91 -0.81
C SER M 76 50.23 9.66 -0.04
N ARG M 77 49.17 10.07 -0.72
CA ARG M 77 48.07 10.74 -0.05
C ARG M 77 47.42 9.82 0.98
N LEU M 78 47.26 8.54 0.64
CA LEU M 78 46.69 7.59 1.58
C LEU M 78 47.56 7.47 2.83
N ALA M 79 48.87 7.35 2.63
CA ALA M 79 49.77 7.24 3.77
C ALA M 79 49.72 8.50 4.63
N HIS M 80 49.67 9.67 4.00
CA HIS M 80 49.61 10.90 4.76
C HIS M 80 48.30 11.01 5.54
N TYR M 81 47.18 10.65 4.91
CA TYR M 81 45.89 10.75 5.59
C TYR M 81 45.85 9.88 6.84
N ASN M 82 46.52 8.73 6.80
CA ASN M 82 46.51 7.80 7.92
C ASN M 82 47.68 8.01 8.86
N LYS M 83 48.42 9.10 8.71
CA LYS M 83 49.56 9.39 9.57
C LYS M 83 50.54 8.23 9.58
N ARG M 84 50.80 7.71 8.39
CA ARG M 84 51.70 6.58 8.20
C ARG M 84 52.83 7.00 7.29
N SER M 85 54.05 6.61 7.64
CA SER M 85 55.25 7.09 6.98
C SER M 85 55.77 6.14 5.90
N THR M 86 55.06 5.03 5.63
CA THR M 86 55.54 4.03 4.70
C THR M 86 54.47 3.75 3.65
N ILE M 87 54.91 3.55 2.42
CA ILE M 87 54.05 3.13 1.33
C ILE M 87 54.20 1.62 1.19
N THR M 88 53.19 0.88 1.64
CA THR M 88 53.21 -0.57 1.58
C THR M 88 52.36 -1.05 0.40
N SER M 89 52.37 -2.36 0.18
CA SER M 89 51.56 -2.91 -0.90
C SER M 89 50.08 -2.66 -0.64
N ARG M 90 49.68 -2.50 0.62
CA ARG M 90 48.29 -2.18 0.91
C ARG M 90 47.93 -0.80 0.41
N GLU M 91 48.82 0.17 0.58
CA GLU M 91 48.57 1.51 0.05
C GLU M 91 48.46 1.47 -1.47
N ILE M 92 49.34 0.73 -2.13
CA ILE M 92 49.27 0.61 -3.58
C ILE M 92 47.95 -0.03 -4.00
N GLN M 93 47.52 -1.06 -3.28
CA GLN M 93 46.28 -1.74 -3.63
C GLN M 93 45.09 -0.79 -3.50
N THR M 94 45.03 -0.04 -2.41
CA THR M 94 43.92 0.89 -2.24
C THR M 94 43.97 2.00 -3.28
N ALA M 95 45.17 2.48 -3.60
CA ALA M 95 45.29 3.49 -4.65
C ALA M 95 44.78 2.94 -5.97
N VAL M 96 45.12 1.70 -6.29
CA VAL M 96 44.65 1.09 -7.54
C VAL M 96 43.13 0.97 -7.52
N ARG M 97 42.57 0.55 -6.39
CA ARG M 97 41.12 0.41 -6.33
C ARG M 97 40.42 1.76 -6.45
N LEU M 98 41.06 2.83 -5.99
CA LEU M 98 40.48 4.16 -6.15
C LEU M 98 40.57 4.63 -7.59
N LEU M 99 41.74 4.48 -8.21
CA LEU M 99 41.98 5.09 -9.51
C LEU M 99 41.30 4.32 -10.64
N LEU M 100 41.47 3.04 -10.69
CA LEU M 100 41.00 2.32 -11.86
C LEU M 100 39.51 2.03 -11.76
N PRO M 101 38.80 1.90 -12.88
CA PRO M 101 37.39 1.54 -12.83
C PRO M 101 37.20 0.09 -12.38
N GLY M 102 35.94 -0.33 -12.39
CA GLY M 102 35.57 -1.59 -11.75
C GLY M 102 36.33 -2.82 -12.17
N GLU M 103 36.14 -3.28 -13.41
CA GLU M 103 36.77 -4.53 -13.83
C GLU M 103 38.28 -4.37 -13.93
N LEU M 104 38.74 -3.23 -14.42
CA LEU M 104 40.17 -2.97 -14.49
C LEU M 104 40.78 -3.00 -13.10
N ALA M 105 40.10 -2.38 -12.12
CA ALA M 105 40.61 -2.40 -10.76
C ALA M 105 40.64 -3.82 -10.20
N LYS M 106 39.59 -4.60 -10.45
CA LYS M 106 39.56 -5.96 -9.95
C LYS M 106 40.73 -6.77 -10.49
N HIS M 107 40.95 -6.71 -11.80
CA HIS M 107 42.01 -7.52 -12.39
C HIS M 107 43.38 -7.01 -11.99
N ALA M 108 43.55 -5.70 -11.88
CA ALA M 108 44.83 -5.16 -11.43
C ALA M 108 45.14 -5.61 -10.01
N VAL M 109 44.13 -5.60 -9.13
CA VAL M 109 44.34 -6.07 -7.77
C VAL M 109 44.71 -7.54 -7.77
N SER M 110 44.03 -8.34 -8.59
CA SER M 110 44.36 -9.76 -8.67
C SER M 110 45.82 -9.96 -9.09
N GLU M 111 46.24 -9.27 -10.14
CA GLU M 111 47.63 -9.42 -10.60
C GLU M 111 48.62 -8.95 -9.54
N GLY M 112 48.32 -7.83 -8.87
CA GLY M 112 49.23 -7.35 -7.85
C GLY M 112 49.38 -8.33 -6.70
N THR M 113 48.26 -8.87 -6.23
CA THR M 113 48.33 -9.86 -5.15
C THR M 113 49.08 -11.10 -5.60
N LYS M 114 48.82 -11.57 -6.82
CA LYS M 114 49.56 -12.72 -7.32
C LYS M 114 51.06 -12.46 -7.30
N ALA M 115 51.47 -11.30 -7.82
CA ALA M 115 52.89 -10.99 -7.88
C ALA M 115 53.50 -10.90 -6.49
N VAL M 116 52.79 -10.28 -5.55
CA VAL M 116 53.33 -10.12 -4.20
C VAL M 116 53.49 -11.48 -3.54
N THR M 117 52.49 -12.35 -3.67
CA THR M 117 52.60 -13.68 -3.08
C THR M 117 53.74 -14.47 -3.70
N LYS M 118 53.84 -14.45 -5.04
CA LYS M 118 54.94 -15.14 -5.68
C LYS M 118 56.28 -14.58 -5.24
N TYR M 119 56.35 -13.28 -4.97
CA TYR M 119 57.59 -12.67 -4.55
C TYR M 119 57.97 -13.12 -3.14
N THR M 120 57.02 -13.05 -2.21
CA THR M 120 57.31 -13.47 -0.85
C THR M 120 57.58 -14.96 -0.75
N SER M 121 57.08 -15.76 -1.69
CA SER M 121 57.38 -17.18 -1.69
C SER M 121 58.87 -17.42 -1.87
N ALA M 122 59.49 -16.68 -2.78
CA ALA M 122 60.89 -16.88 -3.11
C ALA M 122 61.76 -15.85 -2.38
N LYS M 123 63.02 -16.23 -2.15
CA LYS M 123 63.97 -15.36 -1.48
C LYS M 123 65.39 -15.70 -1.95
N VAL N 36 21.10 17.65 -72.54
CA VAL N 36 21.91 18.80 -73.05
C VAL N 36 23.30 18.79 -72.41
N ML3 N 37 23.34 18.75 -71.08
CA ML3 N 37 24.42 18.83 -70.41
CB ML3 N 37 25.26 20.02 -70.89
SG ML3 N 37 26.73 19.38 -71.75
CD ML3 N 37 27.80 20.75 -72.27
CE ML3 N 37 29.03 20.80 -71.36
NZ ML3 N 37 30.28 20.68 -72.09
CM1 ML3 N 37 31.37 20.80 -71.13
CM2 ML3 N 37 30.39 19.42 -72.80
CM3 ML3 N 37 30.42 21.78 -73.01
C ML3 N 37 24.15 19.21 -69.18
O ML3 N 37 23.39 20.10 -68.99
N LYS N 38 24.76 18.57 -68.20
CA LYS N 38 24.52 18.91 -66.81
C LYS N 38 25.67 18.42 -65.92
N PRO N 39 26.15 19.27 -65.03
CA PRO N 39 27.21 18.84 -64.11
C PRO N 39 26.68 17.86 -63.08
N HIS N 40 27.61 17.12 -62.49
CA HIS N 40 27.27 16.06 -61.53
C HIS N 40 27.17 16.59 -60.10
N ARG N 41 26.89 17.87 -59.91
CA ARG N 41 26.89 18.45 -58.57
C ARG N 41 26.20 17.53 -57.56
N TYR N 42 26.94 17.15 -56.53
CA TYR N 42 26.38 16.35 -55.45
C TYR N 42 25.40 17.19 -54.66
N ARG N 43 24.33 16.57 -54.19
CA ARG N 43 23.35 17.28 -53.39
C ARG N 43 24.06 17.89 -52.18
N PRO N 44 23.79 19.14 -51.82
CA PRO N 44 24.48 19.73 -50.67
C PRO N 44 24.34 18.87 -49.42
N GLY N 45 25.44 18.66 -48.72
CA GLY N 45 25.46 17.80 -47.55
C GLY N 45 26.07 16.44 -47.79
N THR N 46 26.31 16.06 -49.04
CA THR N 46 26.90 14.77 -49.34
C THR N 46 28.42 14.81 -49.24
N VAL N 47 29.05 15.80 -49.88
CA VAL N 47 30.49 15.95 -49.75
C VAL N 47 30.85 16.26 -48.32
N ALA N 48 29.95 16.89 -47.57
CA ALA N 48 30.20 17.10 -46.14
C ALA N 48 30.33 15.77 -45.41
N LEU N 49 29.44 14.83 -45.70
CA LEU N 49 29.54 13.51 -45.09
C LEU N 49 30.80 12.79 -45.54
N ARG N 50 31.13 12.90 -46.83
CA ARG N 50 32.36 12.27 -47.31
C ARG N 50 33.58 12.82 -46.59
N GLU N 51 33.61 14.13 -46.36
CA GLU N 51 34.72 14.75 -45.65
C GLU N 51 34.75 14.33 -44.19
N ILE N 52 33.57 14.21 -43.55
CA ILE N 52 33.55 13.73 -42.18
C ILE N 52 34.15 12.35 -42.10
N ARG N 53 33.75 11.45 -43.01
CA ARG N 53 34.32 10.12 -43.02
C ARG N 53 35.81 10.15 -43.27
N ARG N 54 36.26 10.98 -44.22
CA ARG N 54 37.67 11.02 -44.55
C ARG N 54 38.51 11.52 -43.39
N TYR N 55 38.02 12.51 -42.66
CA TYR N 55 38.82 13.14 -41.62
C TYR N 55 38.68 12.47 -40.26
N GLN N 56 37.64 11.67 -40.05
CA GLN N 56 37.60 10.83 -38.86
C GLN N 56 38.38 9.54 -39.05
N LYS N 57 38.73 9.20 -40.29
CA LYS N 57 39.50 7.99 -40.56
C LYS N 57 41.00 8.25 -40.55
N SER N 58 41.43 9.50 -40.65
CA SER N 58 42.84 9.86 -40.72
C SER N 58 43.30 10.41 -39.37
N THR N 59 44.60 10.75 -39.31
CA THR N 59 45.21 11.25 -38.09
C THR N 59 46.10 12.45 -38.31
N GLU N 60 46.43 12.78 -39.55
CA GLU N 60 47.33 13.91 -39.80
C GLU N 60 46.72 15.20 -39.27
N LEU N 61 47.58 16.15 -38.93
CA LEU N 61 47.12 17.43 -38.41
C LEU N 61 46.45 18.24 -39.51
N LEU N 62 45.34 18.90 -39.15
CA LEU N 62 44.49 19.57 -40.11
C LEU N 62 44.83 21.04 -40.31
N ILE N 63 45.63 21.63 -39.42
CA ILE N 63 46.09 23.01 -39.56
C ILE N 63 47.49 22.96 -40.17
N ARG N 64 47.74 23.84 -41.14
CA ARG N 64 49.06 23.88 -41.75
C ARG N 64 50.10 24.21 -40.69
N LYS N 65 51.26 23.57 -40.78
CA LYS N 65 52.27 23.70 -39.73
C LYS N 65 52.74 25.14 -39.59
N LEU N 66 53.15 25.75 -40.68
CA LEU N 66 53.85 27.04 -40.59
C LEU N 66 52.97 28.15 -40.06
N PRO N 67 51.74 28.34 -40.52
CA PRO N 67 50.89 29.38 -39.92
C PRO N 67 50.65 29.18 -38.44
N PHE N 68 50.45 27.93 -38.01
CA PHE N 68 50.24 27.69 -36.59
C PHE N 68 51.50 27.98 -35.80
N GLN N 69 52.66 27.62 -36.34
CA GLN N 69 53.92 27.93 -35.68
C GLN N 69 54.08 29.43 -35.52
N ARG N 70 53.76 30.19 -36.56
CA ARG N 70 53.84 31.64 -36.48
C ARG N 70 52.88 32.18 -35.43
N LEU N 71 51.67 31.62 -35.36
CA LEU N 71 50.72 32.05 -34.35
C LEU N 71 51.23 31.77 -32.95
N VAL N 72 51.81 30.58 -32.74
CA VAL N 72 52.32 30.24 -31.43
C VAL N 72 53.44 31.19 -31.04
N ARG N 73 54.35 31.48 -31.98
CA ARG N 73 55.43 32.41 -31.67
C ARG N 73 54.90 33.79 -31.34
N GLU N 74 53.90 34.26 -32.08
CA GLU N 74 53.34 35.58 -31.78
C GLU N 74 52.70 35.61 -30.40
N ILE N 75 51.94 34.57 -30.05
CA ILE N 75 51.32 34.56 -28.73
C ILE N 75 52.39 34.52 -27.65
N ALA N 76 53.44 33.73 -27.86
CA ALA N 76 54.49 33.64 -26.85
C ALA N 76 55.24 34.95 -26.68
N GLN N 77 55.51 35.65 -27.78
CA GLN N 77 56.30 36.88 -27.69
C GLN N 77 55.66 37.90 -26.76
N ASP N 78 54.36 37.77 -26.49
CA ASP N 78 53.73 38.62 -25.49
C ASP N 78 54.31 38.34 -24.11
N PHE N 79 54.55 37.07 -23.79
CA PHE N 79 54.97 36.68 -22.45
C PHE N 79 56.47 36.77 -22.24
N LYS N 80 57.27 36.56 -23.27
CA LYS N 80 58.72 36.64 -23.15
C LYS N 80 59.31 36.92 -24.52
N THR N 81 60.32 37.76 -24.56
CA THR N 81 60.91 38.20 -25.82
C THR N 81 62.12 37.35 -26.17
N ASP N 82 62.38 37.23 -27.47
CA ASP N 82 63.51 36.45 -27.97
C ASP N 82 63.43 35.00 -27.48
N LEU N 83 62.26 34.40 -27.63
CA LEU N 83 62.04 33.02 -27.24
C LEU N 83 62.35 32.10 -28.41
N ARG N 84 62.93 30.94 -28.09
CA ARG N 84 63.12 29.87 -29.04
C ARG N 84 62.17 28.74 -28.71
N PHE N 85 61.76 27.99 -29.73
CA PHE N 85 60.85 26.89 -29.57
C PHE N 85 61.45 25.63 -30.15
N GLN N 86 61.44 24.55 -29.40
CA GLN N 86 61.78 23.25 -29.96
C GLN N 86 60.70 22.86 -30.96
N SER N 87 61.12 22.29 -32.09
CA SER N 87 60.14 21.82 -33.07
C SER N 87 59.12 20.92 -32.40
N SER N 88 59.57 20.03 -31.53
CA SER N 88 58.65 19.16 -30.82
C SER N 88 57.72 19.96 -29.92
N ALA N 89 58.16 21.10 -29.42
CA ALA N 89 57.29 21.93 -28.58
C ALA N 89 56.12 22.47 -29.39
N VAL N 90 56.39 23.00 -30.58
CA VAL N 90 55.32 23.50 -31.42
C VAL N 90 54.42 22.35 -31.88
N MET N 91 55.02 21.19 -32.17
CA MET N 91 54.20 20.06 -32.58
C MET N 91 53.27 19.63 -31.45
N ALA N 92 53.76 19.61 -30.22
CA ALA N 92 52.93 19.28 -29.08
C ALA N 92 51.81 20.29 -28.91
N LEU N 93 52.14 21.57 -29.07
CA LEU N 93 51.11 22.60 -28.98
C LEU N 93 50.05 22.38 -30.04
N GLN N 94 50.46 22.07 -31.27
CA GLN N 94 49.50 21.86 -32.34
C GLN N 94 48.61 20.65 -32.05
N GLU N 95 49.21 19.56 -31.57
CA GLU N 95 48.43 18.36 -31.28
C GLU N 95 47.40 18.65 -30.20
N ALA N 96 47.83 19.30 -29.11
CA ALA N 96 46.89 19.62 -28.04
C ALA N 96 45.79 20.55 -28.52
N SER N 97 46.16 21.57 -29.31
CA SER N 97 45.17 22.52 -29.80
C SER N 97 44.16 21.86 -30.71
N GLU N 98 44.63 21.03 -31.64
CA GLU N 98 43.73 20.36 -32.57
C GLU N 98 42.82 19.40 -31.83
N ALA N 99 43.35 18.64 -30.87
CA ALA N 99 42.51 17.73 -30.11
C ALA N 99 41.45 18.50 -29.34
N TYR N 100 41.84 19.62 -28.72
CA TYR N 100 40.88 20.41 -27.97
C TYR N 100 39.80 20.98 -28.87
N LEU N 101 40.20 21.48 -30.04
CA LEU N 101 39.21 22.04 -30.97
C LEU N 101 38.28 20.96 -31.50
N VAL N 102 38.80 19.76 -31.77
CA VAL N 102 37.95 18.68 -32.26
C VAL N 102 36.94 18.28 -31.20
N ALA N 103 37.38 18.15 -29.94
CA ALA N 103 36.42 17.85 -28.88
C ALA N 103 35.40 18.96 -28.72
N LEU N 104 35.84 20.21 -28.83
CA LEU N 104 34.93 21.33 -28.75
C LEU N 104 33.90 21.29 -29.86
N PHE N 105 34.33 20.93 -31.07
CA PHE N 105 33.39 20.85 -32.18
C PHE N 105 32.44 19.67 -32.02
N GLU N 106 32.90 18.58 -31.41
CA GLU N 106 31.98 17.49 -31.11
C GLU N 106 30.89 17.96 -30.16
N ASP N 107 31.27 18.65 -29.08
CA ASP N 107 30.26 19.18 -28.17
C ASP N 107 29.39 20.22 -28.83
N THR N 108 29.96 21.06 -29.70
CA THR N 108 29.18 22.05 -30.42
C THR N 108 28.16 21.40 -31.32
N ASN N 109 28.55 20.32 -32.02
CA ASN N 109 27.62 19.61 -32.88
C ASN N 109 26.50 19.00 -32.05
N LEU N 110 26.83 18.44 -30.90
CA LEU N 110 25.79 17.91 -30.02
C LEU N 110 24.84 19.01 -29.59
N CYS N 111 25.38 20.19 -29.27
CA CYS N 111 24.52 21.30 -28.86
C CYS N 111 23.61 21.75 -29.99
N ALA N 112 24.14 21.84 -31.21
CA ALA N 112 23.33 22.24 -32.34
C ALA N 112 22.22 21.23 -32.59
N ILE N 113 22.55 19.94 -32.55
CA ILE N 113 21.52 18.92 -32.74
C ILE N 113 20.47 19.02 -31.64
N HIS N 114 20.90 19.36 -30.43
CA HIS N 114 19.94 19.53 -29.34
C HIS N 114 18.94 20.63 -29.65
N ALA N 115 19.37 21.66 -30.37
CA ALA N 115 18.49 22.76 -30.75
C ALA N 115 17.68 22.48 -32.00
N LYS N 116 17.61 21.21 -32.41
CA LYS N 116 16.85 20.81 -33.60
C LYS N 116 17.47 21.36 -34.88
N ARG N 117 18.73 21.76 -34.83
CA ARG N 117 19.43 22.30 -35.99
C ARG N 117 20.43 21.27 -36.50
N VAL N 118 21.08 21.61 -37.61
CA VAL N 118 22.11 20.77 -38.21
C VAL N 118 23.39 21.59 -38.33
N THR N 119 23.24 22.91 -38.38
CA THR N 119 24.38 23.81 -38.49
C THR N 119 24.87 24.17 -37.11
N ILE N 120 26.18 24.18 -36.93
CA ILE N 120 26.77 24.75 -35.72
C ILE N 120 26.87 26.25 -35.89
N MET N 121 26.48 26.98 -34.85
CA MET N 121 26.49 28.43 -34.85
C MET N 121 27.18 28.90 -33.58
N PRO N 122 27.72 30.12 -33.58
CA PRO N 122 28.55 30.54 -32.44
C PRO N 122 27.89 30.35 -31.09
N LYS N 123 26.57 30.48 -31.00
CA LYS N 123 25.90 30.24 -29.73
C LYS N 123 26.08 28.78 -29.29
N ASP N 124 26.22 27.87 -30.24
CA ASP N 124 26.49 26.47 -29.89
C ASP N 124 27.85 26.34 -29.22
N ILE N 125 28.87 26.96 -29.79
CA ILE N 125 30.20 26.93 -29.16
C ILE N 125 30.14 27.57 -27.79
N GLN N 126 29.43 28.70 -27.67
CA GLN N 126 29.36 29.38 -26.39
C GLN N 126 28.68 28.51 -25.34
N LEU N 127 27.60 27.83 -25.71
CA LEU N 127 26.95 26.94 -24.74
C LEU N 127 27.84 25.77 -24.37
N ALA N 128 28.53 25.19 -25.35
CA ALA N 128 29.42 24.08 -25.05
C ALA N 128 30.51 24.50 -24.08
N ARG N 129 31.11 25.66 -24.32
CA ARG N 129 32.17 26.14 -23.43
C ARG N 129 31.61 26.49 -22.05
N ARG N 130 30.42 27.09 -22.00
CA ARG N 130 29.84 27.45 -20.71
C ARG N 130 29.54 26.22 -19.88
N ILE N 131 29.00 25.17 -20.51
CA ILE N 131 28.70 23.95 -19.77
C ILE N 131 29.98 23.23 -19.37
N ARG N 132 30.97 23.21 -20.26
CA ARG N 132 32.25 22.59 -19.91
C ARG N 132 32.86 23.24 -18.68
N GLY N 133 32.54 24.49 -18.43
CA GLY N 133 33.20 25.25 -17.39
C GLY N 133 34.35 26.10 -17.87
N GLU N 134 34.60 26.15 -19.18
CA GLU N 134 35.70 26.93 -19.71
C GLU N 134 35.40 28.42 -19.67
N ARG N 135 34.34 28.84 -20.36
CA ARG N 135 33.92 30.23 -20.32
C ARG N 135 33.03 30.47 -19.11
N ALA N 136 33.26 31.59 -18.43
CA ALA N 136 32.48 31.95 -17.26
C ALA N 136 30.99 31.93 -17.58
N ASN O 26 47.92 36.93 -38.46
CA ASN O 26 48.63 35.71 -37.97
C ASN O 26 47.62 34.72 -37.39
N ILE O 27 46.70 35.23 -36.58
CA ILE O 27 45.58 34.40 -36.15
C ILE O 27 44.73 34.02 -37.35
N GLN O 28 44.69 34.87 -38.37
CA GLN O 28 44.02 34.53 -39.61
C GLN O 28 44.74 33.43 -40.38
N GLY O 29 45.96 33.07 -39.97
CA GLY O 29 46.59 31.90 -40.54
C GLY O 29 45.85 30.61 -40.25
N ILE O 30 44.95 30.63 -39.27
CA ILE O 30 44.04 29.52 -39.05
C ILE O 30 42.90 29.68 -40.04
N THR O 31 43.07 29.13 -41.23
CA THR O 31 42.22 29.47 -42.35
C THR O 31 40.81 28.91 -42.16
N LYS O 32 39.90 29.40 -43.00
CA LYS O 32 38.54 28.86 -43.02
C LYS O 32 38.52 27.37 -43.36
N PRO O 33 39.20 26.90 -44.41
CA PRO O 33 39.23 25.46 -44.66
C PRO O 33 39.81 24.65 -43.52
N ALA O 34 40.80 25.17 -42.80
CA ALA O 34 41.36 24.41 -41.68
C ALA O 34 40.35 24.23 -40.57
N ILE O 35 39.59 25.27 -40.24
CA ILE O 35 38.53 25.13 -39.26
C ILE O 35 37.45 24.20 -39.80
N ARG O 36 37.19 24.25 -41.10
CA ARG O 36 36.24 23.30 -41.68
C ARG O 36 36.69 21.87 -41.46
N ARG O 37 37.98 21.60 -41.68
CA ARG O 37 38.50 20.25 -41.47
C ARG O 37 38.40 19.85 -40.01
N LEU O 38 38.71 20.76 -39.09
CA LEU O 38 38.60 20.43 -37.67
C LEU O 38 37.16 20.13 -37.30
N ALA O 39 36.21 20.90 -37.84
CA ALA O 39 34.80 20.64 -37.58
C ALA O 39 34.38 19.29 -38.15
N ARG O 40 34.85 18.97 -39.36
CA ARG O 40 34.50 17.69 -39.97
C ARG O 40 35.02 16.54 -39.14
N ARG O 41 36.30 16.59 -38.74
CA ARG O 41 36.83 15.56 -37.86
C ARG O 41 36.03 15.48 -36.57
N GLY O 42 35.40 16.57 -36.17
CA GLY O 42 34.50 16.57 -35.04
C GLY O 42 33.11 16.09 -35.34
N GLY O 43 32.83 15.71 -36.58
CA GLY O 43 31.53 15.21 -36.95
C GLY O 43 30.53 16.27 -37.35
N VAL O 44 30.98 17.47 -37.70
CA VAL O 44 30.08 18.57 -38.02
C VAL O 44 29.77 18.54 -39.51
N LYS O 45 28.48 18.59 -39.84
CA LYS O 45 28.04 18.51 -41.23
C LYS O 45 27.90 19.89 -41.86
N ARG O 46 27.26 20.82 -41.17
CA ARG O 46 27.02 22.16 -41.67
C ARG O 46 27.58 23.17 -40.68
N ILE O 47 28.28 24.18 -41.19
CA ILE O 47 28.99 25.15 -40.37
C ILE O 47 28.48 26.54 -40.72
N SER O 48 28.12 27.32 -39.70
CA SER O 48 27.66 28.67 -39.92
C SER O 48 28.81 29.57 -40.37
N GLY O 49 28.47 30.73 -40.91
CA GLY O 49 29.49 31.63 -41.41
C GLY O 49 30.35 32.22 -40.32
N LEU O 50 29.75 32.53 -39.18
CA LEU O 50 30.47 33.20 -38.09
C LEU O 50 31.26 32.24 -37.22
N ILE O 51 31.13 30.93 -37.44
CA ILE O 51 31.82 29.97 -36.59
C ILE O 51 33.33 30.14 -36.68
N TYR O 52 33.82 30.66 -37.81
CA TYR O 52 35.26 30.72 -38.00
C TYR O 52 35.91 31.75 -37.08
N GLU O 53 35.31 32.92 -36.96
CA GLU O 53 35.88 33.92 -36.05
C GLU O 53 35.79 33.48 -34.61
N GLU O 54 34.66 32.88 -34.22
CA GLU O 54 34.53 32.36 -32.87
C GLU O 54 35.57 31.30 -32.58
N THR O 55 35.81 30.40 -33.53
CA THR O 55 36.81 29.37 -33.33
C THR O 55 38.20 29.96 -33.24
N ARG O 56 38.49 30.97 -34.04
CA ARG O 56 39.79 31.63 -33.93
C ARG O 56 39.96 32.23 -32.54
N GLY O 57 38.92 32.87 -32.02
CA GLY O 57 39.02 33.41 -30.67
C GLY O 57 39.23 32.34 -29.62
N VAL O 58 38.49 31.24 -29.72
CA VAL O 58 38.63 30.16 -28.75
C VAL O 58 40.03 29.56 -28.81
N LEU O 59 40.54 29.31 -30.01
CA LEU O 59 41.88 28.78 -30.15
C LEU O 59 42.90 29.75 -29.59
N LYS O 60 42.70 31.05 -29.81
CA LYS O 60 43.63 32.03 -29.28
C LYS O 60 43.65 31.98 -27.76
N VAL O 61 42.48 31.88 -27.13
CA VAL O 61 42.43 31.80 -25.68
C VAL O 61 43.16 30.55 -25.19
N PHE O 62 42.89 29.41 -25.81
CA PHE O 62 43.50 28.16 -25.38
C PHE O 62 45.01 28.23 -25.51
N LEU O 63 45.50 28.71 -26.66
CA LEU O 63 46.93 28.83 -26.85
C LEU O 63 47.53 29.81 -25.87
N GLU O 64 46.82 30.90 -25.56
CA GLU O 64 47.33 31.85 -24.59
C GLU O 64 47.56 31.17 -23.25
N ASN O 65 46.58 30.42 -22.78
CA ASN O 65 46.75 29.74 -21.49
C ASN O 65 47.92 28.77 -21.54
N VAL O 66 47.94 27.89 -22.55
CA VAL O 66 48.95 26.85 -22.57
C VAL O 66 50.35 27.45 -22.72
N ILE O 67 50.50 28.43 -23.61
CA ILE O 67 51.81 29.02 -23.83
C ILE O 67 52.24 29.84 -22.63
N ARG O 68 51.31 30.47 -21.92
CA ARG O 68 51.68 31.19 -20.71
C ARG O 68 52.26 30.22 -19.69
N ASP O 69 51.60 29.08 -19.48
CA ASP O 69 52.13 28.11 -18.53
C ASP O 69 53.47 27.55 -19.01
N ALA O 70 53.59 27.25 -20.29
CA ALA O 70 54.84 26.72 -20.81
C ALA O 70 55.98 27.71 -20.61
N VAL O 71 55.74 28.99 -20.92
CA VAL O 71 56.78 30.00 -20.77
C VAL O 71 57.10 30.21 -19.31
N THR O 72 56.12 30.10 -18.42
CA THR O 72 56.43 30.14 -16.99
C THR O 72 57.39 29.02 -16.62
N TYR O 73 57.13 27.82 -17.13
CA TYR O 73 58.02 26.70 -16.83
C TYR O 73 59.42 26.95 -17.36
N THR O 74 59.52 27.48 -18.58
CA THR O 74 60.85 27.69 -19.16
C THR O 74 61.60 28.80 -18.44
N GLU O 75 60.88 29.85 -18.02
CA GLU O 75 61.52 30.90 -17.24
C GLU O 75 62.03 30.37 -15.91
N HIS O 76 61.22 29.56 -15.23
CA HIS O 76 61.67 29.02 -13.95
C HIS O 76 62.91 28.16 -14.12
N ALA O 77 63.07 27.52 -15.27
CA ALA O 77 64.26 26.74 -15.55
C ALA O 77 65.40 27.59 -16.08
N LYS O 78 65.20 28.90 -16.24
CA LYS O 78 66.23 29.80 -16.75
C LYS O 78 66.69 29.37 -18.14
N ARG O 79 65.73 29.14 -19.02
CA ARG O 79 66.00 28.75 -20.39
C ARG O 79 65.32 29.73 -21.34
N LYS O 80 65.97 30.00 -22.46
CA LYS O 80 65.40 30.81 -23.51
C LYS O 80 64.70 29.99 -24.59
N THR O 81 64.71 28.66 -24.45
CA THR O 81 64.08 27.77 -25.42
C THR O 81 62.93 27.06 -24.74
N VAL O 82 61.77 27.02 -25.39
CA VAL O 82 60.62 26.32 -24.86
C VAL O 82 60.67 24.88 -25.36
N THR O 83 60.86 23.95 -24.44
CA THR O 83 61.00 22.55 -24.77
C THR O 83 59.65 21.86 -24.75
N ALA O 84 59.56 20.75 -25.49
CA ALA O 84 58.31 20.01 -25.53
C ALA O 84 57.88 19.59 -24.12
N MET O 85 58.84 19.38 -23.22
CA MET O 85 58.48 18.99 -21.86
C MET O 85 57.75 20.13 -21.16
N ASP O 86 58.14 21.37 -21.43
CA ASP O 86 57.43 22.50 -20.85
C ASP O 86 55.97 22.51 -21.30
N VAL O 87 55.74 22.28 -22.59
CA VAL O 87 54.38 22.23 -23.10
C VAL O 87 53.61 21.09 -22.48
N VAL O 88 54.25 19.93 -22.36
CA VAL O 88 53.56 18.77 -21.78
C VAL O 88 53.17 19.04 -20.34
N TYR O 89 54.07 19.65 -19.57
CA TYR O 89 53.76 19.99 -18.19
C TYR O 89 52.64 21.02 -18.12
N ALA O 90 52.67 22.01 -19.01
CA ALA O 90 51.62 23.02 -19.04
C ALA O 90 50.27 22.39 -19.32
N LEU O 91 50.22 21.49 -20.30
CA LEU O 91 48.96 20.79 -20.60
C LEU O 91 48.52 19.94 -19.41
N LYS O 92 49.45 19.21 -18.80
CA LYS O 92 49.11 18.40 -17.64
C LYS O 92 48.53 19.25 -16.52
N ARG O 93 49.01 20.48 -16.40
CA ARG O 93 48.49 21.39 -15.38
C ARG O 93 47.01 21.62 -15.56
N GLN O 94 46.57 21.82 -16.80
CA GLN O 94 45.20 22.18 -17.11
C GLN O 94 44.29 20.97 -17.26
N GLY O 95 44.78 19.78 -16.95
CA GLY O 95 43.98 18.58 -17.14
C GLY O 95 43.81 18.21 -18.59
N ARG O 96 44.85 18.36 -19.40
CA ARG O 96 44.85 17.97 -20.80
C ARG O 96 46.10 17.16 -21.11
N THR O 97 46.39 16.18 -20.26
CA THR O 97 47.58 15.36 -20.41
C THR O 97 47.77 14.93 -21.86
N LEU O 98 48.99 15.07 -22.36
CA LEU O 98 49.31 14.72 -23.73
C LEU O 98 50.37 13.63 -23.75
N TYR O 99 50.10 12.57 -24.50
CA TYR O 99 51.00 11.44 -24.64
C TYR O 99 51.72 11.53 -25.97
N GLY O 100 52.96 11.06 -25.99
CA GLY O 100 53.74 10.99 -27.21
C GLY O 100 54.86 12.00 -27.31
N PHE O 101 55.15 12.75 -26.26
CA PHE O 101 56.22 13.73 -26.29
C PHE O 101 57.05 13.63 -25.01
N GLY O 102 57.35 12.41 -24.60
CA GLY O 102 58.16 12.18 -23.42
C GLY O 102 57.47 12.59 -22.12
N GLY O 103 56.18 12.32 -22.00
CA GLY O 103 55.46 12.60 -20.77
C GLY O 103 56.05 11.87 -19.58
N ALA P 15 63.18 40.39 17.58
CA ALA P 15 61.96 39.53 17.57
C ALA P 15 62.33 38.08 17.35
N LYS P 16 61.69 37.18 18.10
CA LYS P 16 62.01 35.76 18.02
C LYS P 16 61.27 35.08 16.87
N THR P 17 59.94 35.21 16.82
CA THR P 17 59.17 34.49 15.82
C THR P 17 59.63 34.87 14.43
N ARG P 18 59.61 33.90 13.52
CA ARG P 18 60.02 34.15 12.15
C ARG P 18 59.00 34.99 11.41
N SER P 19 57.73 34.88 11.78
CA SER P 19 56.70 35.76 11.20
C SER P 19 57.01 37.22 11.50
N SER P 20 57.40 37.51 12.74
CA SER P 20 57.75 38.89 13.07
C SER P 20 58.90 39.39 12.21
N ARG P 21 59.91 38.55 12.01
CA ARG P 21 61.00 38.95 11.12
C ARG P 21 60.48 39.21 9.72
N ALA P 22 59.56 38.39 9.23
CA ALA P 22 58.96 38.57 7.92
C ALA P 22 57.80 39.55 7.93
N GLY P 23 57.39 40.02 9.10
CA GLY P 23 56.29 40.97 9.17
C GLY P 23 54.98 40.38 8.71
N LEU P 24 54.68 39.17 9.13
CA LEU P 24 53.48 38.45 8.71
C LEU P 24 52.62 38.10 9.92
N GLN P 25 51.35 37.85 9.66
CA GLN P 25 50.45 37.30 10.66
C GLN P 25 50.36 35.79 10.59
N PHE P 26 50.75 35.18 9.48
CA PHE P 26 50.69 33.74 9.36
C PHE P 26 51.97 33.10 9.89
N PRO P 27 51.91 31.83 10.28
CA PRO P 27 53.05 31.18 10.94
C PRO P 27 54.07 30.70 9.92
N VAL P 28 55.23 31.37 9.88
CA VAL P 28 56.30 30.89 9.03
C VAL P 28 56.87 29.59 9.56
N GLY P 29 56.96 29.45 10.89
CA GLY P 29 57.48 28.21 11.45
C GLY P 29 56.59 27.02 11.15
N ARG P 30 55.29 27.17 11.33
CA ARG P 30 54.37 26.08 11.02
C ARG P 30 54.41 25.74 9.54
N VAL P 31 54.46 26.75 8.67
CA VAL P 31 54.52 26.48 7.25
C VAL P 31 55.79 25.73 6.90
N HIS P 32 56.91 26.12 7.50
CA HIS P 32 58.16 25.40 7.26
C HIS P 32 58.06 23.96 7.72
N ARG P 33 57.47 23.74 8.90
CA ARG P 33 57.34 22.38 9.39
C ARG P 33 56.47 21.54 8.47
N LEU P 34 55.37 22.11 7.96
CA LEU P 34 54.50 21.36 7.07
C LEU P 34 55.21 21.05 5.76
N LEU P 35 55.92 22.03 5.20
CA LEU P 35 56.68 21.80 3.98
C LEU P 35 57.68 20.67 4.19
N ARG P 36 58.30 20.60 5.36
CA ARG P 36 59.26 19.52 5.61
C ARG P 36 58.54 18.18 5.80
N LYS P 37 57.50 18.15 6.62
CA LYS P 37 56.72 16.92 6.84
C LYS P 37 55.54 16.85 5.88
N GLY P 38 55.79 17.11 4.60
CA GLY P 38 54.78 16.93 3.60
C GLY P 38 55.28 16.11 2.42
N ASN P 39 56.55 15.71 2.49
CA ASN P 39 57.17 14.94 1.42
C ASN P 39 57.05 15.67 0.08
N TYR P 40 57.36 16.96 0.11
CA TYR P 40 57.40 17.77 -1.09
C TYR P 40 58.78 17.79 -1.74
N ALA P 41 59.84 17.76 -0.94
CA ALA P 41 61.19 17.69 -1.47
C ALA P 41 62.13 17.28 -0.35
N GLU P 42 63.34 16.90 -0.74
CA GLU P 42 64.32 16.47 0.25
C GLU P 42 64.67 17.62 1.20
N ARG P 43 64.86 18.82 0.65
CA ARG P 43 65.23 19.98 1.44
C ARG P 43 64.29 21.13 1.13
N VAL P 44 64.14 22.04 2.08
CA VAL P 44 63.24 23.18 1.95
C VAL P 44 64.01 24.44 2.27
N GLY P 45 64.03 25.38 1.33
CA GLY P 45 64.80 26.59 1.51
C GLY P 45 64.30 27.41 2.68
N ALA P 46 65.12 28.36 3.10
CA ALA P 46 64.77 29.22 4.22
C ALA P 46 63.71 30.24 3.85
N GLY P 47 63.67 30.65 2.58
CA GLY P 47 62.72 31.66 2.15
C GLY P 47 61.42 31.10 1.66
N ALA P 48 61.38 29.80 1.36
CA ALA P 48 60.14 29.20 0.89
C ALA P 48 59.02 29.31 1.91
N PRO P 49 59.24 28.99 3.20
CA PRO P 49 58.15 29.16 4.17
C PRO P 49 57.69 30.60 4.26
N VAL P 50 58.60 31.57 4.20
CA VAL P 50 58.21 32.97 4.29
C VAL P 50 57.35 33.36 3.10
N TYR P 51 57.79 32.97 1.90
CA TYR P 51 57.03 33.30 0.70
C TYR P 51 55.65 32.66 0.74
N LEU P 52 55.57 31.39 1.13
CA LEU P 52 54.28 30.71 1.15
C LEU P 52 53.37 31.29 2.21
N ALA P 53 53.91 31.63 3.38
CA ALA P 53 53.11 32.27 4.41
C ALA P 53 52.59 33.62 3.94
N ALA P 54 53.43 34.39 3.26
CA ALA P 54 52.99 35.68 2.74
C ALA P 54 51.87 35.50 1.73
N VAL P 55 52.01 34.54 0.82
CA VAL P 55 50.98 34.32 -0.19
C VAL P 55 49.67 33.89 0.48
N LEU P 56 49.75 32.97 1.44
CA LEU P 56 48.55 32.53 2.12
C LEU P 56 47.89 33.67 2.88
N GLU P 57 48.69 34.51 3.53
CA GLU P 57 48.14 35.67 4.22
C GLU P 57 47.46 36.60 3.24
N TYR P 58 48.08 36.84 2.08
CA TYR P 58 47.49 37.75 1.11
C TYR P 58 46.15 37.21 0.62
N LEU P 59 46.10 35.92 0.30
CA LEU P 59 44.84 35.35 -0.20
C LEU P 59 43.78 35.34 0.89
N THR P 60 44.15 35.03 2.12
CA THR P 60 43.17 35.06 3.20
C THR P 60 42.62 36.47 3.39
N ALA P 61 43.49 37.48 3.36
CA ALA P 61 43.02 38.86 3.50
C ALA P 61 42.15 39.24 2.32
N GLU P 62 42.51 38.80 1.12
CA GLU P 62 41.72 39.14 -0.06
C GLU P 62 40.32 38.56 0.05
N ILE P 63 40.20 37.31 0.50
CA ILE P 63 38.88 36.72 0.65
C ILE P 63 38.12 37.39 1.77
N LEU P 64 38.80 37.69 2.88
CA LEU P 64 38.10 38.24 4.03
C LEU P 64 37.63 39.66 3.79
N GLU P 65 38.36 40.43 2.98
CA GLU P 65 37.89 41.78 2.67
C GLU P 65 36.53 41.72 1.99
N LEU P 66 36.41 40.89 0.96
CA LEU P 66 35.14 40.79 0.26
C LEU P 66 34.07 40.13 1.12
N ALA P 67 34.44 39.14 1.93
CA ALA P 67 33.46 38.52 2.81
C ALA P 67 32.93 39.52 3.82
N GLY P 68 33.79 40.36 4.37
CA GLY P 68 33.34 41.38 5.28
C GLY P 68 32.48 42.43 4.62
N ASN P 69 32.82 42.78 3.37
CA ASN P 69 31.93 43.68 2.63
C ASN P 69 30.56 43.06 2.45
N ALA P 70 30.50 41.78 2.09
CA ALA P 70 29.22 41.12 1.93
C ALA P 70 28.45 41.06 3.25
N ALA P 71 29.14 40.79 4.34
CA ALA P 71 28.49 40.75 5.64
C ALA P 71 27.93 42.12 6.01
N ARG P 72 28.68 43.17 5.72
CA ARG P 72 28.20 44.53 5.97
C ARG P 72 26.95 44.82 5.13
N ASP P 73 26.97 44.40 3.87
CA ASP P 73 25.80 44.61 3.03
C ASP P 73 24.55 43.97 3.62
N ASN P 74 24.71 42.92 4.41
CA ASN P 74 23.60 42.26 5.07
C ASN P 74 23.37 42.76 6.49
N LYS P 75 24.05 43.84 6.88
CA LYS P 75 23.91 44.39 8.23
C LYS P 75 24.25 43.34 9.28
N LYS P 76 25.24 42.50 8.99
CA LYS P 76 25.65 41.44 9.88
C LYS P 76 27.10 41.66 10.31
N THR P 77 27.34 41.56 11.62
CA THR P 77 28.69 41.74 12.15
C THR P 77 29.57 40.52 11.88
N ARG P 78 28.98 39.34 11.77
CA ARG P 78 29.73 38.10 11.66
C ARG P 78 29.70 37.57 10.23
N ILE P 79 30.83 37.06 9.77
CA ILE P 79 30.92 36.43 8.47
C ILE P 79 30.44 34.99 8.58
N ILE P 80 29.50 34.62 7.72
CA ILE P 80 28.97 33.25 7.69
C ILE P 80 29.30 32.67 6.33
N PRO P 81 29.14 31.36 6.12
CA PRO P 81 29.54 30.78 4.83
C PRO P 81 28.87 31.43 3.64
N ARG P 82 27.64 31.93 3.79
CA ARG P 82 26.99 32.61 2.69
C ARG P 82 27.81 33.79 2.21
N HIS P 83 28.36 34.57 3.15
CA HIS P 83 29.15 35.73 2.76
C HIS P 83 30.43 35.32 2.05
N LEU P 84 31.06 34.24 2.50
CA LEU P 84 32.24 33.74 1.80
C LEU P 84 31.89 33.32 0.39
N GLN P 85 30.75 32.64 0.21
CA GLN P 85 30.34 32.24 -1.12
C GLN P 85 30.09 33.46 -2.01
N LEU P 86 29.40 34.46 -1.49
CA LEU P 86 29.15 35.66 -2.27
C LEU P 86 30.46 36.34 -2.65
N ALA P 87 31.38 36.46 -1.70
CA ALA P 87 32.66 37.10 -1.98
C ALA P 87 33.41 36.35 -3.06
N VAL P 88 33.47 35.02 -2.96
CA VAL P 88 34.23 34.25 -3.94
C VAL P 88 33.59 34.33 -5.31
N ARG P 89 32.28 34.13 -5.38
CA ARG P 89 31.62 34.01 -6.68
C ARG P 89 31.42 35.34 -7.37
N ASN P 90 31.31 36.44 -6.64
CA ASN P 90 31.17 37.75 -7.26
C ASN P 90 32.51 38.33 -7.71
N ASP P 91 33.63 37.69 -7.39
CA ASP P 91 34.95 38.13 -7.81
C ASP P 91 35.45 37.19 -8.88
N GLU P 92 35.83 37.75 -10.04
CA GLU P 92 36.19 36.93 -11.18
C GLU P 92 37.41 36.07 -10.87
N GLU P 93 38.49 36.70 -10.39
CA GLU P 93 39.73 35.96 -10.15
C GLU P 93 39.56 34.93 -9.04
N LEU P 94 38.95 35.33 -7.92
CA LEU P 94 38.74 34.39 -6.83
C LEU P 94 37.83 33.25 -7.24
N ASN P 95 36.76 33.56 -7.96
CA ASN P 95 35.86 32.50 -8.44
C ASN P 95 36.57 31.56 -9.39
N LYS P 96 37.55 32.07 -10.15
CA LYS P 96 38.32 31.20 -11.01
C LYS P 96 39.27 30.32 -10.20
N LEU P 97 39.82 30.87 -9.11
CA LEU P 97 40.70 30.08 -8.25
C LEU P 97 39.93 28.94 -7.58
N LEU P 98 38.72 29.22 -7.11
CA LEU P 98 37.88 28.24 -6.43
C LEU P 98 36.77 27.76 -7.35
N GLY P 99 37.07 27.60 -8.63
CA GLY P 99 36.05 27.19 -9.59
C GLY P 99 35.49 25.81 -9.30
N ARG P 100 36.32 24.90 -8.82
CA ARG P 100 35.94 23.52 -8.58
C ARG P 100 35.83 23.23 -7.09
N VAL P 101 35.30 24.18 -6.33
CA VAL P 101 35.20 24.09 -4.89
C VAL P 101 33.75 24.31 -4.48
N THR P 102 33.28 23.49 -3.55
CA THR P 102 31.96 23.64 -2.95
C THR P 102 32.12 24.18 -1.54
N ILE P 103 31.42 25.27 -1.24
CA ILE P 103 31.46 25.88 0.08
C ILE P 103 30.18 25.49 0.80
N ALA P 104 30.30 24.69 1.85
CA ALA P 104 29.14 24.23 2.59
C ALA P 104 28.32 25.41 3.07
N GLN P 105 27.01 25.32 2.91
CA GLN P 105 26.07 26.38 3.25
C GLN P 105 26.30 27.64 2.41
N GLY P 106 27.10 27.54 1.35
CA GLY P 106 27.37 28.71 0.55
C GLY P 106 26.16 29.21 -0.21
N GLY P 107 25.33 28.28 -0.71
CA GLY P 107 24.25 28.66 -1.60
C GLY P 107 24.77 28.97 -2.99
N VAL P 108 24.00 29.78 -3.71
CA VAL P 108 24.35 30.18 -5.07
C VAL P 108 24.12 31.67 -5.22
N LEU P 109 24.76 32.24 -6.24
CA LEU P 109 24.55 33.65 -6.56
C LEU P 109 23.15 33.83 -7.13
N PRO P 110 22.35 34.76 -6.61
CA PRO P 110 21.03 34.97 -7.19
C PRO P 110 21.10 35.47 -8.61
N ASN P 111 20.68 34.65 -9.58
CA ASN P 111 20.53 35.11 -10.95
C ASN P 111 19.46 34.28 -11.63
N ILE P 112 18.66 34.96 -12.46
CA ILE P 112 17.57 34.33 -13.20
C ILE P 112 17.77 34.68 -14.66
N GLN P 113 17.66 33.68 -15.53
CA GLN P 113 17.84 33.93 -16.95
C GLN P 113 16.78 34.89 -17.46
N SER P 114 17.17 35.73 -18.41
CA SER P 114 16.28 36.80 -18.87
C SER P 114 15.00 36.25 -19.45
N VAL P 115 15.10 35.20 -20.28
CA VAL P 115 13.92 34.68 -20.96
C VAL P 115 12.87 34.20 -19.98
N LEU P 116 13.26 33.81 -18.77
CA LEU P 116 12.30 33.31 -17.79
C LEU P 116 11.50 34.40 -17.12
N LEU P 117 11.86 35.65 -17.30
CA LEU P 117 11.15 36.74 -16.65
C LEU P 117 9.89 37.10 -17.44
N PRO P 118 8.88 37.65 -16.78
CA PRO P 118 7.67 38.07 -17.50
C PRO P 118 7.94 39.30 -18.35
N LYS P 119 7.04 39.53 -19.31
CA LYS P 119 7.18 40.65 -20.23
C LYS P 119 6.08 41.67 -19.99
N THR Q 30 43.30 16.08 22.85
CA THR Q 30 44.61 16.25 22.15
C THR Q 30 44.63 17.56 21.37
N ARG Q 31 45.75 17.85 20.71
CA ARG Q 31 45.92 19.11 20.02
C ARG Q 31 45.53 18.96 18.55
N LYS Q 32 44.51 19.69 18.14
CA LYS Q 32 44.13 19.81 16.73
C LYS Q 32 44.58 21.19 16.25
N GLU Q 33 45.66 21.24 15.48
CA GLU Q 33 46.14 22.51 14.97
C GLU Q 33 45.21 23.03 13.88
N SER Q 34 45.26 24.34 13.67
CA SER Q 34 44.44 24.98 12.65
C SER Q 34 44.99 26.38 12.40
N TYR Q 35 44.40 27.05 11.42
CA TYR Q 35 44.74 28.41 11.08
C TYR Q 35 43.76 29.41 11.68
N ALA Q 36 42.96 29.00 12.66
CA ALA Q 36 41.93 29.88 13.19
C ALA Q 36 42.50 31.19 13.69
N ILE Q 37 43.55 31.13 14.52
CA ILE Q 37 44.05 32.35 15.13
C ILE Q 37 44.64 33.29 14.08
N TYR Q 38 45.37 32.74 13.12
CA TYR Q 38 46.01 33.59 12.11
C TYR Q 38 44.97 34.23 11.20
N VAL Q 39 43.97 33.46 10.79
CA VAL Q 39 42.91 34.04 9.98
C VAL Q 39 42.17 35.11 10.76
N TYR Q 40 41.98 34.89 12.07
CA TYR Q 40 41.32 35.91 12.88
C TYR Q 40 42.17 37.18 12.96
N LYS Q 41 43.48 37.03 13.10
CA LYS Q 41 44.35 38.20 13.11
C LYS Q 41 44.25 38.96 11.80
N VAL Q 42 44.26 38.24 10.68
CA VAL Q 42 44.12 38.90 9.38
C VAL Q 42 42.79 39.61 9.29
N LEU Q 43 41.71 38.96 9.72
CA LEU Q 43 40.40 39.57 9.68
C LEU Q 43 40.38 40.86 10.48
N LYS Q 44 40.82 40.81 11.74
CA LYS Q 44 40.81 42.01 12.56
C LYS Q 44 41.72 43.08 11.99
N GLN Q 45 42.72 42.71 11.22
CA GLN Q 45 43.53 43.72 10.56
C GLN Q 45 42.87 44.28 9.31
N VAL Q 46 41.90 43.57 8.74
CA VAL Q 46 41.18 44.02 7.56
C VAL Q 46 39.85 44.65 7.92
N HIS Q 47 39.06 43.99 8.76
CA HIS Q 47 37.78 44.51 9.23
C HIS Q 47 37.79 44.44 10.76
N PRO Q 48 38.33 45.46 11.43
CA PRO Q 48 38.51 45.35 12.88
C PRO Q 48 37.24 45.07 13.65
N ASP Q 49 36.09 45.48 13.13
CA ASP Q 49 34.81 45.33 13.83
C ASP Q 49 33.97 44.18 13.28
N THR Q 50 34.60 43.20 12.64
CA THR Q 50 33.89 42.10 12.01
C THR Q 50 34.36 40.78 12.60
N GLY Q 51 33.41 39.95 13.01
CA GLY Q 51 33.69 38.62 13.50
C GLY Q 51 33.53 37.58 12.40
N ILE Q 52 33.77 36.33 12.78
CA ILE Q 52 33.65 35.20 11.86
C ILE Q 52 33.01 34.04 12.61
N SER Q 53 32.03 33.40 11.97
CA SER Q 53 31.35 32.28 12.59
C SER Q 53 32.21 31.02 12.52
N SER Q 54 31.84 30.03 13.33
CA SER Q 54 32.62 28.80 13.40
C SER Q 54 32.64 28.08 12.07
N LYS Q 55 31.49 28.01 11.40
CA LYS Q 55 31.45 27.36 10.09
C LYS Q 55 32.29 28.12 9.08
N ALA Q 56 32.19 29.44 9.07
CA ALA Q 56 33.03 30.24 8.19
C ALA Q 56 34.50 30.09 8.56
N MET Q 57 34.79 29.98 9.86
CA MET Q 57 36.16 29.72 10.29
C MET Q 57 36.68 28.42 9.70
N SER Q 58 35.87 27.36 9.79
CA SER Q 58 36.28 26.07 9.24
C SER Q 58 36.47 26.16 7.73
N ILE Q 59 35.60 26.87 7.04
CA ILE Q 59 35.73 27.01 5.60
C ILE Q 59 37.01 27.74 5.25
N MET Q 60 37.33 28.80 5.98
CA MET Q 60 38.56 29.54 5.71
C MET Q 60 39.78 28.69 5.99
N ASN Q 61 39.74 27.92 7.07
CA ASN Q 61 40.86 27.03 7.38
C ASN Q 61 41.04 25.99 6.28
N SER Q 62 39.94 25.41 5.80
CA SER Q 62 40.01 24.46 4.71
C SER Q 62 40.57 25.12 3.45
N PHE Q 63 40.18 26.36 3.18
CA PHE Q 63 40.68 27.07 2.02
C PHE Q 63 42.18 27.28 2.12
N VAL Q 64 42.66 27.69 3.29
CA VAL Q 64 44.09 27.88 3.46
C VAL Q 64 44.84 26.57 3.26
N ASN Q 65 44.32 25.48 3.83
CA ASN Q 65 44.96 24.19 3.64
C ASN Q 65 44.97 23.80 2.17
N ASP Q 66 43.86 24.03 1.47
CA ASP Q 66 43.79 23.65 0.07
C ASP Q 66 44.81 24.43 -0.76
N VAL Q 67 44.90 25.75 -0.55
CA VAL Q 67 45.84 26.55 -1.31
C VAL Q 67 47.26 26.16 -0.96
N PHE Q 68 47.53 25.87 0.32
CA PHE Q 68 48.84 25.39 0.72
C PHE Q 68 49.19 24.12 -0.06
N GLU Q 69 48.28 23.15 -0.08
CA GLU Q 69 48.55 21.91 -0.80
C GLU Q 69 48.80 22.18 -2.28
N ARG Q 70 47.99 23.05 -2.90
CA ARG Q 70 48.18 23.32 -4.31
C ARG Q 70 49.55 23.92 -4.58
N ILE Q 71 49.91 24.97 -3.86
CA ILE Q 71 51.18 25.65 -4.11
C ILE Q 71 52.34 24.72 -3.80
N ALA Q 72 52.27 24.00 -2.69
CA ALA Q 72 53.36 23.11 -2.31
C ALA Q 72 53.52 21.97 -3.32
N GLY Q 73 52.41 21.41 -3.79
CA GLY Q 73 52.50 20.35 -4.79
C GLY Q 73 53.08 20.85 -6.09
N GLU Q 74 52.67 22.04 -6.53
CA GLU Q 74 53.24 22.58 -7.76
C GLU Q 74 54.72 22.88 -7.59
N ALA Q 75 55.12 23.38 -6.42
CA ALA Q 75 56.53 23.63 -6.17
C ALA Q 75 57.33 22.32 -6.16
N SER Q 76 56.76 21.27 -5.58
CA SER Q 76 57.41 19.97 -5.59
C SER Q 76 57.58 19.47 -7.02
N ARG Q 77 56.54 19.62 -7.84
CA ARG Q 77 56.64 19.22 -9.23
C ARG Q 77 57.71 20.03 -9.96
N LEU Q 78 57.78 21.33 -9.69
CA LEU Q 78 58.78 22.17 -10.33
C LEU Q 78 60.19 21.73 -9.95
N ALA Q 79 60.40 21.44 -8.66
CA ALA Q 79 61.70 20.97 -8.23
C ALA Q 79 62.05 19.64 -8.88
N HIS Q 80 61.09 18.74 -8.97
CA HIS Q 80 61.35 17.44 -9.59
C HIS Q 80 61.67 17.60 -11.07
N TYR Q 81 60.95 18.46 -11.77
CA TYR Q 81 61.16 18.63 -13.20
C TYR Q 81 62.57 19.12 -13.48
N ASN Q 82 63.10 19.99 -12.63
CA ASN Q 82 64.40 20.60 -12.83
C ASN Q 82 65.52 19.81 -12.17
N LYS Q 83 65.26 18.58 -11.74
CA LYS Q 83 66.27 17.76 -11.09
C LYS Q 83 66.87 18.48 -9.89
N ARG Q 84 66.01 19.16 -9.14
CA ARG Q 84 66.41 19.95 -8.00
C ARG Q 84 65.84 19.33 -6.73
N SER Q 85 66.65 19.29 -5.68
CA SER Q 85 66.26 18.62 -4.44
C SER Q 85 65.66 19.54 -3.40
N THR Q 86 65.64 20.85 -3.65
CA THR Q 86 65.22 21.81 -2.63
C THR Q 86 64.11 22.70 -3.17
N ILE Q 87 63.17 23.03 -2.30
CA ILE Q 87 62.09 23.96 -2.60
C ILE Q 87 62.51 25.32 -2.05
N THR Q 88 62.91 26.22 -2.94
CA THR Q 88 63.31 27.56 -2.56
C THR Q 88 62.15 28.51 -2.74
N SER Q 89 62.38 29.78 -2.45
CA SER Q 89 61.35 30.79 -2.67
C SER Q 89 61.06 30.96 -4.14
N ARG Q 90 62.04 30.70 -5.00
CA ARG Q 90 61.81 30.80 -6.44
C ARG Q 90 60.78 29.76 -6.89
N GLU Q 91 60.87 28.54 -6.36
CA GLU Q 91 59.89 27.52 -6.70
C GLU Q 91 58.50 27.92 -6.24
N ILE Q 92 58.38 28.46 -5.03
CA ILE Q 92 57.08 28.90 -4.54
C ILE Q 92 56.54 30.02 -5.40
N GLN Q 93 57.41 30.93 -5.83
CA GLN Q 93 56.96 32.04 -6.67
C GLN Q 93 56.43 31.53 -8.01
N THR Q 94 57.16 30.60 -8.63
CA THR Q 94 56.68 30.06 -9.90
C THR Q 94 55.39 29.28 -9.70
N ALA Q 95 55.27 28.54 -8.60
CA ALA Q 95 54.04 27.81 -8.34
C ALA Q 95 52.87 28.76 -8.15
N VAL Q 96 53.09 29.89 -7.49
CA VAL Q 96 52.04 30.88 -7.34
C VAL Q 96 51.67 31.46 -8.69
N ARG Q 97 52.66 31.79 -9.51
CA ARG Q 97 52.38 32.35 -10.82
C ARG Q 97 51.57 31.38 -11.67
N LEU Q 98 51.85 30.09 -11.57
CA LEU Q 98 51.08 29.09 -12.30
C LEU Q 98 49.67 28.96 -11.75
N LEU Q 99 49.54 28.84 -10.43
CA LEU Q 99 48.27 28.48 -9.83
C LEU Q 99 47.27 29.64 -9.89
N LEU Q 100 47.70 30.82 -9.52
CA LEU Q 100 46.74 31.89 -9.35
C LEU Q 100 46.45 32.59 -10.68
N PRO Q 101 45.27 33.19 -10.81
CA PRO Q 101 44.99 34.00 -12.01
C PRO Q 101 45.79 35.29 -12.01
N GLY Q 102 45.58 36.08 -13.04
CA GLY Q 102 46.44 37.22 -13.33
C GLY Q 102 46.67 38.19 -12.19
N GLU Q 103 45.65 38.95 -11.80
CA GLU Q 103 45.85 39.98 -10.78
C GLU Q 103 46.18 39.37 -9.44
N LEU Q 104 45.52 38.28 -9.08
CA LEU Q 104 45.84 37.60 -7.83
C LEU Q 104 47.27 37.12 -7.84
N ALA Q 105 47.73 36.57 -8.97
CA ALA Q 105 49.12 36.12 -9.04
C ALA Q 105 50.07 37.30 -8.88
N LYS Q 106 49.80 38.42 -9.54
CA LYS Q 106 50.69 39.58 -9.44
C LYS Q 106 50.78 40.06 -8.00
N HIS Q 107 49.64 40.25 -7.36
CA HIS Q 107 49.65 40.78 -5.99
C HIS Q 107 50.27 39.79 -5.02
N ALA Q 108 49.99 38.50 -5.17
CA ALA Q 108 50.58 37.50 -4.30
C ALA Q 108 52.09 37.46 -4.47
N VAL Q 109 52.57 37.57 -5.71
CA VAL Q 109 54.01 37.59 -5.94
C VAL Q 109 54.63 38.81 -5.29
N SER Q 110 53.99 39.97 -5.41
CA SER Q 110 54.54 41.16 -4.78
C SER Q 110 54.60 41.00 -3.27
N GLU Q 111 53.53 40.48 -2.66
CA GLU Q 111 53.52 40.28 -1.23
C GLU Q 111 54.60 39.30 -0.79
N GLY Q 112 54.74 38.20 -1.52
CA GLY Q 112 55.74 37.21 -1.15
C GLY Q 112 57.14 37.75 -1.26
N THR Q 113 57.45 38.46 -2.35
CA THR Q 113 58.78 39.03 -2.50
C THR Q 113 59.06 40.05 -1.42
N LYS Q 114 58.07 40.89 -1.08
CA LYS Q 114 58.30 41.88 -0.04
C LYS Q 114 58.54 41.20 1.30
N ALA Q 115 57.77 40.15 1.61
CA ALA Q 115 57.97 39.44 2.87
C ALA Q 115 59.34 38.77 2.92
N VAL Q 116 59.78 38.17 1.81
CA VAL Q 116 61.09 37.53 1.79
C VAL Q 116 62.19 38.57 1.95
N THR Q 117 62.05 39.72 1.30
CA THR Q 117 63.03 40.78 1.46
C THR Q 117 63.10 41.27 2.89
N LYS Q 118 61.94 41.48 3.52
CA LYS Q 118 61.92 41.88 4.92
C LYS Q 118 62.60 40.84 5.79
N TYR Q 119 62.31 39.56 5.54
CA TYR Q 119 62.93 38.50 6.32
C TYR Q 119 64.44 38.51 6.16
N THR Q 120 64.92 38.62 4.93
CA THR Q 120 66.36 38.63 4.69
C THR Q 120 67.02 39.81 5.38
N SER Q 121 66.39 40.97 5.33
CA SER Q 121 66.97 42.15 5.99
C SER Q 121 67.08 41.92 7.49
N ALA Q 122 66.06 41.31 8.10
CA ALA Q 122 66.08 41.03 9.53
C ALA Q 122 66.55 39.61 9.78
N UNK R 1 -5.30 -13.98 0.46
CA UNK R 1 -5.68 -13.24 1.69
C UNK R 1 -6.77 -13.97 2.46
N UNK R 2 -7.59 -14.73 1.72
CA UNK R 2 -8.71 -15.47 2.31
C UNK R 2 -8.30 -16.91 2.62
N UNK R 3 -7.28 -17.03 3.46
CA UNK R 3 -6.74 -18.34 3.82
C UNK R 3 -5.96 -18.19 5.12
N LYS R 4 -5.24 -19.23 5.51
CA LYS R 4 -4.41 -19.16 6.70
C LYS R 4 -3.25 -18.20 6.47
N UNK R 5 -2.70 -17.69 7.56
CA UNK R 5 -1.54 -16.81 7.43
C UNK R 5 -0.43 -17.48 6.64
N UNK R 6 -0.34 -18.80 6.72
CA UNK R 6 0.56 -19.57 5.86
C UNK R 6 2.00 -19.07 6.00
N UNK R 7 2.83 -19.39 5.02
CA UNK R 7 4.23 -18.97 5.03
C UNK R 7 4.33 -17.45 5.16
ZN ZN S . -5.51 -25.35 13.45
ZN ZN T . -12.43 -11.83 -18.02
ZN ZN U . -22.01 -2.94 27.95
ZN ZN V . -26.11 1.43 15.51
ZN ZN W . -7.14 -10.09 -32.08
#